data_7TPD
#
_entry.id   7TPD
#
_cell.length_a   260.180
_cell.length_b   144.340
_cell.length_c   104.310
_cell.angle_alpha   90.000
_cell.angle_beta   90.000
_cell.angle_gamma   90.000
#
_symmetry.space_group_name_H-M   'P 21 21 2'
#
loop_
_entity.id
_entity.type
_entity.pdbx_description
1 polymer 'Integrin alpha-IIb heavy chain'
2 polymer 'Integrin beta-3'
3 polymer 'Fab heavy chain'
4 polymer 'Fab light chain'
5 branched beta-D-mannopyranose-(1-3)-[beta-D-mannopyranose-(1-6)]beta-D-mannopyranose-(1-4)-2-acetamido-2-deoxy-beta-D-glucopyranose-(1-4)-2-acetamido-2-deoxy-beta-D-glucopyranose
6 branched 2-acetamido-2-deoxy-beta-D-glucopyranose-(1-4)-2-acetamido-2-deoxy-beta-D-glucopyranose
7 branched beta-D-mannopyranose-(1-3)-beta-D-mannopyranose-(1-4)-2-acetamido-2-deoxy-beta-D-glucopyranose-(1-4)-2-acetamido-2-deoxy-beta-D-glucopyranose
8 non-polymer 'CALCIUM ION'
9 non-polymer 'SULFATE ION'
10 non-polymer 'MAGNESIUM ION'
11 non-polymer 2-acetamido-2-deoxy-beta-D-glucopyranose
12 non-polymer '(4-{[2-oxo-4-(piperidin-4-yl)piperazin-1-yl]acetyl}phenoxy)acetic acid'
13 water water
#
loop_
_entity_poly.entity_id
_entity_poly.type
_entity_poly.pdbx_seq_one_letter_code
_entity_poly.pdbx_strand_id
1 'polypeptide(L)'
;LNLDPVQLTFYAGPNGSQFGFSLDFHKDSHGRVAIVVGAPRTLGPSQEETGGVFLCPWRAEGGQCPSLLFDLRDETRNVG
SQTLQTFKARQGLGASVVSWSDVIVACAPWQHWNVLEKTEEAEKTPVGSCFLAQPESGRRAEYSPCRGNTLSRIYVENDF
SWDKRYCEAGFSSVVTQAGELVLGAPGGYYFLGLLAQAPVADIFSSYRPGILLWHVSSQSLSFDSSNPEYFDGYWGYSVA
VGEFDGDLNTTEYVVGAPTWSWTLGAVEILDSYYQRLHRLRGEQMASYFGHSVAVTDVNGDGRHDLLVGAPLYMESRADR
KLAEVGRVYLFLQPRGPHALGAPSLLLTGTQLYGRFGSAIAPLGDLDRDGYNDIAVAAPYGGPSGRGQVLVFLGQSEGLR
SRPSQVLDSPFPTGSAFGFSLRGAVDIDDNGYPDLIVGAYGANQVAVYRAQPVVKAS
;
A,C
2 'polypeptide(L)'
;GPNICTTRGVSSCQQCLAVSPMCAWCSDEALPLGSPRCDLKENLLKDNCAPESIEFPVSEARVLEDRPLSDKGSGDSSQV
TQVSPQRIALRLRPDDSKNFSIQVRQVEDYPVDIYYLMDLSYSMKDDLWSIQNLGTKLATQMRKLTSNLRIGFGAFVDKP
VSPYMYISPPEALENPCYDMKTTCLPMFGYKHVLTLTDQVTRFNEEVKKQSVSRNRDAPEGGFDAIMQATVCDEKIGWRN
DASHLLVFTTDAKTHIALDGRLAGIVQPNDGQCHVGSDNHYSASTTMDYPSLGLMTEKLSQKNINLIFAVTENVVNLYQN
YSELIPGTTVGVLSMDSSNVLQLIVDAYGKIRSKVELEVRDLPEELSLSFNATCLNNEVIPGLKSCMGLKIGDTVSFSIE
AKVRGCPQEKEKSFTIKPVGFKDSLIVQVTFDCDCACQAQAEPNSHRCNNGNGTFECGVCRCGPGWLGSQC
;
B,D
3 'polypeptide(L)'
;EVQLQQSGAELVKPGASVKLSCTASGFNIKDTYVHWVKQRPEQGLEWIGRIDPANGYTKYDPKFQGKATITADTSSNTAY
LQLSSLTSEDTAVYYCVRPLYDYYAMDYWGQGTSVTVSSAKTTAPSVYPLAPVCTGSSVTLGCLVKGYFPEPVTLTWNSG
SLSSGVHTFPAVLQSDLYTLSSSVTVTSSTWPSQSITCNVAHPASSTKVDKKIEPR
;
E,H
4 'polypeptide(L)'
;DILMTQSPSSMSVSLGDTVSITCHASQGISSNIGWLQQKPGKSFMGLIYYGTNLVDGVPSRFSGSGSGADYSLTISSLDS
EDFADYYCVQYAQLPYTFGGGTKLEIKRADAAPTVSIFPPSSEQLTSGGASVVCFLNNFYPKDINVKWKIDGSERQNGVL
NSWTDQDSKDSTYSMSSTLTLTKDEYERHNSYTCEATHKTSTSPIVKSFNRNEC
;
F,L
#
# COMPACT_ATOMS: atom_id res chain seq x y z
N LEU A 1 -38.36 2.44 28.38
CA LEU A 1 -39.69 3.02 28.42
C LEU A 1 -40.35 2.82 29.78
N ASN A 2 -40.32 1.58 30.28
CA ASN A 2 -41.10 1.20 31.46
C ASN A 2 -40.20 0.75 32.61
N LEU A 3 -38.97 1.24 32.66
CA LEU A 3 -38.19 1.11 33.89
C LEU A 3 -38.70 2.13 34.91
N ASP A 4 -38.75 1.71 36.17
CA ASP A 4 -39.32 2.55 37.22
C ASP A 4 -38.22 3.42 37.82
N PRO A 5 -38.19 4.72 37.55
CA PRO A 5 -37.18 5.60 38.16
C PRO A 5 -37.59 6.20 39.49
N VAL A 6 -38.72 5.78 40.06
CA VAL A 6 -39.19 6.33 41.33
C VAL A 6 -38.69 5.51 42.51
N GLN A 7 -38.86 4.19 42.46
CA GLN A 7 -38.52 3.31 43.57
C GLN A 7 -37.32 2.46 43.15
N LEU A 8 -36.13 2.99 43.42
CA LEU A 8 -34.89 2.30 43.09
C LEU A 8 -34.43 1.45 44.27
N THR A 9 -33.47 0.59 43.99
CA THR A 9 -32.77 -0.19 45.00
C THR A 9 -31.30 0.17 44.95
N PHE A 10 -30.71 0.44 46.10
CA PHE A 10 -29.31 0.85 46.19
C PHE A 10 -28.51 -0.17 46.99
N TYR A 11 -27.43 -0.65 46.39
CA TYR A 11 -26.41 -1.41 47.09
C TYR A 11 -25.16 -0.53 47.22
N ALA A 12 -24.41 -0.74 48.30
CA ALA A 12 -23.29 0.13 48.60
C ALA A 12 -22.11 -0.68 49.13
N GLY A 13 -20.91 -0.27 48.75
CA GLY A 13 -19.70 -0.86 49.27
C GLY A 13 -18.91 0.12 50.11
N PRO A 14 -17.70 -0.26 50.49
CA PRO A 14 -16.87 0.63 51.30
C PRO A 14 -16.43 1.86 50.52
N ASN A 15 -16.21 2.95 51.26
CA ASN A 15 -15.76 4.18 50.64
CA ASN A 15 -15.74 4.19 50.65
C ASN A 15 -14.41 3.97 49.95
N GLY A 16 -14.25 4.58 48.78
CA GLY A 16 -13.02 4.49 48.02
C GLY A 16 -12.76 3.14 47.38
N SER A 17 -13.66 2.18 47.51
CA SER A 17 -13.45 0.84 46.98
C SER A 17 -13.81 0.72 45.50
N GLN A 18 -14.43 1.75 44.91
CA GLN A 18 -14.91 1.70 43.53
C GLN A 18 -15.91 0.56 43.31
N PHE A 19 -16.65 0.24 44.36
CA PHE A 19 -17.79 -0.66 44.29
C PHE A 19 -18.75 -0.22 43.18
N GLY A 20 -19.05 -1.12 42.25
CA GLY A 20 -19.85 -0.81 41.09
C GLY A 20 -19.06 -0.57 39.82
N PHE A 21 -17.73 -0.69 39.86
CA PHE A 21 -16.93 -0.56 38.66
C PHE A 21 -17.30 -1.62 37.63
N SER A 22 -17.64 -2.82 38.08
CA SER A 22 -18.16 -3.87 37.21
C SER A 22 -19.25 -4.63 37.96
N LEU A 23 -20.20 -5.18 37.21
CA LEU A 23 -21.29 -5.92 37.82
C LEU A 23 -21.85 -6.92 36.82
N ASP A 24 -22.62 -7.87 37.35
CA ASP A 24 -23.33 -8.83 36.53
C ASP A 24 -24.41 -9.47 37.39
N PHE A 25 -25.41 -10.03 36.71
CA PHE A 25 -26.39 -10.88 37.40
C PHE A 25 -25.79 -12.25 37.61
N HIS A 26 -26.13 -12.87 38.74
CA HIS A 26 -25.67 -14.21 39.06
C HIS A 26 -26.85 -15.06 39.50
N LYS A 27 -27.02 -16.22 38.86
CA LYS A 27 -28.05 -17.18 39.24
C LYS A 27 -27.40 -18.36 39.96
N ASP A 28 -27.92 -18.71 41.13
CA ASP A 28 -27.42 -19.87 41.84
C ASP A 28 -28.03 -21.13 41.24
N SER A 29 -27.61 -22.30 41.75
CA SER A 29 -28.06 -23.57 41.19
C SER A 29 -29.57 -23.72 41.24
N HIS A 30 -30.27 -22.92 42.04
CA HIS A 30 -31.72 -22.94 42.11
C HIS A 30 -32.37 -21.84 41.28
N GLY A 31 -31.59 -21.12 40.47
CA GLY A 31 -32.15 -20.06 39.65
C GLY A 31 -32.47 -18.78 40.38
N ARG A 32 -32.03 -18.63 41.63
CA ARG A 32 -32.23 -17.40 42.37
C ARG A 32 -31.19 -16.37 41.94
N VAL A 33 -31.66 -15.19 41.54
CA VAL A 33 -30.79 -14.18 40.94
C VAL A 33 -30.20 -13.30 42.04
N ALA A 34 -28.88 -13.10 41.98
CA ALA A 34 -28.16 -12.15 42.80
C ALA A 34 -27.34 -11.25 41.90
N ILE A 35 -26.66 -10.28 42.51
CA ILE A 35 -25.82 -9.32 41.78
C ILE A 35 -24.40 -9.47 42.28
N VAL A 36 -23.49 -9.77 41.37
CA VAL A 36 -22.06 -9.77 41.68
C VAL A 36 -21.50 -8.40 41.31
N VAL A 37 -20.77 -7.80 42.25
CA VAL A 37 -20.23 -6.46 42.09
C VAL A 37 -18.73 -6.50 42.32
N GLY A 38 -17.97 -5.97 41.38
CA GLY A 38 -16.54 -5.80 41.55
C GLY A 38 -16.24 -4.45 42.18
N ALA A 39 -15.27 -4.44 43.09
CA ALA A 39 -14.85 -3.22 43.78
C ALA A 39 -13.32 -3.18 43.74
N PRO A 40 -12.76 -2.69 42.63
CA PRO A 40 -11.34 -2.93 42.35
C PRO A 40 -10.36 -2.20 43.26
N ARG A 41 -10.80 -1.32 44.15
CA ARG A 41 -9.88 -0.67 45.08
C ARG A 41 -10.19 -1.02 46.53
N THR A 42 -10.95 -2.09 46.76
CA THR A 42 -11.19 -2.57 48.11
C THR A 42 -9.86 -2.87 48.80
N LEU A 43 -9.78 -2.51 50.07
CA LEU A 43 -8.55 -2.72 50.82
C LEU A 43 -8.39 -4.21 51.16
N GLY A 44 -7.14 -4.65 51.17
CA GLY A 44 -6.82 -6.01 51.51
C GLY A 44 -6.25 -6.14 52.91
N PRO A 45 -5.50 -7.21 53.16
CA PRO A 45 -5.02 -7.45 54.53
C PRO A 45 -3.97 -6.46 55.00
N SER A 46 -3.03 -6.10 54.13
CA SER A 46 -1.95 -5.18 54.49
C SER A 46 -2.37 -3.72 54.43
N GLN A 47 -3.67 -3.44 54.54
CA GLN A 47 -4.21 -2.09 54.41
C GLN A 47 -3.84 -1.45 53.07
N GLU A 48 -3.60 -2.29 52.07
CA GLU A 48 -3.23 -1.85 50.74
C GLU A 48 -4.34 -2.21 49.76
N GLU A 49 -4.55 -1.34 48.77
CA GLU A 49 -5.59 -1.60 47.77
C GLU A 49 -5.27 -2.86 47.00
N THR A 50 -6.22 -3.79 46.98
CA THR A 50 -6.11 -5.02 46.19
C THR A 50 -7.35 -5.32 45.37
N GLY A 51 -8.50 -4.75 45.71
CA GLY A 51 -9.75 -5.08 45.05
C GLY A 51 -10.53 -6.13 45.80
N GLY A 52 -11.79 -6.29 45.41
CA GLY A 52 -12.66 -7.23 46.06
C GLY A 52 -13.93 -7.42 45.27
N VAL A 53 -14.67 -8.46 45.64
CA VAL A 53 -15.91 -8.83 44.97
C VAL A 53 -16.99 -8.99 46.02
N PHE A 54 -18.21 -8.58 45.69
CA PHE A 54 -19.34 -8.71 46.58
C PHE A 54 -20.47 -9.43 45.85
N LEU A 55 -21.20 -10.27 46.58
CA LEU A 55 -22.31 -11.04 46.04
C LEU A 55 -23.57 -10.56 46.75
N CYS A 56 -24.37 -9.75 46.06
CA CYS A 56 -25.50 -9.07 46.67
C CYS A 56 -26.77 -9.88 46.48
N PRO A 57 -27.37 -10.42 47.54
CA PRO A 57 -28.68 -11.04 47.41
C PRO A 57 -29.72 -9.99 47.03
N TRP A 58 -30.68 -10.39 46.19
CA TRP A 58 -31.71 -9.45 45.78
C TRP A 58 -32.60 -9.08 46.97
N ARG A 59 -32.68 -7.78 47.25
CA ARG A 59 -33.58 -7.23 48.25
C ARG A 59 -34.08 -5.90 47.71
N ALA A 60 -35.38 -5.66 47.82
CA ALA A 60 -35.94 -4.39 47.32
C ALA A 60 -35.30 -3.20 48.01
N GLU A 61 -34.91 -3.34 49.28
CA GLU A 61 -34.29 -2.27 50.04
C GLU A 61 -32.79 -2.16 49.82
N GLY A 62 -32.17 -3.16 49.18
CA GLY A 62 -30.73 -3.10 48.96
C GLY A 62 -29.94 -3.18 50.24
N GLY A 63 -28.89 -2.37 50.33
CA GLY A 63 -28.07 -2.28 51.52
C GLY A 63 -26.65 -2.77 51.28
N GLN A 64 -26.10 -3.44 52.28
CA GLN A 64 -24.73 -3.95 52.23
C GLN A 64 -24.70 -5.40 51.73
N CYS A 65 -23.57 -5.79 51.15
CA CYS A 65 -23.46 -7.12 50.59
C CYS A 65 -22.31 -7.89 51.22
N PRO A 66 -22.43 -9.21 51.31
CA PRO A 66 -21.30 -10.02 51.78
C PRO A 66 -20.19 -10.09 50.75
N SER A 67 -18.97 -10.28 51.24
CA SER A 67 -17.82 -10.42 50.36
C SER A 67 -17.76 -11.81 49.76
N LEU A 68 -17.26 -11.89 48.53
CA LEU A 68 -16.87 -13.15 47.92
C LEU A 68 -15.36 -13.25 48.03
N LEU A 69 -14.89 -14.08 48.95
CA LEU A 69 -13.50 -14.05 49.38
C LEU A 69 -12.58 -14.75 48.40
N PHE A 70 -11.44 -14.12 48.13
CA PHE A 70 -10.38 -14.72 47.32
C PHE A 70 -9.05 -14.52 48.03
N ASP A 71 -8.10 -15.41 47.73
CA ASP A 71 -6.77 -15.31 48.32
C ASP A 71 -6.08 -14.04 47.85
N LEU A 72 -5.77 -13.16 48.80
CA LEU A 72 -5.16 -11.86 48.51
C LEU A 72 -3.69 -11.81 48.88
N ARG A 73 -3.07 -12.96 49.13
CA ARG A 73 -1.68 -13.02 49.57
C ARG A 73 -0.76 -13.16 48.37
N ASP A 74 0.32 -12.37 48.35
CA ASP A 74 1.37 -12.57 47.37
C ASP A 74 1.98 -13.96 47.53
N GLU A 75 2.43 -14.52 46.41
CA GLU A 75 2.93 -15.88 46.39
C GLU A 75 4.35 -15.93 45.86
N THR A 76 5.12 -16.89 46.38
CA THR A 76 6.49 -17.13 45.93
C THR A 76 6.68 -18.63 45.80
N ARG A 77 7.24 -19.07 44.68
CA ARG A 77 7.58 -20.48 44.48
C ARG A 77 8.99 -20.57 43.92
N ASN A 78 9.88 -21.22 44.67
CA ASN A 78 11.24 -21.52 44.19
C ASN A 78 11.21 -22.90 43.58
N VAL A 79 11.21 -22.97 42.24
CA VAL A 79 11.08 -24.23 41.52
C VAL A 79 11.90 -24.13 40.25
N GLY A 80 12.47 -25.26 39.84
CA GLY A 80 13.26 -25.31 38.62
C GLY A 80 14.37 -24.30 38.55
N SER A 81 15.04 -24.05 39.68
CA SER A 81 16.11 -23.05 39.80
C SER A 81 15.62 -21.66 39.42
N GLN A 82 14.34 -21.39 39.62
CA GLN A 82 13.75 -20.07 39.39
C GLN A 82 12.87 -19.71 40.58
N THR A 83 12.58 -18.41 40.69
CA THR A 83 11.68 -17.89 41.72
C THR A 83 10.50 -17.24 41.02
N LEU A 84 9.31 -17.83 41.20
CA LEU A 84 8.07 -17.27 40.67
C LEU A 84 7.43 -16.38 41.73
N GLN A 85 6.96 -15.21 41.30
CA GLN A 85 6.40 -14.22 42.21
C GLN A 85 5.11 -13.65 41.64
N THR A 86 4.06 -13.64 42.44
CA THR A 86 2.85 -12.90 42.14
C THR A 86 2.78 -11.69 43.07
N PHE A 87 2.28 -10.57 42.53
CA PHE A 87 2.14 -9.33 43.29
C PHE A 87 0.71 -8.84 43.14
N LYS A 88 -0.02 -8.78 44.25
CA LYS A 88 -1.44 -8.45 44.22
C LYS A 88 -1.74 -7.03 44.69
N ALA A 89 -0.74 -6.28 45.12
CA ALA A 89 -0.96 -4.88 45.48
C ALA A 89 -1.48 -4.11 44.26
N ARG A 90 -2.62 -3.43 44.45
CA ARG A 90 -3.23 -2.61 43.41
CA ARG A 90 -3.22 -2.61 43.42
C ARG A 90 -3.52 -3.41 42.14
N GLN A 91 -3.85 -4.69 42.30
CA GLN A 91 -4.15 -5.55 41.16
C GLN A 91 -5.52 -5.27 40.55
N GLY A 92 -6.39 -4.56 41.25
CA GLY A 92 -7.70 -4.26 40.72
C GLY A 92 -8.64 -5.44 40.62
N LEU A 93 -8.61 -6.33 41.61
CA LEU A 93 -9.56 -7.43 41.65
C LEU A 93 -10.98 -6.88 41.63
N GLY A 94 -11.78 -7.40 40.70
CA GLY A 94 -13.11 -6.87 40.48
C GLY A 94 -13.21 -5.79 39.45
N ALA A 95 -12.13 -5.50 38.71
CA ALA A 95 -12.22 -4.57 37.60
C ALA A 95 -13.07 -5.12 36.46
N SER A 96 -13.31 -6.44 36.46
CA SER A 96 -14.34 -7.03 35.63
C SER A 96 -14.90 -8.23 36.39
N VAL A 97 -16.22 -8.43 36.29
CA VAL A 97 -16.86 -9.61 36.82
C VAL A 97 -17.87 -10.11 35.80
N VAL A 98 -18.04 -11.42 35.74
CA VAL A 98 -19.01 -12.05 34.86
C VAL A 98 -19.48 -13.34 35.53
N SER A 99 -20.73 -13.70 35.28
CA SER A 99 -21.31 -14.91 35.84
C SER A 99 -21.70 -15.85 34.72
N TRP A 100 -21.46 -17.14 34.94
CA TRP A 100 -21.92 -18.17 34.02
C TRP A 100 -22.28 -19.40 34.84
N SER A 101 -23.50 -19.90 34.65
CA SER A 101 -24.04 -21.03 35.42
C SER A 101 -23.97 -20.63 36.89
N ASP A 102 -23.40 -21.46 37.76
CA ASP A 102 -23.19 -21.09 39.16
C ASP A 102 -21.74 -20.70 39.45
N VAL A 103 -21.06 -20.13 38.47
CA VAL A 103 -19.65 -19.75 38.60
C VAL A 103 -19.53 -18.25 38.39
N ILE A 104 -18.70 -17.61 39.21
CA ILE A 104 -18.37 -16.21 39.09
C ILE A 104 -16.91 -16.09 38.69
N VAL A 105 -16.63 -15.27 37.69
CA VAL A 105 -15.27 -14.98 37.26
C VAL A 105 -15.01 -13.50 37.54
N ALA A 106 -14.08 -13.22 38.45
CA ALA A 106 -13.67 -11.87 38.78
C ALA A 106 -12.20 -11.73 38.49
N CYS A 107 -11.82 -10.70 37.76
CA CYS A 107 -10.47 -10.59 37.25
C CYS A 107 -9.74 -9.40 37.87
N ALA A 108 -8.43 -9.54 37.98
CA ALA A 108 -7.53 -8.52 38.49
C ALA A 108 -6.55 -8.17 37.38
N PRO A 109 -6.90 -7.24 36.49
CA PRO A 109 -6.08 -7.03 35.29
C PRO A 109 -4.69 -6.49 35.57
N TRP A 110 -4.45 -5.90 36.73
CA TRP A 110 -3.16 -5.27 37.01
C TRP A 110 -2.36 -6.04 38.04
N GLN A 111 -2.73 -7.29 38.31
CA GLN A 111 -1.87 -8.17 39.10
C GLN A 111 -0.53 -8.33 38.39
N HIS A 112 0.55 -8.17 39.15
CA HIS A 112 1.88 -8.21 38.57
C HIS A 112 2.53 -9.57 38.78
N TRP A 113 3.60 -9.79 38.03
CA TRP A 113 4.23 -11.09 37.92
C TRP A 113 5.70 -10.89 37.62
N ASN A 114 6.55 -11.73 38.20
CA ASN A 114 7.97 -11.69 37.91
C ASN A 114 8.56 -13.06 38.14
N VAL A 115 9.64 -13.35 37.41
CA VAL A 115 10.39 -14.58 37.55
C VAL A 115 11.85 -14.19 37.76
N LEU A 116 12.45 -14.67 38.84
CA LEU A 116 13.85 -14.40 39.14
C LEU A 116 14.68 -15.64 38.86
N GLU A 117 15.85 -15.45 38.27
CA GLU A 117 16.78 -16.53 37.99
C GLU A 117 18.19 -15.95 38.13
N LYS A 118 18.81 -16.19 39.28
CA LYS A 118 20.15 -15.66 39.60
C LYS A 118 20.07 -14.14 39.55
N THR A 119 20.86 -13.47 38.72
CA THR A 119 20.85 -12.01 38.62
C THR A 119 19.92 -11.50 37.53
N GLU A 120 19.27 -12.40 36.79
CA GLU A 120 18.36 -12.01 35.72
C GLU A 120 16.90 -12.15 36.18
N GLU A 121 16.00 -11.63 35.36
CA GLU A 121 14.59 -11.63 35.71
C GLU A 121 13.75 -11.49 34.45
N ALA A 122 12.47 -11.84 34.57
CA ALA A 122 11.53 -11.70 33.47
C ALA A 122 11.01 -10.28 33.32
N GLU A 123 11.12 -9.46 34.38
CA GLU A 123 10.57 -8.11 34.56
C GLU A 123 9.21 -8.16 35.25
N LYS A 124 9.04 -7.34 36.28
CA LYS A 124 7.80 -7.29 37.06
C LYS A 124 6.76 -6.52 36.26
N THR A 125 5.77 -7.23 35.72
CA THR A 125 4.87 -6.69 34.73
C THR A 125 3.44 -7.13 35.02
N PRO A 126 2.43 -6.39 34.54
CA PRO A 126 1.01 -6.74 34.80
C PRO A 126 0.42 -7.76 33.84
N VAL A 127 0.69 -9.05 34.11
CA VAL A 127 0.14 -10.11 33.29
C VAL A 127 -1.37 -10.26 33.49
N GLY A 128 -1.89 -9.78 34.62
CA GLY A 128 -3.28 -9.98 34.95
C GLY A 128 -3.56 -11.40 35.44
N SER A 129 -4.70 -11.54 36.11
CA SER A 129 -5.13 -12.84 36.59
C SER A 129 -6.63 -12.78 36.84
N CYS A 130 -7.29 -13.92 36.65
CA CYS A 130 -8.71 -14.03 36.94
C CYS A 130 -8.93 -15.07 38.02
N PHE A 131 -9.90 -14.80 38.88
CA PHE A 131 -10.25 -15.67 40.00
C PHE A 131 -11.64 -16.24 39.75
N LEU A 132 -11.78 -17.54 39.92
CA LEU A 132 -13.03 -18.22 39.66
C LEU A 132 -13.58 -18.80 40.96
N ALA A 133 -14.90 -18.63 41.15
CA ALA A 133 -15.55 -19.10 42.36
C ALA A 133 -16.84 -19.81 42.00
N GLN A 134 -17.12 -20.88 42.73
CA GLN A 134 -18.43 -21.53 42.76
C GLN A 134 -19.00 -21.26 44.15
N PRO A 135 -19.74 -20.16 44.35
CA PRO A 135 -20.11 -19.74 45.71
C PRO A 135 -20.80 -20.83 46.54
N GLU A 136 -21.67 -21.63 45.93
CA GLU A 136 -22.43 -22.61 46.70
C GLU A 136 -21.55 -23.71 47.26
N SER A 137 -20.50 -24.11 46.54
CA SER A 137 -19.63 -25.19 46.99
C SER A 137 -18.35 -24.69 47.65
N GLY A 138 -17.99 -23.42 47.46
CA GLY A 138 -16.75 -22.89 47.97
C GLY A 138 -15.55 -23.15 47.08
N ARG A 139 -15.72 -23.81 45.94
CA ARG A 139 -14.60 -24.11 45.06
C ARG A 139 -13.95 -22.82 44.55
N ARG A 140 -12.65 -22.88 44.38
CA ARG A 140 -11.86 -21.74 43.91
C ARG A 140 -10.86 -22.20 42.86
N ALA A 141 -10.68 -21.38 41.83
CA ALA A 141 -9.66 -21.62 40.83
C ALA A 141 -9.14 -20.29 40.33
N GLU A 142 -8.01 -20.34 39.63
CA GLU A 142 -7.42 -19.16 39.02
C GLU A 142 -7.06 -19.46 37.58
N TYR A 143 -6.94 -18.40 36.79
CA TYR A 143 -6.54 -18.51 35.39
C TYR A 143 -5.70 -17.30 35.06
N SER A 144 -4.44 -17.53 34.68
CA SER A 144 -3.49 -16.47 34.38
C SER A 144 -2.70 -16.88 33.15
N PRO A 145 -3.31 -16.79 31.97
CA PRO A 145 -2.68 -17.39 30.77
C PRO A 145 -1.43 -16.68 30.28
N CYS A 146 -1.13 -15.47 30.77
CA CYS A 146 0.00 -14.72 30.25
C CYS A 146 1.24 -14.80 31.15
N ARG A 147 1.15 -15.48 32.29
CA ARG A 147 2.35 -15.74 33.07
C ARG A 147 3.32 -16.60 32.27
N GLY A 148 4.57 -16.17 32.24
CA GLY A 148 5.63 -16.94 31.60
C GLY A 148 6.83 -17.07 32.52
N ASN A 149 7.85 -17.77 32.02
CA ASN A 149 9.09 -17.93 32.77
C ASN A 149 10.30 -17.65 31.90
N THR A 150 10.13 -16.85 30.86
CA THR A 150 11.22 -16.44 29.99
C THR A 150 11.88 -15.18 30.55
N LEU A 151 13.21 -15.14 30.49
CA LEU A 151 13.94 -14.02 31.05
C LEU A 151 13.98 -12.83 30.09
N SER A 152 14.20 -11.65 30.66
CA SER A 152 14.14 -10.40 29.91
C SER A 152 15.05 -10.43 28.68
N ARG A 153 16.27 -10.97 28.83
CA ARG A 153 17.22 -11.00 27.74
C ARG A 153 16.66 -11.69 26.50
N ILE A 154 15.89 -12.75 26.70
CA ILE A 154 15.40 -13.53 25.56
C ILE A 154 14.40 -12.73 24.74
N TYR A 155 13.50 -11.99 25.41
CA TYR A 155 12.56 -11.14 24.68
C TYR A 155 13.30 -10.09 23.85
N VAL A 156 14.36 -9.51 24.42
CA VAL A 156 15.13 -8.51 23.69
C VAL A 156 15.78 -9.13 22.47
N GLU A 157 16.44 -10.28 22.65
CA GLU A 157 17.10 -10.96 21.54
C GLU A 157 16.11 -11.31 20.43
N ASN A 158 14.86 -11.62 20.79
CA ASN A 158 13.85 -12.03 19.82
C ASN A 158 12.91 -10.89 19.43
N ASP A 159 13.27 -9.65 19.73
CA ASP A 159 12.50 -8.47 19.30
CA ASP A 159 12.50 -8.48 19.29
C ASP A 159 11.07 -8.50 19.84
N PHE A 160 10.90 -9.03 21.06
CA PHE A 160 9.64 -8.97 21.79
C PHE A 160 8.50 -9.66 21.05
N SER A 161 8.81 -10.76 20.38
CA SER A 161 7.76 -11.59 19.79
C SER A 161 7.11 -12.44 20.88
N TRP A 162 5.79 -12.58 20.79
CA TRP A 162 5.02 -13.39 21.74
C TRP A 162 5.29 -12.96 23.18
N ASP A 163 5.35 -11.65 23.39
CA ASP A 163 5.60 -11.05 24.69
C ASP A 163 4.27 -10.83 25.38
N LYS A 164 3.94 -11.70 26.34
CA LYS A 164 2.68 -11.62 27.06
C LYS A 164 2.83 -11.00 28.44
N ARG A 165 3.94 -10.30 28.69
CA ARG A 165 4.23 -9.81 30.02
C ARG A 165 3.29 -8.71 30.49
N TYR A 166 2.65 -7.98 29.57
CA TYR A 166 1.80 -6.85 29.96
C TYR A 166 0.35 -7.07 29.53
N CYS A 167 -0.06 -8.33 29.42
CA CYS A 167 -1.39 -8.70 28.93
C CYS A 167 -2.48 -7.90 29.64
N GLU A 168 -2.44 -7.86 30.96
CA GLU A 168 -3.58 -7.45 31.79
C GLU A 168 -4.79 -8.31 31.47
N ALA A 169 -4.59 -9.62 31.56
CA ALA A 169 -5.66 -10.58 31.28
C ALA A 169 -6.82 -10.36 32.25
N GLY A 170 -8.03 -10.35 31.70
CA GLY A 170 -9.21 -10.07 32.48
C GLY A 170 -9.66 -8.62 32.45
N PHE A 171 -8.91 -7.75 31.76
CA PHE A 171 -9.35 -6.39 31.49
C PHE A 171 -10.81 -6.37 31.05
N SER A 172 -11.15 -7.24 30.10
CA SER A 172 -12.52 -7.53 29.73
C SER A 172 -12.72 -9.04 29.74
N SER A 173 -13.97 -9.45 29.89
CA SER A 173 -14.24 -10.88 29.98
C SER A 173 -15.66 -11.19 29.53
N VAL A 174 -15.85 -12.42 29.09
CA VAL A 174 -17.15 -12.92 28.63
C VAL A 174 -17.07 -14.43 28.66
N VAL A 175 -18.22 -15.09 28.76
CA VAL A 175 -18.30 -16.53 28.78
C VAL A 175 -19.33 -16.97 27.74
N THR A 176 -18.92 -17.89 26.86
CA THR A 176 -19.85 -18.46 25.90
C THR A 176 -20.88 -19.32 26.61
N GLN A 177 -22.00 -19.58 25.93
N GLN A 177 -21.98 -19.59 25.92
CA GLN A 177 -23.04 -20.43 26.51
CA GLN A 177 -23.05 -20.42 26.48
C GLN A 177 -22.50 -21.81 26.86
C GLN A 177 -22.52 -21.81 26.84
N ALA A 178 -21.60 -22.34 26.03
CA ALA A 178 -21.00 -23.64 26.30
C ALA A 178 -20.07 -23.63 27.50
N GLY A 179 -19.70 -22.47 28.01
CA GLY A 179 -18.85 -22.38 29.18
C GLY A 179 -17.40 -22.06 28.91
N GLU A 180 -17.09 -21.43 27.79
CA GLU A 180 -15.71 -21.04 27.48
C GLU A 180 -15.48 -19.61 27.97
N LEU A 181 -14.57 -19.46 28.94
CA LEU A 181 -14.17 -18.14 29.38
C LEU A 181 -13.27 -17.50 28.34
N VAL A 182 -13.60 -16.27 27.94
CA VAL A 182 -12.82 -15.53 26.96
C VAL A 182 -12.37 -14.23 27.61
N LEU A 183 -11.06 -14.08 27.78
CA LEU A 183 -10.48 -12.91 28.43
C LEU A 183 -9.91 -11.97 27.38
N GLY A 184 -10.21 -10.68 27.52
CA GLY A 184 -9.52 -9.66 26.75
C GLY A 184 -8.26 -9.23 27.49
N ALA A 185 -7.19 -9.05 26.73
CA ALA A 185 -5.89 -8.65 27.29
C ALA A 185 -5.29 -7.58 26.40
N PRO A 186 -5.66 -6.31 26.63
CA PRO A 186 -5.28 -5.25 25.67
C PRO A 186 -3.78 -4.99 25.64
N GLY A 187 -3.03 -5.43 26.63
CA GLY A 187 -1.60 -5.25 26.63
C GLY A 187 -0.79 -6.41 26.09
N GLY A 188 -1.46 -7.44 25.56
CA GLY A 188 -0.74 -8.61 25.08
C GLY A 188 0.06 -8.33 23.83
N TYR A 189 1.14 -9.09 23.67
CA TYR A 189 2.03 -8.99 22.52
C TYR A 189 2.57 -7.57 22.35
N TYR A 190 3.08 -7.03 23.46
CA TYR A 190 3.62 -5.68 23.53
C TYR A 190 2.58 -4.64 23.09
N PHE A 191 1.43 -4.70 23.76
CA PHE A 191 0.34 -3.73 23.65
C PHE A 191 -0.40 -3.80 22.33
N LEU A 192 -0.26 -4.90 21.60
CA LEU A 192 -1.19 -5.19 20.50
C LEU A 192 -2.56 -5.56 21.03
N GLY A 193 -2.59 -6.39 22.08
CA GLY A 193 -3.82 -6.97 22.55
C GLY A 193 -3.96 -8.41 22.09
N LEU A 194 -4.39 -9.28 23.00
CA LEU A 194 -4.65 -10.67 22.66
C LEU A 194 -5.91 -11.13 23.37
N LEU A 195 -6.43 -12.26 22.91
CA LEU A 195 -7.54 -12.95 23.56
C LEU A 195 -7.04 -14.28 24.10
N ALA A 196 -7.50 -14.64 25.29
CA ALA A 196 -7.24 -15.94 25.88
C ALA A 196 -8.55 -16.62 26.20
N GLN A 197 -8.73 -17.85 25.72
CA GLN A 197 -9.93 -18.62 25.93
C GLN A 197 -9.59 -19.96 26.54
N ALA A 198 -10.44 -20.44 27.45
CA ALA A 198 -10.30 -21.78 28.01
C ALA A 198 -11.63 -22.16 28.63
N PRO A 199 -12.01 -23.44 28.59
CA PRO A 199 -13.24 -23.87 29.24
C PRO A 199 -13.16 -23.67 30.76
N VAL A 200 -14.27 -23.20 31.34
CA VAL A 200 -14.33 -23.02 32.78
C VAL A 200 -14.05 -24.33 33.49
N ALA A 201 -14.62 -25.44 32.99
CA ALA A 201 -14.41 -26.74 33.61
C ALA A 201 -12.93 -27.10 33.64
N ASP A 202 -12.20 -26.81 32.56
CA ASP A 202 -10.80 -27.19 32.51
C ASP A 202 -9.93 -26.27 33.37
N ILE A 203 -10.34 -25.00 33.52
CA ILE A 203 -9.64 -24.12 34.44
C ILE A 203 -9.68 -24.68 35.86
N PHE A 204 -10.85 -25.15 36.28
CA PHE A 204 -10.99 -25.69 37.63
C PHE A 204 -10.20 -26.98 37.80
N SER A 205 -10.31 -27.91 36.84
CA SER A 205 -9.73 -29.23 37.01
C SER A 205 -8.21 -29.24 36.85
N SER A 206 -7.62 -28.20 36.27
CA SER A 206 -6.18 -28.13 36.10
C SER A 206 -5.50 -27.21 37.09
N TYR A 207 -6.27 -26.49 37.91
CA TYR A 207 -5.70 -25.57 38.88
C TYR A 207 -5.46 -26.26 40.22
N ARG A 208 -4.32 -25.96 40.83
CA ARG A 208 -4.01 -26.30 42.21
C ARG A 208 -3.33 -25.07 42.80
N PRO A 209 -3.59 -24.75 44.06
CA PRO A 209 -2.90 -23.59 44.67
C PRO A 209 -1.41 -23.84 44.80
N GLY A 210 -0.65 -22.75 44.69
CA GLY A 210 0.78 -22.79 44.89
C GLY A 210 1.61 -23.13 43.67
N ILE A 211 1.00 -23.65 42.61
CA ILE A 211 1.77 -24.02 41.42
C ILE A 211 2.24 -22.78 40.68
N LEU A 212 1.36 -21.79 40.51
CA LEU A 212 1.63 -20.49 39.92
C LEU A 212 1.82 -20.57 38.40
N LEU A 213 2.48 -21.61 37.91
CA LEU A 213 2.73 -21.78 36.48
C LEU A 213 2.30 -23.19 36.07
N TRP A 214 1.09 -23.31 35.53
CA TRP A 214 0.55 -24.61 35.15
C TRP A 214 -0.06 -24.55 33.75
N HIS A 215 -0.29 -25.73 33.18
CA HIS A 215 -0.80 -25.84 31.81
C HIS A 215 -2.30 -26.02 31.81
N VAL A 216 -2.98 -25.32 30.91
CA VAL A 216 -4.39 -25.53 30.61
C VAL A 216 -4.44 -25.88 29.13
N SER A 217 -4.44 -27.19 28.84
CA SER A 217 -4.13 -27.65 27.49
C SER A 217 -5.20 -27.24 26.49
N SER A 218 -6.45 -27.20 26.91
CA SER A 218 -7.53 -26.82 26.01
C SER A 218 -7.63 -25.32 25.79
N GLN A 219 -6.70 -24.54 26.33
CA GLN A 219 -6.75 -23.10 26.15
C GLN A 219 -6.30 -22.73 24.74
N SER A 220 -6.75 -21.55 24.29
CA SER A 220 -6.47 -21.08 22.94
C SER A 220 -6.26 -19.57 22.98
N LEU A 221 -5.06 -19.14 22.63
CA LEU A 221 -4.70 -17.73 22.61
C LEU A 221 -4.65 -17.23 21.17
N SER A 222 -4.94 -15.93 21.00
CA SER A 222 -4.87 -15.31 19.70
C SER A 222 -3.39 -15.09 19.32
N PHE A 223 -3.16 -14.44 18.19
CA PHE A 223 -1.87 -14.48 17.54
C PHE A 223 -1.19 -13.12 17.53
N ASP A 224 0.14 -13.15 17.50
CA ASP A 224 0.95 -11.95 17.37
C ASP A 224 0.94 -11.46 15.93
N SER A 225 1.52 -10.29 15.71
CA SER A 225 1.54 -9.71 14.38
C SER A 225 2.71 -8.76 14.26
N SER A 226 3.24 -8.64 13.04
CA SER A 226 4.24 -7.65 12.71
C SER A 226 3.63 -6.43 12.03
N ASN A 227 2.32 -6.40 11.86
CA ASN A 227 1.66 -5.31 11.14
C ASN A 227 1.50 -4.10 12.06
N PRO A 228 2.09 -2.95 11.70
CA PRO A 228 2.02 -1.78 12.60
C PRO A 228 0.60 -1.23 12.79
N GLU A 229 -0.34 -1.58 11.91
CA GLU A 229 -1.74 -1.21 12.11
C GLU A 229 -2.28 -1.70 13.44
N TYR A 230 -1.72 -2.78 13.98
CA TYR A 230 -2.18 -3.35 15.23
C TYR A 230 -1.41 -2.85 16.44
N PHE A 231 -0.29 -2.16 16.24
CA PHE A 231 0.54 -1.74 17.35
C PHE A 231 -0.22 -0.76 18.24
N ASP A 232 -0.16 -1.00 19.55
CA ASP A 232 -0.81 -0.14 20.54
C ASP A 232 -2.31 -0.05 20.31
N GLY A 233 -2.90 -1.08 19.69
CA GLY A 233 -4.32 -1.08 19.39
C GLY A 233 -5.22 -1.53 20.52
N TYR A 234 -4.66 -2.09 21.59
CA TYR A 234 -5.42 -2.53 22.76
C TYR A 234 -6.58 -3.45 22.35
N TRP A 235 -6.26 -4.35 21.41
CA TRP A 235 -7.18 -5.40 20.97
C TRP A 235 -7.61 -6.25 22.16
N GLY A 236 -8.89 -6.18 22.52
CA GLY A 236 -9.38 -6.84 23.72
C GLY A 236 -9.72 -5.90 24.85
N TYR A 237 -9.63 -4.59 24.62
CA TYR A 237 -10.16 -3.61 25.56
C TYR A 237 -11.60 -3.94 25.95
N SER A 238 -12.38 -4.46 25.00
CA SER A 238 -13.73 -4.95 25.25
C SER A 238 -13.93 -6.23 24.44
N VAL A 239 -14.79 -7.12 24.93
CA VAL A 239 -15.06 -8.39 24.27
CA VAL A 239 -15.06 -8.39 24.27
C VAL A 239 -16.53 -8.73 24.41
N ALA A 240 -17.03 -9.53 23.47
CA ALA A 240 -18.40 -10.03 23.46
C ALA A 240 -18.43 -11.26 22.58
N VAL A 241 -19.52 -12.01 22.66
CA VAL A 241 -19.72 -13.21 21.86
C VAL A 241 -21.09 -13.14 21.20
N GLY A 242 -21.26 -13.93 20.14
CA GLY A 242 -22.52 -13.94 19.43
C GLY A 242 -22.46 -14.90 18.25
N GLU A 243 -23.53 -14.87 17.45
CA GLU A 243 -23.70 -15.75 16.31
C GLU A 243 -23.73 -14.91 15.04
N PHE A 244 -22.65 -14.97 14.26
CA PHE A 244 -22.52 -14.12 13.09
C PHE A 244 -22.15 -14.84 11.80
N ASP A 245 -22.01 -16.16 11.80
CA ASP A 245 -21.64 -16.88 10.59
C ASP A 245 -22.72 -17.84 10.11
N GLY A 246 -23.88 -17.86 10.76
CA GLY A 246 -24.99 -18.70 10.35
C GLY A 246 -24.90 -20.14 10.82
N ASP A 247 -23.73 -20.61 11.22
CA ASP A 247 -23.54 -21.96 11.73
C ASP A 247 -23.66 -21.92 13.25
N LEU A 248 -24.71 -22.53 13.78
CA LEU A 248 -25.01 -22.45 15.21
C LEU A 248 -24.08 -23.30 16.07
N ASN A 249 -23.26 -24.15 15.46
CA ASN A 249 -22.30 -24.93 16.23
C ASN A 249 -21.03 -24.15 16.58
N THR A 250 -20.75 -23.07 15.85
CA THR A 250 -19.60 -22.22 16.10
C THR A 250 -20.03 -20.98 16.87
N THR A 251 -19.19 -20.55 17.80
CA THR A 251 -19.40 -19.30 18.54
C THR A 251 -18.40 -18.26 18.05
N GLU A 252 -18.90 -17.07 17.77
CA GLU A 252 -18.08 -16.00 17.22
C GLU A 252 -17.72 -14.98 18.28
N TYR A 253 -16.52 -14.42 18.16
CA TYR A 253 -16.00 -13.46 19.12
C TYR A 253 -16.07 -12.06 18.54
N VAL A 254 -16.42 -11.09 19.39
CA VAL A 254 -16.44 -9.68 19.03
C VAL A 254 -15.42 -8.96 19.91
N VAL A 255 -14.39 -8.39 19.29
CA VAL A 255 -13.27 -7.81 20.01
C VAL A 255 -13.20 -6.34 19.68
N GLY A 256 -13.09 -5.51 20.72
CA GLY A 256 -12.89 -4.08 20.54
C GLY A 256 -11.41 -3.73 20.64
N ALA A 257 -10.96 -2.88 19.71
CA ALA A 257 -9.57 -2.42 19.66
C ALA A 257 -9.59 -0.92 19.44
N PRO A 258 -9.82 -0.14 20.50
CA PRO A 258 -10.19 1.28 20.32
C PRO A 258 -9.06 2.19 19.85
N THR A 259 -7.82 1.74 19.85
CA THR A 259 -6.72 2.55 19.33
C THR A 259 -6.07 1.90 18.11
N TRP A 260 -6.76 0.93 17.50
CA TRP A 260 -6.26 0.25 16.32
C TRP A 260 -5.95 1.22 15.20
N SER A 261 -4.82 0.98 14.51
CA SER A 261 -4.38 1.76 13.35
C SER A 261 -4.29 3.25 13.67
N TRP A 262 -3.34 3.55 14.57
CA TRP A 262 -2.99 4.91 14.94
C TRP A 262 -4.23 5.66 15.46
N THR A 263 -4.92 5.01 16.40
CA THR A 263 -6.06 5.54 17.14
C THR A 263 -7.29 5.75 16.27
N LEU A 264 -7.35 5.17 15.08
CA LEU A 264 -8.60 5.14 14.35
C LEU A 264 -9.63 4.27 15.06
N GLY A 265 -9.18 3.15 15.62
CA GLY A 265 -10.06 2.23 16.31
C GLY A 265 -10.71 1.25 15.36
N ALA A 266 -11.10 0.11 15.92
CA ALA A 266 -11.75 -0.93 15.12
C ALA A 266 -12.47 -1.91 16.05
N VAL A 267 -13.42 -2.63 15.46
CA VAL A 267 -14.04 -3.79 16.07
C VAL A 267 -13.94 -4.93 15.08
N GLU A 268 -13.63 -6.12 15.59
CA GLU A 268 -13.46 -7.30 14.74
C GLU A 268 -14.34 -8.42 15.22
N ILE A 269 -14.86 -9.19 14.27
CA ILE A 269 -15.63 -10.40 14.55
C ILE A 269 -14.79 -11.59 14.09
N LEU A 270 -14.63 -12.58 14.95
CA LEU A 270 -13.75 -13.71 14.69
C LEU A 270 -14.49 -15.02 14.95
N ASP A 271 -13.99 -16.09 14.36
CA ASP A 271 -14.40 -17.42 14.77
C ASP A 271 -13.58 -17.86 15.98
N SER A 272 -13.96 -19.00 16.55
CA SER A 272 -13.29 -19.47 17.76
C SER A 272 -11.81 -19.78 17.53
N TYR A 273 -11.35 -19.86 16.28
CA TYR A 273 -9.94 -20.01 15.98
C TYR A 273 -9.25 -18.68 15.71
N TYR A 274 -9.94 -17.57 15.97
CA TYR A 274 -9.41 -16.21 15.85
C TYR A 274 -9.14 -15.81 14.40
N GLN A 275 -9.80 -16.45 13.44
CA GLN A 275 -9.75 -15.97 12.07
C GLN A 275 -10.77 -14.85 11.89
N ARG A 276 -10.35 -13.79 11.23
CA ARG A 276 -11.15 -12.57 11.13
C ARG A 276 -12.27 -12.76 10.12
N LEU A 277 -13.51 -12.59 10.57
CA LEU A 277 -14.68 -12.62 9.71
C LEU A 277 -15.09 -11.24 9.23
N HIS A 278 -15.05 -10.23 10.11
CA HIS A 278 -15.30 -8.88 9.67
CA HIS A 278 -15.42 -8.86 9.77
C HIS A 278 -14.51 -7.91 10.54
N ARG A 279 -14.27 -6.73 9.97
CA ARG A 279 -13.64 -5.64 10.68
C ARG A 279 -14.45 -4.37 10.44
N LEU A 280 -14.85 -3.72 11.53
CA LEU A 280 -15.50 -2.42 11.47
C LEU A 280 -14.48 -1.37 11.88
N ARG A 281 -14.21 -0.42 10.99
CA ARG A 281 -13.23 0.62 11.28
C ARG A 281 -13.91 1.82 11.93
N GLY A 282 -13.18 2.46 12.84
CA GLY A 282 -13.67 3.69 13.45
C GLY A 282 -13.85 4.79 12.42
N GLU A 283 -14.66 5.78 12.81
CA GLU A 283 -15.02 6.89 11.95
C GLU A 283 -14.13 8.11 12.14
N GLN A 284 -13.52 8.25 13.31
CA GLN A 284 -12.81 9.46 13.70
C GLN A 284 -11.71 9.07 14.67
N MET A 285 -10.49 9.53 14.40
CA MET A 285 -9.37 9.17 15.27
C MET A 285 -9.59 9.72 16.67
N ALA A 286 -9.17 8.94 17.66
CA ALA A 286 -9.24 9.22 19.10
C ALA A 286 -10.65 9.16 19.68
N SER A 287 -11.66 8.85 18.86
CA SER A 287 -13.02 8.70 19.37
C SER A 287 -13.18 7.47 20.25
N TYR A 288 -12.19 6.57 20.25
CA TYR A 288 -12.21 5.32 21.01
C TYR A 288 -13.33 4.40 20.54
N PHE A 289 -13.52 4.34 19.22
CA PHE A 289 -14.40 3.34 18.60
C PHE A 289 -13.95 1.94 18.99
N GLY A 290 -14.83 1.20 19.66
CA GLY A 290 -14.50 -0.10 20.21
C GLY A 290 -14.31 -0.11 21.71
N HIS A 291 -14.47 1.04 22.38
CA HIS A 291 -14.42 1.09 23.83
C HIS A 291 -15.43 0.12 24.45
N SER A 292 -16.60 0.00 23.84
CA SER A 292 -17.63 -0.92 24.32
C SER A 292 -18.28 -1.58 23.11
N VAL A 293 -18.68 -2.84 23.30
CA VAL A 293 -19.37 -3.59 22.26
C VAL A 293 -20.54 -4.33 22.90
N ALA A 294 -21.61 -4.52 22.13
CA ALA A 294 -22.79 -5.22 22.58
C ALA A 294 -23.33 -6.07 21.45
N VAL A 295 -23.83 -7.25 21.79
CA VAL A 295 -24.43 -8.16 20.82
C VAL A 295 -25.85 -8.47 21.26
N THR A 296 -26.81 -8.21 20.37
CA THR A 296 -28.21 -8.52 20.60
C THR A 296 -28.97 -8.31 19.31
N ASP A 297 -30.02 -9.11 19.11
CA ASP A 297 -30.90 -8.96 17.96
C ASP A 297 -31.93 -7.89 18.28
N VAL A 298 -31.80 -6.71 17.67
CA VAL A 298 -32.70 -5.61 17.99
C VAL A 298 -33.93 -5.55 17.09
N ASN A 299 -33.89 -6.17 15.91
CA ASN A 299 -34.99 -6.06 14.95
C ASN A 299 -35.75 -7.37 14.76
N GLY A 300 -35.59 -8.31 15.69
CA GLY A 300 -36.50 -9.45 15.75
C GLY A 300 -36.45 -10.40 14.58
N ASP A 301 -35.35 -10.44 13.84
CA ASP A 301 -35.21 -11.38 12.73
C ASP A 301 -34.39 -12.61 13.10
N GLY A 302 -34.04 -12.75 14.39
CA GLY A 302 -33.28 -13.90 14.84
C GLY A 302 -31.78 -13.79 14.69
N ARG A 303 -31.29 -12.79 13.96
CA ARG A 303 -29.86 -12.64 13.70
C ARG A 303 -29.27 -11.57 14.61
N HIS A 304 -28.21 -11.93 15.31
CA HIS A 304 -27.57 -11.01 16.25
C HIS A 304 -27.10 -9.75 15.55
N ASP A 305 -27.30 -8.61 16.20
CA ASP A 305 -26.82 -7.34 15.70
C ASP A 305 -25.69 -6.84 16.59
N LEU A 306 -24.87 -5.96 16.04
CA LEU A 306 -23.68 -5.46 16.71
C LEU A 306 -23.86 -3.98 17.02
N LEU A 307 -23.50 -3.60 18.25
CA LEU A 307 -23.47 -2.21 18.67
C LEU A 307 -22.07 -1.87 19.15
N VAL A 308 -21.57 -0.71 18.73
CA VAL A 308 -20.23 -0.26 19.07
C VAL A 308 -20.32 1.15 19.65
N GLY A 309 -19.68 1.36 20.78
CA GLY A 309 -19.61 2.67 21.40
C GLY A 309 -18.27 3.34 21.10
N ALA A 310 -18.34 4.65 20.82
CA ALA A 310 -17.15 5.49 20.67
C ALA A 310 -17.37 6.72 21.54
N PRO A 311 -17.10 6.60 22.85
CA PRO A 311 -17.54 7.63 23.79
C PRO A 311 -16.90 8.99 23.59
N LEU A 312 -15.80 9.09 22.85
CA LEU A 312 -15.10 10.35 22.65
C LEU A 312 -15.32 10.92 21.26
N TYR A 313 -16.32 10.43 20.54
CA TYR A 313 -16.61 10.96 19.22
C TYR A 313 -16.97 12.45 19.31
N MET A 314 -16.37 13.24 18.43
CA MET A 314 -16.61 14.67 18.38
C MET A 314 -17.58 14.97 17.24
N GLU A 315 -18.77 15.44 17.58
CA GLU A 315 -19.79 15.75 16.60
C GLU A 315 -19.51 17.09 15.93
N SER A 316 -19.78 17.18 14.63
CA SER A 316 -19.57 18.41 13.89
CA SER A 316 -19.57 18.42 13.89
C SER A 316 -20.70 19.40 14.19
N ARG A 317 -20.33 20.65 14.47
CA ARG A 317 -21.30 21.69 14.79
C ARG A 317 -20.97 22.95 14.00
N ALA A 318 -21.80 23.97 14.19
CA ALA A 318 -21.75 25.17 13.36
C ALA A 318 -20.39 25.85 13.45
N ASP A 319 -20.05 26.57 12.37
CA ASP A 319 -18.82 27.37 12.30
C ASP A 319 -17.57 26.49 12.43
N ARG A 320 -17.62 25.30 11.82
CA ARG A 320 -16.47 24.41 11.70
C ARG A 320 -15.92 24.01 13.08
N LYS A 321 -16.82 23.74 14.03
CA LYS A 321 -16.41 23.40 15.38
C LYS A 321 -16.88 22.00 15.75
N LEU A 322 -16.08 21.33 16.57
CA LEU A 322 -16.32 19.96 17.00
C LEU A 322 -16.68 19.95 18.48
N ALA A 323 -17.52 18.98 18.87
CA ALA A 323 -18.01 18.86 20.23
C ALA A 323 -18.00 17.41 20.63
N GLU A 324 -17.12 17.05 21.57
CA GLU A 324 -17.04 15.67 22.05
C GLU A 324 -18.31 15.31 22.81
N VAL A 325 -19.05 14.32 22.30
CA VAL A 325 -20.32 13.93 22.91
C VAL A 325 -20.44 12.41 22.97
N GLY A 326 -19.73 11.70 22.10
CA GLY A 326 -19.86 10.26 22.07
C GLY A 326 -20.89 9.78 21.06
N ARG A 327 -20.68 8.55 20.58
CA ARG A 327 -21.52 8.02 19.51
C ARG A 327 -21.61 6.51 19.63
N VAL A 328 -22.77 5.96 19.25
CA VAL A 328 -23.02 4.53 19.21
C VAL A 328 -23.38 4.14 17.78
N TYR A 329 -22.88 3.00 17.33
CA TYR A 329 -23.07 2.52 15.97
C TYR A 329 -23.85 1.21 16.00
N LEU A 330 -24.88 1.10 15.17
CA LEU A 330 -25.68 -0.11 15.05
C LEU A 330 -25.41 -0.75 13.70
N PHE A 331 -25.00 -2.02 13.71
CA PHE A 331 -24.83 -2.81 12.50
C PHE A 331 -25.80 -3.98 12.56
N LEU A 332 -26.79 -3.97 11.66
CA LEU A 332 -27.72 -5.09 11.54
C LEU A 332 -27.08 -6.20 10.72
N GLN A 333 -27.15 -7.43 11.23
CA GLN A 333 -26.57 -8.55 10.50
C GLN A 333 -27.43 -8.88 9.28
N PRO A 334 -26.85 -9.01 8.11
CA PRO A 334 -27.63 -9.33 6.92
C PRO A 334 -27.98 -10.82 6.85
N ARG A 335 -28.93 -11.12 5.97
CA ARG A 335 -29.35 -12.50 5.75
C ARG A 335 -28.25 -13.29 5.07
N GLY A 336 -27.92 -14.46 5.64
CA GLY A 336 -26.96 -15.36 5.05
C GLY A 336 -25.55 -14.79 4.97
N PRO A 337 -24.66 -15.52 4.30
CA PRO A 337 -23.25 -15.09 4.23
C PRO A 337 -23.04 -13.79 3.49
N HIS A 338 -22.95 -12.69 4.23
CA HIS A 338 -22.70 -11.37 3.65
C HIS A 338 -22.00 -10.50 4.68
N ALA A 339 -21.38 -9.44 4.19
CA ALA A 339 -20.61 -8.54 5.05
C ALA A 339 -21.53 -7.54 5.74
N LEU A 340 -21.22 -7.25 7.00
CA LEU A 340 -21.84 -6.13 7.69
C LEU A 340 -21.53 -4.85 6.92
N GLY A 341 -22.56 -4.13 6.51
CA GLY A 341 -22.39 -2.96 5.68
C GLY A 341 -22.04 -1.72 6.48
N ALA A 342 -22.45 -0.57 5.95
CA ALA A 342 -22.39 0.66 6.72
C ALA A 342 -23.29 0.54 7.94
N PRO A 343 -23.11 1.40 8.94
CA PRO A 343 -24.02 1.40 10.08
C PRO A 343 -25.46 1.64 9.63
N SER A 344 -26.39 0.92 10.25
CA SER A 344 -27.81 1.14 10.00
C SER A 344 -28.33 2.37 10.72
N LEU A 345 -27.65 2.80 11.78
CA LEU A 345 -28.12 3.87 12.64
C LEU A 345 -26.94 4.44 13.40
N LEU A 346 -26.94 5.76 13.57
CA LEU A 346 -25.97 6.44 14.40
C LEU A 346 -26.70 7.13 15.54
N LEU A 347 -26.29 6.83 16.77
CA LEU A 347 -26.80 7.50 17.95
C LEU A 347 -25.69 8.38 18.50
N THR A 348 -25.97 9.68 18.61
CA THR A 348 -24.96 10.67 18.98
C THR A 348 -25.40 11.37 20.26
N GLY A 349 -24.48 11.48 21.22
CA GLY A 349 -24.78 12.16 22.46
C GLY A 349 -25.02 13.64 22.26
N THR A 350 -25.54 14.27 23.31
CA THR A 350 -25.85 15.69 23.26
C THR A 350 -25.08 16.53 24.27
N GLN A 351 -24.67 15.95 25.39
CA GLN A 351 -23.99 16.69 26.44
C GLN A 351 -22.49 16.68 26.21
N LEU A 352 -21.88 17.87 26.20
CA LEU A 352 -20.44 17.98 26.02
C LEU A 352 -19.71 17.16 27.09
N TYR A 353 -18.75 16.36 26.64
CA TYR A 353 -17.92 15.50 27.50
C TYR A 353 -18.73 14.42 28.21
N GLY A 354 -19.96 14.16 27.76
CA GLY A 354 -20.80 13.18 28.43
C GLY A 354 -20.35 11.74 28.25
N ARG A 355 -19.58 11.46 27.20
CA ARG A 355 -19.10 10.11 26.89
C ARG A 355 -20.26 9.14 26.66
N PHE A 356 -21.27 9.62 25.92
CA PHE A 356 -22.30 8.75 25.40
C PHE A 356 -21.69 7.59 24.64
N GLY A 357 -22.10 6.36 24.98
CA GLY A 357 -21.55 5.18 24.37
C GLY A 357 -20.43 4.51 25.14
N SER A 358 -20.13 4.99 26.35
CA SER A 358 -19.10 4.35 27.17
C SER A 358 -19.51 2.94 27.58
N ALA A 359 -20.81 2.67 27.70
CA ALA A 359 -21.31 1.34 28.03
C ALA A 359 -22.63 1.12 27.28
N ILE A 360 -22.81 -0.10 26.78
CA ILE A 360 -24.02 -0.48 26.04
C ILE A 360 -24.51 -1.81 26.60
N ALA A 361 -25.73 -1.83 27.12
CA ALA A 361 -26.29 -3.03 27.73
C ALA A 361 -27.51 -3.51 26.94
N PRO A 362 -27.50 -4.73 26.42
CA PRO A 362 -28.75 -5.36 25.98
C PRO A 362 -29.70 -5.49 27.16
N LEU A 363 -30.96 -5.13 26.94
CA LEU A 363 -31.98 -5.19 27.98
C LEU A 363 -32.93 -6.36 27.79
N GLY A 364 -32.75 -7.16 26.75
CA GLY A 364 -33.84 -8.01 26.36
C GLY A 364 -34.96 -7.15 25.80
N ASP A 365 -36.17 -7.67 25.90
CA ASP A 365 -37.37 -6.95 25.45
C ASP A 365 -38.00 -6.29 26.66
N LEU A 366 -37.70 -5.00 26.86
CA LEU A 366 -38.11 -4.30 28.08
C LEU A 366 -39.63 -4.10 28.11
N ASP A 367 -40.21 -3.62 27.02
CA ASP A 367 -41.63 -3.31 26.97
C ASP A 367 -42.48 -4.45 26.43
N ARG A 368 -41.86 -5.61 26.18
CA ARG A 368 -42.58 -6.83 25.80
C ARG A 368 -43.37 -6.63 24.50
N ASP A 369 -42.75 -5.99 23.52
CA ASP A 369 -43.36 -5.80 22.21
C ASP A 369 -42.84 -6.77 21.15
N GLY A 370 -41.83 -7.57 21.47
CA GLY A 370 -41.28 -8.52 20.53
C GLY A 370 -39.93 -8.15 19.96
N TYR A 371 -39.41 -6.97 20.30
CA TYR A 371 -38.09 -6.54 19.84
C TYR A 371 -37.20 -6.26 21.04
N ASN A 372 -35.95 -6.72 20.97
CA ASN A 372 -35.01 -6.45 22.05
C ASN A 372 -34.58 -5.00 22.05
N ASP A 373 -34.19 -4.51 23.22
CA ASP A 373 -33.88 -3.10 23.44
C ASP A 373 -32.50 -3.00 24.07
N ILE A 374 -32.00 -1.76 24.15
CA ILE A 374 -30.67 -1.50 24.71
C ILE A 374 -30.71 -0.29 25.63
N ALA A 375 -29.70 -0.21 26.49
CA ALA A 375 -29.42 0.95 27.31
C ALA A 375 -28.02 1.45 26.98
N VAL A 376 -27.90 2.75 26.75
CA VAL A 376 -26.62 3.39 26.49
C VAL A 376 -26.32 4.33 27.65
N ALA A 377 -25.08 4.27 28.15
CA ALA A 377 -24.67 5.11 29.26
C ALA A 377 -23.87 6.30 28.75
N ALA A 378 -24.18 7.48 29.30
CA ALA A 378 -23.35 8.68 29.18
C ALA A 378 -22.93 9.03 30.60
N PRO A 379 -21.82 8.47 31.08
CA PRO A 379 -21.50 8.58 32.52
C PRO A 379 -21.29 9.99 33.03
N TYR A 380 -21.08 10.96 32.14
CA TYR A 380 -20.97 12.36 32.55
C TYR A 380 -21.97 13.23 31.79
N GLY A 381 -23.01 12.61 31.25
CA GLY A 381 -24.03 13.33 30.51
C GLY A 381 -25.14 13.85 31.41
N GLY A 382 -26.23 14.23 30.78
CA GLY A 382 -27.31 14.91 31.46
C GLY A 382 -27.02 16.39 31.56
N PRO A 383 -28.06 17.21 31.73
CA PRO A 383 -27.85 18.67 31.80
C PRO A 383 -26.94 19.09 32.94
N SER A 384 -26.81 18.27 33.97
CA SER A 384 -25.96 18.56 35.12
C SER A 384 -24.61 17.87 35.06
N GLY A 385 -24.38 17.03 34.05
CA GLY A 385 -23.14 16.27 33.98
C GLY A 385 -22.98 15.19 35.02
N ARG A 386 -24.05 14.84 35.74
CA ARG A 386 -23.97 13.84 36.79
C ARG A 386 -24.02 12.41 36.27
N GLY A 387 -24.36 12.20 35.01
CA GLY A 387 -24.45 10.86 34.47
C GLY A 387 -25.86 10.54 34.02
N GLN A 388 -25.98 9.72 32.98
CA GLN A 388 -27.28 9.50 32.37
C GLN A 388 -27.25 8.19 31.59
N VAL A 389 -28.35 7.43 31.68
CA VAL A 389 -28.53 6.20 30.91
C VAL A 389 -29.79 6.36 30.07
N LEU A 390 -29.66 6.08 28.77
CA LEU A 390 -30.74 6.28 27.81
C LEU A 390 -31.16 4.94 27.23
N VAL A 391 -32.47 4.71 27.19
CA VAL A 391 -33.03 3.46 26.69
C VAL A 391 -33.48 3.66 25.25
N PHE A 392 -33.12 2.74 24.37
CA PHE A 392 -33.55 2.75 22.97
C PHE A 392 -34.27 1.44 22.67
N LEU A 393 -35.47 1.53 22.13
CA LEU A 393 -36.28 0.37 21.85
C LEU A 393 -36.01 -0.19 20.47
N GLY A 394 -36.02 -1.51 20.36
CA GLY A 394 -35.90 -2.14 19.06
C GLY A 394 -37.16 -1.97 18.24
N GLN A 395 -36.99 -2.12 16.92
CA GLN A 395 -38.10 -2.10 15.98
C GLN A 395 -37.66 -2.91 14.75
N SER A 396 -38.60 -3.09 13.82
CA SER A 396 -38.33 -3.97 12.68
C SER A 396 -37.17 -3.45 11.83
N GLU A 397 -36.94 -2.13 11.83
CA GLU A 397 -35.87 -1.53 11.04
C GLU A 397 -34.59 -1.33 11.83
N GLY A 398 -34.54 -1.76 13.09
CA GLY A 398 -33.36 -1.58 13.90
C GLY A 398 -33.70 -1.07 15.30
N LEU A 399 -33.30 0.16 15.60
CA LEU A 399 -33.65 0.81 16.85
C LEU A 399 -34.37 2.12 16.57
N ARG A 400 -35.15 2.56 17.54
CA ARG A 400 -35.65 3.92 17.52
C ARG A 400 -34.50 4.89 17.72
N SER A 401 -34.50 5.99 16.97
CA SER A 401 -33.41 6.94 17.05
C SER A 401 -33.53 7.89 18.24
N ARG A 402 -34.74 8.03 18.80
CA ARG A 402 -34.90 8.83 20.00
C ARG A 402 -35.15 7.92 21.20
N PRO A 403 -34.56 8.21 22.35
CA PRO A 403 -34.70 7.31 23.50
C PRO A 403 -36.12 7.32 24.03
N SER A 404 -36.59 6.14 24.44
CA SER A 404 -37.92 6.02 25.03
C SER A 404 -37.96 6.47 26.48
N GLN A 405 -36.80 6.60 27.11
CA GLN A 405 -36.71 6.85 28.54
C GLN A 405 -35.28 7.28 28.85
N VAL A 406 -35.14 8.11 29.87
CA VAL A 406 -33.84 8.60 30.31
C VAL A 406 -33.75 8.44 31.82
N LEU A 407 -32.67 7.83 32.29
CA LEU A 407 -32.42 7.63 33.71
C LEU A 407 -31.32 8.61 34.13
N ASP A 408 -31.69 9.61 34.92
CA ASP A 408 -30.73 10.57 35.43
C ASP A 408 -30.12 10.04 36.71
N SER A 409 -28.80 10.23 36.85
CA SER A 409 -28.07 9.69 37.99
C SER A 409 -28.71 10.16 39.30
N PRO A 410 -29.02 9.25 40.22
CA PRO A 410 -29.47 9.65 41.55
C PRO A 410 -28.32 10.02 42.49
N PHE A 411 -27.09 9.92 42.02
CA PHE A 411 -25.89 10.11 42.81
C PHE A 411 -25.32 11.51 42.59
N PRO A 412 -24.37 11.93 43.41
CA PRO A 412 -23.78 13.26 43.23
C PRO A 412 -22.80 13.28 42.06
N THR A 413 -22.26 14.48 41.81
CA THR A 413 -21.28 14.67 40.75
C THR A 413 -20.08 13.74 40.93
N GLY A 414 -19.59 13.19 39.82
CA GLY A 414 -18.41 12.36 39.82
C GLY A 414 -18.64 10.89 40.05
N SER A 415 -19.90 10.45 40.16
CA SER A 415 -20.17 9.07 40.49
C SER A 415 -19.87 8.12 39.34
N ALA A 416 -19.74 8.65 38.11
CA ALA A 416 -19.54 7.85 36.91
C ALA A 416 -20.69 6.86 36.69
N PHE A 417 -21.88 7.26 37.15
CA PHE A 417 -23.13 6.56 36.93
C PHE A 417 -23.29 6.12 35.48
N GLY A 418 -23.38 4.82 35.25
CA GLY A 418 -23.51 4.25 33.93
C GLY A 418 -22.26 3.59 33.40
N PHE A 419 -21.09 3.86 34.01
CA PHE A 419 -19.84 3.30 33.54
C PHE A 419 -19.90 1.79 33.40
N SER A 420 -20.75 1.13 34.20
CA SER A 420 -21.02 -0.29 34.05
C SER A 420 -22.53 -0.51 34.05
N LEU A 421 -22.98 -1.37 33.14
CA LEU A 421 -24.40 -1.64 32.95
C LEU A 421 -24.61 -3.14 32.75
N ARG A 422 -25.77 -3.61 33.18
CA ARG A 422 -26.20 -4.96 32.83
C ARG A 422 -27.73 -5.02 32.86
N GLY A 423 -28.31 -5.64 31.85
CA GLY A 423 -29.75 -5.82 31.79
C GLY A 423 -30.13 -7.22 31.39
N ALA A 424 -31.36 -7.38 30.90
CA ALA A 424 -31.87 -8.61 30.31
C ALA A 424 -32.07 -9.74 31.32
N VAL A 425 -32.13 -9.43 32.61
CA VAL A 425 -32.42 -10.44 33.63
C VAL A 425 -33.52 -9.90 34.54
N ASP A 426 -34.52 -10.74 34.79
CA ASP A 426 -35.64 -10.41 35.66
C ASP A 426 -35.26 -10.80 37.08
N ILE A 427 -34.87 -9.82 37.89
CA ILE A 427 -34.34 -10.10 39.22
C ILE A 427 -35.42 -10.24 40.28
N ASP A 428 -36.59 -9.64 40.08
CA ASP A 428 -37.71 -9.75 41.02
C ASP A 428 -38.80 -10.71 40.54
N ASP A 429 -38.59 -11.38 39.41
CA ASP A 429 -39.50 -12.41 38.89
C ASP A 429 -40.90 -11.87 38.66
N ASN A 430 -40.99 -10.66 38.10
CA ASN A 430 -42.28 -10.07 37.76
C ASN A 430 -42.59 -10.19 36.26
N GLY A 431 -41.72 -10.82 35.49
CA GLY A 431 -41.94 -11.01 34.08
C GLY A 431 -41.33 -9.96 33.16
N TYR A 432 -40.65 -8.96 33.73
CA TYR A 432 -40.02 -7.92 32.93
C TYR A 432 -38.52 -7.85 33.25
N PRO A 433 -37.67 -7.73 32.24
CA PRO A 433 -36.23 -7.68 32.49
C PRO A 433 -35.80 -6.35 33.08
N ASP A 434 -34.80 -6.42 33.96
CA ASP A 434 -34.41 -5.30 34.81
C ASP A 434 -33.01 -4.83 34.47
N LEU A 435 -32.64 -3.68 35.04
CA LEU A 435 -31.39 -3.01 34.72
C LEU A 435 -30.64 -2.65 36.01
N ILE A 436 -29.36 -3.02 36.07
CA ILE A 436 -28.49 -2.63 37.16
C ILE A 436 -27.43 -1.68 36.62
N VAL A 437 -27.23 -0.57 37.31
CA VAL A 437 -26.32 0.49 36.89
C VAL A 437 -25.30 0.72 37.99
N GLY A 438 -24.02 0.61 37.65
CA GLY A 438 -22.95 0.86 38.59
C GLY A 438 -22.51 2.31 38.56
N ALA A 439 -22.15 2.83 39.74
CA ALA A 439 -21.61 4.19 39.89
C ALA A 439 -20.41 4.08 40.82
N TYR A 440 -19.28 3.62 40.28
CA TYR A 440 -18.12 3.30 41.13
C TYR A 440 -17.61 4.54 41.86
N GLY A 441 -17.75 5.72 41.26
CA GLY A 441 -17.36 6.95 41.94
C GLY A 441 -18.10 7.21 43.22
N ALA A 442 -19.32 6.69 43.34
CA ALA A 442 -20.09 6.76 44.58
C ALA A 442 -20.06 5.45 45.35
N ASN A 443 -19.35 4.44 44.85
CA ASN A 443 -19.27 3.13 45.49
C ASN A 443 -20.66 2.52 45.68
N GLN A 444 -21.51 2.63 44.67
CA GLN A 444 -22.88 2.16 44.77
C GLN A 444 -23.35 1.57 43.45
N VAL A 445 -24.45 0.82 43.54
CA VAL A 445 -25.11 0.21 42.41
C VAL A 445 -26.60 0.48 42.54
N ALA A 446 -27.24 0.89 41.44
CA ALA A 446 -28.67 1.14 41.42
C ALA A 446 -29.37 0.07 40.59
N VAL A 447 -30.49 -0.41 41.11
CA VAL A 447 -31.29 -1.42 40.42
C VAL A 447 -32.59 -0.77 39.97
N TYR A 448 -32.80 -0.76 38.66
CA TYR A 448 -34.04 -0.25 38.07
C TYR A 448 -34.91 -1.44 37.70
N ARG A 449 -36.07 -1.54 38.34
CA ARG A 449 -37.01 -2.61 38.06
C ARG A 449 -37.95 -2.18 36.94
N ALA A 450 -38.16 -3.07 35.97
CA ALA A 450 -39.13 -2.81 34.93
C ALA A 450 -40.53 -3.15 35.43
N GLN A 451 -41.49 -2.33 35.04
CA GLN A 451 -42.87 -2.47 35.45
C GLN A 451 -43.76 -2.46 34.21
N PRO A 452 -45.01 -2.89 34.35
CA PRO A 452 -45.91 -2.91 33.18
C PRO A 452 -46.00 -1.54 32.52
N VAL A 453 -46.16 -1.56 31.20
CA VAL A 453 -46.14 -0.35 30.39
C VAL A 453 -47.36 0.51 30.73
N VAL A 454 -47.15 1.82 30.85
CA VAL A 454 -48.27 2.74 31.04
C VAL A 454 -49.07 2.86 29.75
N LYS A 455 -48.38 3.15 28.63
CA LYS A 455 -48.96 2.93 27.31
C LYS A 455 -47.84 2.96 26.28
N ALA A 456 -48.04 2.17 25.23
CA ALA A 456 -46.94 1.64 24.43
C ALA A 456 -46.40 2.66 23.43
N SER A 457 -45.16 2.44 23.03
CA SER A 457 -44.49 3.25 22.03
C SER A 457 -43.86 2.35 20.97
N GLY B 1 -50.45 56.60 -4.57
CA GLY B 1 -51.44 55.54 -4.50
C GLY B 1 -51.33 54.69 -3.26
N PRO B 2 -52.26 53.77 -3.07
CA PRO B 2 -52.24 52.91 -1.88
C PRO B 2 -51.06 51.95 -1.93
N ASN B 3 -50.44 51.75 -0.76
CA ASN B 3 -49.30 50.85 -0.64
C ASN B 3 -49.51 49.89 0.52
N ILE B 4 -48.48 49.10 0.84
CA ILE B 4 -48.61 48.15 1.94
C ILE B 4 -48.83 48.85 3.27
N CYS B 5 -48.41 50.11 3.40
CA CYS B 5 -48.62 50.83 4.65
C CYS B 5 -50.10 51.08 4.92
N THR B 6 -50.85 51.46 3.87
CA THR B 6 -52.27 51.75 4.04
C THR B 6 -53.14 50.51 3.88
N THR B 7 -52.87 49.68 2.87
CA THR B 7 -53.69 48.50 2.62
C THR B 7 -53.68 47.53 3.79
N ARG B 8 -52.67 47.60 4.66
CA ARG B 8 -52.65 46.75 5.84
C ARG B 8 -53.66 47.18 6.89
N GLY B 9 -54.05 48.45 6.89
CA GLY B 9 -55.01 48.96 7.85
C GLY B 9 -54.56 48.77 9.29
N VAL B 10 -53.54 49.52 9.70
CA VAL B 10 -52.97 49.39 11.04
C VAL B 10 -53.86 50.09 12.05
N SER B 11 -53.62 49.84 13.34
CA SER B 11 -54.43 50.41 14.40
C SER B 11 -53.68 51.40 15.29
N SER B 12 -52.35 51.42 15.23
CA SER B 12 -51.57 52.31 16.08
C SER B 12 -50.29 52.71 15.36
N CYS B 13 -49.55 53.63 15.98
CA CYS B 13 -48.26 54.03 15.44
C CYS B 13 -47.27 52.88 15.47
N GLN B 14 -47.31 52.07 16.53
CA GLN B 14 -46.39 50.95 16.65
C GLN B 14 -46.63 49.90 15.57
N GLN B 15 -47.90 49.57 15.32
CA GLN B 15 -48.21 48.60 14.26
C GLN B 15 -47.82 49.13 12.90
N CYS B 16 -47.85 50.45 12.71
CA CYS B 16 -47.51 51.03 11.41
C CYS B 16 -46.05 50.80 11.07
N LEU B 17 -45.15 51.08 12.02
CA LEU B 17 -43.72 50.90 11.76
C LEU B 17 -43.34 49.44 11.58
N ALA B 18 -44.12 48.52 12.14
CA ALA B 18 -43.85 47.09 12.00
C ALA B 18 -44.30 46.52 10.66
N VAL B 19 -44.91 47.32 9.80
CA VAL B 19 -45.33 46.83 8.49
C VAL B 19 -44.14 46.75 7.54
N SER B 20 -43.39 47.84 7.42
CA SER B 20 -42.25 47.91 6.50
C SER B 20 -41.35 49.05 6.91
N PRO B 21 -40.04 48.94 6.70
CA PRO B 21 -39.14 50.05 7.06
C PRO B 21 -39.42 51.36 6.35
N MET B 22 -40.21 51.34 5.28
CA MET B 22 -40.52 52.54 4.52
C MET B 22 -41.73 53.30 5.05
N CYS B 23 -42.51 52.70 5.94
CA CYS B 23 -43.74 53.33 6.41
C CYS B 23 -43.46 54.35 7.49
N ALA B 24 -44.36 55.33 7.60
CA ALA B 24 -44.27 56.38 8.61
C ALA B 24 -45.66 56.61 9.19
N TRP B 25 -45.70 57.36 10.29
CA TRP B 25 -46.94 57.61 11.01
C TRP B 25 -47.08 59.09 11.33
N CYS B 26 -48.30 59.60 11.20
CA CYS B 26 -48.61 61.01 11.47
C CYS B 26 -49.44 61.09 12.76
N SER B 27 -48.94 61.84 13.73
CA SER B 27 -49.61 62.03 15.01
C SER B 27 -50.40 63.32 15.07
N ASP B 28 -50.63 63.96 13.92
CA ASP B 28 -51.30 65.25 13.89
C ASP B 28 -52.79 65.11 14.17
N GLU B 29 -53.36 66.15 14.80
CA GLU B 29 -54.79 66.15 15.08
C GLU B 29 -55.59 66.49 13.83
N ALA B 30 -55.22 67.58 13.15
CA ALA B 30 -55.96 68.05 11.97
C ALA B 30 -55.61 67.16 10.79
N LEU B 31 -56.22 65.97 10.76
CA LEU B 31 -56.02 65.01 9.69
C LEU B 31 -57.38 64.51 9.24
N PRO B 32 -57.66 64.52 7.94
CA PRO B 32 -58.98 64.10 7.46
C PRO B 32 -59.35 62.69 7.90
N LEU B 33 -60.66 62.45 8.06
CA LEU B 33 -61.12 61.15 8.52
C LEU B 33 -60.77 60.06 7.51
N GLY B 34 -61.00 60.32 6.23
CA GLY B 34 -60.71 59.33 5.20
C GLY B 34 -59.25 59.16 4.87
N SER B 35 -58.39 60.06 5.36
CA SER B 35 -56.97 60.01 5.04
C SER B 35 -56.25 59.06 5.99
N PRO B 36 -55.48 58.11 5.48
CA PRO B 36 -54.73 57.21 6.37
C PRO B 36 -53.49 57.89 6.94
N ARG B 37 -53.25 57.65 8.22
CA ARG B 37 -52.09 58.23 8.91
C ARG B 37 -50.90 57.27 8.93
N CYS B 38 -50.89 56.25 8.07
CA CYS B 38 -49.77 55.30 7.96
C CYS B 38 -49.45 55.16 6.47
N ASP B 39 -48.51 55.96 5.99
CA ASP B 39 -48.15 55.97 4.58
C ASP B 39 -46.68 56.40 4.48
N LEU B 40 -46.20 56.56 3.24
CA LEU B 40 -44.85 57.05 3.03
C LEU B 40 -44.70 58.46 3.61
N LYS B 41 -43.48 58.77 4.05
CA LYS B 41 -43.23 60.10 4.61
C LYS B 41 -43.49 61.19 3.57
N GLU B 42 -43.34 60.87 2.29
CA GLU B 42 -43.63 61.83 1.24
C GLU B 42 -45.12 62.09 1.11
N ASN B 43 -45.94 61.05 1.31
CA ASN B 43 -47.38 61.21 1.17
C ASN B 43 -47.99 61.92 2.37
N LEU B 44 -47.35 61.84 3.53
CA LEU B 44 -47.87 62.51 4.71
C LEU B 44 -47.63 64.02 4.64
N LEU B 45 -46.40 64.42 4.29
CA LEU B 45 -46.13 65.84 4.06
C LEU B 45 -46.92 66.36 2.86
N LYS B 46 -47.28 65.47 1.92
CA LYS B 46 -48.14 65.84 0.82
C LYS B 46 -49.58 66.08 1.27
N ASP B 47 -49.98 65.48 2.40
CA ASP B 47 -51.32 65.67 2.95
C ASP B 47 -51.32 66.61 4.15
N ASN B 48 -50.39 67.56 4.18
CA ASN B 48 -50.36 68.63 5.19
C ASN B 48 -50.22 68.07 6.61
N CYS B 49 -49.42 67.03 6.76
CA CYS B 49 -49.11 66.52 8.09
C CYS B 49 -47.97 67.34 8.69
N ALA B 50 -48.17 67.81 9.93
CA ALA B 50 -47.18 68.62 10.62
C ALA B 50 -45.86 67.88 10.70
N PRO B 51 -44.74 68.46 10.22
CA PRO B 51 -43.48 67.72 10.21
C PRO B 51 -43.03 67.24 11.58
N GLU B 52 -43.45 67.91 12.65
CA GLU B 52 -43.06 67.52 13.99
C GLU B 52 -43.82 66.30 14.50
N SER B 53 -44.97 65.99 13.90
CA SER B 53 -45.79 64.85 14.30
C SER B 53 -45.59 63.64 13.39
N ILE B 54 -44.47 63.60 12.67
CA ILE B 54 -44.16 62.49 11.76
C ILE B 54 -43.20 61.55 12.46
N GLU B 55 -43.65 60.32 12.71
CA GLU B 55 -42.81 59.28 13.28
C GLU B 55 -42.20 58.48 12.13
N PHE B 56 -40.89 58.61 11.94
CA PHE B 56 -40.19 57.90 10.87
C PHE B 56 -38.79 57.54 11.33
N PRO B 57 -38.62 56.42 12.01
CA PRO B 57 -37.26 55.94 12.33
C PRO B 57 -36.52 55.50 11.08
N VAL B 58 -35.24 55.86 11.02
CA VAL B 58 -34.34 55.44 9.95
C VAL B 58 -33.21 54.67 10.59
N SER B 59 -32.95 53.46 10.07
CA SER B 59 -31.88 52.63 10.60
C SER B 59 -30.52 53.22 10.22
N GLU B 60 -29.69 53.46 11.22
CA GLU B 60 -28.38 54.07 11.03
C GLU B 60 -27.30 53.20 11.65
N ALA B 61 -26.05 53.67 11.55
CA ALA B 61 -24.91 52.93 12.09
C ALA B 61 -23.76 53.92 12.23
N ARG B 62 -23.54 54.41 13.45
CA ARG B 62 -22.49 55.36 13.73
C ARG B 62 -21.42 54.72 14.60
N VAL B 63 -20.18 55.16 14.42
CA VAL B 63 -19.05 54.65 15.19
C VAL B 63 -18.93 55.44 16.48
N LEU B 64 -18.58 54.75 17.56
CA LEU B 64 -18.29 55.38 18.85
C LEU B 64 -16.81 55.37 19.19
N GLU B 65 -16.09 54.34 18.78
CA GLU B 65 -14.64 54.26 18.94
C GLU B 65 -14.04 53.88 17.59
N ASP B 66 -13.09 54.69 17.12
CA ASP B 66 -12.51 54.51 15.79
C ASP B 66 -11.01 54.78 15.84
N ARG B 67 -10.33 54.16 16.81
CA ARG B 67 -8.89 54.29 16.90
C ARG B 67 -8.24 53.81 15.60
N PRO B 68 -7.17 54.47 15.14
CA PRO B 68 -6.50 54.01 13.92
C PRO B 68 -5.78 52.69 14.15
N LEU B 69 -5.63 51.94 13.07
CA LEU B 69 -4.84 50.72 13.12
C LEU B 69 -3.37 51.07 13.38
N SER B 70 -2.76 50.35 14.30
CA SER B 70 -1.35 50.58 14.61
C SER B 70 -0.47 50.14 13.45
N ASP B 71 0.66 50.82 13.29
CA ASP B 71 1.67 50.41 12.33
C ASP B 71 2.73 49.53 12.95
N LYS B 72 2.83 49.50 14.28
CA LYS B 72 3.81 48.70 14.98
C LYS B 72 3.20 48.17 16.27
N GLY B 73 3.37 46.87 16.50
CA GLY B 73 2.97 46.25 17.74
C GLY B 73 4.01 46.29 18.82
N SER B 74 5.20 46.80 18.49
CA SER B 74 6.25 46.99 19.47
C SER B 74 5.90 48.15 20.38
N GLY B 75 6.67 48.28 21.46
CA GLY B 75 6.40 49.34 22.41
C GLY B 75 5.02 49.23 23.03
N ASP B 76 4.66 50.28 23.77
CA ASP B 76 3.39 50.39 24.47
C ASP B 76 3.22 49.31 25.52
N SER B 77 2.29 49.51 26.45
CA SER B 77 1.81 48.44 27.32
C SER B 77 0.58 47.80 26.70
N SER B 78 0.68 47.55 25.39
CA SER B 78 -0.40 47.00 24.57
C SER B 78 -1.53 48.03 24.39
N GLN B 79 -1.15 49.22 23.96
CA GLN B 79 -2.10 50.17 23.38
C GLN B 79 -2.27 49.94 21.88
N VAL B 80 -1.92 48.77 21.40
CA VAL B 80 -1.96 48.44 19.98
C VAL B 80 -3.40 48.22 19.54
N THR B 81 -3.72 48.71 18.36
CA THR B 81 -5.04 48.53 17.76
C THR B 81 -4.89 47.68 16.51
N GLN B 82 -5.55 46.51 16.49
CA GLN B 82 -5.56 45.63 15.34
C GLN B 82 -6.91 45.51 14.67
N VAL B 83 -7.95 46.11 15.26
CA VAL B 83 -9.30 46.05 14.72
C VAL B 83 -9.91 47.44 14.77
N SER B 84 -10.45 47.89 13.64
CA SER B 84 -11.06 49.21 13.55
C SER B 84 -12.34 49.09 12.73
N PRO B 85 -13.45 49.70 13.18
CA PRO B 85 -13.55 50.41 14.45
C PRO B 85 -13.69 49.45 15.63
N GLN B 86 -13.56 49.97 16.86
CA GLN B 86 -13.64 49.12 18.05
C GLN B 86 -15.04 49.06 18.65
N ARG B 87 -15.90 50.01 18.34
CA ARG B 87 -17.25 50.04 18.89
C ARG B 87 -18.12 50.90 18.00
N ILE B 88 -19.27 50.36 17.58
CA ILE B 88 -20.24 51.10 16.79
C ILE B 88 -21.61 50.93 17.42
N ALA B 89 -22.48 51.89 17.13
CA ALA B 89 -23.86 51.89 17.60
C ALA B 89 -24.78 51.62 16.43
N LEU B 90 -25.65 50.62 16.57
CA LEU B 90 -26.54 50.17 15.50
C LEU B 90 -27.98 50.39 15.91
N ARG B 91 -28.75 51.04 15.06
CA ARG B 91 -30.18 51.27 15.27
C ARG B 91 -30.95 50.63 14.13
N LEU B 92 -31.93 49.79 14.47
CA LEU B 92 -32.68 49.03 13.49
C LEU B 92 -34.16 49.08 13.83
N ARG B 93 -34.99 49.38 12.83
CA ARG B 93 -36.43 49.27 12.95
C ARG B 93 -36.88 47.91 12.46
N PRO B 94 -38.12 47.50 12.77
CA PRO B 94 -38.54 46.12 12.48
C PRO B 94 -38.29 45.70 11.03
N ASP B 95 -37.77 44.48 10.88
CA ASP B 95 -37.55 43.83 9.59
C ASP B 95 -36.63 44.64 8.67
N ASP B 96 -35.78 45.48 9.23
CA ASP B 96 -34.87 46.31 8.47
C ASP B 96 -33.44 45.81 8.62
N SER B 97 -32.55 46.37 7.80
CA SER B 97 -31.14 45.99 7.82
C SER B 97 -30.27 47.22 7.67
N LYS B 98 -29.05 47.11 8.17
CA LYS B 98 -28.04 48.16 8.03
C LYS B 98 -26.67 47.50 7.88
N ASN B 99 -25.82 48.13 7.09
CA ASN B 99 -24.49 47.60 6.83
C ASN B 99 -23.44 48.42 7.57
N PHE B 100 -22.29 47.79 7.80
CA PHE B 100 -21.14 48.45 8.43
C PHE B 100 -19.88 47.66 8.08
N SER B 101 -18.74 48.26 8.37
CA SER B 101 -17.45 47.69 8.00
C SER B 101 -16.59 47.44 9.23
N ILE B 102 -15.59 46.58 9.03
CA ILE B 102 -14.56 46.31 10.02
C ILE B 102 -13.24 46.12 9.29
N GLN B 103 -12.16 46.66 9.86
CA GLN B 103 -10.81 46.49 9.33
C GLN B 103 -9.97 45.72 10.33
N VAL B 104 -9.21 44.76 9.83
CA VAL B 104 -8.34 43.94 10.66
C VAL B 104 -6.94 43.95 10.06
N ARG B 105 -5.94 44.23 10.89
CA ARG B 105 -4.55 44.27 10.46
C ARG B 105 -3.75 43.24 11.23
N GLN B 106 -2.94 42.47 10.51
CA GLN B 106 -1.92 41.61 11.13
C GLN B 106 -0.73 42.50 11.42
N VAL B 107 -0.72 43.10 12.61
CA VAL B 107 0.20 44.18 12.91
C VAL B 107 1.66 43.70 12.85
N GLU B 108 2.54 44.58 12.38
CA GLU B 108 3.96 44.29 12.29
C GLU B 108 4.62 44.44 13.65
N ASP B 109 5.59 43.57 13.94
CA ASP B 109 6.41 43.62 15.15
C ASP B 109 5.55 43.45 16.40
N TYR B 110 4.79 42.37 16.44
CA TYR B 110 3.96 42.04 17.60
C TYR B 110 4.70 41.06 18.50
N PRO B 111 4.61 41.22 19.82
CA PRO B 111 5.32 40.32 20.74
C PRO B 111 4.96 38.86 20.54
N VAL B 112 5.91 37.98 20.85
CA VAL B 112 5.77 36.54 20.60
C VAL B 112 6.28 35.76 21.81
N ASP B 113 5.47 34.83 22.30
CA ASP B 113 5.89 33.81 23.25
C ASP B 113 6.08 32.48 22.51
N ILE B 114 7.18 31.79 22.80
CA ILE B 114 7.45 30.47 22.24
C ILE B 114 7.84 29.54 23.38
N TYR B 115 6.97 28.62 23.74
CA TYR B 115 7.26 27.61 24.74
C TYR B 115 7.61 26.30 24.04
N TYR B 116 8.83 25.81 24.29
CA TYR B 116 9.35 24.60 23.64
C TYR B 116 9.02 23.40 24.51
N LEU B 117 8.05 22.59 24.07
CA LEU B 117 7.61 21.41 24.81
C LEU B 117 8.20 20.19 24.13
N MET B 118 9.22 19.59 24.73
CA MET B 118 10.07 18.62 24.07
C MET B 118 9.86 17.22 24.63
N ASP B 119 9.64 16.26 23.74
CA ASP B 119 9.75 14.85 24.08
C ASP B 119 11.18 14.54 24.53
N LEU B 120 11.33 14.07 25.76
CA LEU B 120 12.63 13.69 26.29
C LEU B 120 12.67 12.21 26.66
N SER B 121 11.89 11.38 25.96
CA SER B 121 12.07 9.95 26.08
C SER B 121 13.38 9.54 25.43
N TYR B 122 13.75 8.27 25.61
CA TYR B 122 15.10 7.85 25.22
C TYR B 122 15.36 8.03 23.73
N SER B 123 14.33 7.96 22.90
CA SER B 123 14.53 8.09 21.47
CA SER B 123 14.51 8.09 21.47
C SER B 123 14.97 9.48 21.05
N MET B 124 14.88 10.47 21.95
CA MET B 124 15.21 11.85 21.64
C MET B 124 16.59 12.26 22.14
N LYS B 125 17.47 11.28 22.40
CA LYS B 125 18.76 11.58 23.02
C LYS B 125 19.59 12.51 22.15
N ASP B 126 19.68 12.23 20.85
N ASP B 126 19.66 12.23 20.85
CA ASP B 126 20.48 13.09 19.98
CA ASP B 126 20.44 13.03 19.92
C ASP B 126 19.80 14.43 19.72
C ASP B 126 19.77 14.35 19.56
N ASP B 127 18.47 14.49 19.84
CA ASP B 127 17.79 15.76 19.59
C ASP B 127 18.20 16.82 20.60
N LEU B 128 18.44 16.40 21.84
CA LEU B 128 18.91 17.33 22.86
C LEU B 128 20.22 18.00 22.44
N TRP B 129 21.14 17.23 21.87
CA TRP B 129 22.45 17.76 21.55
C TRP B 129 22.39 18.84 20.48
N SER B 130 21.45 18.74 19.54
CA SER B 130 21.40 19.67 18.42
C SER B 130 20.65 20.95 18.70
N ILE B 131 19.91 21.05 19.80
CA ILE B 131 19.17 22.26 20.14
C ILE B 131 19.87 23.05 21.25
N GLN B 132 21.14 22.76 21.52
CA GLN B 132 21.83 23.41 22.63
C GLN B 132 22.05 24.90 22.39
N ASN B 133 22.06 25.33 21.14
CA ASN B 133 22.19 26.76 20.84
CA ASN B 133 22.22 26.74 20.76
C ASN B 133 20.94 27.32 20.18
N LEU B 134 19.83 26.58 20.23
CA LEU B 134 18.59 27.04 19.61
C LEU B 134 18.12 28.37 20.19
N GLY B 135 18.23 28.55 21.50
CA GLY B 135 17.73 29.76 22.12
C GLY B 135 18.30 31.02 21.51
N THR B 136 19.62 31.04 21.29
CA THR B 136 20.24 32.21 20.69
C THR B 136 20.04 32.26 19.19
N LYS B 137 20.11 31.11 18.50
N LYS B 137 20.12 31.12 18.51
CA LYS B 137 19.88 31.09 17.06
CA LYS B 137 19.88 31.08 17.06
C LYS B 137 18.44 31.47 16.73
C LYS B 137 18.44 31.47 16.74
N LEU B 138 17.49 31.05 17.59
CA LEU B 138 16.10 31.42 17.38
C LEU B 138 15.89 32.91 17.63
N ALA B 139 16.57 33.47 18.62
CA ALA B 139 16.46 34.90 18.89
C ALA B 139 17.02 35.72 17.73
N THR B 140 18.06 35.21 17.06
CA THR B 140 18.60 35.90 15.90
C THR B 140 17.57 35.98 14.78
N GLN B 141 16.90 34.86 14.50
CA GLN B 141 15.97 34.83 13.37
C GLN B 141 14.66 35.53 13.70
N MET B 142 14.15 35.35 14.92
CA MET B 142 12.91 36.02 15.29
C MET B 142 13.08 37.51 15.53
N ARG B 143 14.33 37.96 15.71
CA ARG B 143 14.59 39.39 15.85
C ARG B 143 14.15 40.16 14.61
N LYS B 144 14.15 39.50 13.44
CA LYS B 144 13.70 40.15 12.22
C LYS B 144 12.20 40.38 12.21
N LEU B 145 11.44 39.50 12.89
CA LEU B 145 9.99 39.58 12.88
C LEU B 145 9.42 40.31 14.08
N THR B 146 10.03 40.18 15.26
CA THR B 146 9.54 40.84 16.46
C THR B 146 10.71 41.32 17.31
N SER B 147 10.47 42.41 18.04
CA SER B 147 11.43 42.94 19.01
C SER B 147 11.00 42.64 20.44
N ASN B 148 10.04 41.72 20.64
CA ASN B 148 9.53 41.35 21.96
C ASN B 148 9.37 39.82 21.97
N LEU B 149 10.49 39.12 22.09
CA LEU B 149 10.50 37.66 22.09
C LEU B 149 10.74 37.12 23.49
N ARG B 150 9.93 36.14 23.89
CA ARG B 150 10.16 35.37 25.11
C ARG B 150 10.12 33.90 24.76
N ILE B 151 11.06 33.13 25.32
CA ILE B 151 11.11 31.69 25.10
C ILE B 151 11.17 30.99 26.44
N GLY B 152 10.67 29.75 26.46
CA GLY B 152 10.68 28.90 27.63
C GLY B 152 10.76 27.46 27.19
N PHE B 153 10.88 26.57 28.17
CA PHE B 153 11.15 25.17 27.87
C PHE B 153 10.47 24.25 28.88
N GLY B 154 9.87 23.18 28.36
CA GLY B 154 9.37 22.10 29.19
C GLY B 154 9.64 20.76 28.53
N ALA B 155 9.46 19.69 29.30
CA ALA B 155 9.82 18.37 28.81
C ALA B 155 8.83 17.35 29.34
N PHE B 156 8.65 16.26 28.58
CA PHE B 156 7.74 15.20 28.96
C PHE B 156 8.32 13.85 28.54
N VAL B 157 7.86 12.80 29.20
CA VAL B 157 8.08 11.43 28.73
C VAL B 157 6.73 10.72 28.68
N ASP B 158 6.27 10.23 29.83
CA ASP B 158 5.01 9.52 29.92
C ASP B 158 4.65 9.41 31.40
N LYS B 159 3.49 8.84 31.68
CA LYS B 159 3.04 8.67 33.06
C LYS B 159 3.98 7.72 33.80
N PRO B 160 4.66 8.16 34.86
CA PRO B 160 5.60 7.26 35.56
C PRO B 160 4.88 6.20 36.38
N VAL B 161 4.26 5.26 35.67
CA VAL B 161 3.49 4.19 36.29
C VAL B 161 3.55 2.96 35.41
N SER B 162 3.55 1.79 36.04
CA SER B 162 3.48 0.53 35.31
C SER B 162 2.17 0.46 34.52
N PRO B 163 2.20 -0.05 33.28
CA PRO B 163 3.32 -0.69 32.59
C PRO B 163 4.15 0.24 31.70
N TYR B 164 3.81 1.53 31.64
CA TYR B 164 4.64 2.47 30.90
C TYR B 164 6.05 2.53 31.48
N MET B 165 6.16 2.41 32.80
CA MET B 165 7.43 2.55 33.51
C MET B 165 7.98 1.18 33.87
N TYR B 166 9.29 1.01 33.73
CA TYR B 166 9.95 -0.17 34.25
C TYR B 166 10.01 -0.07 35.77
N ILE B 167 9.62 -1.15 36.45
CA ILE B 167 9.53 -1.10 37.91
C ILE B 167 10.32 -2.22 38.57
N SER B 168 11.21 -2.86 37.83
CA SER B 168 12.09 -3.86 38.41
C SER B 168 13.38 -3.92 37.61
N PRO B 169 14.53 -4.15 38.25
CA PRO B 169 14.74 -4.25 39.71
C PRO B 169 14.73 -2.86 40.34
N PRO B 170 14.86 -2.76 41.68
CA PRO B 170 14.89 -1.42 42.31
C PRO B 170 15.82 -0.43 41.61
N GLU B 171 16.92 -0.92 41.06
CA GLU B 171 17.85 -0.08 40.32
C GLU B 171 17.19 0.57 39.10
N ALA B 172 16.21 -0.10 38.51
CA ALA B 172 15.58 0.42 37.29
C ALA B 172 14.71 1.64 37.56
N LEU B 173 14.29 1.87 38.80
CA LEU B 173 13.50 3.06 39.10
C LEU B 173 14.37 4.31 39.16
N GLU B 174 15.57 4.19 39.74
CA GLU B 174 16.50 5.31 39.77
C GLU B 174 17.19 5.51 38.42
N ASN B 175 17.30 4.45 37.62
CA ASN B 175 17.97 4.53 36.32
C ASN B 175 17.29 3.56 35.37
N PRO B 176 16.32 4.04 34.58
CA PRO B 176 15.63 3.14 33.63
C PRO B 176 16.54 2.55 32.57
N CYS B 177 17.77 3.05 32.42
CA CYS B 177 18.72 2.53 31.45
C CYS B 177 19.71 1.54 32.07
N TYR B 178 19.37 0.97 33.23
CA TYR B 178 20.32 0.14 33.96
C TYR B 178 20.69 -1.11 33.16
N ASP B 179 19.72 -1.73 32.48
CA ASP B 179 19.98 -2.98 31.79
C ASP B 179 20.67 -2.77 30.45
N MET B 180 20.92 -1.53 30.08
CA MET B 180 21.85 -1.16 29.03
C MET B 180 23.17 -0.76 29.68
N LYS B 181 24.05 -0.11 28.94
CA LYS B 181 25.33 0.36 29.47
C LYS B 181 25.38 1.87 29.61
N THR B 182 24.29 2.47 30.11
CA THR B 182 24.24 3.92 30.28
C THR B 182 23.36 4.25 31.47
N THR B 183 23.26 5.55 31.75
CA THR B 183 22.40 6.10 32.78
C THR B 183 21.43 7.08 32.14
N CYS B 184 20.18 7.08 32.60
CA CYS B 184 19.22 8.10 32.21
C CYS B 184 18.41 8.50 33.44
N LEU B 185 17.65 9.58 33.28
CA LEU B 185 16.90 10.12 34.41
C LEU B 185 15.79 9.17 34.83
N PRO B 186 15.41 9.19 36.11
CA PRO B 186 14.14 8.56 36.50
C PRO B 186 13.00 9.12 35.65
N MET B 187 11.97 8.31 35.48
N MET B 187 11.98 8.30 35.47
CA MET B 187 10.87 8.69 34.60
CA MET B 187 10.84 8.68 34.65
C MET B 187 10.09 9.87 35.19
C MET B 187 10.15 9.92 35.22
N PHE B 188 9.64 10.76 34.32
CA PHE B 188 8.84 11.91 34.71
C PHE B 188 7.75 12.12 33.68
N GLY B 189 6.57 12.52 34.15
CA GLY B 189 5.45 12.78 33.26
C GLY B 189 5.65 14.04 32.46
N TYR B 190 5.55 15.18 33.13
CA TYR B 190 5.83 16.47 32.51
C TYR B 190 6.51 17.35 33.56
N LYS B 191 7.59 18.01 33.17
CA LYS B 191 8.25 18.96 34.06
C LYS B 191 8.48 20.27 33.33
N HIS B 192 8.02 21.35 33.95
CA HIS B 192 8.34 22.69 33.50
C HIS B 192 9.77 23.02 33.90
N VAL B 193 10.52 23.60 32.97
CA VAL B 193 11.94 23.88 33.17
C VAL B 193 12.21 25.38 33.20
N LEU B 194 11.78 26.10 32.16
CA LEU B 194 12.13 27.51 32.01
C LEU B 194 10.86 28.31 31.71
N THR B 195 10.50 29.20 32.64
CA THR B 195 9.43 30.14 32.40
C THR B 195 9.82 31.10 31.28
N LEU B 196 8.83 31.50 30.48
CA LEU B 196 9.05 32.39 29.35
C LEU B 196 9.85 33.63 29.76
N THR B 197 11.00 33.81 29.12
CA THR B 197 11.89 34.91 29.42
C THR B 197 12.47 35.46 28.11
N ASP B 198 12.84 36.74 28.14
CA ASP B 198 13.56 37.32 27.02
C ASP B 198 15.06 37.11 27.10
N GLN B 199 15.53 36.45 28.17
CA GLN B 199 16.95 36.14 28.36
C GLN B 199 17.22 34.79 27.72
N VAL B 200 17.55 34.80 26.43
CA VAL B 200 17.58 33.57 25.65
C VAL B 200 18.74 32.66 26.03
N THR B 201 19.81 33.18 26.62
CA THR B 201 20.88 32.29 27.08
C THR B 201 20.42 31.41 28.24
N ARG B 202 19.37 31.81 28.96
CA ARG B 202 18.76 30.91 29.94
C ARG B 202 18.24 29.64 29.28
N PHE B 203 17.69 29.78 28.07
CA PHE B 203 17.24 28.62 27.32
C PHE B 203 18.41 27.68 27.02
N ASN B 204 19.48 28.22 26.44
CA ASN B 204 20.66 27.43 26.11
C ASN B 204 21.18 26.68 27.32
N GLU B 205 21.31 27.37 28.45
CA GLU B 205 21.93 26.75 29.62
C GLU B 205 21.01 25.77 30.31
N GLU B 206 19.69 26.01 30.30
CA GLU B 206 18.77 25.02 30.85
C GLU B 206 18.77 23.76 29.99
N VAL B 207 18.77 23.91 28.67
CA VAL B 207 18.76 22.76 27.77
C VAL B 207 20.03 21.94 27.92
N LYS B 208 21.17 22.61 28.14
CA LYS B 208 22.43 21.91 28.28
C LYS B 208 22.49 21.06 29.55
N LYS B 209 21.60 21.30 30.51
CA LYS B 209 21.52 20.47 31.71
C LYS B 209 20.47 19.38 31.62
N GLN B 210 19.66 19.38 30.55
CA GLN B 210 18.61 18.39 30.40
C GLN B 210 19.17 17.06 29.91
N SER B 211 18.46 15.98 30.22
CA SER B 211 18.79 14.66 29.71
C SER B 211 17.51 13.85 29.58
N VAL B 212 17.63 12.71 28.91
CA VAL B 212 16.47 11.90 28.58
C VAL B 212 16.21 10.89 29.69
N SER B 213 15.00 10.37 29.72
CA SER B 213 14.62 9.21 30.50
C SER B 213 14.29 8.07 29.54
N ARG B 214 13.63 7.04 30.06
CA ARG B 214 13.30 5.88 29.24
C ARG B 214 12.09 5.17 29.81
N ASN B 215 11.19 4.76 28.92
CA ASN B 215 10.01 4.01 29.33
C ASN B 215 9.76 2.91 28.30
N ARG B 216 8.68 2.15 28.52
CA ARG B 216 8.51 0.86 27.86
C ARG B 216 7.74 0.94 26.54
N ASP B 217 6.63 1.67 26.48
CA ASP B 217 5.80 1.65 25.28
C ASP B 217 6.04 2.89 24.43
N ALA B 218 5.87 2.73 23.12
CA ALA B 218 6.19 3.72 22.10
C ALA B 218 5.35 4.99 22.21
N PRO B 219 4.03 4.91 22.40
CA PRO B 219 3.26 6.16 22.58
C PRO B 219 3.66 6.83 23.88
N GLU B 220 3.87 8.14 23.82
CA GLU B 220 4.34 8.89 24.98
C GLU B 220 3.24 9.82 25.49
N GLY B 221 3.53 10.48 26.61
CA GLY B 221 2.51 11.23 27.32
C GLY B 221 2.50 12.73 27.05
N GLY B 222 2.78 13.13 25.81
CA GLY B 222 2.91 14.54 25.50
C GLY B 222 1.62 15.32 25.64
N PHE B 223 0.47 14.67 25.42
CA PHE B 223 -0.80 15.38 25.53
C PHE B 223 -1.06 15.83 26.96
N ASP B 224 -0.61 15.06 27.95
CA ASP B 224 -0.60 15.53 29.33
C ASP B 224 0.16 16.86 29.44
N ALA B 225 1.29 16.97 28.73
CA ALA B 225 2.12 18.15 28.84
C ALA B 225 1.51 19.33 28.09
N ILE B 226 0.90 19.09 26.93
CA ILE B 226 0.22 20.16 26.21
C ILE B 226 -0.86 20.80 27.07
N MET B 227 -1.59 19.97 27.82
CA MET B 227 -2.62 20.49 28.71
C MET B 227 -2.02 21.38 29.80
N GLN B 228 -1.00 20.88 30.49
CA GLN B 228 -0.42 21.62 31.60
C GLN B 228 0.27 22.90 31.14
N ALA B 229 0.98 22.83 30.01
CA ALA B 229 1.60 24.03 29.47
C ALA B 229 0.56 25.05 29.02
N THR B 230 -0.68 24.62 28.80
CA THR B 230 -1.76 25.51 28.38
C THR B 230 -2.47 26.16 29.56
N VAL B 231 -2.81 25.40 30.60
CA VAL B 231 -3.64 25.91 31.68
C VAL B 231 -2.84 26.38 32.89
N CYS B 232 -1.51 26.19 32.91
CA CYS B 232 -0.68 26.75 33.97
C CYS B 232 -0.08 28.07 33.51
N ASP B 233 -0.96 29.07 33.34
CA ASP B 233 -0.58 30.37 32.78
C ASP B 233 0.57 30.99 33.55
N GLU B 234 0.38 31.16 34.86
CA GLU B 234 1.37 31.87 35.66
C GLU B 234 2.73 31.17 35.61
N LYS B 235 2.73 29.85 35.68
CA LYS B 235 3.99 29.11 35.73
C LYS B 235 4.70 29.14 34.38
N ILE B 236 3.98 28.89 33.29
CA ILE B 236 4.62 28.96 31.98
C ILE B 236 4.96 30.41 31.64
N GLY B 237 4.07 31.34 31.95
CA GLY B 237 4.36 32.75 31.83
C GLY B 237 3.83 33.44 30.61
N TRP B 238 2.81 32.88 29.93
CA TRP B 238 2.24 33.50 28.75
C TRP B 238 1.86 34.95 29.04
N ARG B 239 2.16 35.83 28.09
CA ARG B 239 1.83 37.24 28.21
C ARG B 239 0.45 37.52 27.63
N ASN B 240 -0.25 38.48 28.23
CA ASN B 240 -1.61 38.81 27.80
C ASN B 240 -1.66 39.23 26.34
N ASP B 241 -0.71 40.06 25.91
CA ASP B 241 -0.75 40.69 24.60
C ASP B 241 0.43 40.23 23.77
N ALA B 242 0.36 38.98 23.30
CA ALA B 242 1.42 38.40 22.49
C ALA B 242 0.90 37.16 21.80
N SER B 243 1.49 36.83 20.65
CA SER B 243 1.24 35.55 20.01
C SER B 243 1.84 34.44 20.86
N HIS B 244 1.07 33.38 21.08
CA HIS B 244 1.49 32.25 21.91
C HIS B 244 1.76 31.07 20.99
N LEU B 245 3.02 30.65 20.91
CA LEU B 245 3.40 29.47 20.15
C LEU B 245 3.83 28.38 21.12
N LEU B 246 3.12 27.25 21.09
CA LEU B 246 3.47 26.07 21.85
C LEU B 246 4.07 25.05 20.88
N VAL B 247 5.37 24.85 20.95
CA VAL B 247 6.09 23.98 20.03
C VAL B 247 6.24 22.61 20.68
N PHE B 248 5.57 21.62 20.10
CA PHE B 248 5.50 20.25 20.61
C PHE B 248 6.31 19.38 19.67
N THR B 249 7.45 18.88 20.14
CA THR B 249 8.34 18.05 19.33
C THR B 249 8.33 16.62 19.85
N THR B 250 8.10 15.67 18.96
CA THR B 250 8.19 14.25 19.30
C THR B 250 8.45 13.47 18.01
N ASP B 251 8.80 12.19 18.18
CA ASP B 251 9.05 11.31 17.05
C ASP B 251 8.21 10.04 17.13
N ALA B 252 7.17 10.04 17.97
CA ALA B 252 6.42 8.83 18.27
C ALA B 252 4.93 9.13 18.31
N LYS B 253 4.15 8.05 18.35
CA LYS B 253 2.72 8.14 18.60
C LYS B 253 2.49 8.75 19.97
N THR B 254 1.23 9.13 20.23
CA THR B 254 0.89 9.74 21.49
C THR B 254 -0.23 8.97 22.18
N HIS B 255 -0.22 9.02 23.51
CA HIS B 255 -1.33 8.51 24.28
C HIS B 255 -2.48 9.50 24.26
N ILE B 256 -3.70 8.96 24.34
CA ILE B 256 -4.92 9.74 24.24
C ILE B 256 -5.83 9.35 25.40
N ALA B 257 -6.88 10.15 25.60
CA ALA B 257 -7.83 9.89 26.67
C ALA B 257 -8.39 8.47 26.55
N LEU B 258 -8.53 7.81 27.70
CA LEU B 258 -8.98 6.44 27.93
C LEU B 258 -7.85 5.41 27.76
N ASP B 259 -6.65 5.83 27.36
CA ASP B 259 -5.50 4.94 27.43
C ASP B 259 -5.10 4.63 28.87
N GLY B 260 -5.27 5.61 29.78
CA GLY B 260 -4.78 5.49 31.13
C GLY B 260 -5.31 4.30 31.89
N ARG B 261 -6.43 3.72 31.44
CA ARG B 261 -6.97 2.53 32.08
C ARG B 261 -6.00 1.36 32.03
N LEU B 262 -5.07 1.36 31.09
CA LEU B 262 -4.04 0.32 31.13
C LEU B 262 -3.08 0.50 32.30
N ALA B 263 -3.11 1.64 32.98
CA ALA B 263 -2.37 1.83 34.22
C ALA B 263 -3.30 1.95 35.43
N GLY B 264 -4.54 1.49 35.29
CA GLY B 264 -5.51 1.63 36.36
C GLY B 264 -6.05 3.03 36.54
N ILE B 265 -5.80 3.93 35.61
CA ILE B 265 -6.19 5.33 35.73
C ILE B 265 -7.49 5.51 34.94
N VAL B 266 -8.57 5.80 35.65
CA VAL B 266 -9.86 6.03 35.04
C VAL B 266 -10.39 7.44 35.24
N GLN B 267 -9.88 8.20 36.21
CA GLN B 267 -10.39 9.54 36.46
C GLN B 267 -10.19 10.42 35.24
N PRO B 268 -11.25 11.00 34.68
CA PRO B 268 -11.08 11.91 33.54
C PRO B 268 -10.16 13.07 33.88
N ASN B 269 -9.47 13.56 32.86
CA ASN B 269 -8.66 14.76 32.98
C ASN B 269 -9.57 15.95 33.34
N ASP B 270 -9.16 16.74 34.32
CA ASP B 270 -10.01 17.83 34.79
C ASP B 270 -9.67 19.17 34.13
N GLY B 271 -8.65 19.21 33.28
CA GLY B 271 -8.30 20.44 32.61
C GLY B 271 -7.75 21.54 33.49
N GLN B 272 -7.46 21.25 34.75
CA GLN B 272 -6.91 22.22 35.68
C GLN B 272 -5.40 22.10 35.77
N CYS B 273 -4.77 23.13 36.32
CA CYS B 273 -3.32 23.11 36.49
C CYS B 273 -2.97 22.27 37.71
N HIS B 274 -1.96 21.40 37.56
CA HIS B 274 -1.47 20.58 38.66
C HIS B 274 0.05 20.57 38.70
N VAL B 275 0.69 21.68 38.33
CA VAL B 275 2.14 21.81 38.40
C VAL B 275 2.44 22.79 39.53
N GLY B 276 2.94 22.26 40.64
CA GLY B 276 3.27 23.05 41.80
C GLY B 276 4.68 23.59 41.77
N SER B 277 5.20 23.90 42.97
CA SER B 277 6.51 24.53 43.10
C SER B 277 7.65 23.62 42.67
N ASP B 278 7.47 22.30 42.71
CA ASP B 278 8.53 21.40 42.27
C ASP B 278 8.59 21.28 40.74
N ASN B 279 7.67 21.93 40.04
CA ASN B 279 7.63 22.05 38.58
C ASN B 279 7.33 20.74 37.86
N HIS B 280 6.80 19.74 38.55
CA HIS B 280 6.37 18.50 37.93
C HIS B 280 4.85 18.40 37.95
N TYR B 281 4.31 17.67 36.98
CA TYR B 281 2.87 17.43 36.86
C TYR B 281 2.47 16.38 37.88
N SER B 282 1.81 16.81 38.96
CA SER B 282 1.55 15.94 40.09
C SER B 282 0.36 15.01 39.89
N ALA B 283 -0.48 15.26 38.89
CA ALA B 283 -1.63 14.40 38.62
C ALA B 283 -1.32 13.35 37.56
N SER B 284 -0.06 13.20 37.18
CA SER B 284 0.31 12.31 36.07
C SER B 284 -0.12 10.87 36.35
N THR B 285 0.01 10.42 37.59
CA THR B 285 -0.29 9.04 37.94
C THR B 285 -1.69 8.84 38.48
N THR B 286 -2.50 9.89 38.56
CA THR B 286 -3.85 9.78 39.10
C THR B 286 -4.94 10.26 38.14
N MET B 287 -4.57 10.83 37.00
CA MET B 287 -5.52 11.48 36.11
C MET B 287 -5.24 11.03 34.68
N ASP B 288 -6.30 10.77 33.92
CA ASP B 288 -6.16 10.24 32.58
C ASP B 288 -5.60 11.29 31.63
N TYR B 289 -5.09 10.81 30.50
CA TYR B 289 -4.69 11.70 29.42
C TYR B 289 -5.87 12.55 28.98
N PRO B 290 -5.62 13.76 28.50
CA PRO B 290 -6.74 14.61 28.06
C PRO B 290 -7.25 14.20 26.68
N SER B 291 -8.51 14.52 26.43
CA SER B 291 -9.11 14.28 25.13
C SER B 291 -8.85 15.45 24.20
N LEU B 292 -9.04 15.20 22.90
CA LEU B 292 -8.81 16.25 21.90
C LEU B 292 -9.72 17.44 22.13
N GLY B 293 -11.01 17.18 22.39
CA GLY B 293 -11.94 18.27 22.64
C GLY B 293 -11.54 19.11 23.83
N LEU B 294 -11.13 18.47 24.93
CA LEU B 294 -10.70 19.22 26.10
C LEU B 294 -9.45 20.04 25.81
N MET B 295 -8.48 19.46 25.10
CA MET B 295 -7.31 20.22 24.67
C MET B 295 -7.72 21.43 23.85
N THR B 296 -8.57 21.23 22.84
CA THR B 296 -9.06 22.33 22.02
C THR B 296 -9.70 23.43 22.86
N GLU B 297 -10.51 23.05 23.85
CA GLU B 297 -11.18 24.03 24.70
C GLU B 297 -10.17 24.92 25.43
N LYS B 298 -9.09 24.31 25.94
CA LYS B 298 -8.11 25.08 26.70
C LYS B 298 -7.17 25.88 25.80
N LEU B 299 -6.71 25.27 24.70
CA LEU B 299 -5.88 25.99 23.75
C LEU B 299 -6.60 27.23 23.21
N SER B 300 -7.90 27.10 22.95
CA SER B 300 -8.67 28.24 22.45
C SER B 300 -8.90 29.28 23.54
N GLN B 301 -9.09 28.82 24.79
CA GLN B 301 -9.36 29.73 25.89
C GLN B 301 -8.12 30.55 26.26
N LYS B 302 -6.95 29.94 26.20
CA LYS B 302 -5.70 30.64 26.48
C LYS B 302 -5.05 31.21 25.23
N ASN B 303 -5.72 31.12 24.09
CA ASN B 303 -5.20 31.63 22.81
CA ASN B 303 -5.21 31.63 22.81
C ASN B 303 -3.80 31.08 22.52
N ILE B 304 -3.67 29.76 22.61
CA ILE B 304 -2.41 29.08 22.35
C ILE B 304 -2.46 28.48 20.95
N ASN B 305 -1.43 28.76 20.15
CA ASN B 305 -1.27 28.17 18.82
C ASN B 305 -0.34 26.97 18.97
N LEU B 306 -0.91 25.77 18.84
CA LEU B 306 -0.16 24.53 19.01
C LEU B 306 0.52 24.14 17.71
N ILE B 307 1.81 23.83 17.79
CA ILE B 307 2.60 23.43 16.62
C ILE B 307 3.07 21.99 16.84
N PHE B 308 2.66 21.10 15.95
CA PHE B 308 3.13 19.71 15.94
C PHE B 308 4.38 19.64 15.08
N ALA B 309 5.54 19.68 15.72
CA ALA B 309 6.83 19.50 15.03
C ALA B 309 7.28 18.06 15.24
N VAL B 310 6.98 17.20 14.27
CA VAL B 310 7.16 15.76 14.44
C VAL B 310 7.88 15.18 13.23
N THR B 311 8.45 13.99 13.44
CA THR B 311 9.26 13.35 12.41
C THR B 311 8.38 12.71 11.33
N GLU B 312 9.02 12.40 10.19
N GLU B 312 9.01 12.42 10.19
CA GLU B 312 8.30 11.94 9.01
CA GLU B 312 8.26 11.96 9.02
C GLU B 312 7.45 10.71 9.30
C GLU B 312 7.44 10.71 9.31
N ASN B 313 7.91 9.84 10.20
CA ASN B 313 7.20 8.59 10.46
C ASN B 313 5.85 8.81 11.13
N VAL B 314 5.57 9.99 11.69
CA VAL B 314 4.29 10.23 12.34
C VAL B 314 3.65 11.53 11.88
N VAL B 315 4.12 12.09 10.75
N VAL B 315 4.15 12.09 10.77
CA VAL B 315 3.58 13.35 10.28
CA VAL B 315 3.59 13.34 10.25
C VAL B 315 2.12 13.20 9.87
C VAL B 315 2.11 13.16 9.93
N ASN B 316 1.78 12.08 9.23
CA ASN B 316 0.38 11.84 8.84
C ASN B 316 -0.51 11.72 10.07
N LEU B 317 -0.04 11.00 11.09
CA LEU B 317 -0.77 10.93 12.35
C LEU B 317 -1.10 12.31 12.89
N TYR B 318 -0.08 13.16 13.03
CA TYR B 318 -0.29 14.44 13.68
C TYR B 318 -1.01 15.43 12.78
N GLN B 319 -0.86 15.31 11.46
CA GLN B 319 -1.67 16.11 10.55
CA GLN B 319 -1.67 16.11 10.55
C GLN B 319 -3.14 15.77 10.71
N ASN B 320 -3.45 14.49 10.94
CA ASN B 320 -4.83 14.06 11.12
C ASN B 320 -5.40 14.54 12.45
N TYR B 321 -4.58 14.53 13.51
CA TYR B 321 -4.98 15.17 14.76
C TYR B 321 -5.19 16.66 14.57
N SER B 322 -4.29 17.30 13.82
CA SER B 322 -4.37 18.74 13.59
C SER B 322 -5.71 19.15 12.98
N GLU B 323 -6.29 18.28 12.15
CA GLU B 323 -7.59 18.57 11.56
C GLU B 323 -8.72 18.49 12.56
N LEU B 324 -8.54 17.79 13.68
CA LEU B 324 -9.52 17.73 14.74
C LEU B 324 -9.29 18.78 15.82
N ILE B 325 -8.19 19.50 15.76
CA ILE B 325 -7.90 20.62 16.66
C ILE B 325 -7.68 21.85 15.79
N PRO B 326 -8.75 22.54 15.37
CA PRO B 326 -8.59 23.63 14.41
C PRO B 326 -7.63 24.70 14.90
N GLY B 327 -6.87 25.27 13.96
CA GLY B 327 -5.85 26.24 14.28
C GLY B 327 -4.47 25.67 14.54
N THR B 328 -4.32 24.35 14.53
CA THR B 328 -3.04 23.70 14.80
C THR B 328 -2.23 23.59 13.52
N THR B 329 -0.90 23.64 13.68
CA THR B 329 0.04 23.59 12.57
C THR B 329 0.93 22.35 12.71
N VAL B 330 1.33 21.78 11.58
CA VAL B 330 2.26 20.66 11.55
C VAL B 330 3.49 21.05 10.75
N GLY B 331 4.65 20.70 11.28
CA GLY B 331 5.89 20.81 10.54
C GLY B 331 6.68 19.53 10.68
N VAL B 332 7.46 19.23 9.64
CA VAL B 332 8.25 18.00 9.59
C VAL B 332 9.56 18.24 10.32
N LEU B 333 9.74 17.57 11.46
CA LEU B 333 10.96 17.65 12.23
C LEU B 333 11.96 16.61 11.74
N SER B 334 13.22 17.00 11.62
CA SER B 334 14.25 16.04 11.27
C SER B 334 14.50 15.10 12.45
N MET B 335 15.19 13.99 12.16
CA MET B 335 15.33 12.94 13.16
C MET B 335 16.17 13.36 14.36
N ASP B 336 16.91 14.46 14.27
CA ASP B 336 17.69 14.97 15.39
C ASP B 336 17.27 16.38 15.79
N SER B 337 16.11 16.82 15.30
CA SER B 337 15.55 18.15 15.53
C SER B 337 16.41 19.26 14.95
N SER B 338 17.33 18.95 14.04
CA SER B 338 18.27 19.95 13.55
C SER B 338 17.61 21.05 12.74
N ASN B 339 16.39 20.83 12.24
CA ASN B 339 15.70 21.81 11.42
C ASN B 339 14.59 22.53 12.17
N VAL B 340 14.57 22.42 13.50
CA VAL B 340 13.41 22.92 14.26
C VAL B 340 13.32 24.44 14.20
N LEU B 341 14.46 25.13 14.00
CA LEU B 341 14.45 26.59 13.97
C LEU B 341 13.62 27.12 12.80
N GLN B 342 13.97 26.72 11.58
CA GLN B 342 13.19 27.13 10.41
C GLN B 342 11.75 26.63 10.51
N LEU B 343 11.55 25.47 11.14
CA LEU B 343 10.20 24.96 11.35
C LEU B 343 9.36 25.92 12.17
N ILE B 344 9.94 26.49 13.23
CA ILE B 344 9.21 27.45 14.06
C ILE B 344 8.94 28.73 13.27
N VAL B 345 9.94 29.21 12.52
CA VAL B 345 9.77 30.44 11.75
C VAL B 345 8.68 30.28 10.71
N ASP B 346 8.67 29.14 9.99
CA ASP B 346 7.64 28.90 8.99
C ASP B 346 6.26 28.81 9.63
N ALA B 347 6.15 28.13 10.76
CA ALA B 347 4.86 27.99 11.43
C ALA B 347 4.34 29.35 11.91
N TYR B 348 5.23 30.19 12.43
CA TYR B 348 4.82 31.53 12.87
C TYR B 348 4.26 32.34 11.70
N GLY B 349 4.88 32.23 10.53
CA GLY B 349 4.34 32.89 9.35
C GLY B 349 2.98 32.34 8.97
N LYS B 350 2.85 31.01 8.95
CA LYS B 350 1.56 30.40 8.62
C LYS B 350 0.48 30.82 9.60
N ILE B 351 0.82 30.93 10.88
CA ILE B 351 -0.16 31.29 11.90
C ILE B 351 -0.69 32.70 11.67
N ARG B 352 0.21 33.64 11.35
CA ARG B 352 -0.19 35.02 11.13
C ARG B 352 -0.52 35.31 9.67
N SER B 353 -0.90 34.28 8.91
CA SER B 353 -1.27 34.44 7.51
C SER B 353 -2.79 34.35 7.30
N LYS B 354 -3.56 34.26 8.38
CA LYS B 354 -5.00 34.09 8.28
C LYS B 354 -5.71 35.05 9.21
N VAL B 355 -6.80 35.63 8.71
CA VAL B 355 -7.71 36.45 9.51
C VAL B 355 -9.10 35.87 9.31
N GLU B 356 -9.67 35.31 10.38
CA GLU B 356 -10.99 34.71 10.33
C GLU B 356 -11.87 35.36 11.40
N LEU B 357 -13.02 35.87 11.00
CA LEU B 357 -13.91 36.53 11.93
C LEU B 357 -14.75 35.51 12.70
N GLU B 358 -15.07 35.86 13.94
CA GLU B 358 -15.90 35.05 14.81
C GLU B 358 -16.94 35.96 15.46
N VAL B 359 -18.15 35.44 15.65
CA VAL B 359 -19.25 36.23 16.19
C VAL B 359 -19.65 35.64 17.54
N ARG B 360 -19.78 36.50 18.54
CA ARG B 360 -20.14 36.10 19.89
C ARG B 360 -21.37 36.85 20.34
N ASP B 361 -22.30 36.13 20.98
CA ASP B 361 -23.49 36.71 21.61
C ASP B 361 -24.43 37.35 20.59
N LEU B 362 -24.53 36.75 19.41
CA LEU B 362 -25.45 37.25 18.39
C LEU B 362 -26.88 36.93 18.79
N PRO B 363 -27.76 37.92 18.89
CA PRO B 363 -29.17 37.63 19.22
C PRO B 363 -29.79 36.69 18.20
N GLU B 364 -30.84 35.97 18.65
CA GLU B 364 -31.51 35.01 17.79
C GLU B 364 -32.10 35.68 16.55
N GLU B 365 -32.75 36.84 16.73
CA GLU B 365 -33.43 37.50 15.64
C GLU B 365 -32.49 38.22 14.68
N LEU B 366 -31.21 38.35 15.01
CA LEU B 366 -30.25 38.98 14.13
C LEU B 366 -29.51 37.95 13.29
N SER B 367 -29.32 38.27 12.01
CA SER B 367 -28.54 37.44 11.10
C SER B 367 -27.53 38.32 10.38
N LEU B 368 -26.33 37.79 10.17
CA LEU B 368 -25.22 38.55 9.60
C LEU B 368 -24.82 37.96 8.25
N SER B 369 -24.30 38.82 7.38
CA SER B 369 -23.75 38.44 6.09
C SER B 369 -22.46 39.20 5.86
N PHE B 370 -21.50 38.54 5.21
CA PHE B 370 -20.14 39.05 5.13
C PHE B 370 -19.63 39.08 3.69
N ASN B 371 -18.92 40.14 3.35
CA ASN B 371 -18.17 40.24 2.10
C ASN B 371 -16.72 40.56 2.44
N ALA B 372 -15.80 39.73 1.99
CA ALA B 372 -14.39 39.85 2.36
C ALA B 372 -13.60 40.53 1.24
N THR B 373 -12.64 41.35 1.64
CA THR B 373 -11.73 42.05 0.73
C THR B 373 -10.31 41.69 1.14
N CYS B 374 -9.72 40.71 0.48
CA CYS B 374 -8.36 40.26 0.75
C CYS B 374 -7.46 40.59 -0.44
N LEU B 375 -6.17 40.26 -0.29
CA LEU B 375 -5.16 40.44 -1.34
C LEU B 375 -5.11 41.89 -1.82
N ASN B 376 -5.89 42.21 -2.86
CA ASN B 376 -5.83 43.54 -3.49
C ASN B 376 -7.25 43.98 -3.87
N ASN B 377 -7.95 44.59 -2.91
CA ASN B 377 -9.26 45.20 -3.14
C ASN B 377 -10.24 44.28 -3.85
N GLU B 378 -9.99 42.97 -3.79
CA GLU B 378 -10.82 41.98 -4.47
C GLU B 378 -11.91 41.52 -3.50
N VAL B 379 -13.16 41.86 -3.81
CA VAL B 379 -14.27 41.51 -2.93
C VAL B 379 -14.66 40.06 -3.16
N ILE B 380 -14.85 39.33 -2.07
CA ILE B 380 -15.28 37.93 -2.12
C ILE B 380 -16.54 37.78 -1.28
N PRO B 381 -17.72 37.74 -1.90
CA PRO B 381 -18.97 37.74 -1.12
C PRO B 381 -19.15 36.46 -0.34
N GLY B 382 -20.00 36.54 0.68
CA GLY B 382 -20.32 35.38 1.50
C GLY B 382 -19.12 34.77 2.20
N LEU B 383 -18.10 35.56 2.49
CA LEU B 383 -16.86 35.06 3.07
C LEU B 383 -16.42 35.96 4.21
N LYS B 384 -15.99 35.33 5.31
CA LYS B 384 -15.58 36.07 6.51
C LYS B 384 -14.18 35.66 6.95
N SER B 385 -13.31 35.30 6.00
CA SER B 385 -11.95 34.91 6.34
C SER B 385 -11.04 35.17 5.14
N CYS B 386 -9.80 35.56 5.43
CA CYS B 386 -8.78 35.78 4.42
C CYS B 386 -7.58 34.88 4.71
N MET B 387 -6.86 34.51 3.65
CA MET B 387 -5.72 33.62 3.77
C MET B 387 -4.59 34.12 2.88
N GLY B 388 -3.42 33.51 3.04
CA GLY B 388 -2.25 33.91 2.28
C GLY B 388 -1.74 35.29 2.63
N LEU B 389 -2.01 35.75 3.85
CA LEU B 389 -1.62 37.09 4.25
C LEU B 389 -0.16 37.11 4.72
N LYS B 390 0.42 38.31 4.74
CA LYS B 390 1.75 38.54 5.26
C LYS B 390 1.66 39.52 6.43
N ILE B 391 2.69 39.51 7.28
CA ILE B 391 2.76 40.46 8.37
C ILE B 391 2.65 41.88 7.80
N GLY B 392 1.82 42.70 8.43
CA GLY B 392 1.59 44.05 7.98
C GLY B 392 0.42 44.21 7.03
N ASP B 393 -0.07 43.13 6.42
CA ASP B 393 -1.22 43.23 5.54
C ASP B 393 -2.45 43.66 6.31
N THR B 394 -3.38 44.30 5.61
CA THR B 394 -4.64 44.75 6.18
C THR B 394 -5.79 44.27 5.30
N VAL B 395 -6.83 43.74 5.95
CA VAL B 395 -8.02 43.28 5.26
C VAL B 395 -9.23 44.02 5.83
N SER B 396 -10.38 43.83 5.17
CA SER B 396 -11.60 44.46 5.61
C SER B 396 -12.77 43.57 5.25
N PHE B 397 -13.90 43.79 5.93
CA PHE B 397 -15.11 43.02 5.72
C PHE B 397 -16.31 43.95 5.73
N SER B 398 -17.19 43.79 4.74
CA SER B 398 -18.48 44.46 4.75
C SER B 398 -19.49 43.54 5.43
N ILE B 399 -20.24 44.08 6.39
CA ILE B 399 -21.14 43.30 7.21
C ILE B 399 -22.52 43.94 7.16
N GLU B 400 -23.55 43.11 7.02
CA GLU B 400 -24.94 43.56 7.04
C GLU B 400 -25.71 42.77 8.09
N ALA B 401 -26.37 43.47 8.99
CA ALA B 401 -27.19 42.86 10.04
C ALA B 401 -28.66 43.01 9.68
N LYS B 402 -29.39 41.89 9.66
CA LYS B 402 -30.80 41.87 9.31
C LYS B 402 -31.58 41.34 10.50
N VAL B 403 -32.53 42.14 10.99
CA VAL B 403 -33.34 41.78 12.15
C VAL B 403 -34.69 41.26 11.66
N ARG B 404 -35.18 40.21 12.31
CA ARG B 404 -36.49 39.63 12.00
C ARG B 404 -37.50 40.12 13.03
N GLY B 405 -38.55 40.79 12.55
CA GLY B 405 -39.56 41.31 13.46
C GLY B 405 -38.98 42.34 14.40
N CYS B 406 -39.42 42.29 15.66
CA CYS B 406 -38.91 43.15 16.72
C CYS B 406 -38.83 42.32 18.00
N PRO B 407 -37.69 42.31 18.67
CA PRO B 407 -37.56 41.52 19.90
C PRO B 407 -38.15 42.24 21.10
N GLN B 408 -38.31 41.47 22.18
CA GLN B 408 -38.81 42.05 23.43
C GLN B 408 -37.80 43.04 24.01
N GLU B 409 -36.56 42.61 24.19
CA GLU B 409 -35.51 43.52 24.64
C GLU B 409 -35.10 44.45 23.51
N LYS B 410 -35.08 45.74 23.80
CA LYS B 410 -34.81 46.74 22.76
C LYS B 410 -33.34 47.13 22.66
N GLU B 411 -32.48 46.59 23.52
CA GLU B 411 -31.05 46.91 23.48
C GLU B 411 -30.24 45.68 23.84
N LYS B 412 -29.46 45.20 22.87
CA LYS B 412 -28.54 44.10 23.04
C LYS B 412 -27.20 44.48 22.40
N SER B 413 -26.18 43.69 22.68
CA SER B 413 -24.86 43.92 22.10
C SER B 413 -24.18 42.58 21.83
N PHE B 414 -23.38 42.55 20.76
CA PHE B 414 -22.62 41.37 20.39
C PHE B 414 -21.23 41.82 19.95
N THR B 415 -20.39 40.86 19.58
CA THR B 415 -18.99 41.13 19.29
C THR B 415 -18.57 40.46 18.00
N ILE B 416 -17.75 41.16 17.23
CA ILE B 416 -17.04 40.60 16.08
C ILE B 416 -15.56 40.61 16.42
N LYS B 417 -14.95 39.43 16.53
CA LYS B 417 -13.56 39.31 16.93
C LYS B 417 -12.83 38.35 15.98
N PRO B 418 -11.68 38.74 15.45
CA PRO B 418 -10.86 37.79 14.70
C PRO B 418 -10.30 36.70 15.61
N VAL B 419 -10.12 35.51 15.05
CA VAL B 419 -9.69 34.36 15.84
C VAL B 419 -8.26 34.58 16.32
N GLY B 420 -8.07 34.46 17.64
CA GLY B 420 -6.76 34.64 18.24
C GLY B 420 -6.36 36.08 18.47
N PHE B 421 -7.18 37.04 18.05
CA PHE B 421 -6.86 38.45 18.19
C PHE B 421 -7.32 38.97 19.55
N LYS B 422 -6.58 39.95 20.07
CA LYS B 422 -6.97 40.59 21.32
C LYS B 422 -8.12 41.56 21.11
N ASP B 423 -7.96 42.49 20.17
CA ASP B 423 -8.98 43.51 19.94
C ASP B 423 -10.22 42.91 19.27
N SER B 424 -11.29 43.70 19.26
CA SER B 424 -12.58 43.23 18.74
C SER B 424 -13.46 44.43 18.47
N LEU B 425 -14.56 44.18 17.77
CA LEU B 425 -15.57 45.20 17.45
C LEU B 425 -16.84 44.88 18.23
N ILE B 426 -17.20 45.76 19.15
CA ILE B 426 -18.44 45.64 19.91
C ILE B 426 -19.52 46.41 19.17
N VAL B 427 -20.59 45.72 18.79
CA VAL B 427 -21.73 46.34 18.11
C VAL B 427 -22.87 46.44 19.11
N GLN B 428 -23.15 47.68 19.55
CA GLN B 428 -24.27 47.94 20.44
C GLN B 428 -25.52 48.19 19.61
N VAL B 429 -26.50 47.31 19.75
CA VAL B 429 -27.72 47.34 18.93
C VAL B 429 -28.85 47.96 19.73
N THR B 430 -29.61 48.83 19.07
CA THR B 430 -30.85 49.38 19.61
C THR B 430 -31.97 49.07 18.61
N PHE B 431 -33.11 48.64 19.12
CA PHE B 431 -34.26 48.29 18.29
C PHE B 431 -35.31 49.39 18.45
N ASP B 432 -35.47 50.20 17.39
CA ASP B 432 -36.41 51.31 17.37
C ASP B 432 -37.73 50.80 16.79
N CYS B 433 -38.59 50.27 17.66
CA CYS B 433 -39.90 49.79 17.27
C CYS B 433 -41.04 50.65 17.79
N ASP B 434 -40.76 51.63 18.64
CA ASP B 434 -41.77 52.46 19.27
C ASP B 434 -41.77 53.86 18.67
N CYS B 435 -42.76 54.65 19.09
CA CYS B 435 -42.92 56.02 18.63
C CYS B 435 -42.77 56.97 19.81
N ALA B 436 -42.17 58.13 19.55
CA ALA B 436 -41.94 59.10 20.63
C ALA B 436 -43.24 59.59 21.24
N CYS B 437 -44.32 59.61 20.46
CA CYS B 437 -45.61 60.07 20.96
C CYS B 437 -46.25 59.10 21.95
N GLN B 438 -45.73 57.88 22.06
CA GLN B 438 -46.28 56.95 23.05
C GLN B 438 -45.90 57.36 24.47
N ALA B 439 -44.71 57.94 24.65
CA ALA B 439 -44.27 58.38 25.97
C ALA B 439 -45.10 59.53 26.52
N GLN B 440 -46.00 60.09 25.73
CA GLN B 440 -46.91 61.15 26.16
C GLN B 440 -48.35 60.76 25.85
N ALA B 441 -48.71 59.51 26.13
CA ALA B 441 -50.06 59.03 25.89
C ALA B 441 -51.01 59.60 26.94
N GLU B 442 -52.28 59.20 26.85
CA GLU B 442 -53.31 59.67 27.78
C GLU B 442 -54.16 58.49 28.20
N PRO B 443 -53.85 57.88 29.34
CA PRO B 443 -54.67 56.76 29.82
C PRO B 443 -56.01 57.26 30.35
N ASN B 444 -57.05 56.45 30.13
CA ASN B 444 -58.42 56.80 30.50
C ASN B 444 -58.81 58.16 29.90
N SER B 445 -58.61 58.28 28.59
CA SER B 445 -58.80 59.56 27.91
C SER B 445 -60.28 59.89 27.77
N HIS B 446 -60.60 61.17 27.93
CA HIS B 446 -61.96 61.66 27.73
C HIS B 446 -62.39 61.51 26.27
N ARG B 447 -61.44 61.45 25.34
CA ARG B 447 -61.75 61.33 23.92
C ARG B 447 -62.11 59.91 23.49
N CYS B 448 -61.83 58.91 24.32
CA CYS B 448 -61.91 57.50 23.90
C CYS B 448 -63.01 56.80 24.70
N ASN B 449 -64.22 56.79 24.13
CA ASN B 449 -65.33 55.96 24.61
C ASN B 449 -65.56 56.14 26.12
N ASN B 450 -65.59 57.41 26.55
CA ASN B 450 -65.85 57.77 27.94
C ASN B 450 -64.84 57.12 28.89
N GLY B 451 -63.56 57.33 28.61
CA GLY B 451 -62.49 56.86 29.47
C GLY B 451 -62.20 55.38 29.41
N ASN B 452 -62.92 54.61 28.59
CA ASN B 452 -62.65 53.19 28.46
C ASN B 452 -61.41 52.89 27.65
N GLY B 453 -60.81 53.88 27.00
CA GLY B 453 -59.64 53.68 26.17
C GLY B 453 -58.56 54.70 26.43
N THR B 454 -57.43 54.50 25.75
CA THR B 454 -56.25 55.36 25.88
C THR B 454 -56.01 56.10 24.58
N PHE B 455 -55.63 57.37 24.69
CA PHE B 455 -55.34 58.22 23.54
C PHE B 455 -53.82 58.37 23.40
N GLU B 456 -53.28 57.85 22.31
CA GLU B 456 -51.85 57.94 22.04
C GLU B 456 -51.63 58.17 20.55
N CYS B 457 -50.66 59.05 20.24
CA CYS B 457 -50.23 59.29 18.86
C CYS B 457 -51.40 59.67 17.95
N GLY B 458 -52.41 60.31 18.52
CA GLY B 458 -53.53 60.82 17.74
C GLY B 458 -54.60 59.81 17.41
N VAL B 459 -54.70 58.71 18.16
CA VAL B 459 -55.73 57.70 17.97
C VAL B 459 -56.14 57.13 19.31
N CYS B 460 -57.25 56.40 19.34
CA CYS B 460 -57.76 55.78 20.55
C CYS B 460 -57.44 54.29 20.55
N ARG B 461 -56.86 53.81 21.64
CA ARG B 461 -56.49 52.41 21.81
C ARG B 461 -57.25 51.82 22.99
N CYS B 462 -57.59 50.54 22.87
CA CYS B 462 -58.23 49.84 23.98
C CYS B 462 -57.27 49.75 25.16
N GLY B 463 -57.74 50.19 26.33
CA GLY B 463 -56.91 50.23 27.50
C GLY B 463 -56.63 48.84 28.07
N PRO B 464 -55.84 48.80 29.13
CA PRO B 464 -55.51 47.51 29.76
C PRO B 464 -56.73 46.88 30.39
N GLY B 465 -56.92 45.58 30.14
CA GLY B 465 -58.05 44.85 30.66
C GLY B 465 -59.16 44.60 29.66
N TRP B 466 -58.99 45.01 28.41
CA TRP B 466 -60.02 44.82 27.39
C TRP B 466 -59.56 43.85 26.31
N LEU C 1 13.90 -16.72 -51.91
CA LEU C 1 14.25 -17.79 -52.85
C LEU C 1 15.24 -17.30 -53.90
N ASN C 2 14.88 -16.23 -54.60
CA ASN C 2 15.65 -15.74 -55.73
C ASN C 2 16.40 -14.44 -55.43
N LEU C 3 16.78 -14.24 -54.17
CA LEU C 3 17.63 -13.11 -53.82
C LEU C 3 19.10 -13.51 -54.00
N ASP C 4 19.86 -12.66 -54.70
CA ASP C 4 21.28 -12.91 -54.94
C ASP C 4 22.08 -12.64 -53.69
N PRO C 5 22.66 -13.67 -53.07
CA PRO C 5 23.48 -13.47 -51.87
C PRO C 5 24.97 -13.31 -52.14
N VAL C 6 25.36 -13.22 -53.40
CA VAL C 6 26.77 -13.16 -53.77
C VAL C 6 27.17 -11.71 -54.01
N GLN C 7 26.50 -11.06 -54.95
N GLN C 7 26.51 -11.06 -54.95
CA GLN C 7 26.81 -9.68 -55.34
CA GLN C 7 26.83 -9.68 -55.33
C GLN C 7 25.83 -8.74 -54.64
C GLN C 7 25.84 -8.75 -54.65
N LEU C 8 26.19 -8.31 -53.44
CA LEU C 8 25.37 -7.38 -52.69
C LEU C 8 25.81 -5.95 -52.97
N THR C 9 25.02 -5.00 -52.48
CA THR C 9 25.34 -3.59 -52.55
C THR C 9 25.31 -3.02 -51.14
N PHE C 10 26.37 -2.31 -50.76
CA PHE C 10 26.51 -1.77 -49.42
C PHE C 10 26.57 -0.25 -49.47
N TYR C 11 25.72 0.39 -48.67
CA TYR C 11 25.81 1.81 -48.38
C TYR C 11 26.29 1.97 -46.94
N ALA C 12 27.02 3.07 -46.68
CA ALA C 12 27.65 3.26 -45.38
C ALA C 12 27.54 4.71 -44.94
N GLY C 13 27.23 4.90 -43.67
CA GLY C 13 27.15 6.22 -43.08
C GLY C 13 28.31 6.47 -42.13
N PRO C 14 28.30 7.63 -41.48
CA PRO C 14 29.40 7.97 -40.56
C PRO C 14 29.46 7.02 -39.37
N ASN C 15 30.65 6.92 -38.79
CA ASN C 15 30.87 6.05 -37.64
C ASN C 15 30.02 6.49 -36.46
N GLY C 16 29.41 5.52 -35.78
CA GLY C 16 28.60 5.81 -34.62
C GLY C 16 27.30 6.53 -34.89
N SER C 17 26.93 6.71 -36.16
CA SER C 17 25.70 7.41 -36.51
C SER C 17 24.46 6.53 -36.44
N GLN C 18 24.64 5.21 -36.34
CA GLN C 18 23.53 4.25 -36.42
C GLN C 18 22.78 4.38 -37.74
N PHE C 19 23.53 4.72 -38.79
CA PHE C 19 23.07 4.62 -40.18
C PHE C 19 22.51 3.23 -40.45
N GLY C 20 21.25 3.18 -40.87
CA GLY C 20 20.56 1.93 -41.12
C GLY C 20 19.55 1.56 -40.05
N PHE C 21 19.46 2.35 -38.97
CA PHE C 21 18.48 2.08 -37.91
C PHE C 21 17.07 2.06 -38.47
N SER C 22 16.78 2.91 -39.46
CA SER C 22 15.52 2.92 -40.18
C SER C 22 15.82 3.16 -41.65
N LEU C 23 14.90 2.73 -42.51
CA LEU C 23 15.07 2.95 -43.94
C LEU C 23 13.74 2.72 -44.66
N ASP C 24 13.69 3.16 -45.91
CA ASP C 24 12.54 2.95 -46.77
C ASP C 24 12.97 3.21 -48.21
N PHE C 25 12.13 2.79 -49.15
CA PHE C 25 12.30 3.15 -50.54
C PHE C 25 11.64 4.50 -50.81
N HIS C 26 12.26 5.27 -51.72
CA HIS C 26 11.75 6.58 -52.09
C HIS C 26 11.74 6.70 -53.61
N LYS C 27 10.58 7.02 -54.16
CA LYS C 27 10.45 7.37 -55.57
C LYS C 27 10.39 8.89 -55.69
N ASP C 28 11.14 9.44 -56.65
CA ASP C 28 11.04 10.86 -56.93
C ASP C 28 9.89 11.10 -57.91
N SER C 29 9.70 12.35 -58.30
CA SER C 29 8.64 12.67 -59.25
C SER C 29 8.87 12.09 -60.63
N HIS C 30 9.98 11.38 -60.84
CA HIS C 30 10.27 10.74 -62.11
C HIS C 30 10.25 9.21 -62.00
N GLY C 31 9.81 8.67 -60.87
CA GLY C 31 9.74 7.24 -60.69
C GLY C 31 11.07 6.56 -60.38
N ARG C 32 12.13 7.32 -60.15
CA ARG C 32 13.44 6.76 -59.89
C ARG C 32 13.54 6.39 -58.41
N VAL C 33 13.85 5.13 -58.13
CA VAL C 33 13.83 4.63 -56.75
C VAL C 33 15.15 4.95 -56.08
N ALA C 34 15.06 5.48 -54.85
CA ALA C 34 16.22 5.72 -54.01
C ALA C 34 15.97 5.07 -52.65
N ILE C 35 16.96 5.15 -51.77
CA ILE C 35 16.87 4.59 -50.42
C ILE C 35 17.09 5.73 -49.43
N VAL C 36 16.08 6.00 -48.62
CA VAL C 36 16.22 6.94 -47.51
C VAL C 36 16.63 6.16 -46.27
N VAL C 37 17.70 6.60 -45.61
CA VAL C 37 18.27 5.91 -44.46
C VAL C 37 18.31 6.88 -43.28
N GLY C 38 17.73 6.46 -42.16
CA GLY C 38 17.84 7.21 -40.92
C GLY C 38 19.07 6.80 -40.14
N ALA C 39 19.72 7.79 -39.53
CA ALA C 39 20.92 7.59 -38.71
C ALA C 39 20.74 8.38 -37.43
N PRO C 40 20.03 7.82 -36.45
CA PRO C 40 19.54 8.60 -35.30
C PRO C 40 20.61 9.11 -34.35
N ARG C 41 21.89 8.80 -34.54
CA ARG C 41 22.92 9.34 -33.67
C ARG C 41 23.97 10.14 -34.45
N THR C 42 23.62 10.57 -35.67
CA THR C 42 24.48 11.45 -36.43
C THR C 42 24.79 12.72 -35.64
N LEU C 43 26.03 13.18 -35.72
CA LEU C 43 26.42 14.40 -35.03
C LEU C 43 25.79 15.61 -35.68
N GLY C 44 25.43 16.59 -34.85
CA GLY C 44 24.83 17.81 -35.31
C GLY C 44 25.81 18.97 -35.37
N PRO C 45 25.29 20.19 -35.53
CA PRO C 45 26.18 21.34 -35.74
C PRO C 45 26.96 21.72 -34.49
N SER C 46 26.31 21.73 -33.32
CA SER C 46 27.01 21.90 -32.06
C SER C 46 27.80 20.65 -31.66
N GLN C 47 27.83 19.64 -32.54
CA GLN C 47 28.62 18.44 -32.36
C GLN C 47 28.17 17.62 -31.16
N GLU C 48 26.90 17.78 -30.79
CA GLU C 48 26.19 16.78 -30.00
C GLU C 48 25.34 15.95 -30.94
N GLU C 49 24.98 14.75 -30.47
CA GLU C 49 24.17 13.86 -31.30
C GLU C 49 22.78 14.44 -31.50
N THR C 50 22.37 14.55 -32.77
CA THR C 50 21.02 14.95 -33.11
C THR C 50 20.32 13.98 -34.05
N GLY C 51 21.05 13.07 -34.68
CA GLY C 51 20.50 12.23 -35.71
C GLY C 51 20.53 12.90 -37.07
N GLY C 52 20.18 12.13 -38.08
CA GLY C 52 20.22 12.64 -39.43
C GLY C 52 19.59 11.66 -40.40
N VAL C 53 19.48 12.11 -41.64
CA VAL C 53 18.81 11.37 -42.71
C VAL C 53 19.70 11.41 -43.94
N PHE C 54 19.70 10.31 -44.69
CA PHE C 54 20.46 10.22 -45.92
C PHE C 54 19.56 9.72 -47.04
N LEU C 55 19.76 10.29 -48.23
CA LEU C 55 19.01 9.90 -49.42
C LEU C 55 19.99 9.27 -50.39
N CYS C 56 19.99 7.95 -50.45
CA CYS C 56 20.96 7.21 -51.24
C CYS C 56 20.42 6.97 -52.64
N PRO C 57 21.06 7.51 -53.68
CA PRO C 57 20.70 7.11 -55.04
C PRO C 57 21.08 5.67 -55.29
N TRP C 58 20.34 5.01 -56.18
CA TRP C 58 20.61 3.61 -56.48
C TRP C 58 21.87 3.50 -57.33
N ARG C 59 22.93 2.96 -56.73
CA ARG C 59 24.15 2.62 -57.44
C ARG C 59 24.50 1.18 -57.07
N ALA C 60 24.79 0.37 -58.09
CA ALA C 60 25.08 -1.04 -57.83
C ALA C 60 26.32 -1.21 -56.96
N GLU C 61 27.27 -0.29 -57.07
CA GLU C 61 28.46 -0.29 -56.24
C GLU C 61 28.24 0.33 -54.87
N GLY C 62 27.06 0.90 -54.62
CA GLY C 62 26.78 1.47 -53.32
C GLY C 62 27.67 2.66 -53.02
N GLY C 63 28.04 2.82 -51.75
CA GLY C 63 29.00 3.81 -51.33
C GLY C 63 28.42 4.78 -50.32
N GLN C 64 28.91 6.01 -50.36
CA GLN C 64 28.46 7.07 -49.46
C GLN C 64 27.20 7.74 -50.01
N CYS C 65 26.43 8.32 -49.10
CA CYS C 65 25.18 8.95 -49.50
C CYS C 65 25.14 10.42 -49.11
N PRO C 66 24.48 11.26 -49.88
CA PRO C 66 24.32 12.66 -49.50
C PRO C 66 23.38 12.81 -48.31
N SER C 67 23.54 13.93 -47.61
CA SER C 67 22.77 14.22 -46.41
C SER C 67 21.51 14.98 -46.77
N LEU C 68 20.37 14.54 -46.24
CA LEU C 68 19.10 15.24 -46.41
C LEU C 68 18.97 16.22 -45.24
N LEU C 69 19.21 17.50 -45.51
CA LEU C 69 19.40 18.47 -44.46
C LEU C 69 18.08 18.88 -43.81
N PHE C 70 18.12 19.05 -42.49
CA PHE C 70 17.01 19.56 -41.70
C PHE C 70 17.53 20.61 -40.73
N ASP C 71 16.60 21.37 -40.15
CA ASP C 71 16.94 22.41 -39.18
C ASP C 71 17.15 21.76 -37.81
N LEU C 72 18.38 21.85 -37.30
CA LEU C 72 18.74 21.25 -36.02
C LEU C 72 18.95 22.30 -34.94
N ARG C 73 18.39 23.49 -35.09
CA ARG C 73 18.53 24.54 -34.08
C ARG C 73 17.54 24.35 -32.95
N ASP C 74 18.00 24.61 -31.73
CA ASP C 74 17.09 24.69 -30.59
C ASP C 74 16.34 26.02 -30.67
N GLU C 75 15.02 25.93 -30.72
CA GLU C 75 14.16 27.09 -30.94
C GLU C 75 13.59 27.60 -29.63
N THR C 76 13.39 28.92 -29.55
CA THR C 76 12.81 29.56 -28.39
C THR C 76 11.85 30.65 -28.85
N ARG C 77 10.62 30.61 -28.34
CA ARG C 77 9.62 31.62 -28.67
C ARG C 77 9.01 32.17 -27.39
N ASN C 78 9.05 33.49 -27.25
CA ASN C 78 8.38 34.20 -26.16
C ASN C 78 7.07 34.74 -26.69
N VAL C 79 5.96 34.12 -26.29
CA VAL C 79 4.63 34.49 -26.79
C VAL C 79 3.61 34.14 -25.74
N GLY C 80 2.54 34.93 -25.67
CA GLY C 80 1.47 34.69 -24.71
C GLY C 80 1.91 34.68 -23.27
N SER C 81 2.93 35.48 -22.93
CA SER C 81 3.52 35.50 -21.59
C SER C 81 4.05 34.12 -21.19
N GLN C 82 4.38 33.30 -22.20
CA GLN C 82 5.01 32.00 -22.00
C GLN C 82 6.26 31.94 -22.85
N THR C 83 7.14 30.99 -22.52
CA THR C 83 8.37 30.75 -23.28
C THR C 83 8.33 29.32 -23.81
N LEU C 84 8.25 29.18 -25.13
CA LEU C 84 8.26 27.88 -25.77
C LEU C 84 9.68 27.50 -26.13
N GLN C 85 10.02 26.22 -25.91
CA GLN C 85 11.38 25.75 -26.10
C GLN C 85 11.37 24.38 -26.76
N THR C 86 12.21 24.21 -27.78
CA THR C 86 12.49 22.91 -28.36
C THR C 86 13.94 22.53 -28.07
N PHE C 87 14.17 21.23 -27.89
CA PHE C 87 15.49 20.70 -27.62
C PHE C 87 15.75 19.52 -28.55
N LYS C 88 16.78 19.64 -29.37
CA LYS C 88 17.06 18.64 -30.39
C LYS C 88 18.30 17.82 -30.11
N ALA C 89 19.01 18.09 -29.01
CA ALA C 89 20.12 17.25 -28.62
C ALA C 89 19.62 15.86 -28.24
N ARG C 90 20.21 14.83 -28.85
CA ARG C 90 19.84 13.43 -28.64
C ARG C 90 18.40 13.13 -29.03
N GLN C 91 17.83 13.94 -29.93
CA GLN C 91 16.44 13.75 -30.35
C GLN C 91 16.24 12.47 -31.16
N GLY C 92 17.30 11.93 -31.74
CA GLY C 92 17.19 10.72 -32.53
C GLY C 92 16.54 10.92 -33.88
N LEU C 93 16.80 12.04 -34.55
CA LEU C 93 16.28 12.27 -35.88
C LEU C 93 16.70 11.13 -36.81
N GLY C 94 15.72 10.48 -37.42
CA GLY C 94 15.98 9.32 -38.24
C GLY C 94 15.77 7.99 -37.54
N ALA C 95 15.27 8.00 -36.29
CA ALA C 95 14.90 6.75 -35.64
C ALA C 95 13.76 6.06 -36.35
N SER C 96 12.99 6.80 -37.15
CA SER C 96 12.05 6.22 -38.10
C SER C 96 12.01 7.10 -39.33
N VAL C 97 11.90 6.48 -40.50
CA VAL C 97 11.72 7.19 -41.75
C VAL C 97 10.71 6.44 -42.60
N VAL C 98 9.93 7.20 -43.38
CA VAL C 98 8.95 6.62 -44.28
C VAL C 98 8.77 7.58 -45.45
N SER C 99 8.56 7.02 -46.63
CA SER C 99 8.40 7.78 -47.85
C SER C 99 7.00 7.56 -48.41
N TRP C 100 6.36 8.64 -48.83
CA TRP C 100 5.09 8.58 -49.53
C TRP C 100 5.08 9.64 -50.61
N SER C 101 4.67 9.25 -51.83
CA SER C 101 4.69 10.13 -53.01
C SER C 101 6.12 10.64 -53.16
N ASP C 102 6.34 11.96 -53.26
CA ASP C 102 7.67 12.52 -53.33
C ASP C 102 8.08 13.20 -52.03
N VAL C 103 7.55 12.72 -50.90
CA VAL C 103 7.78 13.31 -49.58
C VAL C 103 8.46 12.29 -48.70
N ILE C 104 9.40 12.76 -47.88
CA ILE C 104 10.06 11.94 -46.87
C ILE C 104 9.67 12.46 -45.50
N VAL C 105 9.37 11.53 -44.59
CA VAL C 105 9.00 11.86 -43.22
C VAL C 105 10.02 11.18 -42.30
N ALA C 106 10.89 11.98 -41.68
CA ALA C 106 11.86 11.50 -40.72
C ALA C 106 11.50 12.05 -39.35
N CYS C 107 11.46 11.18 -38.35
CA CYS C 107 10.97 11.55 -37.04
C CYS C 107 12.07 11.50 -36.00
N ALA C 108 11.95 12.39 -35.00
CA ALA C 108 12.86 12.46 -33.86
C ALA C 108 12.04 12.16 -32.61
N PRO C 109 11.86 10.88 -32.28
CA PRO C 109 10.96 10.52 -31.17
C PRO C 109 11.43 11.03 -29.82
N TRP C 110 12.68 11.46 -29.68
CA TRP C 110 13.18 11.92 -28.39
C TRP C 110 13.51 13.41 -28.38
N GLN C 111 12.99 14.16 -29.35
CA GLN C 111 13.05 15.61 -29.27
C GLN C 111 12.29 16.07 -28.03
N HIS C 112 12.91 16.95 -27.25
CA HIS C 112 12.32 17.42 -26.02
C HIS C 112 11.70 18.80 -26.19
N TRP C 113 10.85 19.15 -25.23
CA TRP C 113 9.99 20.32 -25.33
C TRP C 113 9.67 20.79 -23.92
N ASN C 114 9.62 22.11 -23.76
CA ASN C 114 9.25 22.68 -22.47
C ASN C 114 8.55 24.00 -22.73
N VAL C 115 7.73 24.41 -21.77
CA VAL C 115 7.05 25.70 -21.78
C VAL C 115 7.24 26.34 -20.43
N LEU C 116 7.75 27.57 -20.42
CA LEU C 116 8.01 28.29 -19.18
C LEU C 116 6.97 29.39 -19.00
N GLU C 117 6.67 29.69 -17.74
CA GLU C 117 5.74 30.78 -17.41
C GLU C 117 6.03 31.19 -15.97
N LYS C 118 6.77 32.29 -15.81
CA LYS C 118 7.21 32.78 -14.50
C LYS C 118 8.05 31.69 -13.86
N THR C 119 7.67 31.15 -12.70
CA THR C 119 8.41 30.10 -12.02
C THR C 119 7.89 28.71 -12.35
N GLU C 120 6.78 28.60 -13.07
CA GLU C 120 6.18 27.32 -13.40
C GLU C 120 6.61 26.86 -14.79
N GLU C 121 6.36 25.59 -15.07
CA GLU C 121 6.75 25.01 -16.35
C GLU C 121 5.84 23.82 -16.65
N ALA C 122 5.86 23.41 -17.92
CA ALA C 122 5.16 22.21 -18.33
C ALA C 122 5.94 20.93 -18.03
N GLU C 123 7.26 21.06 -17.86
CA GLU C 123 8.28 20.01 -17.69
C GLU C 123 8.92 19.66 -19.02
N LYS C 124 10.25 19.63 -19.04
CA LYS C 124 11.02 19.30 -20.24
C LYS C 124 10.90 17.82 -20.52
N THR C 125 10.11 17.45 -21.53
CA THR C 125 9.73 16.07 -21.77
C THR C 125 9.87 15.75 -23.25
N PRO C 126 10.06 14.46 -23.60
CA PRO C 126 10.18 14.05 -25.02
C PRO C 126 8.85 13.86 -25.74
N VAL C 127 8.30 14.98 -26.22
CA VAL C 127 7.07 14.90 -27.01
C VAL C 127 7.31 14.31 -28.39
N GLY C 128 8.56 14.31 -28.86
CA GLY C 128 8.87 13.84 -30.19
C GLY C 128 8.45 14.82 -31.27
N SER C 129 9.00 14.67 -32.47
CA SER C 129 8.63 15.51 -33.59
C SER C 129 9.07 14.83 -34.87
N CYS C 130 8.34 15.09 -35.95
CA CYS C 130 8.66 14.53 -37.26
C CYS C 130 8.98 15.66 -38.23
N PHE C 131 10.06 15.48 -38.98
CA PHE C 131 10.46 16.41 -40.03
C PHE C 131 10.00 15.86 -41.37
N LEU C 132 9.31 16.68 -42.14
CA LEU C 132 8.86 16.32 -43.47
C LEU C 132 9.66 17.08 -44.51
N ALA C 133 9.99 16.42 -45.62
CA ALA C 133 10.79 17.02 -46.66
C ALA C 133 10.29 16.61 -48.02
N GLN C 134 10.28 17.55 -48.96
CA GLN C 134 10.09 17.28 -50.38
C GLN C 134 11.43 17.53 -51.06
N PRO C 135 12.26 16.49 -51.23
CA PRO C 135 13.65 16.73 -51.63
C PRO C 135 13.83 17.48 -52.94
N GLU C 136 12.94 17.27 -53.90
CA GLU C 136 13.11 17.92 -55.20
C GLU C 136 12.85 19.42 -55.13
N SER C 137 11.81 19.83 -54.39
CA SER C 137 11.47 21.23 -54.26
C SER C 137 12.20 21.92 -53.11
N GLY C 138 12.81 21.16 -52.21
CA GLY C 138 13.45 21.72 -51.04
C GLY C 138 12.52 22.11 -49.91
N ARG C 139 11.22 21.92 -50.07
CA ARG C 139 10.27 22.35 -49.06
C ARG C 139 10.42 21.53 -47.79
N ARG C 140 10.20 22.20 -46.65
CA ARG C 140 10.34 21.59 -45.35
C ARG C 140 9.11 21.89 -44.51
N ALA C 141 8.75 20.95 -43.64
CA ALA C 141 7.67 21.13 -42.69
C ALA C 141 7.92 20.22 -41.51
N GLU C 142 7.22 20.51 -40.41
CA GLU C 142 7.35 19.73 -39.19
C GLU C 142 5.97 19.38 -38.67
N TYR C 143 5.93 18.38 -37.80
CA TYR C 143 4.67 17.92 -37.21
C TYR C 143 4.97 17.39 -35.82
N SER C 144 4.54 18.11 -34.80
CA SER C 144 4.78 17.74 -33.40
C SER C 144 3.43 17.80 -32.69
N PRO C 145 2.59 16.77 -32.86
CA PRO C 145 1.20 16.85 -32.38
C PRO C 145 1.03 16.75 -30.88
N CYS C 146 2.11 16.55 -30.11
CA CYS C 146 1.96 16.37 -28.67
C CYS C 146 2.48 17.55 -27.86
N ARG C 147 3.08 18.55 -28.49
CA ARG C 147 3.42 19.77 -27.77
C ARG C 147 2.18 20.41 -27.18
N GLY C 148 2.33 20.95 -25.96
CA GLY C 148 1.26 21.65 -25.31
C GLY C 148 1.80 22.84 -24.54
N ASN C 149 0.88 23.65 -24.02
CA ASN C 149 1.25 24.83 -23.23
C ASN C 149 0.69 24.76 -21.82
N THR C 150 0.25 23.59 -21.37
CA THR C 150 -0.32 23.43 -20.04
C THR C 150 0.79 23.25 -19.01
N LEU C 151 0.62 23.89 -17.85
CA LEU C 151 1.65 23.85 -16.82
C LEU C 151 1.55 22.57 -16.00
N SER C 152 2.68 22.21 -15.38
CA SER C 152 2.79 20.95 -14.63
C SER C 152 1.69 20.82 -13.59
N ARG C 153 1.43 21.90 -12.85
CA ARG C 153 0.43 21.89 -11.78
C ARG C 153 -0.92 21.40 -12.27
N ILE C 154 -1.29 21.73 -13.51
CA ILE C 154 -2.62 21.41 -14.01
C ILE C 154 -2.77 19.91 -14.22
N TYR C 155 -1.73 19.24 -14.73
CA TYR C 155 -1.81 17.79 -14.93
C TYR C 155 -1.98 17.05 -13.61
N VAL C 156 -1.40 17.57 -12.54
CA VAL C 156 -1.54 16.93 -11.23
C VAL C 156 -2.98 17.03 -10.74
N GLU C 157 -3.60 18.20 -10.90
CA GLU C 157 -4.96 18.39 -10.43
C GLU C 157 -5.96 17.49 -11.16
N ASN C 158 -5.67 17.13 -12.41
CA ASN C 158 -6.58 16.34 -13.23
C ASN C 158 -6.14 14.88 -13.31
N ASP C 159 -5.32 14.41 -12.37
CA ASP C 159 -4.89 13.01 -12.32
C ASP C 159 -4.20 12.59 -13.63
N PHE C 160 -3.44 13.52 -14.20
CA PHE C 160 -2.61 13.26 -15.38
C PHE C 160 -3.43 12.79 -16.58
N SER C 161 -4.64 13.32 -16.72
CA SER C 161 -5.47 13.00 -17.87
C SER C 161 -5.01 13.78 -19.10
N TRP C 162 -5.03 13.10 -20.25
CA TRP C 162 -4.65 13.70 -21.53
C TRP C 162 -3.23 14.29 -21.45
N ASP C 163 -2.32 13.50 -20.90
CA ASP C 163 -0.93 13.91 -20.70
C ASP C 163 -0.12 13.44 -21.90
N LYS C 164 0.06 14.34 -22.88
CA LYS C 164 0.81 14.04 -24.09
C LYS C 164 2.26 14.49 -24.00
N ARG C 165 2.77 14.72 -22.79
CA ARG C 165 4.11 15.30 -22.65
C ARG C 165 5.21 14.31 -23.00
N TYR C 166 4.96 13.02 -22.85
CA TYR C 166 5.98 12.00 -23.08
C TYR C 166 5.70 11.15 -24.31
N CYS C 167 4.95 11.71 -25.27
CA CYS C 167 4.48 10.98 -26.43
C CYS C 167 5.58 10.19 -27.11
N GLU C 168 6.69 10.87 -27.44
CA GLU C 168 7.69 10.35 -28.36
C GLU C 168 7.06 10.04 -29.71
N ALA C 169 6.28 11.00 -30.21
CA ALA C 169 5.62 10.85 -31.50
C ALA C 169 6.64 10.64 -32.61
N GLY C 170 6.32 9.76 -33.55
CA GLY C 170 7.27 9.36 -34.56
C GLY C 170 8.14 8.19 -34.16
N PHE C 171 7.93 7.63 -32.98
CA PHE C 171 8.57 6.38 -32.59
C PHE C 171 8.32 5.30 -33.64
N SER C 172 7.10 5.24 -34.16
CA SER C 172 6.76 4.46 -35.33
C SER C 172 5.94 5.34 -36.28
N SER C 173 5.90 4.97 -37.55
CA SER C 173 5.19 5.80 -38.51
C SER C 173 4.79 4.97 -39.72
N VAL C 174 3.82 5.49 -40.46
CA VAL C 174 3.26 4.87 -41.65
C VAL C 174 2.38 5.91 -42.33
N VAL C 175 2.26 5.82 -43.65
CA VAL C 175 1.44 6.76 -44.42
C VAL C 175 0.45 5.95 -45.27
N THR C 176 -0.82 6.31 -45.18
CA THR C 176 -1.84 5.64 -45.98
C THR C 176 -1.66 5.99 -47.45
N GLN C 177 -2.28 5.18 -48.31
N GLN C 177 -2.28 5.19 -48.32
CA GLN C 177 -2.24 5.45 -49.75
CA GLN C 177 -2.22 5.46 -49.75
C GLN C 177 -2.77 6.84 -50.06
C GLN C 177 -2.80 6.83 -50.09
N ALA C 178 -3.74 7.32 -49.29
CA ALA C 178 -4.32 8.64 -49.51
C ALA C 178 -3.44 9.78 -49.02
N GLY C 179 -2.36 9.49 -48.31
CA GLY C 179 -1.46 10.51 -47.82
C GLY C 179 -1.66 10.93 -46.39
N GLU C 180 -2.26 10.08 -45.55
CA GLU C 180 -2.46 10.39 -44.14
C GLU C 180 -1.27 9.85 -43.36
N LEU C 181 -0.55 10.75 -42.69
CA LEU C 181 0.55 10.36 -41.83
C LEU C 181 0.01 9.88 -40.49
N VAL C 182 0.34 8.66 -40.09
CA VAL C 182 -0.07 8.10 -38.81
C VAL C 182 1.18 7.86 -37.98
N LEU C 183 1.29 8.54 -36.84
CA LEU C 183 2.44 8.42 -35.96
C LEU C 183 2.07 7.60 -34.74
N GLY C 184 2.95 6.67 -34.38
CA GLY C 184 2.85 5.98 -33.10
C GLY C 184 3.59 6.76 -32.03
N ALA C 185 2.97 6.85 -30.87
CA ALA C 185 3.54 7.60 -29.73
C ALA C 185 3.38 6.76 -28.48
N PRO C 186 4.32 5.83 -28.24
CA PRO C 186 4.13 4.85 -27.16
C PRO C 186 4.11 5.47 -25.77
N GLY C 187 4.74 6.62 -25.57
CA GLY C 187 4.66 7.26 -24.28
C GLY C 187 3.45 8.15 -24.07
N GLY C 188 2.55 8.20 -25.06
CA GLY C 188 1.42 9.11 -24.97
C GLY C 188 0.46 8.75 -23.85
N TYR C 189 -0.23 9.77 -23.36
CA TYR C 189 -1.19 9.65 -22.25
C TYR C 189 -0.54 8.95 -21.06
N TYR C 190 0.61 9.48 -20.65
CA TYR C 190 1.38 8.93 -19.53
C TYR C 190 1.68 7.45 -19.74
N PHE C 191 2.22 7.14 -20.92
CA PHE C 191 2.75 5.83 -21.30
C PHE C 191 1.67 4.79 -21.60
N LEU C 192 0.43 5.22 -21.82
CA LEU C 192 -0.52 4.34 -22.48
C LEU C 192 -0.16 4.17 -23.94
N GLY C 193 0.27 5.24 -24.57
CA GLY C 193 0.50 5.27 -26.00
C GLY C 193 -0.69 5.85 -26.74
N LEU C 194 -0.39 6.51 -27.86
CA LEU C 194 -1.45 7.09 -28.66
C LEU C 194 -1.01 7.11 -30.13
N LEU C 195 -1.97 7.41 -30.99
CA LEU C 195 -1.73 7.59 -32.41
C LEU C 195 -2.15 9.00 -32.82
N ALA C 196 -1.31 9.65 -33.60
CA ALA C 196 -1.60 10.98 -34.14
C ALA C 196 -1.61 10.88 -35.66
N GLN C 197 -2.73 11.27 -36.27
CA GLN C 197 -2.91 11.21 -37.71
C GLN C 197 -3.22 12.60 -38.25
N ALA C 198 -2.60 12.93 -39.39
CA ALA C 198 -2.88 14.20 -40.06
C ALA C 198 -2.46 14.08 -41.51
N PRO C 199 -3.22 14.64 -42.45
CA PRO C 199 -2.82 14.56 -43.86
C PRO C 199 -1.52 15.31 -44.10
N VAL C 200 -0.66 14.73 -44.95
CA VAL C 200 0.63 15.34 -45.26
C VAL C 200 0.43 16.73 -45.84
N ALA C 201 -0.48 16.85 -46.80
CA ALA C 201 -0.74 18.15 -47.43
C ALA C 201 -1.11 19.21 -46.40
N ASP C 202 -1.93 18.84 -45.42
CA ASP C 202 -2.35 19.81 -44.41
C ASP C 202 -1.21 20.14 -43.44
N ILE C 203 -0.29 19.20 -43.24
CA ILE C 203 0.90 19.48 -42.42
C ILE C 203 1.76 20.55 -43.09
N PHE C 204 1.93 20.45 -44.40
CA PHE C 204 2.74 21.43 -45.13
C PHE C 204 2.05 22.79 -45.17
N SER C 205 0.74 22.81 -45.47
CA SER C 205 0.05 24.08 -45.68
C SER C 205 -0.20 24.83 -44.38
N SER C 206 -0.12 24.17 -43.23
CA SER C 206 -0.39 24.81 -41.94
C SER C 206 0.87 25.03 -41.11
N TYR C 207 2.04 24.68 -41.62
CA TYR C 207 3.29 24.86 -40.89
C TYR C 207 3.99 26.15 -41.34
N ARG C 208 4.59 26.84 -40.37
CA ARG C 208 5.45 27.99 -40.60
C ARG C 208 6.60 27.91 -39.61
N PRO C 209 7.80 28.33 -40.02
CA PRO C 209 8.95 28.27 -39.10
C PRO C 209 8.83 29.29 -37.98
N GLY C 210 9.13 28.84 -36.77
CA GLY C 210 9.16 29.71 -35.60
C GLY C 210 7.90 29.71 -34.76
N ILE C 211 6.81 29.11 -35.23
CA ILE C 211 5.56 29.14 -34.48
C ILE C 211 5.62 28.18 -33.30
N LEU C 212 6.13 26.97 -33.54
CA LEU C 212 6.34 25.92 -32.54
C LEU C 212 5.03 25.28 -32.08
N LEU C 213 4.00 26.09 -31.83
CA LEU C 213 2.69 25.59 -31.43
C LEU C 213 1.65 26.07 -32.44
N TRP C 214 1.14 25.16 -33.27
CA TRP C 214 0.14 25.53 -34.26
C TRP C 214 -0.93 24.45 -34.36
N HIS C 215 -2.04 24.81 -34.99
CA HIS C 215 -3.21 23.95 -35.12
C HIS C 215 -3.21 23.28 -36.49
N VAL C 216 -3.32 21.94 -36.49
CA VAL C 216 -3.65 21.19 -37.69
C VAL C 216 -5.06 20.68 -37.51
N SER C 217 -6.05 21.45 -37.99
CA SER C 217 -7.45 21.18 -37.66
C SER C 217 -7.90 19.81 -38.15
N SER C 218 -7.32 19.32 -39.24
CA SER C 218 -7.68 18.02 -39.80
C SER C 218 -6.97 16.86 -39.10
N GLN C 219 -6.22 17.12 -38.03
CA GLN C 219 -5.56 16.02 -37.34
C GLN C 219 -6.55 15.29 -36.45
N SER C 220 -6.16 14.08 -36.05
CA SER C 220 -7.02 13.22 -35.24
C SER C 220 -6.12 12.38 -34.34
N LEU C 221 -6.37 12.44 -33.04
CA LEU C 221 -5.59 11.71 -32.06
C LEU C 221 -6.43 10.64 -31.39
N SER C 222 -5.78 9.55 -30.98
CA SER C 222 -6.47 8.52 -30.24
C SER C 222 -6.77 9.01 -28.83
N PHE C 223 -7.45 8.18 -28.05
CA PHE C 223 -8.07 8.62 -26.80
C PHE C 223 -7.36 8.03 -25.59
N ASP C 224 -7.49 8.76 -24.48
CA ASP C 224 -6.98 8.30 -23.20
C ASP C 224 -7.90 7.23 -22.62
N SER C 225 -7.44 6.60 -21.54
CA SER C 225 -8.21 5.53 -20.90
C SER C 225 -7.82 5.46 -19.44
N SER C 226 -8.77 5.06 -18.60
CA SER C 226 -8.54 4.82 -17.19
C SER C 226 -8.43 3.34 -16.86
N ASN C 227 -8.55 2.48 -17.86
CA ASN C 227 -8.46 1.03 -17.67
C ASN C 227 -7.02 0.64 -17.38
N PRO C 228 -6.71 0.09 -16.21
CA PRO C 228 -5.31 -0.26 -15.90
C PRO C 228 -4.71 -1.27 -16.85
N GLU C 229 -5.53 -2.02 -17.60
CA GLU C 229 -5.01 -2.93 -18.61
C GLU C 229 -4.12 -2.23 -19.61
N TYR C 230 -4.39 -0.96 -19.89
CA TYR C 230 -3.65 -0.21 -20.90
C TYR C 230 -2.45 0.53 -20.34
N PHE C 231 -2.27 0.55 -19.03
CA PHE C 231 -1.18 1.32 -18.42
C PHE C 231 0.17 0.74 -18.84
N ASP C 232 1.09 1.63 -19.23
CA ASP C 232 2.46 1.24 -19.58
C ASP C 232 2.48 0.19 -20.68
N GLY C 233 1.55 0.31 -21.63
CA GLY C 233 1.40 -0.68 -22.68
C GLY C 233 2.13 -0.34 -23.96
N TYR C 234 2.56 0.92 -24.09
CA TYR C 234 3.33 1.38 -25.25
C TYR C 234 2.56 1.14 -26.55
N TRP C 235 1.25 1.37 -26.49
CA TRP C 235 0.39 1.40 -27.67
C TRP C 235 0.95 2.35 -28.71
N GLY C 236 1.34 1.81 -29.87
CA GLY C 236 1.99 2.60 -30.89
C GLY C 236 3.49 2.39 -30.99
N TYR C 237 4.05 1.46 -30.20
CA TYR C 237 5.43 1.02 -30.37
C TYR C 237 5.70 0.64 -31.82
N SER C 238 4.69 0.11 -32.51
CA SER C 238 4.74 -0.19 -33.93
C SER C 238 3.39 0.14 -34.52
N VAL C 239 3.35 0.36 -35.84
CA VAL C 239 2.12 0.74 -36.51
C VAL C 239 2.18 0.27 -37.96
N ALA C 240 1.00 -0.04 -38.50
CA ALA C 240 0.85 -0.37 -39.90
C ALA C 240 -0.58 -0.03 -40.31
N VAL C 241 -0.86 -0.15 -41.61
CA VAL C 241 -2.17 0.17 -42.16
C VAL C 241 -2.60 -0.98 -43.07
N GLY C 242 -3.89 -1.06 -43.32
CA GLY C 242 -4.40 -2.11 -44.18
C GLY C 242 -5.91 -2.03 -44.33
N GLU C 243 -6.46 -3.09 -44.91
CA GLU C 243 -7.89 -3.20 -45.18
C GLU C 243 -8.41 -4.42 -44.45
N PHE C 244 -9.32 -4.19 -43.50
CA PHE C 244 -9.80 -5.28 -42.65
C PHE C 244 -11.30 -5.27 -42.37
N ASP C 245 -12.06 -4.29 -42.86
CA ASP C 245 -13.48 -4.21 -42.56
C ASP C 245 -14.36 -4.36 -43.80
N GLY C 246 -13.78 -4.67 -44.95
CA GLY C 246 -14.50 -4.83 -46.20
C GLY C 246 -14.77 -3.54 -46.96
N ASP C 247 -14.99 -2.44 -46.23
CA ASP C 247 -15.20 -1.14 -46.86
C ASP C 247 -13.88 -0.63 -47.40
N LEU C 248 -13.74 -0.62 -48.73
CA LEU C 248 -12.52 -0.16 -49.35
C LEU C 248 -12.34 1.35 -49.24
N ASN C 249 -13.41 2.10 -48.98
CA ASN C 249 -13.28 3.54 -48.80
C ASN C 249 -12.59 3.87 -47.49
N THR C 250 -12.86 3.08 -46.44
CA THR C 250 -12.22 3.30 -45.15
C THR C 250 -10.83 2.67 -45.13
N THR C 251 -9.98 3.20 -44.26
CA THR C 251 -8.64 2.68 -44.03
C THR C 251 -8.51 2.29 -42.56
N GLU C 252 -7.96 1.11 -42.31
CA GLU C 252 -7.84 0.57 -40.96
C GLU C 252 -6.40 0.62 -40.48
N TYR C 253 -6.22 0.81 -39.18
CA TYR C 253 -4.91 0.92 -38.57
C TYR C 253 -4.60 -0.34 -37.77
N VAL C 254 -3.32 -0.71 -37.77
CA VAL C 254 -2.81 -1.81 -36.95
C VAL C 254 -1.77 -1.23 -35.99
N VAL C 255 -2.00 -1.43 -34.70
CA VAL C 255 -1.18 -0.84 -33.65
C VAL C 255 -0.62 -1.93 -32.76
N GLY C 256 0.67 -1.84 -32.44
CA GLY C 256 1.31 -2.77 -31.54
C GLY C 256 1.51 -2.15 -30.17
N ALA C 257 1.07 -2.88 -29.15
CA ALA C 257 1.21 -2.48 -27.75
C ALA C 257 1.93 -3.61 -27.01
N PRO C 258 3.26 -3.66 -27.12
CA PRO C 258 3.98 -4.87 -26.69
C PRO C 258 4.05 -5.09 -25.19
N THR C 259 3.70 -4.09 -24.36
CA THR C 259 3.63 -4.29 -22.92
C THR C 259 2.20 -4.18 -22.39
N TRP C 260 1.21 -4.29 -23.29
CA TRP C 260 -0.20 -4.19 -22.89
C TRP C 260 -0.55 -5.23 -21.84
N SER C 261 -1.38 -4.84 -20.89
CA SER C 261 -1.89 -5.71 -19.82
C SER C 261 -0.76 -6.45 -19.10
N TRP C 262 0.02 -5.66 -18.38
CA TRP C 262 1.09 -6.19 -17.53
C TRP C 262 2.08 -7.02 -18.35
N THR C 263 2.56 -6.42 -19.44
CA THR C 263 3.56 -6.99 -20.34
C THR C 263 3.07 -8.25 -21.05
N LEU C 264 1.75 -8.50 -21.07
CA LEU C 264 1.25 -9.59 -21.92
C LEU C 264 1.43 -9.25 -23.39
N GLY C 265 1.26 -7.99 -23.74
CA GLY C 265 1.40 -7.57 -25.13
C GLY C 265 0.10 -7.74 -25.91
N ALA C 266 -0.05 -6.92 -26.94
CA ALA C 266 -1.28 -6.97 -27.73
C ALA C 266 -1.07 -6.24 -29.05
N VAL C 267 -1.87 -6.64 -30.03
CA VAL C 267 -2.01 -5.93 -31.29
C VAL C 267 -3.50 -5.69 -31.51
N GLU C 268 -3.84 -4.49 -31.97
CA GLU C 268 -5.23 -4.12 -32.21
C GLU C 268 -5.38 -3.57 -33.62
N ILE C 269 -6.55 -3.83 -34.21
CA ILE C 269 -6.93 -3.28 -35.51
C ILE C 269 -8.10 -2.33 -35.27
N LEU C 270 -8.00 -1.13 -35.83
CA LEU C 270 -8.96 -0.07 -35.57
C LEU C 270 -9.43 0.51 -36.89
N ASP C 271 -10.50 1.32 -36.82
CA ASP C 271 -10.89 2.14 -37.96
C ASP C 271 -10.20 3.50 -37.85
N SER C 272 -10.48 4.37 -38.82
CA SER C 272 -9.85 5.68 -38.85
C SER C 272 -10.24 6.55 -37.66
N TYR C 273 -11.32 6.21 -36.96
CA TYR C 273 -11.75 6.93 -35.77
C TYR C 273 -11.32 6.23 -34.49
N TYR C 274 -10.34 5.34 -34.58
CA TYR C 274 -9.71 4.69 -33.42
C TYR C 274 -10.68 3.82 -32.63
N GLN C 275 -11.73 3.31 -33.29
CA GLN C 275 -12.61 2.33 -32.68
C GLN C 275 -12.03 0.94 -32.94
N ARG C 276 -11.97 0.11 -31.90
CA ARG C 276 -11.28 -1.17 -31.97
C ARG C 276 -12.14 -2.18 -32.72
N LEU C 277 -11.58 -2.77 -33.78
CA LEU C 277 -12.22 -3.84 -34.54
C LEU C 277 -11.82 -5.22 -34.06
N HIS C 278 -10.54 -5.45 -33.79
CA HIS C 278 -10.12 -6.70 -33.20
CA HIS C 278 -10.03 -6.74 -33.30
C HIS C 278 -8.92 -6.46 -32.30
N ARG C 279 -8.72 -7.40 -31.38
CA ARG C 279 -7.57 -7.36 -30.47
C ARG C 279 -6.95 -8.75 -30.42
N LEU C 280 -5.64 -8.80 -30.58
CA LEU C 280 -4.88 -10.04 -30.48
C LEU C 280 -4.00 -9.97 -29.24
N ARG C 281 -4.26 -10.86 -28.29
CA ARG C 281 -3.52 -10.87 -27.03
C ARG C 281 -2.23 -11.67 -27.17
N GLY C 282 -1.20 -11.22 -26.46
CA GLY C 282 0.05 -11.95 -26.46
C GLY C 282 -0.10 -13.33 -25.87
N GLU C 283 0.86 -14.19 -26.22
CA GLU C 283 0.86 -15.58 -25.77
C GLU C 283 1.65 -15.76 -24.49
N GLN C 284 2.64 -14.90 -24.24
CA GLN C 284 3.58 -15.09 -23.14
C GLN C 284 4.06 -13.74 -22.67
N MET C 285 4.02 -13.50 -21.36
CA MET C 285 4.43 -12.22 -20.81
C MET C 285 5.90 -11.96 -21.12
N ALA C 286 6.21 -10.69 -21.38
CA ALA C 286 7.54 -10.15 -21.68
C ALA C 286 8.06 -10.58 -23.04
N SER C 287 7.31 -11.34 -23.83
CA SER C 287 7.79 -11.71 -25.16
C SER C 287 7.78 -10.53 -26.13
N TYR C 288 7.21 -9.40 -25.72
CA TYR C 288 7.10 -8.20 -26.56
C TYR C 288 6.31 -8.48 -27.83
N PHE C 289 5.25 -9.27 -27.68
CA PHE C 289 4.25 -9.45 -28.73
C PHE C 289 3.70 -8.10 -29.17
N GLY C 290 3.93 -7.77 -30.44
CA GLY C 290 3.58 -6.46 -30.96
C GLY C 290 4.76 -5.55 -31.20
N HIS C 291 5.99 -6.02 -30.92
CA HIS C 291 7.19 -5.26 -31.23
C HIS C 291 7.23 -4.86 -32.69
N SER C 292 6.74 -5.72 -33.57
CA SER C 292 6.67 -5.45 -35.00
C SER C 292 5.33 -5.95 -35.53
N VAL C 293 4.81 -5.23 -36.53
CA VAL C 293 3.58 -5.62 -37.21
C VAL C 293 3.79 -5.46 -38.69
N ALA C 294 3.11 -6.31 -39.47
CA ALA C 294 3.21 -6.26 -40.92
C ALA C 294 1.89 -6.70 -41.53
N VAL C 295 1.51 -6.03 -42.61
CA VAL C 295 0.24 -6.28 -43.29
C VAL C 295 0.54 -6.61 -44.75
N THR C 296 0.14 -7.79 -45.18
CA THR C 296 0.24 -8.19 -46.58
C THR C 296 -0.61 -9.44 -46.79
N ASP C 297 -1.18 -9.54 -47.99
CA ASP C 297 -1.94 -10.74 -48.37
C ASP C 297 -0.95 -11.82 -48.79
N VAL C 298 -0.77 -12.83 -47.96
CA VAL C 298 0.21 -13.87 -48.26
C VAL C 298 -0.39 -15.06 -49.02
N ASN C 299 -1.71 -15.26 -48.95
CA ASN C 299 -2.32 -16.43 -49.57
C ASN C 299 -3.14 -16.10 -50.81
N GLY C 300 -2.93 -14.91 -51.38
CA GLY C 300 -3.48 -14.61 -52.70
C GLY C 300 -4.99 -14.62 -52.80
N ASP C 301 -5.70 -14.41 -51.69
CA ASP C 301 -7.15 -14.31 -51.73
C ASP C 301 -7.64 -12.87 -51.76
N GLY C 302 -6.74 -11.91 -51.86
CA GLY C 302 -7.10 -10.51 -51.93
C GLY C 302 -7.36 -9.83 -50.61
N ARG C 303 -7.35 -10.56 -49.49
CA ARG C 303 -7.60 -10.01 -48.18
C ARG C 303 -6.29 -9.91 -47.41
N HIS C 304 -5.95 -8.70 -46.99
CA HIS C 304 -4.74 -8.48 -46.20
C HIS C 304 -4.69 -9.43 -45.00
N ASP C 305 -3.50 -9.93 -44.72
CA ASP C 305 -3.26 -10.76 -43.56
C ASP C 305 -2.33 -10.03 -42.60
N LEU C 306 -2.29 -10.50 -41.36
CA LEU C 306 -1.56 -9.81 -40.29
C LEU C 306 -0.46 -10.70 -39.73
N LEU C 307 0.74 -10.14 -39.63
CA LEU C 307 1.88 -10.81 -39.02
C LEU C 307 2.34 -10.01 -37.81
N VAL C 308 2.48 -10.69 -36.68
CA VAL C 308 2.92 -10.08 -35.43
C VAL C 308 4.23 -10.73 -35.01
N GLY C 309 5.16 -9.90 -34.53
CA GLY C 309 6.45 -10.37 -34.06
C GLY C 309 6.56 -10.23 -32.55
N ALA C 310 7.01 -11.32 -31.91
CA ALA C 310 7.27 -11.35 -30.47
C ALA C 310 8.72 -11.77 -30.28
N PRO C 311 9.66 -10.82 -30.45
CA PRO C 311 11.08 -11.21 -30.55
C PRO C 311 11.67 -11.83 -29.30
N LEU C 312 10.99 -11.77 -28.16
CA LEU C 312 11.52 -12.32 -26.91
C LEU C 312 10.74 -13.55 -26.45
N TYR C 313 9.94 -14.15 -27.32
CA TYR C 313 9.23 -15.36 -26.95
C TYR C 313 10.21 -16.45 -26.57
N MET C 314 9.96 -17.09 -25.43
CA MET C 314 10.79 -18.18 -24.94
C MET C 314 10.13 -19.50 -25.30
N GLU C 315 10.81 -20.27 -26.14
CA GLU C 315 10.31 -21.55 -26.61
C GLU C 315 10.46 -22.61 -25.54
N SER C 316 9.60 -23.63 -25.59
CA SER C 316 9.66 -24.72 -24.64
C SER C 316 10.71 -25.75 -25.07
N ARG C 317 11.58 -26.11 -24.15
CA ARG C 317 12.60 -27.12 -24.35
C ARG C 317 12.36 -28.28 -23.38
N ALA C 318 13.05 -29.38 -23.64
CA ALA C 318 12.94 -30.54 -22.74
C ALA C 318 13.40 -30.15 -21.33
N ASP C 319 12.97 -30.97 -20.37
CA ASP C 319 13.24 -30.74 -18.94
C ASP C 319 12.58 -29.47 -18.43
N ARG C 320 11.45 -29.09 -19.00
CA ARG C 320 10.71 -27.88 -18.62
C ARG C 320 11.58 -26.63 -18.73
N LYS C 321 12.50 -26.63 -19.70
CA LYS C 321 13.37 -25.48 -19.91
C LYS C 321 12.75 -24.50 -20.90
N LEU C 322 13.16 -23.25 -20.79
CA LEU C 322 12.72 -22.19 -21.69
C LEU C 322 13.93 -21.61 -22.41
N ALA C 323 13.74 -21.24 -23.68
CA ALA C 323 14.81 -20.72 -24.52
C ALA C 323 14.27 -19.55 -25.32
N GLU C 324 14.79 -18.36 -25.06
CA GLU C 324 14.36 -17.16 -25.77
C GLU C 324 14.90 -17.19 -27.19
N VAL C 325 14.00 -17.24 -28.18
CA VAL C 325 14.40 -17.33 -29.58
C VAL C 325 13.56 -16.39 -30.43
N GLY C 326 12.36 -16.05 -29.97
CA GLY C 326 11.46 -15.21 -30.72
C GLY C 326 10.45 -16.01 -31.53
N ARG C 327 9.35 -15.35 -31.89
CA ARG C 327 8.26 -16.00 -32.59
C ARG C 327 7.50 -14.98 -33.44
N VAL C 328 7.00 -15.45 -34.59
CA VAL C 328 6.16 -14.66 -35.47
C VAL C 328 4.82 -15.36 -35.62
N TYR C 329 3.74 -14.59 -35.58
CA TYR C 329 2.37 -15.09 -35.65
C TYR C 329 1.72 -14.62 -36.94
N LEU C 330 1.08 -15.54 -37.66
CA LEU C 330 0.38 -15.23 -38.90
C LEU C 330 -1.13 -15.35 -38.68
N PHE C 331 -1.86 -14.27 -38.96
CA PHE C 331 -3.31 -14.24 -38.87
C PHE C 331 -3.87 -13.98 -40.26
N LEU C 332 -4.48 -15.00 -40.85
CA LEU C 332 -5.14 -14.83 -42.14
C LEU C 332 -6.52 -14.23 -41.93
N GLN C 333 -6.84 -13.20 -42.71
CA GLN C 333 -8.15 -12.57 -42.61
C GLN C 333 -9.21 -13.48 -43.24
N PRO C 334 -10.29 -13.78 -42.54
CA PRO C 334 -11.25 -14.76 -43.05
C PRO C 334 -12.32 -14.12 -43.94
N ARG C 335 -13.08 -14.99 -44.59
CA ARG C 335 -14.16 -14.55 -45.47
C ARG C 335 -15.15 -13.68 -44.71
N GLY C 336 -15.60 -12.61 -45.37
CA GLY C 336 -16.62 -11.75 -44.83
C GLY C 336 -16.15 -10.89 -43.67
N PRO C 337 -17.10 -10.47 -42.82
CA PRO C 337 -16.77 -9.50 -41.77
C PRO C 337 -16.35 -10.17 -40.47
N HIS C 338 -15.86 -11.40 -40.55
CA HIS C 338 -15.71 -12.23 -39.37
C HIS C 338 -14.49 -11.84 -38.55
N ALA C 339 -14.54 -12.18 -37.26
CA ALA C 339 -13.43 -11.95 -36.36
C ALA C 339 -12.17 -12.64 -36.86
N LEU C 340 -11.02 -12.12 -36.45
CA LEU C 340 -9.75 -12.78 -36.74
C LEU C 340 -9.49 -13.84 -35.69
N GLY C 341 -9.31 -15.09 -36.12
CA GLY C 341 -9.24 -16.22 -35.23
C GLY C 341 -7.86 -16.48 -34.67
N ALA C 342 -7.62 -17.75 -34.35
CA ALA C 342 -6.33 -18.17 -33.83
C ALA C 342 -5.26 -18.00 -34.91
N PRO C 343 -3.99 -17.99 -34.51
CA PRO C 343 -2.91 -17.92 -35.51
C PRO C 343 -3.03 -19.06 -36.53
N SER C 344 -2.88 -18.70 -37.80
CA SER C 344 -2.87 -19.71 -38.85
C SER C 344 -1.53 -20.45 -38.89
N LEU C 345 -0.47 -19.81 -38.42
CA LEU C 345 0.87 -20.39 -38.47
C LEU C 345 1.72 -19.72 -37.40
N LEU C 346 2.60 -20.51 -36.78
CA LEU C 346 3.57 -20.00 -35.80
C LEU C 346 4.97 -20.28 -36.32
N LEU C 347 5.73 -19.22 -36.56
CA LEU C 347 7.14 -19.33 -36.91
C LEU C 347 7.98 -18.98 -35.70
N THR C 348 8.91 -19.85 -35.34
CA THR C 348 9.72 -19.69 -34.14
C THR C 348 11.20 -19.69 -34.51
N GLY C 349 11.96 -18.82 -33.85
CA GLY C 349 13.39 -18.79 -34.04
C GLY C 349 14.08 -19.99 -33.44
N THR C 350 15.34 -20.15 -33.78
CA THR C 350 16.15 -21.26 -33.31
C THR C 350 17.39 -20.84 -32.53
N GLN C 351 17.99 -19.71 -32.87
CA GLN C 351 19.18 -19.25 -32.18
C GLN C 351 18.81 -18.56 -30.88
N LEU C 352 19.44 -18.98 -29.79
CA LEU C 352 19.21 -18.36 -28.49
C LEU C 352 19.54 -16.88 -28.54
N TYR C 353 18.63 -16.05 -28.02
CA TYR C 353 18.73 -14.60 -28.01
C TYR C 353 18.72 -13.99 -29.40
N GLY C 354 18.33 -14.76 -30.42
CA GLY C 354 18.34 -14.27 -31.79
C GLY C 354 17.35 -13.16 -32.07
N ARG C 355 16.29 -13.08 -31.26
CA ARG C 355 15.24 -12.07 -31.43
C ARG C 355 14.57 -12.19 -32.80
N PHE C 356 14.32 -13.43 -33.20
CA PHE C 356 13.49 -13.71 -34.37
C PHE C 356 12.14 -13.03 -34.23
N GLY C 357 11.77 -12.26 -35.25
CA GLY C 357 10.55 -11.48 -35.21
C GLY C 357 10.74 -10.03 -34.87
N SER C 358 11.98 -9.56 -34.74
CA SER C 358 12.22 -8.14 -34.45
CA SER C 358 12.22 -8.14 -34.45
C SER C 358 11.70 -7.25 -35.57
N ALA C 359 11.79 -7.71 -36.81
CA ALA C 359 11.29 -6.98 -37.96
C ALA C 359 10.66 -7.96 -38.94
N ILE C 360 9.59 -7.51 -39.58
CA ILE C 360 8.85 -8.31 -40.55
C ILE C 360 8.56 -7.43 -41.75
N ALA C 361 9.08 -7.81 -42.92
CA ALA C 361 8.97 -6.99 -44.12
C ALA C 361 8.16 -7.72 -45.18
N PRO C 362 7.03 -7.18 -45.61
CA PRO C 362 6.42 -7.67 -46.86
C PRO C 362 7.38 -7.49 -48.02
N LEU C 363 7.49 -8.52 -48.85
CA LEU C 363 8.41 -8.52 -49.97
C LEU C 363 7.71 -8.35 -51.31
N GLY C 364 6.39 -8.26 -51.33
CA GLY C 364 5.70 -8.42 -52.59
C GLY C 364 5.82 -9.87 -53.02
N ASP C 365 5.54 -10.11 -54.29
CA ASP C 365 5.72 -11.44 -54.87
C ASP C 365 7.16 -11.55 -55.35
N LEU C 366 7.99 -12.22 -54.55
CA LEU C 366 9.42 -12.29 -54.84
C LEU C 366 9.68 -13.16 -56.07
N ASP C 367 9.09 -14.35 -56.11
CA ASP C 367 9.29 -15.29 -57.20
C ASP C 367 8.21 -15.20 -58.26
N ARG C 368 7.27 -14.26 -58.13
CA ARG C 368 6.24 -13.99 -59.14
C ARG C 368 5.46 -15.26 -59.49
N ASP C 369 5.03 -15.98 -58.45
CA ASP C 369 4.25 -17.19 -58.61
C ASP C 369 2.76 -16.98 -58.36
N GLY C 370 2.38 -15.84 -57.77
CA GLY C 370 0.99 -15.56 -57.46
C GLY C 370 0.72 -15.29 -55.99
N TYR C 371 1.72 -15.34 -55.13
CA TYR C 371 1.54 -15.15 -53.69
C TYR C 371 2.62 -14.21 -53.16
N ASN C 372 2.21 -13.27 -52.31
CA ASN C 372 3.19 -12.37 -51.70
C ASN C 372 3.99 -13.10 -50.65
N ASP C 373 5.17 -12.57 -50.37
CA ASP C 373 6.14 -13.23 -49.51
C ASP C 373 6.64 -12.26 -48.45
N ILE C 374 7.25 -12.80 -47.40
CA ILE C 374 7.73 -12.00 -46.29
C ILE C 374 9.19 -12.33 -46.01
N ALA C 375 9.86 -11.38 -45.36
CA ALA C 375 11.17 -11.58 -44.77
C ALA C 375 11.08 -11.28 -43.28
N VAL C 376 11.69 -12.14 -42.47
CA VAL C 376 11.70 -12.00 -41.02
C VAL C 376 13.14 -11.90 -40.56
N ALA C 377 13.40 -10.99 -39.63
CA ALA C 377 14.75 -10.75 -39.15
C ALA C 377 14.95 -11.37 -37.76
N ALA C 378 16.14 -11.93 -37.56
CA ALA C 378 16.66 -12.28 -36.24
C ALA C 378 17.98 -11.53 -36.12
N PRO C 379 17.98 -10.30 -35.60
CA PRO C 379 19.18 -9.45 -35.67
C PRO C 379 20.36 -9.98 -34.88
N TYR C 380 20.17 -10.98 -34.03
CA TYR C 380 21.26 -11.63 -33.32
C TYR C 380 21.18 -13.14 -33.50
N GLY C 381 20.55 -13.57 -34.59
CA GLY C 381 20.39 -14.96 -34.90
C GLY C 381 21.44 -15.48 -35.87
N GLY C 382 21.19 -16.69 -36.39
CA GLY C 382 22.18 -17.40 -37.15
C GLY C 382 23.12 -18.13 -36.21
N PRO C 383 23.76 -19.19 -36.72
CA PRO C 383 24.64 -20.00 -35.84
C PRO C 383 25.74 -19.20 -35.17
N SER C 384 26.20 -18.12 -35.79
CA SER C 384 27.20 -17.24 -35.20
C SER C 384 26.60 -16.11 -34.38
N GLY C 385 25.28 -15.96 -34.39
CA GLY C 385 24.66 -14.85 -33.69
C GLY C 385 24.98 -13.48 -34.25
N ARG C 386 25.44 -13.42 -35.50
CA ARG C 386 25.74 -12.15 -36.14
C ARG C 386 24.53 -11.52 -36.83
N GLY C 387 23.40 -12.23 -36.89
CA GLY C 387 22.23 -11.71 -37.56
C GLY C 387 21.82 -12.53 -38.76
N GLN C 388 20.51 -12.65 -38.98
CA GLN C 388 19.98 -13.52 -40.01
C GLN C 388 18.63 -13.00 -40.46
N VAL C 389 18.40 -13.00 -41.78
CA VAL C 389 17.10 -12.67 -42.35
C VAL C 389 16.58 -13.89 -43.09
N LEU C 390 15.33 -14.25 -42.85
CA LEU C 390 14.73 -15.46 -43.38
C LEU C 390 13.54 -15.11 -44.27
N VAL C 391 13.52 -15.67 -45.46
CA VAL C 391 12.47 -15.42 -46.45
C VAL C 391 11.44 -16.54 -46.39
N PHE C 392 10.18 -16.18 -46.27
CA PHE C 392 9.07 -17.15 -46.26
C PHE C 392 8.13 -16.83 -47.41
N LEU C 393 7.83 -17.85 -48.21
CA LEU C 393 7.01 -17.67 -49.40
C LEU C 393 5.55 -17.94 -49.09
N GLY C 394 4.68 -17.09 -49.63
CA GLY C 394 3.26 -17.32 -49.50
C GLY C 394 2.80 -18.54 -50.28
N GLN C 395 1.63 -19.03 -49.89
CA GLN C 395 1.00 -20.17 -50.54
C GLN C 395 -0.50 -20.05 -50.29
N SER C 396 -1.27 -20.92 -50.94
CA SER C 396 -2.72 -20.85 -50.80
C SER C 396 -3.15 -21.03 -49.34
N GLU C 397 -2.41 -21.82 -48.58
CA GLU C 397 -2.75 -22.08 -47.19
C GLU C 397 -2.12 -21.08 -46.21
N GLY C 398 -1.25 -20.20 -46.69
CA GLY C 398 -0.63 -19.20 -45.84
C GLY C 398 0.83 -18.96 -46.19
N LEU C 399 1.73 -19.50 -45.38
CA LEU C 399 3.16 -19.43 -45.65
C LEU C 399 3.75 -20.82 -45.51
N ARG C 400 4.92 -21.01 -46.13
CA ARG C 400 5.68 -22.23 -45.94
C ARG C 400 6.35 -22.21 -44.57
N SER C 401 6.30 -23.34 -43.88
CA SER C 401 6.85 -23.41 -42.52
C SER C 401 8.37 -23.21 -42.54
N ARG C 402 9.05 -23.75 -43.54
CA ARG C 402 10.49 -23.67 -43.71
C ARG C 402 10.86 -22.50 -44.61
N PRO C 403 11.88 -21.72 -44.27
CA PRO C 403 12.25 -20.60 -45.13
C PRO C 403 12.85 -21.09 -46.44
N SER C 404 12.44 -20.43 -47.54
CA SER C 404 13.01 -20.74 -48.84
C SER C 404 14.43 -20.22 -48.99
N GLN C 405 14.80 -19.20 -48.23
CA GLN C 405 16.11 -18.60 -48.33
C GLN C 405 16.49 -17.98 -47.00
N VAL C 406 17.79 -17.98 -46.71
CA VAL C 406 18.34 -17.42 -45.49
C VAL C 406 19.50 -16.51 -45.86
N LEU C 407 19.45 -15.26 -45.39
CA LEU C 407 20.51 -14.28 -45.59
C LEU C 407 21.28 -14.15 -44.28
N ASP C 408 22.52 -14.60 -44.27
CA ASP C 408 23.39 -14.43 -43.12
C ASP C 408 24.07 -13.06 -43.17
N SER C 409 24.21 -12.44 -42.01
CA SER C 409 24.77 -11.10 -41.94
C SER C 409 26.18 -11.09 -42.54
N PRO C 410 26.47 -10.17 -43.47
CA PRO C 410 27.84 -10.02 -43.96
C PRO C 410 28.71 -9.11 -43.08
N PHE C 411 28.18 -8.65 -41.96
CA PHE C 411 28.82 -7.67 -41.10
C PHE C 411 29.41 -8.33 -39.86
N PRO C 412 30.23 -7.62 -39.10
CA PRO C 412 30.81 -8.20 -37.88
C PRO C 412 29.75 -8.37 -36.79
N THR C 413 30.18 -9.00 -35.70
CA THR C 413 29.32 -9.17 -34.53
C THR C 413 28.83 -7.83 -34.02
N GLY C 414 27.54 -7.78 -33.66
CA GLY C 414 26.96 -6.59 -33.08
C GLY C 414 26.35 -5.61 -34.07
N SER C 415 26.32 -5.96 -35.36
CA SER C 415 25.82 -5.04 -36.37
C SER C 415 24.31 -4.85 -36.31
N ALA C 416 23.61 -5.74 -35.60
CA ALA C 416 22.15 -5.72 -35.54
C ALA C 416 21.52 -5.86 -36.92
N PHE C 417 22.22 -6.57 -37.81
CA PHE C 417 21.74 -6.89 -39.15
C PHE C 417 20.31 -7.42 -39.12
N GLY C 418 19.40 -6.70 -39.79
CA GLY C 418 18.01 -7.07 -39.83
C GLY C 418 17.10 -6.25 -38.95
N PHE C 419 17.66 -5.47 -38.01
CA PHE C 419 16.84 -4.65 -37.13
C PHE C 419 15.85 -3.79 -37.91
N SER C 420 16.20 -3.43 -39.14
CA SER C 420 15.28 -2.73 -40.03
C SER C 420 15.27 -3.43 -41.38
N LEU C 421 14.06 -3.70 -41.89
CA LEU C 421 13.88 -4.37 -43.16
C LEU C 421 12.91 -3.57 -44.02
N ARG C 422 13.03 -3.74 -45.34
CA ARG C 422 12.09 -3.11 -46.27
C ARG C 422 12.24 -3.78 -47.62
N GLY C 423 11.10 -4.17 -48.21
CA GLY C 423 11.10 -4.77 -49.53
C GLY C 423 9.94 -4.32 -50.38
N ALA C 424 9.54 -5.14 -51.34
CA ALA C 424 8.38 -4.94 -52.22
C ALA C 424 8.59 -3.80 -53.22
N VAL C 425 9.83 -3.43 -53.51
CA VAL C 425 10.12 -2.38 -54.49
C VAL C 425 11.27 -2.84 -55.37
N ASP C 426 11.08 -2.71 -56.69
CA ASP C 426 12.09 -3.10 -57.68
C ASP C 426 13.03 -1.92 -57.90
N ILE C 427 14.17 -1.92 -57.21
CA ILE C 427 15.06 -0.76 -57.25
C ILE C 427 15.93 -0.74 -58.50
N ASP C 428 16.14 -1.87 -59.17
CA ASP C 428 16.96 -1.91 -60.37
C ASP C 428 16.14 -2.16 -61.64
N ASP C 429 14.82 -2.04 -61.56
CA ASP C 429 13.94 -2.07 -62.73
C ASP C 429 14.09 -3.37 -63.52
N ASN C 430 14.32 -4.49 -62.85
CA ASN C 430 14.44 -5.79 -63.50
C ASN C 430 13.14 -6.59 -63.44
N GLY C 431 12.07 -6.02 -62.88
CA GLY C 431 10.79 -6.69 -62.80
C GLY C 431 10.58 -7.52 -61.55
N TYR C 432 11.53 -7.54 -60.62
CA TYR C 432 11.44 -8.32 -59.41
C TYR C 432 11.68 -7.45 -58.19
N PRO C 433 10.90 -7.60 -57.13
CA PRO C 433 11.06 -6.73 -55.95
C PRO C 433 12.28 -7.11 -55.13
N ASP C 434 12.94 -6.09 -54.58
CA ASP C 434 14.22 -6.22 -53.91
C ASP C 434 14.05 -5.99 -52.42
N LEU C 435 15.16 -6.08 -51.69
CA LEU C 435 15.15 -6.04 -50.24
C LEU C 435 16.36 -5.29 -49.72
N ILE C 436 16.12 -4.26 -48.90
CA ILE C 436 17.17 -3.53 -48.21
C ILE C 436 17.17 -3.93 -46.74
N VAL C 437 18.36 -4.10 -46.17
CA VAL C 437 18.53 -4.56 -44.79
C VAL C 437 19.44 -3.58 -44.08
N GLY C 438 18.99 -3.07 -42.94
CA GLY C 438 19.79 -2.17 -42.14
C GLY C 438 20.59 -2.92 -41.09
N ALA C 439 21.80 -2.39 -40.81
CA ALA C 439 22.69 -2.93 -39.78
C ALA C 439 23.30 -1.73 -39.07
N TYR C 440 22.49 -1.07 -38.23
CA TYR C 440 22.90 0.19 -37.64
C TYR C 440 24.15 0.04 -36.77
N GLY C 441 24.37 -1.15 -36.21
CA GLY C 441 25.58 -1.37 -35.44
C GLY C 441 26.84 -1.20 -36.25
N ALA C 442 26.78 -1.50 -37.54
CA ALA C 442 27.90 -1.28 -38.45
C ALA C 442 27.71 -0.05 -39.33
N ASN C 443 26.64 0.72 -39.11
CA ASN C 443 26.40 1.96 -39.83
C ASN C 443 26.34 1.73 -41.33
N GLN C 444 25.71 0.63 -41.74
CA GLN C 444 25.65 0.25 -43.14
C GLN C 444 24.27 -0.29 -43.47
N VAL C 445 23.99 -0.33 -44.78
CA VAL C 445 22.77 -0.89 -45.34
C VAL C 445 23.16 -1.83 -46.47
N ALA C 446 22.61 -3.03 -46.48
CA ALA C 446 22.83 -4.00 -47.54
C ALA C 446 21.58 -4.11 -48.41
N VAL C 447 21.79 -4.23 -49.72
CA VAL C 447 20.72 -4.34 -50.69
C VAL C 447 20.82 -5.70 -51.38
N TYR C 448 19.73 -6.45 -51.38
CA TYR C 448 19.65 -7.74 -52.05
C TYR C 448 18.73 -7.61 -53.25
N ARG C 449 19.26 -7.89 -54.44
CA ARG C 449 18.48 -7.83 -55.67
C ARG C 449 17.89 -9.20 -55.98
N ALA C 450 16.59 -9.22 -56.27
CA ALA C 450 15.94 -10.46 -56.67
C ALA C 450 16.24 -10.76 -58.13
N GLN C 451 16.54 -12.02 -58.42
CA GLN C 451 16.92 -12.42 -59.75
C GLN C 451 15.81 -13.22 -60.42
N PRO C 452 15.75 -13.24 -61.75
CA PRO C 452 14.69 -13.98 -62.44
C PRO C 452 14.72 -15.46 -62.10
N VAL C 453 13.54 -16.07 -62.10
CA VAL C 453 13.40 -17.49 -61.79
C VAL C 453 13.42 -18.32 -63.06
N GLY D 1 17.36 -75.36 -25.91
CA GLY D 1 17.88 -75.69 -27.22
C GLY D 1 18.05 -74.49 -28.14
N PRO D 2 17.07 -74.25 -29.00
CA PRO D 2 17.15 -73.11 -29.92
C PRO D 2 16.76 -71.81 -29.24
N ASN D 3 17.32 -70.72 -29.75
CA ASN D 3 17.04 -69.38 -29.24
C ASN D 3 17.63 -68.37 -30.21
N ILE D 4 17.46 -67.09 -29.88
CA ILE D 4 17.94 -66.02 -30.74
C ILE D 4 19.46 -65.99 -30.82
N CYS D 5 20.17 -66.56 -29.84
CA CYS D 5 21.63 -66.56 -29.90
C CYS D 5 22.12 -67.50 -31.00
N THR D 6 21.51 -68.69 -31.13
CA THR D 6 21.93 -69.64 -32.14
C THR D 6 21.32 -69.30 -33.50
N THR D 7 20.01 -69.05 -33.54
CA THR D 7 19.31 -68.83 -34.81
C THR D 7 19.81 -67.60 -35.55
N ARG D 8 20.57 -66.72 -34.91
CA ARG D 8 21.14 -65.59 -35.62
C ARG D 8 22.26 -66.02 -36.56
N GLY D 9 23.05 -67.03 -36.17
CA GLY D 9 24.18 -67.44 -36.96
C GLY D 9 25.25 -66.38 -37.02
N VAL D 10 25.85 -66.08 -35.88
CA VAL D 10 26.77 -64.95 -35.76
C VAL D 10 28.14 -65.33 -36.30
N SER D 11 28.86 -64.32 -36.78
CA SER D 11 30.18 -64.53 -37.37
C SER D 11 31.31 -64.35 -36.37
N SER D 12 31.11 -63.60 -35.29
CA SER D 12 32.17 -63.27 -34.35
C SER D 12 31.65 -63.32 -32.92
N CYS D 13 32.60 -63.29 -31.98
CA CYS D 13 32.24 -63.19 -30.57
C CYS D 13 31.60 -61.85 -30.26
N GLN D 14 32.14 -60.77 -30.84
CA GLN D 14 31.57 -59.44 -30.67
C GLN D 14 30.13 -59.40 -31.17
N GLN D 15 29.90 -59.90 -32.39
CA GLN D 15 28.56 -59.95 -32.96
C GLN D 15 27.62 -60.78 -32.09
N CYS D 16 28.14 -61.79 -31.40
CA CYS D 16 27.31 -62.64 -30.56
C CYS D 16 26.75 -61.86 -29.37
N LEU D 17 27.61 -61.10 -28.67
CA LEU D 17 27.14 -60.33 -27.52
C LEU D 17 26.14 -59.26 -27.93
N ALA D 18 26.24 -58.75 -29.17
CA ALA D 18 25.31 -57.74 -29.65
C ALA D 18 23.91 -58.29 -29.85
N VAL D 19 23.76 -59.62 -29.94
CA VAL D 19 22.43 -60.20 -30.15
C VAL D 19 21.53 -59.92 -28.96
N SER D 20 22.02 -60.18 -27.75
CA SER D 20 21.24 -59.99 -26.54
C SER D 20 22.15 -60.06 -25.31
N PRO D 21 21.84 -59.32 -24.24
CA PRO D 21 22.59 -59.49 -22.98
C PRO D 21 22.54 -60.91 -22.45
N MET D 22 21.64 -61.74 -22.98
CA MET D 22 21.49 -63.12 -22.58
C MET D 22 22.49 -64.05 -23.25
N CYS D 23 23.05 -63.65 -24.39
CA CYS D 23 23.91 -64.53 -25.16
C CYS D 23 25.32 -64.59 -24.58
N ALA D 24 25.97 -65.73 -24.77
CA ALA D 24 27.35 -65.96 -24.39
C ALA D 24 28.10 -66.54 -25.59
N TRP D 25 29.43 -66.57 -25.48
CA TRP D 25 30.27 -67.05 -26.56
C TRP D 25 31.31 -68.03 -26.03
N CYS D 26 31.54 -69.10 -26.80
CA CYS D 26 32.55 -70.11 -26.48
C CYS D 26 33.68 -69.98 -27.49
N SER D 27 34.88 -69.63 -27.01
CA SER D 27 36.06 -69.55 -27.85
C SER D 27 36.93 -70.79 -27.72
N ASP D 28 36.36 -71.91 -27.28
CA ASP D 28 37.12 -73.14 -27.14
C ASP D 28 37.43 -73.72 -28.52
N GLU D 29 38.72 -73.92 -28.80
CA GLU D 29 39.11 -74.41 -30.11
C GLU D 29 38.66 -75.85 -30.34
N ALA D 30 38.63 -76.66 -29.28
CA ALA D 30 38.22 -78.06 -29.37
C ALA D 30 36.71 -78.25 -29.24
N LEU D 31 35.92 -77.29 -29.71
CA LEU D 31 34.48 -77.42 -29.66
C LEU D 31 33.99 -78.35 -30.76
N PRO D 32 32.98 -79.19 -30.49
CA PRO D 32 32.41 -80.02 -31.55
C PRO D 32 31.97 -79.16 -32.73
N LEU D 33 32.21 -79.67 -33.94
CA LEU D 33 31.86 -78.92 -35.15
C LEU D 33 30.36 -78.68 -35.22
N GLY D 34 29.56 -79.71 -34.97
CA GLY D 34 28.13 -79.55 -34.92
C GLY D 34 27.67 -78.95 -33.60
N SER D 35 28.01 -77.68 -33.38
CA SER D 35 27.69 -77.04 -32.12
C SER D 35 27.75 -75.53 -32.29
N PRO D 36 26.82 -74.77 -31.72
CA PRO D 36 26.88 -73.31 -31.85
C PRO D 36 27.84 -72.70 -30.86
N ARG D 37 28.46 -71.60 -31.29
CA ARG D 37 29.34 -70.85 -30.40
C ARG D 37 28.60 -69.73 -29.66
N CYS D 38 27.43 -69.35 -30.14
CA CYS D 38 26.63 -68.28 -29.53
C CYS D 38 25.36 -68.91 -28.97
N ASP D 39 25.29 -69.01 -27.64
CA ASP D 39 24.17 -69.64 -26.97
C ASP D 39 24.11 -69.10 -25.54
N LEU D 40 23.16 -69.61 -24.76
CA LEU D 40 23.13 -69.28 -23.35
C LEU D 40 24.32 -69.93 -22.65
N LYS D 41 24.75 -69.31 -21.54
CA LYS D 41 25.92 -69.82 -20.84
C LYS D 41 25.72 -71.24 -20.34
N GLU D 42 24.48 -71.60 -20.00
CA GLU D 42 24.20 -72.96 -19.54
C GLU D 42 24.40 -73.97 -20.67
N ASN D 43 23.83 -73.69 -21.85
CA ASN D 43 23.94 -74.62 -22.97
C ASN D 43 25.39 -74.81 -23.39
N LEU D 44 26.18 -73.73 -23.40
CA LEU D 44 27.58 -73.84 -23.77
C LEU D 44 28.35 -74.73 -22.81
N LEU D 45 28.00 -74.70 -21.52
CA LEU D 45 28.65 -75.55 -20.55
C LEU D 45 28.28 -77.02 -20.74
N LYS D 46 27.05 -77.29 -21.22
CA LYS D 46 26.64 -78.66 -21.48
C LYS D 46 27.51 -79.30 -22.56
N ASP D 47 28.03 -78.49 -23.48
CA ASP D 47 28.92 -78.98 -24.55
C ASP D 47 30.38 -78.97 -24.14
N ASN D 48 30.67 -79.17 -22.85
CA ASN D 48 32.04 -79.30 -22.35
C ASN D 48 32.93 -78.12 -22.73
N CYS D 49 32.34 -76.98 -23.07
CA CYS D 49 33.12 -75.79 -23.35
C CYS D 49 33.92 -75.41 -22.12
N ALA D 50 35.22 -75.20 -22.30
CA ALA D 50 36.12 -74.85 -21.20
C ALA D 50 35.56 -73.64 -20.45
N PRO D 51 35.30 -73.76 -19.15
CA PRO D 51 34.73 -72.63 -18.41
C PRO D 51 35.52 -71.34 -18.53
N GLU D 52 36.85 -71.44 -18.66
CA GLU D 52 37.68 -70.25 -18.84
C GLU D 52 37.66 -69.72 -20.26
N SER D 53 37.14 -70.49 -21.22
CA SER D 53 37.02 -70.05 -22.60
C SER D 53 35.67 -69.43 -22.92
N ILE D 54 34.86 -69.15 -21.90
CA ILE D 54 33.52 -68.61 -22.08
C ILE D 54 33.56 -67.11 -21.90
N GLU D 55 32.98 -66.38 -22.85
CA GLU D 55 32.88 -64.92 -22.81
C GLU D 55 31.42 -64.57 -22.49
N PHE D 56 31.19 -64.05 -21.28
CA PHE D 56 29.86 -63.64 -20.85
C PHE D 56 29.98 -62.47 -19.90
N PRO D 57 30.16 -61.26 -20.42
CA PRO D 57 30.22 -60.09 -19.55
C PRO D 57 28.87 -59.81 -18.90
N VAL D 58 28.92 -59.31 -17.68
CA VAL D 58 27.73 -59.01 -16.89
C VAL D 58 27.73 -57.52 -16.57
N SER D 59 26.62 -56.86 -16.88
CA SER D 59 26.46 -55.46 -16.52
C SER D 59 26.41 -55.32 -15.01
N GLU D 60 27.17 -54.38 -14.47
CA GLU D 60 27.28 -54.20 -13.03
C GLU D 60 27.37 -52.72 -12.70
N ALA D 61 27.11 -52.42 -11.42
CA ALA D 61 27.27 -51.08 -10.88
C ALA D 61 28.15 -51.18 -9.65
N ARG D 62 29.27 -50.46 -9.64
CA ARG D 62 30.27 -50.55 -8.59
C ARG D 62 30.51 -49.16 -8.01
N VAL D 63 30.40 -49.05 -6.69
CA VAL D 63 30.62 -47.78 -6.01
C VAL D 63 32.11 -47.54 -5.84
N LEU D 64 32.55 -46.32 -6.14
CA LEU D 64 33.94 -45.93 -6.01
C LEU D 64 34.15 -44.98 -4.83
N GLU D 65 33.46 -43.84 -4.83
CA GLU D 65 33.49 -42.90 -3.71
C GLU D 65 32.14 -42.94 -3.01
N ASP D 66 32.18 -43.13 -1.69
CA ASP D 66 30.98 -43.39 -0.91
C ASP D 66 31.07 -42.73 0.45
N ARG D 67 31.44 -41.46 0.47
CA ARG D 67 31.52 -40.73 1.74
C ARG D 67 30.12 -40.61 2.35
N PRO D 68 30.01 -40.68 3.67
CA PRO D 68 28.68 -40.60 4.30
C PRO D 68 28.10 -39.20 4.22
N LEU D 69 26.77 -39.15 4.18
CA LEU D 69 26.07 -37.88 4.24
C LEU D 69 26.40 -37.14 5.52
N SER D 70 26.78 -35.88 5.40
CA SER D 70 27.10 -35.08 6.57
C SER D 70 25.86 -34.85 7.43
N ASP D 71 26.08 -34.70 8.73
CA ASP D 71 25.00 -34.38 9.66
C ASP D 71 24.87 -32.89 9.88
N LYS D 72 25.99 -32.17 9.96
CA LYS D 72 26.01 -30.73 10.05
C LYS D 72 26.70 -30.15 8.82
N GLY D 73 26.37 -28.89 8.51
CA GLY D 73 27.00 -28.19 7.41
C GLY D 73 28.00 -27.13 7.82
N SER D 74 28.33 -27.03 9.10
CA SER D 74 29.26 -26.02 9.60
C SER D 74 30.70 -26.52 9.44
N GLY D 75 31.64 -25.77 10.00
CA GLY D 75 33.03 -26.15 9.87
C GLY D 75 33.53 -25.91 8.47
N ASP D 76 34.29 -26.88 7.95
CA ASP D 76 34.87 -26.79 6.62
C ASP D 76 33.85 -27.28 5.59
N SER D 77 33.60 -26.45 4.57
CA SER D 77 32.68 -26.81 3.50
C SER D 77 33.34 -27.69 2.44
N SER D 78 34.62 -28.00 2.59
CA SER D 78 35.23 -29.07 1.81
C SER D 78 34.85 -30.44 2.36
N GLN D 79 34.44 -30.51 3.62
CA GLN D 79 34.06 -31.76 4.27
C GLN D 79 32.56 -32.04 4.20
N VAL D 80 31.78 -31.13 3.63
CA VAL D 80 30.33 -31.30 3.57
C VAL D 80 29.97 -32.23 2.43
N THR D 81 29.12 -33.20 2.72
CA THR D 81 28.67 -34.19 1.74
C THR D 81 27.14 -34.22 1.75
N GLN D 82 26.54 -33.79 0.65
CA GLN D 82 25.08 -33.77 0.51
C GLN D 82 24.57 -34.83 -0.45
N VAL D 83 25.45 -35.54 -1.15
CA VAL D 83 25.08 -36.55 -2.12
C VAL D 83 25.87 -37.82 -1.83
N SER D 84 25.20 -38.97 -1.91
CA SER D 84 25.85 -40.25 -1.65
C SER D 84 25.22 -41.33 -2.51
N PRO D 85 26.01 -42.13 -3.24
CA PRO D 85 27.47 -42.03 -3.35
C PRO D 85 27.91 -40.91 -4.30
N GLN D 86 29.21 -40.63 -4.36
CA GLN D 86 29.72 -39.53 -5.16
C GLN D 86 30.26 -39.96 -6.52
N ARG D 87 30.74 -41.20 -6.64
CA ARG D 87 31.30 -41.68 -7.90
C ARG D 87 31.09 -43.19 -7.98
N ILE D 88 30.45 -43.64 -9.06
CA ILE D 88 30.22 -45.06 -9.29
C ILE D 88 30.66 -45.42 -10.70
N ALA D 89 31.04 -46.68 -10.88
CA ALA D 89 31.43 -47.22 -12.18
C ALA D 89 30.30 -48.09 -12.71
N LEU D 90 29.90 -47.83 -13.96
CA LEU D 90 28.78 -48.51 -14.58
C LEU D 90 29.28 -49.25 -15.81
N ARG D 91 29.09 -50.57 -15.83
CA ARG D 91 29.43 -51.40 -16.99
C ARG D 91 28.16 -51.88 -17.65
N LEU D 92 28.06 -51.66 -18.96
CA LEU D 92 26.89 -52.05 -19.73
C LEU D 92 27.32 -52.77 -20.99
N ARG D 93 26.72 -53.94 -21.24
CA ARG D 93 26.88 -54.60 -22.52
C ARG D 93 25.73 -54.20 -23.44
N PRO D 94 25.85 -54.43 -24.76
CA PRO D 94 24.88 -53.87 -25.70
C PRO D 94 23.43 -54.14 -25.33
N ASP D 95 22.59 -53.11 -25.51
CA ASP D 95 21.15 -53.18 -25.32
C ASP D 95 20.75 -53.65 -23.92
N ASP D 96 21.64 -53.51 -22.94
CA ASP D 96 21.37 -53.95 -21.58
C ASP D 96 21.11 -52.74 -20.69
N SER D 97 20.65 -53.02 -19.47
CA SER D 97 20.38 -51.99 -18.49
C SER D 97 20.76 -52.47 -17.10
N LYS D 98 21.19 -51.52 -16.27
CA LYS D 98 21.54 -51.77 -14.88
C LYS D 98 21.01 -50.62 -14.05
N ASN D 99 20.87 -50.84 -12.75
CA ASN D 99 20.28 -49.84 -11.87
C ASN D 99 21.20 -49.55 -10.69
N PHE D 100 21.08 -48.32 -10.18
CA PHE D 100 21.87 -47.84 -9.06
C PHE D 100 21.03 -46.82 -8.29
N SER D 101 21.58 -46.32 -7.18
CA SER D 101 20.83 -45.45 -6.28
C SER D 101 21.66 -44.24 -5.89
N ILE D 102 20.97 -43.16 -5.54
CA ILE D 102 21.58 -41.93 -5.06
C ILE D 102 20.79 -41.44 -3.85
N GLN D 103 21.50 -40.95 -2.85
CA GLN D 103 20.90 -40.31 -1.69
C GLN D 103 21.20 -38.82 -1.70
N VAL D 104 20.19 -38.02 -1.39
CA VAL D 104 20.32 -36.57 -1.32
C VAL D 104 19.77 -36.11 0.02
N ARG D 105 20.48 -35.19 0.67
CA ARG D 105 20.07 -34.66 1.97
C ARG D 105 20.19 -33.15 1.97
N GLN D 106 19.17 -32.48 2.51
CA GLN D 106 19.24 -31.06 2.83
C GLN D 106 19.98 -30.95 4.15
N VAL D 107 21.30 -30.73 4.07
CA VAL D 107 22.13 -30.76 5.27
C VAL D 107 21.74 -29.64 6.21
N GLU D 108 21.44 -30.00 7.45
CA GLU D 108 21.11 -29.03 8.48
C GLU D 108 22.32 -28.13 8.77
N ASP D 109 22.04 -26.84 8.97
CA ASP D 109 23.04 -25.84 9.33
C ASP D 109 24.05 -25.62 8.20
N TYR D 110 23.52 -25.22 7.03
CA TYR D 110 24.36 -24.89 5.89
C TYR D 110 24.51 -23.36 5.78
N PRO D 111 25.65 -22.88 5.32
CA PRO D 111 25.83 -21.43 5.19
C PRO D 111 24.78 -20.79 4.29
N VAL D 112 24.48 -19.52 4.57
CA VAL D 112 23.43 -18.79 3.87
C VAL D 112 23.92 -17.38 3.56
N ASP D 113 23.75 -16.94 2.32
CA ASP D 113 23.96 -15.56 1.91
C ASP D 113 22.63 -14.94 1.55
N ILE D 114 22.33 -13.78 2.12
CA ILE D 114 21.09 -13.05 1.87
C ILE D 114 21.46 -11.64 1.44
N TYR D 115 21.28 -11.33 0.16
CA TYR D 115 21.48 -9.99 -0.36
C TYR D 115 20.12 -9.31 -0.49
N TYR D 116 19.93 -8.22 0.25
CA TYR D 116 18.67 -7.50 0.28
C TYR D 116 18.68 -6.44 -0.82
N LEU D 117 17.94 -6.68 -1.89
CA LEU D 117 17.89 -5.79 -3.04
C LEU D 117 16.56 -5.04 -3.01
N MET D 118 16.62 -3.74 -2.73
CA MET D 118 15.44 -2.98 -2.33
C MET D 118 15.09 -1.90 -3.34
N ASP D 119 13.83 -1.88 -3.76
CA ASP D 119 13.26 -0.73 -4.42
C ASP D 119 13.30 0.46 -3.48
N LEU D 120 14.01 1.52 -3.87
CA LEU D 120 14.05 2.76 -3.10
C LEU D 120 13.45 3.92 -3.88
N SER D 121 12.43 3.66 -4.70
CA SER D 121 11.66 4.74 -5.27
C SER D 121 10.73 5.32 -4.19
N TYR D 122 10.11 6.45 -4.52
CA TYR D 122 9.43 7.24 -3.49
C TYR D 122 8.33 6.45 -2.78
N SER D 123 7.78 5.44 -3.44
CA SER D 123 6.72 4.62 -2.83
CA SER D 123 6.72 4.64 -2.82
C SER D 123 7.21 3.88 -1.58
N MET D 124 8.52 3.75 -1.41
CA MET D 124 9.08 2.90 -0.36
C MET D 124 9.64 3.70 0.81
N LYS D 125 9.27 4.98 0.95
CA LYS D 125 9.77 5.79 2.04
C LYS D 125 9.41 5.19 3.40
N ASP D 126 8.17 4.72 3.54
CA ASP D 126 7.75 4.09 4.79
C ASP D 126 8.35 2.70 4.96
N ASP D 127 8.74 2.04 3.87
CA ASP D 127 9.38 0.74 4.00
C ASP D 127 10.71 0.85 4.72
N LEU D 128 11.44 1.94 4.48
CA LEU D 128 12.72 2.14 5.14
C LEU D 128 12.58 2.21 6.65
N TRP D 129 11.50 2.82 7.15
CA TRP D 129 11.34 2.93 8.59
CA TRP D 129 11.29 2.94 8.59
C TRP D 129 11.16 1.58 9.24
N SER D 130 10.60 0.60 8.53
CA SER D 130 10.34 -0.71 9.12
C SER D 130 11.60 -1.57 9.21
N ILE D 131 12.55 -1.38 8.30
CA ILE D 131 13.71 -2.25 8.22
C ILE D 131 14.97 -1.59 8.81
N GLN D 132 14.78 -0.57 9.65
CA GLN D 132 15.93 0.13 10.25
C GLN D 132 16.85 -0.84 10.99
N ASN D 133 16.27 -1.78 11.74
CA ASN D 133 17.03 -2.79 12.46
C ASN D 133 16.77 -4.19 11.91
N LEU D 134 16.53 -4.29 10.60
CA LEU D 134 16.21 -5.58 10.00
C LEU D 134 17.41 -6.52 10.04
N GLY D 135 18.63 -5.98 9.95
CA GLY D 135 19.80 -6.85 9.99
C GLY D 135 19.92 -7.62 11.29
N THR D 136 19.79 -6.92 12.41
CA THR D 136 19.86 -7.57 13.71
C THR D 136 18.73 -8.58 13.88
N LYS D 137 17.50 -8.17 13.56
CA LYS D 137 16.35 -9.04 13.75
C LYS D 137 16.39 -10.25 12.81
N LEU D 138 16.78 -10.04 11.56
CA LEU D 138 16.93 -11.15 10.63
C LEU D 138 18.02 -12.11 11.08
N ALA D 139 19.10 -11.58 11.65
CA ALA D 139 20.20 -12.42 12.11
C ALA D 139 19.75 -13.38 13.21
N THR D 140 18.91 -12.90 14.13
CA THR D 140 18.49 -13.73 15.25
C THR D 140 17.65 -14.92 14.77
N GLN D 141 16.77 -14.71 13.79
CA GLN D 141 15.92 -15.79 13.34
C GLN D 141 16.68 -16.79 12.46
N MET D 142 17.64 -16.31 11.67
CA MET D 142 18.42 -17.22 10.85
C MET D 142 19.43 -18.01 11.68
N ARG D 143 19.85 -17.45 12.81
CA ARG D 143 20.78 -18.16 13.69
C ARG D 143 20.21 -19.50 14.15
N LYS D 144 18.89 -19.60 14.24
CA LYS D 144 18.27 -20.89 14.54
C LYS D 144 18.56 -21.90 13.44
N LEU D 145 18.62 -21.44 12.19
CA LEU D 145 18.74 -22.34 11.05
C LEU D 145 20.17 -22.53 10.58
N THR D 146 21.06 -21.56 10.81
CA THR D 146 22.42 -21.65 10.28
C THR D 146 23.39 -20.97 11.21
N SER D 147 24.66 -21.42 11.15
CA SER D 147 25.74 -20.84 11.91
C SER D 147 26.59 -19.86 11.10
N ASN D 148 26.52 -19.92 9.77
CA ASN D 148 27.30 -19.07 8.88
C ASN D 148 26.35 -18.21 8.05
N LEU D 149 25.94 -17.08 8.62
CA LEU D 149 25.04 -16.15 7.93
C LEU D 149 25.82 -14.91 7.50
N ARG D 150 25.62 -14.49 6.25
CA ARG D 150 26.11 -13.23 5.72
C ARG D 150 24.97 -12.50 5.06
N ILE D 151 24.93 -11.17 5.21
CA ILE D 151 23.87 -10.36 4.64
C ILE D 151 24.48 -9.12 3.98
N GLY D 152 23.90 -8.72 2.85
CA GLY D 152 24.31 -7.52 2.15
C GLY D 152 23.09 -6.69 1.77
N PHE D 153 23.37 -5.52 1.17
CA PHE D 153 22.31 -4.59 0.81
C PHE D 153 22.64 -3.89 -0.50
N GLY D 154 21.61 -3.75 -1.33
CA GLY D 154 21.69 -2.93 -2.53
C GLY D 154 20.33 -2.32 -2.78
N ALA D 155 20.32 -1.27 -3.60
CA ALA D 155 19.09 -0.51 -3.83
C ALA D 155 19.00 -0.11 -5.30
N PHE D 156 17.78 0.18 -5.74
CA PHE D 156 17.55 0.56 -7.13
C PHE D 156 16.35 1.50 -7.21
N VAL D 157 16.32 2.27 -8.29
CA VAL D 157 15.12 3.03 -8.66
C VAL D 157 14.77 2.70 -10.11
N ASP D 158 15.44 3.35 -11.05
CA ASP D 158 15.21 3.11 -12.47
C ASP D 158 16.36 3.75 -13.24
N LYS D 159 16.32 3.60 -14.57
CA LYS D 159 17.35 4.20 -15.42
C LYS D 159 17.32 5.71 -15.28
N PRO D 160 18.41 6.34 -14.82
CA PRO D 160 18.41 7.81 -14.60
C PRO D 160 18.52 8.58 -15.90
N VAL D 161 17.45 8.53 -16.69
CA VAL D 161 17.42 9.13 -18.02
C VAL D 161 15.99 9.46 -18.37
N SER D 162 15.80 10.60 -19.04
CA SER D 162 14.48 10.98 -19.52
C SER D 162 13.94 9.91 -20.47
N PRO D 163 12.65 9.56 -20.38
CA PRO D 163 11.60 10.18 -19.57
C PRO D 163 11.38 9.57 -18.17
N TYR D 164 12.13 8.52 -17.81
CA TYR D 164 12.00 7.98 -16.47
C TYR D 164 12.40 9.02 -15.42
N MET D 165 13.43 9.81 -15.74
CA MET D 165 13.98 10.81 -14.83
C MET D 165 13.41 12.18 -15.13
N TYR D 166 13.12 12.95 -14.08
CA TYR D 166 12.77 14.35 -14.24
C TYR D 166 14.03 15.15 -14.53
N ILE D 167 13.99 15.96 -15.60
CA ILE D 167 15.19 16.65 -16.05
C ILE D 167 15.01 18.17 -16.05
N SER D 168 13.99 18.69 -15.37
CA SER D 168 13.81 20.13 -15.29
C SER D 168 12.97 20.46 -14.07
N PRO D 169 13.22 21.60 -13.41
CA PRO D 169 14.31 22.55 -13.63
C PRO D 169 15.67 21.95 -13.19
N PRO D 170 16.76 22.70 -13.28
CA PRO D 170 18.03 22.18 -12.74
C PRO D 170 17.92 21.68 -11.31
N GLU D 171 17.01 22.23 -10.51
CA GLU D 171 16.82 21.79 -9.14
C GLU D 171 16.34 20.34 -9.08
N ALA D 172 15.56 19.90 -10.07
CA ALA D 172 14.98 18.56 -10.04
C ALA D 172 16.03 17.47 -10.18
N LEU D 173 17.19 17.78 -10.77
CA LEU D 173 18.25 16.78 -10.88
C LEU D 173 18.97 16.58 -9.55
N GLU D 174 19.08 17.64 -8.74
CA GLU D 174 19.66 17.49 -7.40
C GLU D 174 18.64 16.97 -6.39
N ASN D 175 17.37 17.27 -6.62
CA ASN D 175 16.30 16.87 -5.71
C ASN D 175 15.05 16.59 -6.53
N PRO D 176 14.84 15.33 -6.93
CA PRO D 176 13.62 14.98 -7.68
C PRO D 176 12.33 15.31 -6.95
N CYS D 177 12.40 15.69 -5.67
CA CYS D 177 11.22 16.04 -4.89
C CYS D 177 11.13 17.55 -4.66
N TYR D 178 11.66 18.34 -5.60
CA TYR D 178 11.65 19.79 -5.43
C TYR D 178 10.23 20.35 -5.44
N ASP D 179 9.40 19.89 -6.38
CA ASP D 179 8.05 20.43 -6.54
C ASP D 179 7.12 20.02 -5.42
N MET D 180 7.56 19.09 -4.57
CA MET D 180 6.90 18.78 -3.32
C MET D 180 7.67 19.43 -2.17
N LYS D 181 7.00 19.56 -1.03
CA LYS D 181 7.60 20.23 0.13
C LYS D 181 8.50 19.27 0.90
N THR D 182 9.49 18.72 0.21
CA THR D 182 10.40 17.75 0.82
C THR D 182 11.61 17.58 -0.10
N THR D 183 12.52 16.69 0.31
CA THR D 183 13.76 16.41 -0.39
C THR D 183 13.92 14.90 -0.54
N CYS D 184 14.44 14.47 -1.68
CA CYS D 184 14.84 13.08 -1.86
C CYS D 184 16.16 13.05 -2.63
N LEU D 185 16.75 11.86 -2.72
CA LEU D 185 18.05 11.71 -3.34
C LEU D 185 17.96 11.93 -4.86
N PRO D 186 19.05 12.36 -5.48
CA PRO D 186 19.13 12.30 -6.94
C PRO D 186 18.86 10.88 -7.43
N MET D 187 18.35 10.78 -8.65
N MET D 187 18.36 10.79 -8.66
CA MET D 187 17.98 9.49 -9.18
CA MET D 187 18.03 9.51 -9.27
C MET D 187 19.21 8.63 -9.45
C MET D 187 19.27 8.63 -9.39
N PHE D 188 19.06 7.32 -9.23
CA PHE D 188 20.14 6.37 -9.45
C PHE D 188 19.55 5.07 -9.97
N GLY D 189 20.30 4.40 -10.84
CA GLY D 189 19.86 3.14 -11.41
C GLY D 189 19.94 1.99 -10.43
N TYR D 190 21.16 1.63 -10.05
CA TYR D 190 21.39 0.59 -9.06
C TYR D 190 22.70 0.89 -8.35
N LYS D 191 22.69 0.83 -7.02
CA LYS D 191 23.89 1.05 -6.25
C LYS D 191 24.06 -0.09 -5.24
N HIS D 192 25.24 -0.71 -5.27
CA HIS D 192 25.64 -1.65 -4.24
C HIS D 192 26.02 -0.88 -2.99
N VAL D 193 25.51 -1.32 -1.84
CA VAL D 193 25.68 -0.60 -0.58
C VAL D 193 26.56 -1.37 0.39
N LEU D 194 26.28 -2.66 0.59
CA LEU D 194 26.98 -3.44 1.60
C LEU D 194 27.29 -4.83 1.04
N THR D 195 28.57 -5.15 0.94
CA THR D 195 28.99 -6.50 0.59
C THR D 195 28.55 -7.47 1.68
N LEU D 196 28.19 -8.70 1.26
CA LEU D 196 27.81 -9.75 2.19
C LEU D 196 28.84 -9.89 3.30
N THR D 197 28.37 -9.83 4.54
CA THR D 197 29.25 -9.88 5.70
C THR D 197 28.52 -10.54 6.86
N ASP D 198 29.29 -11.13 7.77
CA ASP D 198 28.72 -11.72 8.97
C ASP D 198 28.60 -10.71 10.11
N GLN D 199 28.92 -9.44 9.86
CA GLN D 199 28.75 -8.37 10.84
C GLN D 199 27.42 -7.69 10.57
N VAL D 200 26.36 -8.27 11.12
CA VAL D 200 25.00 -7.85 10.80
C VAL D 200 24.70 -6.43 11.24
N THR D 201 25.47 -5.89 12.20
CA THR D 201 25.25 -4.50 12.60
C THR D 201 25.62 -3.54 11.48
N ARG D 202 26.51 -3.96 10.57
CA ARG D 202 26.81 -3.14 9.39
C ARG D 202 25.58 -2.96 8.53
N PHE D 203 24.69 -3.95 8.50
CA PHE D 203 23.44 -3.83 7.74
C PHE D 203 22.57 -2.73 8.31
N ASN D 204 22.37 -2.72 9.63
CA ASN D 204 21.61 -1.66 10.27
C ASN D 204 22.23 -0.29 10.02
N GLU D 205 23.55 -0.21 10.12
CA GLU D 205 24.24 1.06 9.90
C GLU D 205 23.98 1.60 8.50
N GLU D 206 24.17 0.77 7.48
CA GLU D 206 24.03 1.25 6.11
C GLU D 206 22.58 1.55 5.77
N VAL D 207 21.64 0.78 6.31
CA VAL D 207 20.23 1.00 6.00
C VAL D 207 19.76 2.33 6.58
N LYS D 208 20.17 2.65 7.81
CA LYS D 208 19.76 3.92 8.41
C LYS D 208 20.26 5.12 7.63
N LYS D 209 21.26 4.94 6.77
CA LYS D 209 21.78 6.03 5.94
C LYS D 209 21.13 6.08 4.56
N GLN D 210 20.22 5.15 4.26
CA GLN D 210 19.56 5.11 2.96
C GLN D 210 18.34 6.00 2.93
N SER D 211 18.04 6.54 1.76
CA SER D 211 16.84 7.34 1.55
C SER D 211 16.35 7.12 0.12
N VAL D 212 15.06 7.35 -0.09
CA VAL D 212 14.43 7.07 -1.38
C VAL D 212 14.77 8.15 -2.39
N SER D 213 14.45 7.90 -3.65
CA SER D 213 14.46 8.93 -4.69
C SER D 213 13.07 8.91 -5.32
N ARG D 214 12.97 9.42 -6.54
CA ARG D 214 11.67 9.58 -7.17
C ARG D 214 11.85 9.67 -8.68
N ASN D 215 10.97 9.00 -9.41
CA ASN D 215 11.01 9.04 -10.86
C ASN D 215 9.57 9.11 -11.39
N ARG D 216 9.44 9.13 -12.72
CA ARG D 216 8.17 9.52 -13.33
C ARG D 216 7.24 8.35 -13.61
N ASP D 217 7.75 7.22 -14.10
CA ASP D 217 6.87 6.14 -14.56
C ASP D 217 6.82 5.01 -13.55
N ALA D 218 5.64 4.39 -13.45
CA ALA D 218 5.41 3.35 -12.44
C ALA D 218 6.36 2.16 -12.56
N PRO D 219 6.59 1.57 -13.74
CA PRO D 219 7.52 0.45 -13.81
C PRO D 219 8.92 0.89 -13.45
N GLU D 220 9.60 0.11 -12.61
CA GLU D 220 10.91 0.47 -12.09
C GLU D 220 11.98 -0.41 -12.72
N GLY D 221 13.24 -0.11 -12.38
CA GLY D 221 14.36 -0.77 -13.01
C GLY D 221 15.02 -1.86 -12.19
N GLY D 222 14.20 -2.64 -11.48
CA GLY D 222 14.74 -3.66 -10.60
C GLY D 222 15.44 -4.80 -11.32
N PHE D 223 15.02 -5.08 -12.56
CA PHE D 223 15.64 -6.19 -13.29
C PHE D 223 17.08 -5.88 -13.66
N ASP D 224 17.40 -4.62 -13.94
CA ASP D 224 18.80 -4.21 -14.05
C ASP D 224 19.57 -4.56 -12.80
N ALA D 225 18.97 -4.31 -11.62
CA ALA D 225 19.64 -4.59 -10.37
C ALA D 225 19.78 -6.09 -10.13
N ILE D 226 18.77 -6.87 -10.52
CA ILE D 226 18.85 -8.32 -10.34
C ILE D 226 20.01 -8.90 -11.14
N MET D 227 20.20 -8.42 -12.36
CA MET D 227 21.32 -8.88 -13.18
C MET D 227 22.65 -8.54 -12.52
N GLN D 228 22.82 -7.29 -12.09
CA GLN D 228 24.10 -6.85 -11.54
C GLN D 228 24.41 -7.54 -10.22
N ALA D 229 23.43 -7.64 -9.33
CA ALA D 229 23.65 -8.36 -8.07
C ALA D 229 23.99 -9.82 -8.32
N THR D 230 23.59 -10.37 -9.47
CA THR D 230 23.84 -11.77 -9.77
C THR D 230 25.24 -11.99 -10.33
N VAL D 231 25.69 -11.12 -11.24
CA VAL D 231 26.92 -11.36 -11.98
C VAL D 231 28.12 -10.58 -11.45
N CYS D 232 27.92 -9.66 -10.49
CA CYS D 232 29.04 -8.98 -9.85
C CYS D 232 29.45 -9.74 -8.59
N ASP D 233 30.10 -10.89 -8.83
CA ASP D 233 30.40 -11.83 -7.75
C ASP D 233 31.24 -11.19 -6.66
N GLU D 234 32.40 -10.64 -7.02
CA GLU D 234 33.31 -10.10 -6.03
C GLU D 234 32.67 -8.97 -5.24
N LYS D 235 31.97 -8.06 -5.93
CA LYS D 235 31.40 -6.90 -5.25
C LYS D 235 30.26 -7.30 -4.32
N ILE D 236 29.38 -8.20 -4.78
CA ILE D 236 28.29 -8.66 -3.92
C ILE D 236 28.84 -9.57 -2.82
N GLY D 237 29.76 -10.46 -3.17
CA GLY D 237 30.39 -11.31 -2.18
C GLY D 237 29.72 -12.64 -1.95
N TRP D 238 29.05 -13.20 -2.97
CA TRP D 238 28.49 -14.54 -2.84
C TRP D 238 29.58 -15.54 -2.52
N ARG D 239 29.29 -16.44 -1.58
CA ARG D 239 30.24 -17.46 -1.17
C ARG D 239 30.07 -18.72 -2.01
N ASN D 240 31.18 -19.45 -2.17
CA ASN D 240 31.15 -20.67 -2.98
C ASN D 240 30.19 -21.71 -2.41
N ASP D 241 30.32 -22.00 -1.12
CA ASP D 241 29.58 -23.08 -0.48
C ASP D 241 28.53 -22.47 0.45
N ALA D 242 27.43 -22.00 -0.15
CA ALA D 242 26.38 -21.34 0.62
C ALA D 242 25.13 -21.22 -0.23
N SER D 243 23.98 -21.26 0.44
CA SER D 243 22.72 -20.91 -0.21
C SER D 243 22.70 -19.41 -0.49
N HIS D 244 22.35 -19.05 -1.72
CA HIS D 244 22.38 -17.65 -2.17
C HIS D 244 20.95 -17.16 -2.34
N LEU D 245 20.45 -16.43 -1.34
CA LEU D 245 19.14 -15.80 -1.42
C LEU D 245 19.29 -14.36 -1.89
N LEU D 246 18.56 -14.00 -2.93
CA LEU D 246 18.48 -12.63 -3.43
C LEU D 246 17.07 -12.13 -3.20
N VAL D 247 16.91 -11.24 -2.21
CA VAL D 247 15.59 -10.77 -1.80
C VAL D 247 15.27 -9.51 -2.59
N PHE D 248 14.31 -9.61 -3.51
CA PHE D 248 13.91 -8.51 -4.37
C PHE D 248 12.59 -7.95 -3.85
N THR D 249 12.62 -6.75 -3.29
CA THR D 249 11.44 -6.11 -2.73
C THR D 249 11.02 -4.94 -3.61
N THR D 250 9.74 -4.91 -3.97
CA THR D 250 9.17 -3.82 -4.74
C THR D 250 7.66 -3.86 -4.62
N ASP D 251 7.02 -2.75 -4.96
CA ASP D 251 5.56 -2.64 -4.90
C ASP D 251 4.95 -2.25 -6.24
N ALA D 252 5.70 -2.40 -7.33
CA ALA D 252 5.28 -1.87 -8.62
C ALA D 252 5.67 -2.85 -9.72
N LYS D 253 5.14 -2.58 -10.91
CA LYS D 253 5.56 -3.24 -12.14
C LYS D 253 7.07 -3.12 -12.32
N THR D 254 7.62 -3.87 -13.26
CA THR D 254 9.03 -3.79 -13.57
C THR D 254 9.22 -3.53 -15.05
N HIS D 255 10.31 -2.86 -15.39
CA HIS D 255 10.70 -2.71 -16.77
C HIS D 255 11.35 -4.00 -17.26
N ILE D 256 11.16 -4.28 -18.55
CA ILE D 256 11.63 -5.50 -19.18
C ILE D 256 12.42 -5.13 -20.42
N ALA D 257 13.16 -6.11 -20.94
CA ALA D 257 13.95 -5.88 -22.14
C ALA D 257 13.08 -5.35 -23.27
N LEU D 258 13.65 -4.41 -24.02
CA LEU D 258 13.07 -3.66 -25.13
C LEU D 258 12.25 -2.46 -24.66
N ASP D 259 12.01 -2.31 -23.35
CA ASP D 259 11.45 -1.05 -22.85
C ASP D 259 12.45 0.09 -23.00
N GLY D 260 13.74 -0.21 -22.98
CA GLY D 260 14.76 0.82 -22.99
C GLY D 260 14.70 1.76 -24.19
N ARG D 261 14.04 1.34 -25.27
CA ARG D 261 13.96 2.16 -26.46
C ARG D 261 13.23 3.48 -26.22
N LEU D 262 12.37 3.54 -25.22
CA LEU D 262 11.74 4.81 -24.89
C LEU D 262 12.74 5.82 -24.34
N ALA D 263 13.90 5.37 -23.86
CA ALA D 263 14.96 6.26 -23.46
C ALA D 263 16.09 6.32 -24.48
N GLY D 264 15.84 5.84 -25.70
CA GLY D 264 16.87 5.79 -26.72
C GLY D 264 17.86 4.67 -26.57
N ILE D 265 17.62 3.72 -25.67
CA ILE D 265 18.55 2.64 -25.37
C ILE D 265 18.16 1.42 -26.17
N VAL D 266 19.01 1.01 -27.10
CA VAL D 266 18.75 -0.16 -27.92
C VAL D 266 19.76 -1.28 -27.73
N GLN D 267 20.92 -1.01 -27.13
CA GLN D 267 21.93 -2.05 -26.98
C GLN D 267 21.43 -3.15 -26.04
N PRO D 268 21.42 -4.41 -26.47
CA PRO D 268 20.94 -5.48 -25.59
C PRO D 268 21.83 -5.61 -24.36
N ASN D 269 21.22 -6.08 -23.28
CA ASN D 269 21.96 -6.37 -22.05
C ASN D 269 23.04 -7.42 -22.34
N ASP D 270 24.26 -7.16 -21.89
CA ASP D 270 25.35 -8.09 -22.14
C ASP D 270 25.52 -9.12 -21.04
N GLY D 271 24.81 -8.97 -19.92
CA GLY D 271 24.94 -9.91 -18.83
C GLY D 271 26.26 -9.85 -18.09
N GLN D 272 27.01 -8.78 -18.27
CA GLN D 272 28.31 -8.62 -17.61
C GLN D 272 28.19 -7.62 -16.46
N CYS D 273 29.18 -7.65 -15.57
CA CYS D 273 29.21 -6.75 -14.44
C CYS D 273 29.67 -5.38 -14.88
N HIS D 274 28.98 -4.34 -14.43
CA HIS D 274 29.35 -2.96 -14.75
C HIS D 274 29.26 -2.08 -13.50
N VAL D 275 29.54 -2.65 -12.34
CA VAL D 275 29.58 -1.93 -11.08
C VAL D 275 31.04 -1.81 -10.66
N GLY D 276 31.56 -0.59 -10.72
CA GLY D 276 32.95 -0.32 -10.41
C GLY D 276 33.16 0.16 -8.99
N SER D 277 34.22 0.94 -8.79
CA SER D 277 34.59 1.38 -7.45
C SER D 277 33.50 2.25 -6.83
N ASP D 278 32.83 3.08 -7.64
CA ASP D 278 31.80 3.97 -7.11
C ASP D 278 30.53 3.24 -6.70
N ASN D 279 30.43 1.93 -6.98
CA ASN D 279 29.34 1.06 -6.54
C ASN D 279 28.02 1.34 -7.24
N HIS D 280 28.03 2.04 -8.37
CA HIS D 280 26.83 2.23 -9.17
C HIS D 280 26.94 1.48 -10.48
N TYR D 281 25.77 1.20 -11.06
CA TYR D 281 25.67 0.49 -12.34
C TYR D 281 25.94 1.48 -13.46
N SER D 282 27.13 1.41 -14.05
CA SER D 282 27.55 2.42 -15.01
C SER D 282 26.86 2.27 -16.36
N ALA D 283 26.39 1.08 -16.71
CA ALA D 283 25.68 0.86 -17.97
C ALA D 283 24.19 1.13 -17.86
N SER D 284 23.74 1.75 -16.76
CA SER D 284 22.30 1.95 -16.55
C SER D 284 21.69 2.76 -17.67
N THR D 285 22.43 3.72 -18.22
CA THR D 285 21.93 4.65 -19.22
C THR D 285 22.34 4.30 -20.64
N THR D 286 23.08 3.21 -20.83
CA THR D 286 23.59 2.85 -22.15
C THR D 286 23.22 1.44 -22.59
N MET D 287 22.55 0.66 -21.73
CA MET D 287 22.31 -0.75 -21.99
C MET D 287 20.89 -1.08 -21.56
N ASP D 288 20.21 -1.90 -22.36
CA ASP D 288 18.79 -2.17 -22.17
C ASP D 288 18.57 -3.07 -20.96
N TYR D 289 17.35 -3.02 -20.43
CA TYR D 289 16.95 -3.93 -19.37
C TYR D 289 17.15 -5.38 -19.83
N PRO D 290 17.52 -6.28 -18.93
CA PRO D 290 17.73 -7.67 -19.33
C PRO D 290 16.41 -8.38 -19.60
N SER D 291 16.49 -9.43 -20.39
CA SER D 291 15.33 -10.25 -20.68
C SER D 291 15.22 -11.39 -19.66
N LEU D 292 14.02 -11.97 -19.58
CA LEU D 292 13.77 -13.04 -18.62
C LEU D 292 14.73 -14.21 -18.84
N GLY D 293 14.97 -14.58 -20.10
CA GLY D 293 15.85 -15.69 -20.39
C GLY D 293 17.30 -15.42 -20.03
N LEU D 294 17.74 -14.17 -20.16
CA LEU D 294 19.10 -13.82 -19.75
C LEU D 294 19.23 -13.85 -18.23
N MET D 295 18.23 -13.34 -17.52
CA MET D 295 18.23 -13.42 -16.07
C MET D 295 18.29 -14.86 -15.60
N THR D 296 17.47 -15.72 -16.21
CA THR D 296 17.47 -17.14 -15.86
C THR D 296 18.86 -17.75 -16.01
N GLU D 297 19.54 -17.44 -17.12
CA GLU D 297 20.86 -18.00 -17.38
C GLU D 297 21.86 -17.61 -16.29
N LYS D 298 21.88 -16.33 -15.91
CA LYS D 298 22.85 -15.88 -14.93
C LYS D 298 22.50 -16.36 -13.52
N LEU D 299 21.22 -16.31 -13.15
CA LEU D 299 20.81 -16.84 -11.85
C LEU D 299 21.18 -18.31 -11.72
N SER D 300 20.95 -19.09 -12.78
CA SER D 300 21.35 -20.50 -12.76
C SER D 300 22.87 -20.64 -12.69
N GLN D 301 23.58 -19.88 -13.53
CA GLN D 301 25.04 -19.99 -13.59
C GLN D 301 25.69 -19.65 -12.26
N LYS D 302 25.09 -18.73 -11.51
CA LYS D 302 25.64 -18.29 -10.22
C LYS D 302 24.93 -18.93 -9.03
N ASN D 303 23.97 -19.83 -9.27
CA ASN D 303 23.24 -20.51 -8.21
CA ASN D 303 23.24 -20.51 -8.21
C ASN D 303 22.61 -19.51 -7.24
N ILE D 304 21.81 -18.60 -7.80
CA ILE D 304 21.13 -17.56 -7.04
C ILE D 304 19.65 -17.91 -6.96
N ASN D 305 19.11 -17.90 -5.74
CA ASN D 305 17.68 -18.11 -5.53
C ASN D 305 17.00 -16.75 -5.46
N LEU D 306 16.37 -16.34 -6.55
CA LEU D 306 15.69 -15.06 -6.61
C LEU D 306 14.35 -15.14 -5.90
N ILE D 307 14.12 -14.22 -4.97
CA ILE D 307 12.87 -14.16 -4.21
C ILE D 307 12.16 -12.86 -4.56
N PHE D 308 11.00 -12.97 -5.18
CA PHE D 308 10.15 -11.82 -5.46
C PHE D 308 9.32 -11.53 -4.21
N ALA D 309 9.74 -10.52 -3.45
CA ALA D 309 8.99 -10.06 -2.28
C ALA D 309 8.22 -8.81 -2.70
N VAL D 310 6.99 -9.01 -3.17
CA VAL D 310 6.22 -7.95 -3.79
C VAL D 310 4.87 -7.79 -3.08
N THR D 311 4.26 -6.63 -3.27
CA THR D 311 3.03 -6.29 -2.59
C THR D 311 1.81 -6.90 -3.31
N GLU D 312 0.66 -6.80 -2.65
CA GLU D 312 -0.53 -7.51 -3.09
C GLU D 312 -0.94 -7.14 -4.50
N ASN D 313 -0.75 -5.88 -4.89
CA ASN D 313 -1.24 -5.41 -6.18
C ASN D 313 -0.43 -5.94 -7.36
N VAL D 314 0.74 -6.53 -7.13
CA VAL D 314 1.56 -7.03 -8.23
C VAL D 314 1.96 -8.48 -7.98
N VAL D 315 1.31 -9.13 -7.01
CA VAL D 315 1.63 -10.52 -6.70
C VAL D 315 1.39 -11.41 -7.92
N ASN D 316 0.22 -11.27 -8.55
CA ASN D 316 -0.07 -12.05 -9.76
C ASN D 316 0.95 -11.77 -10.84
N LEU D 317 1.41 -10.52 -10.95
CA LEU D 317 2.40 -10.16 -11.95
C LEU D 317 3.68 -10.96 -11.77
N TYR D 318 4.24 -10.93 -10.56
CA TYR D 318 5.51 -11.62 -10.33
C TYR D 318 5.33 -13.13 -10.17
N GLN D 319 4.17 -13.58 -9.71
CA GLN D 319 3.88 -15.01 -9.74
CA GLN D 319 3.88 -15.01 -9.74
C GLN D 319 3.90 -15.54 -11.18
N ASN D 320 3.49 -14.70 -12.13
CA ASN D 320 3.49 -15.10 -13.53
C ASN D 320 4.89 -15.02 -14.14
N TYR D 321 5.70 -14.05 -13.72
CA TYR D 321 7.11 -14.05 -14.10
C TYR D 321 7.83 -15.24 -13.47
N SER D 322 7.50 -15.57 -12.23
CA SER D 322 8.17 -16.65 -11.52
C SER D 322 8.04 -17.97 -12.28
N GLU D 323 6.90 -18.20 -12.92
CA GLU D 323 6.72 -19.41 -13.71
C GLU D 323 7.59 -19.42 -14.96
N LEU D 324 8.03 -18.25 -15.42
CA LEU D 324 8.93 -18.16 -16.57
C LEU D 324 10.40 -18.12 -16.14
N ILE D 325 10.68 -18.04 -14.85
CA ILE D 325 12.05 -18.16 -14.34
C ILE D 325 12.04 -19.27 -13.30
N PRO D 326 12.21 -20.53 -13.69
CA PRO D 326 12.10 -21.64 -12.74
C PRO D 326 13.08 -21.50 -11.59
N GLY D 327 12.63 -21.85 -10.39
CA GLY D 327 13.42 -21.76 -9.19
C GLY D 327 13.20 -20.50 -8.37
N THR D 328 12.49 -19.51 -8.91
CA THR D 328 12.25 -18.28 -8.17
C THR D 328 11.03 -18.43 -7.27
N THR D 329 11.06 -17.73 -6.15
CA THR D 329 10.01 -17.78 -5.14
C THR D 329 9.31 -16.42 -5.05
N VAL D 330 8.03 -16.45 -4.70
CA VAL D 330 7.24 -15.24 -4.54
C VAL D 330 6.64 -15.22 -3.15
N GLY D 331 6.81 -14.10 -2.44
CA GLY D 331 6.15 -13.90 -1.17
C GLY D 331 5.44 -12.58 -1.15
N VAL D 332 4.36 -12.51 -0.38
CA VAL D 332 3.51 -11.32 -0.34
C VAL D 332 4.11 -10.33 0.65
N LEU D 333 4.53 -9.18 0.16
CA LEU D 333 5.13 -8.14 0.98
C LEU D 333 4.08 -7.12 1.40
N SER D 334 4.15 -6.68 2.65
CA SER D 334 3.25 -5.64 3.12
C SER D 334 3.61 -4.31 2.46
N MET D 335 2.65 -3.37 2.49
CA MET D 335 2.89 -2.06 1.89
C MET D 335 4.00 -1.28 2.60
N ASP D 336 4.45 -1.74 3.76
CA ASP D 336 5.53 -1.08 4.50
C ASP D 336 6.71 -2.00 4.76
N SER D 337 6.75 -3.17 4.11
CA SER D 337 7.78 -4.19 4.33
C SER D 337 7.85 -4.64 5.79
N SER D 338 6.76 -4.48 6.55
CA SER D 338 6.80 -4.84 7.96
C SER D 338 6.86 -6.35 8.18
N ASN D 339 6.54 -7.14 7.16
CA ASN D 339 6.48 -8.60 7.27
C ASN D 339 7.62 -9.29 6.53
N VAL D 340 8.68 -8.54 6.18
CA VAL D 340 9.68 -9.08 5.27
C VAL D 340 10.52 -10.15 5.97
N LEU D 341 10.73 -10.04 7.27
CA LEU D 341 11.54 -11.01 7.99
C LEU D 341 10.92 -12.40 7.88
N GLN D 342 9.63 -12.50 8.18
CA GLN D 342 8.94 -13.79 8.04
C GLN D 342 8.86 -14.22 6.59
N LEU D 343 8.78 -13.27 5.66
CA LEU D 343 8.76 -13.62 4.23
C LEU D 343 10.07 -14.27 3.82
N ILE D 344 11.19 -13.79 4.36
CA ILE D 344 12.50 -14.35 4.01
C ILE D 344 12.67 -15.73 4.59
N VAL D 345 12.33 -15.89 5.89
CA VAL D 345 12.46 -17.19 6.54
C VAL D 345 11.60 -18.23 5.84
N ASP D 346 10.36 -17.86 5.51
CA ASP D 346 9.47 -18.79 4.81
C ASP D 346 10.00 -19.14 3.43
N ALA D 347 10.56 -18.16 2.73
CA ALA D 347 11.12 -18.43 1.40
C ALA D 347 12.34 -19.33 1.49
N TYR D 348 13.21 -19.10 2.48
CA TYR D 348 14.37 -19.96 2.66
C TYR D 348 13.95 -21.41 2.88
N GLY D 349 12.94 -21.63 3.71
CA GLY D 349 12.45 -22.99 3.93
C GLY D 349 11.81 -23.57 2.68
N LYS D 350 11.08 -22.74 1.93
CA LYS D 350 10.49 -23.21 0.68
C LYS D 350 11.57 -23.55 -0.35
N ILE D 351 12.68 -22.82 -0.34
CA ILE D 351 13.78 -23.10 -1.27
C ILE D 351 14.43 -24.43 -0.95
N ARG D 352 14.64 -24.72 0.33
CA ARG D 352 15.28 -25.96 0.77
C ARG D 352 14.27 -27.06 1.07
N SER D 353 13.05 -26.95 0.54
CA SER D 353 12.05 -28.00 0.67
C SER D 353 11.97 -28.88 -0.57
N LYS D 354 12.85 -28.67 -1.54
CA LYS D 354 12.79 -29.37 -2.82
C LYS D 354 14.15 -29.97 -3.15
N VAL D 355 14.12 -31.15 -3.76
CA VAL D 355 15.29 -31.82 -4.31
C VAL D 355 14.91 -32.26 -5.72
N GLU D 356 15.52 -31.64 -6.72
CA GLU D 356 15.22 -31.92 -8.12
C GLU D 356 16.52 -32.33 -8.82
N LEU D 357 16.56 -33.57 -9.30
CA LEU D 357 17.76 -34.07 -9.97
C LEU D 357 17.81 -33.59 -11.41
N GLU D 358 18.99 -33.14 -11.82
CA GLU D 358 19.28 -32.84 -13.21
C GLU D 358 20.48 -33.67 -13.66
N VAL D 359 20.45 -34.08 -14.93
CA VAL D 359 21.48 -34.92 -15.51
C VAL D 359 22.26 -34.09 -16.53
N ARG D 360 23.58 -34.21 -16.47
CA ARG D 360 24.47 -33.45 -17.36
C ARG D 360 25.40 -34.41 -18.09
N ASP D 361 25.64 -34.12 -19.37
CA ASP D 361 26.58 -34.87 -20.21
C ASP D 361 26.13 -36.31 -20.42
N LEU D 362 24.83 -36.56 -20.42
CA LEU D 362 24.33 -37.90 -20.70
C LEU D 362 24.57 -38.24 -22.16
N PRO D 363 25.29 -39.31 -22.47
CA PRO D 363 25.56 -39.64 -23.87
C PRO D 363 24.29 -39.93 -24.65
N GLU D 364 24.41 -39.83 -25.98
CA GLU D 364 23.25 -39.94 -26.87
C GLU D 364 22.54 -41.27 -26.72
N GLU D 365 23.31 -42.35 -26.49
CA GLU D 365 22.78 -43.70 -26.50
C GLU D 365 22.27 -44.17 -25.15
N LEU D 366 22.50 -43.40 -24.08
CA LEU D 366 21.98 -43.76 -22.77
C LEU D 366 20.64 -43.08 -22.53
N SER D 367 19.80 -43.75 -21.76
CA SER D 367 18.52 -43.20 -21.31
C SER D 367 18.31 -43.62 -19.87
N LEU D 368 17.76 -42.71 -19.07
CA LEU D 368 17.58 -42.93 -17.64
C LEU D 368 16.11 -42.93 -17.27
N SER D 369 15.79 -43.63 -16.19
CA SER D 369 14.48 -43.64 -15.57
C SER D 369 14.66 -43.57 -14.07
N PHE D 370 13.77 -42.86 -13.39
CA PHE D 370 13.94 -42.56 -11.97
C PHE D 370 12.71 -42.96 -11.18
N ASN D 371 12.93 -43.52 -9.99
CA ASN D 371 11.89 -43.72 -8.99
C ASN D 371 12.31 -43.01 -7.71
N ALA D 372 11.46 -42.10 -7.24
CA ALA D 372 11.78 -41.31 -6.07
C ALA D 372 11.23 -41.96 -4.79
N THR D 373 11.92 -41.69 -3.69
CA THR D 373 11.49 -42.10 -2.35
C THR D 373 11.53 -40.84 -1.49
N CYS D 374 10.43 -40.07 -1.52
CA CYS D 374 10.40 -38.79 -0.83
C CYS D 374 9.92 -38.96 0.60
N LEU D 375 8.80 -38.30 0.93
CA LEU D 375 8.26 -38.35 2.29
C LEU D 375 8.03 -39.79 2.73
N ASN D 376 8.49 -40.11 3.93
CA ASN D 376 8.43 -41.46 4.49
C ASN D 376 9.17 -42.39 3.51
N ASN D 377 8.60 -43.53 3.13
CA ASN D 377 9.20 -44.43 2.15
C ASN D 377 8.28 -44.64 0.96
N GLU D 378 7.47 -43.64 0.64
CA GLU D 378 6.52 -43.75 -0.47
C GLU D 378 7.29 -43.65 -1.79
N VAL D 379 7.41 -44.77 -2.49
CA VAL D 379 8.08 -44.78 -3.78
C VAL D 379 7.14 -44.21 -4.84
N ILE D 380 7.63 -43.24 -5.59
CA ILE D 380 6.85 -42.57 -6.63
C ILE D 380 7.54 -42.84 -7.97
N PRO D 381 6.98 -43.73 -8.79
CA PRO D 381 7.65 -44.09 -10.04
C PRO D 381 7.61 -42.95 -11.06
N GLY D 382 8.65 -42.89 -11.89
CA GLY D 382 8.74 -41.89 -12.92
C GLY D 382 8.95 -40.48 -12.43
N LEU D 383 9.54 -40.30 -11.25
CA LEU D 383 9.71 -39.00 -10.65
C LEU D 383 11.16 -38.83 -10.19
N LYS D 384 11.80 -37.76 -10.66
CA LYS D 384 13.19 -37.46 -10.31
C LYS D 384 13.30 -36.23 -9.41
N SER D 385 12.22 -35.85 -8.74
CA SER D 385 12.24 -34.70 -7.84
C SER D 385 11.35 -34.99 -6.64
N CYS D 386 11.76 -34.44 -5.50
CA CYS D 386 10.97 -34.54 -4.27
C CYS D 386 10.51 -33.16 -3.85
N MET D 387 9.48 -33.14 -3.00
CA MET D 387 8.73 -31.92 -2.74
C MET D 387 8.14 -31.96 -1.35
N GLY D 388 8.18 -30.82 -0.66
CA GLY D 388 7.63 -30.74 0.68
C GLY D 388 8.55 -31.26 1.77
N LEU D 389 9.86 -31.13 1.60
CA LEU D 389 10.82 -31.63 2.55
C LEU D 389 11.11 -30.59 3.63
N LYS D 390 11.66 -31.06 4.74
CA LYS D 390 12.18 -30.21 5.79
C LYS D 390 13.69 -30.27 5.80
N ILE D 391 14.32 -29.23 6.33
CA ILE D 391 15.77 -29.25 6.48
C ILE D 391 16.17 -30.42 7.36
N GLY D 392 17.15 -31.19 6.90
CA GLY D 392 17.58 -32.39 7.57
C GLY D 392 17.05 -33.67 6.98
N ASP D 393 15.97 -33.60 6.20
CA ASP D 393 15.40 -34.78 5.58
C ASP D 393 16.34 -35.36 4.53
N THR D 394 16.20 -36.66 4.29
CA THR D 394 16.96 -37.34 3.26
C THR D 394 15.99 -38.05 2.32
N VAL D 395 16.21 -37.90 1.02
CA VAL D 395 15.46 -38.61 0.01
C VAL D 395 16.43 -39.46 -0.80
N SER D 396 15.88 -40.35 -1.62
CA SER D 396 16.69 -41.24 -2.42
C SER D 396 15.97 -41.52 -3.74
N PHE D 397 16.76 -41.90 -4.74
CA PHE D 397 16.24 -42.18 -6.06
C PHE D 397 16.84 -43.47 -6.58
N SER D 398 16.01 -44.34 -7.13
CA SER D 398 16.46 -45.51 -7.85
C SER D 398 16.54 -45.16 -9.33
N ILE D 399 17.71 -45.39 -9.93
CA ILE D 399 18.01 -44.95 -11.28
C ILE D 399 18.38 -46.17 -12.11
N GLU D 400 17.82 -46.26 -13.32
CA GLU D 400 18.12 -47.33 -14.25
C GLU D 400 18.68 -46.74 -15.53
N ALA D 401 19.88 -47.19 -15.92
CA ALA D 401 20.52 -46.74 -17.16
C ALA D 401 20.37 -47.83 -18.21
N LYS D 402 19.92 -47.43 -19.40
CA LYS D 402 19.67 -48.35 -20.50
C LYS D 402 20.38 -47.84 -21.74
N VAL D 403 21.36 -48.61 -22.22
CA VAL D 403 22.09 -48.25 -23.44
C VAL D 403 21.42 -48.90 -24.63
N ARG D 404 21.42 -48.20 -25.76
CA ARG D 404 20.87 -48.70 -27.01
C ARG D 404 22.03 -48.98 -27.95
N GLY D 405 22.28 -50.27 -28.21
CA GLY D 405 23.38 -50.66 -29.07
C GLY D 405 24.72 -50.55 -28.36
N CYS D 406 25.74 -50.22 -29.15
CA CYS D 406 27.09 -50.05 -28.63
C CYS D 406 27.71 -48.77 -29.19
N PRO D 407 27.95 -47.77 -28.35
CA PRO D 407 28.55 -46.52 -28.85
C PRO D 407 29.99 -46.72 -29.31
N GLN D 408 30.45 -45.76 -30.09
CA GLN D 408 31.83 -45.80 -30.60
C GLN D 408 32.83 -45.66 -29.47
N GLU D 409 32.61 -44.68 -28.58
CA GLU D 409 33.47 -44.52 -27.41
C GLU D 409 33.05 -45.52 -26.34
N LYS D 410 34.01 -46.30 -25.85
CA LYS D 410 33.71 -47.31 -24.86
C LYS D 410 33.68 -46.77 -23.44
N GLU D 411 34.19 -45.56 -23.20
CA GLU D 411 34.22 -44.97 -21.87
C GLU D 411 33.71 -43.54 -21.92
N LYS D 412 32.58 -43.29 -21.28
CA LYS D 412 32.04 -41.96 -21.08
C LYS D 412 31.62 -41.83 -19.62
N SER D 413 31.45 -40.59 -19.17
CA SER D 413 30.96 -40.35 -17.82
C SER D 413 30.06 -39.12 -17.82
N PHE D 414 28.95 -39.23 -17.10
CA PHE D 414 27.98 -38.15 -16.95
C PHE D 414 27.81 -37.83 -15.46
N THR D 415 27.02 -36.80 -15.17
CA THR D 415 26.86 -36.27 -13.83
C THR D 415 25.39 -36.20 -13.48
N ILE D 416 25.07 -36.62 -12.25
CA ILE D 416 23.74 -36.46 -11.68
C ILE D 416 23.87 -35.52 -10.49
N LYS D 417 23.31 -34.32 -10.62
CA LYS D 417 23.43 -33.31 -9.58
C LYS D 417 22.06 -32.76 -9.22
N PRO D 418 21.76 -32.60 -7.93
CA PRO D 418 20.53 -31.91 -7.54
C PRO D 418 20.63 -30.43 -7.88
N VAL D 419 19.51 -29.88 -8.37
CA VAL D 419 19.48 -28.47 -8.75
C VAL D 419 19.85 -27.61 -7.55
N GLY D 420 20.82 -26.72 -7.74
CA GLY D 420 21.27 -25.83 -6.68
C GLY D 420 22.32 -26.39 -5.76
N PHE D 421 22.57 -27.70 -5.79
CA PHE D 421 23.54 -28.32 -4.90
C PHE D 421 24.94 -28.21 -5.47
N LYS D 422 25.93 -28.27 -4.57
CA LYS D 422 27.33 -28.34 -4.99
C LYS D 422 27.72 -29.77 -5.34
N ASP D 423 27.49 -30.70 -4.43
CA ASP D 423 27.91 -32.08 -4.63
C ASP D 423 27.08 -32.75 -5.72
N SER D 424 27.68 -33.76 -6.35
CA SER D 424 27.04 -34.47 -7.44
C SER D 424 27.50 -35.91 -7.42
N LEU D 425 26.79 -36.75 -8.19
CA LEU D 425 27.19 -38.12 -8.44
C LEU D 425 27.76 -38.21 -9.85
N ILE D 426 29.02 -38.62 -9.96
CA ILE D 426 29.67 -38.84 -11.23
C ILE D 426 29.56 -40.32 -11.57
N VAL D 427 28.94 -40.61 -12.71
CA VAL D 427 28.76 -41.98 -13.17
C VAL D 427 29.73 -42.23 -14.31
N GLN D 428 30.76 -43.04 -14.06
CA GLN D 428 31.71 -43.44 -15.09
C GLN D 428 31.18 -44.69 -15.77
N VAL D 429 30.86 -44.58 -17.06
CA VAL D 429 30.27 -45.68 -17.82
C VAL D 429 31.36 -46.37 -18.64
N THR D 430 31.30 -47.70 -18.67
CA THR D 430 32.13 -48.50 -19.56
C THR D 430 31.22 -49.43 -20.35
N PHE D 431 31.29 -49.35 -21.67
CA PHE D 431 30.43 -50.16 -22.53
C PHE D 431 31.18 -51.44 -22.90
N ASP D 432 30.67 -52.57 -22.42
CA ASP D 432 31.33 -53.86 -22.62
C ASP D 432 30.77 -54.51 -23.89
N CYS D 433 31.35 -54.09 -25.02
CA CYS D 433 30.95 -54.63 -26.32
C CYS D 433 31.90 -55.69 -26.86
N ASP D 434 33.13 -55.73 -26.36
CA ASP D 434 34.15 -56.62 -26.90
C ASP D 434 34.34 -57.85 -26.03
N CYS D 435 34.98 -58.85 -26.61
CA CYS D 435 35.33 -60.08 -25.91
C CYS D 435 36.81 -60.03 -25.52
N ALA D 436 37.12 -60.51 -24.33
CA ALA D 436 38.50 -60.48 -23.86
C ALA D 436 39.43 -61.23 -24.81
N CYS D 437 38.95 -62.31 -25.44
CA CYS D 437 39.77 -63.09 -26.35
C CYS D 437 40.20 -62.30 -27.59
N GLN D 438 39.61 -61.13 -27.83
CA GLN D 438 40.02 -60.33 -28.98
C GLN D 438 41.43 -59.80 -28.83
N ALA D 439 41.90 -59.61 -27.59
CA ALA D 439 43.27 -59.15 -27.37
C ALA D 439 44.29 -60.19 -27.85
N GLN D 440 43.94 -61.47 -27.76
CA GLN D 440 44.81 -62.54 -28.23
C GLN D 440 44.58 -62.88 -29.71
N ALA D 441 43.87 -62.02 -30.43
CA ALA D 441 43.63 -62.27 -31.85
C ALA D 441 44.95 -62.41 -32.60
N GLU D 442 44.95 -63.30 -33.59
CA GLU D 442 46.15 -63.56 -34.39
C GLU D 442 45.95 -63.03 -35.79
N PRO D 443 46.52 -61.87 -36.13
CA PRO D 443 46.39 -61.37 -37.51
C PRO D 443 47.23 -62.20 -38.47
N ASN D 444 46.75 -62.27 -39.72
CA ASN D 444 47.42 -63.02 -40.78
C ASN D 444 47.74 -64.43 -40.32
N SER D 445 46.71 -65.12 -39.84
CA SER D 445 46.88 -66.42 -39.21
C SER D 445 46.95 -67.52 -40.25
N HIS D 446 47.85 -68.48 -40.03
N HIS D 446 47.85 -68.49 -40.02
CA HIS D 446 47.95 -69.62 -40.92
CA HIS D 446 47.96 -69.64 -40.90
C HIS D 446 46.68 -70.46 -40.92
C HIS D 446 46.67 -70.45 -40.92
N ARG D 447 45.89 -70.40 -39.84
CA ARG D 447 44.66 -71.16 -39.73
C ARG D 447 43.49 -70.56 -40.50
N CYS D 448 43.67 -69.39 -41.12
CA CYS D 448 42.59 -68.70 -41.83
C CYS D 448 43.07 -68.36 -43.24
N ASN D 449 42.67 -69.18 -44.22
CA ASN D 449 43.00 -68.97 -45.63
C ASN D 449 44.51 -68.84 -45.85
N ASN D 450 45.27 -69.64 -45.09
CA ASN D 450 46.73 -69.71 -45.19
C ASN D 450 47.40 -68.41 -44.72
N GLY D 451 46.63 -67.39 -44.42
CA GLY D 451 47.19 -66.15 -43.92
C GLY D 451 46.40 -64.90 -44.27
N ASN D 452 45.28 -65.06 -44.95
CA ASN D 452 44.50 -63.93 -45.42
C ASN D 452 43.57 -63.35 -44.36
N GLY D 453 43.26 -64.12 -43.31
CA GLY D 453 42.30 -63.71 -42.31
C GLY D 453 42.89 -63.61 -40.91
N THR D 454 42.03 -63.20 -39.99
CA THR D 454 42.38 -63.05 -38.58
C THR D 454 41.70 -64.14 -37.76
N PHE D 455 42.46 -64.76 -36.86
CA PHE D 455 41.94 -65.80 -35.97
C PHE D 455 41.71 -65.17 -34.60
N GLU D 456 40.45 -64.97 -34.25
CA GLU D 456 40.10 -64.41 -32.94
C GLU D 456 38.94 -65.20 -32.35
N CYS D 457 39.06 -65.55 -31.08
CA CYS D 457 37.99 -66.18 -30.31
C CYS D 457 37.48 -67.46 -30.98
N GLY D 458 38.39 -68.22 -31.59
CA GLY D 458 38.10 -69.54 -32.09
C GLY D 458 37.55 -69.62 -33.49
N VAL D 459 37.42 -68.50 -34.20
CA VAL D 459 36.89 -68.49 -35.57
C VAL D 459 37.78 -67.60 -36.43
N CYS D 460 37.48 -67.58 -37.73
CA CYS D 460 38.23 -66.81 -38.71
C CYS D 460 37.39 -65.63 -39.17
N ARG D 461 37.98 -64.43 -39.09
CA ARG D 461 37.36 -63.21 -39.57
C ARG D 461 38.13 -62.70 -40.78
N CYS D 462 37.41 -62.16 -41.76
CA CYS D 462 38.08 -61.52 -42.89
C CYS D 462 38.83 -60.29 -42.40
N GLY D 463 40.10 -60.17 -42.81
CA GLY D 463 40.97 -59.16 -42.28
C GLY D 463 40.64 -57.78 -42.82
N PRO D 464 41.41 -56.79 -42.39
CA PRO D 464 41.20 -55.42 -42.88
C PRO D 464 41.61 -55.27 -44.33
N GLY D 465 40.78 -54.58 -45.10
CA GLY D 465 41.01 -54.40 -46.52
C GLY D 465 40.26 -55.37 -47.41
N TRP D 466 39.56 -56.34 -46.84
CA TRP D 466 38.80 -57.33 -47.60
C TRP D 466 37.31 -57.01 -47.54
N LEU D 467 36.63 -57.31 -48.65
CA LEU D 467 35.19 -57.09 -48.75
C LEU D 467 34.47 -58.44 -48.76
N GLY D 468 33.32 -58.48 -48.11
CA GLY D 468 32.53 -59.70 -48.02
C GLY D 468 32.74 -60.40 -46.70
N SER D 469 31.68 -61.06 -46.21
CA SER D 469 31.78 -61.80 -44.96
C SER D 469 32.63 -63.06 -45.12
N GLN D 470 32.60 -63.67 -46.31
CA GLN D 470 33.45 -64.81 -46.63
C GLN D 470 34.50 -64.46 -47.67
N CYS D 471 34.65 -63.17 -48.00
CA CYS D 471 35.70 -62.69 -48.88
C CYS D 471 35.61 -63.34 -50.27
N GLU E 1 -16.24 25.08 -43.46
CA GLU E 1 -15.64 26.41 -43.44
C GLU E 1 -15.77 27.03 -42.06
N VAL E 2 -14.66 27.60 -41.57
CA VAL E 2 -14.64 28.21 -40.25
C VAL E 2 -15.45 29.51 -40.29
N GLN E 3 -16.39 29.64 -39.34
CA GLN E 3 -17.20 30.85 -39.24
C GLN E 3 -17.73 30.95 -37.82
N LEU E 4 -17.63 32.13 -37.23
CA LEU E 4 -18.09 32.40 -35.87
C LEU E 4 -19.41 33.15 -35.93
N GLN E 5 -20.46 32.54 -35.38
CA GLN E 5 -21.80 33.11 -35.40
C GLN E 5 -22.17 33.57 -33.99
N GLN E 6 -22.26 34.88 -33.81
CA GLN E 6 -22.58 35.48 -32.53
C GLN E 6 -24.08 35.79 -32.43
N SER E 7 -24.50 36.12 -31.21
CA SER E 7 -25.89 36.45 -30.96
C SER E 7 -26.24 37.83 -31.50
N GLY E 8 -27.54 38.14 -31.50
CA GLY E 8 -28.00 39.42 -31.99
C GLY E 8 -27.71 40.57 -31.04
N ALA E 9 -28.01 41.77 -31.51
CA ALA E 9 -27.81 42.97 -30.70
C ALA E 9 -28.62 42.90 -29.41
N GLU E 10 -28.06 43.46 -28.36
CA GLU E 10 -28.68 43.46 -27.03
C GLU E 10 -28.88 44.89 -26.55
N LEU E 11 -30.01 45.13 -25.89
CA LEU E 11 -30.35 46.44 -25.34
C LEU E 11 -30.82 46.24 -23.91
N VAL E 12 -30.04 46.73 -22.95
CA VAL E 12 -30.27 46.48 -21.53
C VAL E 12 -30.12 47.79 -20.77
N LYS E 13 -30.54 47.76 -19.51
CA LYS E 13 -30.55 48.94 -18.66
C LYS E 13 -29.36 48.93 -17.71
N PRO E 14 -28.94 50.09 -17.22
CA PRO E 14 -27.77 50.15 -16.33
C PRO E 14 -27.99 49.33 -15.07
N GLY E 15 -26.96 48.57 -14.70
CA GLY E 15 -27.03 47.69 -13.55
C GLY E 15 -27.43 46.26 -13.87
N ALA E 16 -28.03 46.02 -15.03
CA ALA E 16 -28.46 44.69 -15.41
C ALA E 16 -27.25 43.86 -15.85
N SER E 17 -27.51 42.70 -16.45
CA SER E 17 -26.45 41.83 -16.92
C SER E 17 -26.92 41.10 -18.17
N VAL E 18 -26.02 40.96 -19.14
CA VAL E 18 -26.33 40.30 -20.40
C VAL E 18 -25.26 39.25 -20.69
N LYS E 19 -25.68 38.18 -21.35
CA LYS E 19 -24.80 37.05 -21.67
C LYS E 19 -24.78 36.88 -23.18
N LEU E 20 -23.64 37.19 -23.80
CA LEU E 20 -23.48 37.09 -25.24
C LEU E 20 -23.01 35.69 -25.64
N SER E 21 -23.31 35.33 -26.88
CA SER E 21 -23.05 34.00 -27.40
C SER E 21 -22.14 34.06 -28.62
N CYS E 22 -21.34 33.01 -28.80
CA CYS E 22 -20.44 32.85 -29.95
C CYS E 22 -20.43 31.37 -30.32
N THR E 23 -21.30 31.00 -31.25
CA THR E 23 -21.45 29.60 -31.66
C THR E 23 -20.51 29.28 -32.81
N ALA E 24 -19.84 28.14 -32.72
CA ALA E 24 -18.85 27.73 -33.70
C ALA E 24 -19.51 26.95 -34.82
N SER E 25 -19.17 27.29 -36.06
CA SER E 25 -19.74 26.65 -37.25
C SER E 25 -18.62 26.16 -38.14
N GLY E 26 -18.69 24.90 -38.54
CA GLY E 26 -17.69 24.31 -39.41
C GLY E 26 -16.48 23.73 -38.70
N PHE E 27 -16.53 23.61 -37.38
CA PHE E 27 -15.43 23.08 -36.58
C PHE E 27 -15.93 22.90 -35.15
N ASN E 28 -15.15 22.18 -34.35
CA ASN E 28 -15.44 22.02 -32.95
C ASN E 28 -14.81 23.17 -32.17
N ILE E 29 -15.62 23.85 -31.35
CA ILE E 29 -15.10 24.99 -30.59
C ILE E 29 -13.99 24.58 -29.63
N LYS E 30 -13.91 23.29 -29.31
CA LYS E 30 -12.87 22.76 -28.43
C LYS E 30 -11.48 22.92 -29.04
N ASP E 31 -11.38 23.19 -30.33
CA ASP E 31 -10.11 23.09 -31.04
C ASP E 31 -9.08 24.12 -30.56
N THR E 32 -9.50 25.38 -30.39
CA THR E 32 -8.56 26.46 -30.16
C THR E 32 -8.99 27.31 -28.97
N TYR E 33 -8.10 28.24 -28.60
CA TYR E 33 -8.47 29.34 -27.73
C TYR E 33 -9.60 30.15 -28.37
N VAL E 34 -10.41 30.79 -27.53
CA VAL E 34 -11.47 31.70 -27.99
C VAL E 34 -11.38 32.96 -27.16
N HIS E 35 -11.21 34.10 -27.84
CA HIS E 35 -11.05 35.39 -27.18
C HIS E 35 -12.31 36.22 -27.35
N TRP E 36 -12.38 37.31 -26.57
CA TRP E 36 -13.44 38.30 -26.67
C TRP E 36 -12.80 39.68 -26.73
N VAL E 37 -13.23 40.48 -27.70
CA VAL E 37 -12.63 41.80 -27.95
C VAL E 37 -13.74 42.85 -27.95
N LYS E 38 -13.52 43.92 -27.19
CA LYS E 38 -14.45 45.03 -27.07
C LYS E 38 -13.98 46.17 -27.97
N GLN E 39 -14.90 46.72 -28.77
CA GLN E 39 -14.60 47.82 -29.67
C GLN E 39 -15.53 48.98 -29.39
N ARG E 40 -14.95 50.17 -29.23
CA ARG E 40 -15.67 51.42 -29.07
C ARG E 40 -15.15 52.42 -30.09
N PRO E 41 -15.97 53.40 -30.48
CA PRO E 41 -15.51 54.38 -31.48
C PRO E 41 -14.30 55.18 -31.03
N GLU E 42 -14.36 55.75 -29.81
CA GLU E 42 -13.25 56.59 -29.33
C GLU E 42 -12.10 55.75 -28.79
N GLN E 43 -12.38 54.90 -27.79
CA GLN E 43 -11.32 54.18 -27.11
C GLN E 43 -10.67 53.13 -28.02
N GLY E 44 -11.45 52.50 -28.90
CA GLY E 44 -10.90 51.52 -29.82
C GLY E 44 -11.03 50.09 -29.37
N LEU E 45 -10.09 49.24 -29.78
CA LEU E 45 -10.14 47.81 -29.51
C LEU E 45 -9.50 47.49 -28.18
N GLU E 46 -10.22 46.75 -27.33
CA GLU E 46 -9.72 46.30 -26.05
C GLU E 46 -9.90 44.79 -25.94
N TRP E 47 -8.82 44.10 -25.60
CA TRP E 47 -8.88 42.66 -25.37
C TRP E 47 -9.43 42.38 -23.98
N ILE E 48 -10.46 41.54 -23.91
CA ILE E 48 -11.14 41.25 -22.65
C ILE E 48 -10.51 40.03 -22.01
N GLY E 49 -10.49 38.91 -22.73
CA GLY E 49 -9.92 37.70 -22.20
C GLY E 49 -10.08 36.56 -23.18
N ARG E 50 -9.68 35.37 -22.72
CA ARG E 50 -9.76 34.17 -23.54
C ARG E 50 -10.19 33.00 -22.68
N ILE E 51 -10.63 31.93 -23.35
CA ILE E 51 -10.99 30.68 -22.69
C ILE E 51 -10.51 29.53 -23.56
N ASP E 52 -10.14 28.43 -22.90
CA ASP E 52 -9.89 27.17 -23.58
C ASP E 52 -11.11 26.29 -23.40
N PRO E 53 -12.00 26.17 -24.39
CA PRO E 53 -13.21 25.35 -24.21
C PRO E 53 -12.92 23.89 -23.92
N ALA E 54 -11.69 23.43 -24.14
CA ALA E 54 -11.35 22.04 -23.87
C ALA E 54 -11.29 21.73 -22.38
N ASN E 55 -11.18 22.74 -21.53
CA ASN E 55 -11.07 22.49 -20.10
C ASN E 55 -11.69 23.62 -19.28
N GLY E 56 -12.02 24.73 -19.92
CA GLY E 56 -12.68 25.84 -19.27
C GLY E 56 -11.78 26.85 -18.61
N TYR E 57 -10.46 26.69 -18.70
CA TYR E 57 -9.55 27.65 -18.08
C TYR E 57 -9.57 28.97 -18.83
N THR E 58 -9.49 30.07 -18.08
CA THR E 58 -9.65 31.41 -18.63
C THR E 58 -8.49 32.32 -18.26
N LYS E 59 -8.38 33.42 -18.99
CA LYS E 59 -7.45 34.50 -18.72
C LYS E 59 -8.19 35.82 -18.96
N TYR E 60 -7.84 36.85 -18.19
CA TYR E 60 -8.54 38.12 -18.29
C TYR E 60 -7.55 39.29 -18.21
N ASP E 61 -7.91 40.36 -18.89
CA ASP E 61 -7.30 41.66 -18.65
C ASP E 61 -7.81 42.17 -17.31
N PRO E 62 -6.93 42.53 -16.36
CA PRO E 62 -7.40 42.95 -15.04
C PRO E 62 -8.39 44.11 -15.06
N LYS E 63 -8.46 44.83 -16.19
CA LYS E 63 -9.43 45.91 -16.31
C LYS E 63 -10.85 45.38 -16.26
N PHE E 64 -11.10 44.20 -16.82
CA PHE E 64 -12.42 43.62 -16.90
C PHE E 64 -12.69 42.61 -15.78
N GLN E 65 -11.88 42.60 -14.73
CA GLN E 65 -12.09 41.68 -13.63
C GLN E 65 -13.39 42.02 -12.91
N GLY E 66 -14.21 41.00 -12.67
CA GLY E 66 -15.52 41.16 -12.06
C GLY E 66 -16.62 41.47 -13.06
N LYS E 67 -16.33 42.33 -14.04
CA LYS E 67 -17.34 42.68 -15.02
C LYS E 67 -17.53 41.58 -16.07
N ALA E 68 -16.43 41.14 -16.69
CA ALA E 68 -16.51 40.14 -17.74
C ALA E 68 -16.29 38.75 -17.18
N THR E 69 -17.10 37.80 -17.64
CA THR E 69 -17.01 36.40 -17.23
C THR E 69 -17.23 35.55 -18.47
N ILE E 70 -16.20 34.81 -18.88
CA ILE E 70 -16.25 34.00 -20.09
C ILE E 70 -16.45 32.54 -19.69
N THR E 71 -17.41 31.88 -20.33
CA THR E 71 -17.67 30.46 -20.16
C THR E 71 -17.83 29.80 -21.52
N ALA E 72 -17.90 28.48 -21.52
CA ALA E 72 -18.06 27.71 -22.75
C ALA E 72 -18.84 26.45 -22.47
N ASP E 73 -19.48 25.93 -23.52
CA ASP E 73 -20.27 24.70 -23.45
C ASP E 73 -19.97 23.90 -24.71
N THR E 74 -19.18 22.83 -24.57
CA THR E 74 -18.82 22.03 -25.73
C THR E 74 -20.03 21.33 -26.32
N SER E 75 -21.04 21.02 -25.51
CA SER E 75 -22.24 20.36 -26.02
C SER E 75 -22.96 21.25 -27.03
N SER E 76 -23.20 22.51 -26.67
CA SER E 76 -23.81 23.47 -27.57
C SER E 76 -22.81 24.14 -28.50
N ASN E 77 -21.53 23.80 -28.39
CA ASN E 77 -20.48 24.29 -29.28
C ASN E 77 -20.48 25.82 -29.33
N THR E 78 -20.53 26.43 -28.14
CA THR E 78 -20.71 27.87 -28.02
C THR E 78 -19.86 28.39 -26.88
N ALA E 79 -19.24 29.56 -27.10
CA ALA E 79 -18.55 30.30 -26.06
C ALA E 79 -19.40 31.51 -25.67
N TYR E 80 -19.38 31.85 -24.38
CA TYR E 80 -20.23 32.91 -23.86
C TYR E 80 -19.38 33.98 -23.18
N LEU E 81 -19.93 35.20 -23.15
CA LEU E 81 -19.33 36.33 -22.45
C LEU E 81 -20.43 37.00 -21.65
N GLN E 82 -20.38 36.84 -20.32
CA GLN E 82 -21.37 37.42 -19.43
C GLN E 82 -20.84 38.73 -18.86
N LEU E 83 -21.58 39.81 -19.06
CA LEU E 83 -21.22 41.13 -18.57
C LEU E 83 -22.20 41.54 -17.49
N SER E 84 -21.69 41.87 -16.30
CA SER E 84 -22.50 42.20 -15.15
C SER E 84 -22.25 43.64 -14.71
N SER E 85 -23.25 44.21 -14.05
CA SER E 85 -23.19 45.59 -13.54
C SER E 85 -22.81 46.56 -14.66
N LEU E 86 -23.74 46.67 -15.61
CA LEU E 86 -23.46 47.40 -16.84
C LEU E 86 -23.56 48.91 -16.64
N THR E 87 -22.69 49.63 -17.34
CA THR E 87 -22.69 51.09 -17.36
C THR E 87 -22.75 51.57 -18.80
N SER E 88 -22.80 52.89 -18.98
CA SER E 88 -22.70 53.44 -20.33
C SER E 88 -21.35 53.16 -20.96
N GLU E 89 -20.30 53.04 -20.14
CA GLU E 89 -18.98 52.70 -20.65
C GLU E 89 -18.92 51.29 -21.20
N ASP E 90 -19.85 50.42 -20.81
CA ASP E 90 -19.92 49.07 -21.38
C ASP E 90 -20.60 49.03 -22.73
N THR E 91 -21.17 50.15 -23.19
CA THR E 91 -21.78 50.21 -24.51
C THR E 91 -20.70 50.08 -25.57
N ALA E 92 -20.69 48.96 -26.29
CA ALA E 92 -19.64 48.68 -27.25
C ALA E 92 -20.07 47.53 -28.15
N VAL E 93 -19.26 47.28 -29.18
CA VAL E 93 -19.40 46.10 -30.03
C VAL E 93 -18.42 45.06 -29.53
N TYR E 94 -18.89 43.83 -29.36
CA TYR E 94 -18.08 42.75 -28.79
C TYR E 94 -17.91 41.65 -29.82
N TYR E 95 -16.66 41.27 -30.06
CA TYR E 95 -16.31 40.24 -31.03
C TYR E 95 -15.70 39.03 -30.33
N CYS E 96 -15.97 37.85 -30.87
CA CYS E 96 -15.26 36.65 -30.46
C CYS E 96 -14.25 36.28 -31.54
N VAL E 97 -13.06 35.86 -31.09
CA VAL E 97 -11.91 35.65 -31.97
C VAL E 97 -11.33 34.27 -31.69
N ARG E 98 -10.69 33.69 -32.71
CA ARG E 98 -9.92 32.47 -32.57
C ARG E 98 -8.81 32.49 -33.59
N PRO E 99 -7.72 31.78 -33.34
CA PRO E 99 -6.60 31.77 -34.29
C PRO E 99 -6.84 30.82 -35.45
N LEU E 100 -6.02 30.98 -36.49
CA LEU E 100 -6.04 30.08 -37.65
C LEU E 100 -5.09 28.92 -37.42
N TYR E 101 -3.78 29.19 -37.39
CA TYR E 101 -2.77 28.19 -37.14
C TYR E 101 -2.03 28.47 -35.84
N ASP E 102 -1.35 29.62 -35.74
CA ASP E 102 -0.63 30.03 -34.54
C ASP E 102 -1.54 29.99 -33.32
N TYR E 103 -1.18 29.16 -32.34
CA TYR E 103 -1.97 28.99 -31.12
C TYR E 103 -2.38 30.33 -30.50
N TYR E 104 -1.57 31.36 -30.70
CA TYR E 104 -1.73 32.63 -29.99
C TYR E 104 -2.25 33.76 -30.87
N ALA E 105 -2.49 33.50 -32.16
CA ALA E 105 -2.84 34.56 -33.09
C ALA E 105 -4.31 34.96 -32.96
N MET E 106 -4.70 36.01 -33.71
CA MET E 106 -6.05 36.57 -33.69
C MET E 106 -6.49 36.77 -35.15
N ASP E 107 -7.01 35.71 -35.76
CA ASP E 107 -7.22 35.69 -37.20
C ASP E 107 -8.68 35.57 -37.63
N TYR E 108 -9.48 34.79 -36.91
CA TYR E 108 -10.89 34.58 -37.25
C TYR E 108 -11.78 35.31 -36.27
N TRP E 109 -12.74 36.08 -36.79
CA TRP E 109 -13.58 36.94 -35.97
C TRP E 109 -15.05 36.69 -36.29
N GLY E 110 -15.89 36.89 -35.28
CA GLY E 110 -17.32 36.89 -35.48
C GLY E 110 -17.80 38.19 -36.11
N GLN E 111 -19.09 38.22 -36.42
CA GLN E 111 -19.65 39.43 -37.02
C GLN E 111 -19.83 40.56 -36.00
N GLY E 112 -19.65 40.28 -34.72
CA GLY E 112 -19.80 41.30 -33.70
C GLY E 112 -21.20 41.35 -33.12
N THR E 113 -21.28 41.84 -31.88
CA THR E 113 -22.55 41.97 -31.17
C THR E 113 -22.60 43.34 -30.53
N SER E 114 -23.53 44.18 -30.98
CA SER E 114 -23.71 45.50 -30.41
C SER E 114 -24.43 45.39 -29.07
N VAL E 115 -23.92 46.08 -28.05
CA VAL E 115 -24.53 46.11 -26.74
C VAL E 115 -24.73 47.58 -26.37
N THR E 116 -25.98 48.01 -26.26
CA THR E 116 -26.33 49.37 -25.88
C THR E 116 -26.94 49.34 -24.49
N VAL E 117 -26.36 50.12 -23.58
CA VAL E 117 -26.84 50.25 -22.22
C VAL E 117 -27.47 51.62 -22.08
N SER E 118 -28.76 51.66 -21.74
CA SER E 118 -29.48 52.93 -21.63
C SER E 118 -30.69 52.73 -20.72
N SER E 119 -31.07 53.83 -20.06
CA SER E 119 -32.22 53.79 -19.16
C SER E 119 -33.54 54.01 -19.89
N ALA E 120 -33.53 54.77 -20.99
CA ALA E 120 -34.76 55.18 -21.64
C ALA E 120 -35.54 53.97 -22.15
N LYS E 121 -36.86 54.08 -22.10
CA LYS E 121 -37.75 53.04 -22.60
C LYS E 121 -38.01 53.28 -24.09
N THR E 122 -38.83 52.41 -24.69
CA THR E 122 -39.14 52.54 -26.11
C THR E 122 -39.84 53.86 -26.38
N THR E 123 -39.29 54.64 -27.29
CA THR E 123 -39.80 55.97 -27.60
C THR E 123 -39.92 56.13 -29.11
N ALA E 124 -41.03 56.71 -29.56
CA ALA E 124 -41.27 56.96 -30.97
C ALA E 124 -40.65 58.29 -31.38
N PRO E 125 -40.04 58.37 -32.56
CA PRO E 125 -39.32 59.59 -32.96
C PRO E 125 -40.25 60.71 -33.35
N SER E 126 -39.77 61.93 -33.18
CA SER E 126 -40.41 63.12 -33.71
C SER E 126 -39.81 63.47 -35.07
N VAL E 127 -40.63 64.07 -35.93
CA VAL E 127 -40.21 64.45 -37.27
C VAL E 127 -40.49 65.92 -37.46
N TYR E 128 -39.44 66.69 -37.79
CA TYR E 128 -39.56 68.14 -37.98
C TYR E 128 -39.00 68.51 -39.35
N PRO E 129 -39.83 69.01 -40.26
CA PRO E 129 -39.32 69.44 -41.57
C PRO E 129 -38.41 70.65 -41.44
N LEU E 130 -37.58 70.85 -42.46
CA LEU E 130 -36.61 71.94 -42.47
C LEU E 130 -36.56 72.53 -43.88
N ALA E 131 -37.07 73.75 -44.02
CA ALA E 131 -37.06 74.50 -45.26
C ALA E 131 -36.13 75.69 -45.17
N PRO E 132 -35.65 76.21 -46.30
CA PRO E 132 -34.74 77.36 -46.27
C PRO E 132 -35.40 78.59 -45.67
N VAL E 133 -34.58 79.61 -45.43
CA VAL E 133 -35.04 80.87 -44.85
C VAL E 133 -35.66 81.73 -45.94
N CYS E 134 -36.59 82.60 -45.54
CA CYS E 134 -37.21 83.57 -46.44
C CYS E 134 -36.16 84.37 -47.22
N SER E 137 -30.03 78.53 -58.04
CA SER E 137 -29.75 77.45 -58.99
C SER E 137 -29.88 76.09 -58.32
N SER E 138 -29.70 76.06 -57.00
CA SER E 138 -29.82 74.82 -56.24
C SER E 138 -30.29 75.14 -54.84
N VAL E 139 -31.06 74.22 -54.26
CA VAL E 139 -31.66 74.39 -52.94
C VAL E 139 -31.45 73.13 -52.13
N THR E 140 -31.29 73.29 -50.82
CA THR E 140 -31.08 72.19 -49.89
C THR E 140 -32.22 72.15 -48.88
N LEU E 141 -32.75 70.95 -48.63
CA LEU E 141 -33.81 70.72 -47.67
C LEU E 141 -33.27 69.90 -46.50
N GLY E 142 -34.15 69.59 -45.55
CA GLY E 142 -33.75 68.83 -44.39
C GLY E 142 -34.93 68.19 -43.71
N CYS E 143 -34.63 67.18 -42.88
CA CYS E 143 -35.66 66.44 -42.15
C CYS E 143 -35.06 65.98 -40.83
N LEU E 144 -35.38 66.72 -39.76
CA LEU E 144 -34.82 66.46 -38.43
C LEU E 144 -35.68 65.44 -37.68
N VAL E 145 -35.03 64.38 -37.21
CA VAL E 145 -35.69 63.33 -36.43
C VAL E 145 -35.03 63.30 -35.06
N LYS E 146 -35.83 63.52 -34.02
CA LYS E 146 -35.29 63.61 -32.67
C LYS E 146 -36.20 62.90 -31.68
N GLY E 147 -35.60 62.35 -30.62
CA GLY E 147 -36.34 61.78 -29.52
C GLY E 147 -36.90 60.40 -29.78
N TYR E 148 -36.02 59.40 -29.85
CA TYR E 148 -36.46 58.03 -30.06
C TYR E 148 -35.46 57.07 -29.44
N PHE E 149 -35.92 55.84 -29.21
CA PHE E 149 -35.12 54.77 -28.66
C PHE E 149 -35.85 53.47 -28.91
N PRO E 150 -35.16 52.41 -29.36
CA PRO E 150 -33.73 52.40 -29.67
C PRO E 150 -33.42 52.60 -31.15
N GLU E 151 -32.19 52.30 -31.53
CA GLU E 151 -31.81 52.27 -32.93
C GLU E 151 -32.41 51.03 -33.60
N PRO E 152 -32.58 51.05 -34.94
CA PRO E 152 -32.33 52.15 -35.86
C PRO E 152 -33.61 52.80 -36.39
N VAL E 153 -33.46 53.65 -37.40
CA VAL E 153 -34.60 54.24 -38.10
C VAL E 153 -34.28 54.26 -39.59
N THR E 154 -35.32 54.18 -40.41
CA THR E 154 -35.20 54.16 -41.87
C THR E 154 -35.77 55.47 -42.41
N LEU E 155 -34.89 56.36 -42.84
CA LEU E 155 -35.29 57.62 -43.45
C LEU E 155 -35.16 57.51 -44.97
N THR E 156 -36.23 57.87 -45.68
CA THR E 156 -36.23 57.92 -47.13
C THR E 156 -36.96 59.18 -47.57
N TRP E 157 -36.74 59.57 -48.82
CA TRP E 157 -37.37 60.75 -49.40
C TRP E 157 -38.33 60.30 -50.50
N ASN E 158 -39.62 60.62 -50.33
CA ASN E 158 -40.67 60.20 -51.25
C ASN E 158 -40.71 58.67 -51.39
N SER E 159 -40.72 57.99 -50.25
CA SER E 159 -40.77 56.53 -50.18
C SER E 159 -39.63 55.90 -50.96
N GLY E 160 -38.45 56.52 -50.89
CA GLY E 160 -37.30 56.01 -51.59
C GLY E 160 -37.25 56.36 -53.06
N SER E 161 -37.98 57.39 -53.49
CA SER E 161 -37.97 57.77 -54.90
C SER E 161 -36.64 58.37 -55.29
N LEU E 162 -36.21 59.42 -54.60
CA LEU E 162 -34.93 60.05 -54.84
C LEU E 162 -33.93 59.55 -53.80
N SER E 163 -32.78 59.06 -54.28
CA SER E 163 -31.69 58.67 -53.42
C SER E 163 -30.39 59.37 -53.75
N SER E 164 -30.28 59.98 -54.92
CA SER E 164 -29.08 60.73 -55.30
C SER E 164 -29.11 62.10 -54.63
N GLY E 165 -28.01 62.44 -53.96
CA GLY E 165 -27.94 63.69 -53.24
C GLY E 165 -28.57 63.66 -51.87
N VAL E 166 -28.49 62.53 -51.18
CA VAL E 166 -29.09 62.35 -49.86
C VAL E 166 -27.97 62.11 -48.85
N HIS E 167 -27.81 63.03 -47.91
CA HIS E 167 -26.79 62.93 -46.86
C HIS E 167 -27.50 62.66 -45.53
N THR E 168 -27.72 61.38 -45.24
CA THR E 168 -28.31 60.98 -43.97
C THR E 168 -27.20 60.81 -42.94
N PHE E 169 -27.21 61.65 -41.92
CA PHE E 169 -26.13 61.65 -40.95
C PHE E 169 -26.39 60.64 -39.84
N PRO E 170 -25.32 60.02 -39.32
CA PRO E 170 -25.49 59.02 -38.26
C PRO E 170 -26.15 59.62 -37.03
N ALA E 171 -26.99 58.81 -36.38
CA ALA E 171 -27.68 59.25 -35.17
C ALA E 171 -26.66 59.51 -34.06
N VAL E 172 -26.99 60.47 -33.20
CA VAL E 172 -26.14 60.85 -32.08
C VAL E 172 -26.95 60.68 -30.79
N LEU E 173 -26.27 60.26 -29.73
CA LEU E 173 -26.91 60.05 -28.44
C LEU E 173 -27.13 61.40 -27.74
N GLN E 174 -28.34 61.60 -27.22
CA GLN E 174 -28.71 62.83 -26.52
C GLN E 174 -29.51 62.43 -25.28
N SER E 175 -28.78 62.19 -24.18
CA SER E 175 -29.36 61.84 -22.88
C SER E 175 -30.39 60.71 -23.03
N ASP E 176 -29.86 59.55 -23.39
CA ASP E 176 -30.60 58.29 -23.55
C ASP E 176 -31.56 58.30 -24.73
N LEU E 177 -31.56 59.35 -25.56
CA LEU E 177 -32.41 59.43 -26.73
C LEU E 177 -31.60 59.90 -27.92
N TYR E 178 -31.90 59.34 -29.10
CA TYR E 178 -31.11 59.60 -30.29
C TYR E 178 -31.67 60.77 -31.10
N THR E 179 -30.80 61.36 -31.93
CA THR E 179 -31.17 62.47 -32.81
C THR E 179 -30.50 62.24 -34.15
N LEU E 180 -31.29 61.95 -35.18
CA LEU E 180 -30.80 61.70 -36.52
C LEU E 180 -31.38 62.74 -37.49
N SER E 181 -30.56 63.18 -38.43
CA SER E 181 -30.98 64.19 -39.41
C SER E 181 -30.48 63.81 -40.79
N SER E 182 -31.17 64.32 -41.80
CA SER E 182 -30.81 64.06 -43.20
C SER E 182 -31.09 65.30 -44.02
N SER E 183 -30.38 65.41 -45.15
CA SER E 183 -30.52 66.54 -46.05
C SER E 183 -30.58 66.04 -47.49
N VAL E 184 -31.08 66.90 -48.37
CA VAL E 184 -31.21 66.59 -49.79
C VAL E 184 -31.11 67.88 -50.58
N THR E 185 -30.42 67.82 -51.72
CA THR E 185 -30.22 68.98 -52.58
C THR E 185 -30.79 68.71 -53.97
N VAL E 186 -31.51 69.68 -54.51
CA VAL E 186 -32.06 69.64 -55.85
C VAL E 186 -31.93 71.02 -56.48
N THR E 187 -32.36 71.14 -57.73
CA THR E 187 -32.31 72.41 -58.45
C THR E 187 -33.50 73.28 -58.06
N SER E 188 -33.43 74.56 -58.46
CA SER E 188 -34.53 75.48 -58.19
C SER E 188 -35.79 75.06 -58.93
N SER E 189 -35.66 74.46 -60.11
CA SER E 189 -36.79 74.04 -60.92
C SER E 189 -37.39 72.71 -60.48
N THR E 190 -37.09 72.27 -59.27
CA THR E 190 -37.65 71.04 -58.71
C THR E 190 -38.53 71.28 -57.50
N TRP E 191 -38.15 72.22 -56.63
CA TRP E 191 -38.88 72.54 -55.42
C TRP E 191 -39.01 74.06 -55.31
N PRO E 192 -40.18 74.57 -54.87
CA PRO E 192 -41.36 73.80 -54.47
C PRO E 192 -42.28 73.43 -55.62
N SER E 193 -41.76 73.48 -56.86
CA SER E 193 -42.56 73.15 -58.03
C SER E 193 -43.05 71.70 -58.02
N GLN E 194 -42.54 70.86 -57.12
CA GLN E 194 -42.97 69.47 -57.00
C GLN E 194 -43.00 69.08 -55.53
N SER E 195 -44.03 68.35 -55.14
CA SER E 195 -44.20 67.96 -53.74
C SER E 195 -43.13 66.97 -53.32
N ILE E 196 -42.53 67.21 -52.15
CA ILE E 196 -41.47 66.36 -51.61
C ILE E 196 -41.76 66.11 -50.14
N THR E 197 -41.79 64.83 -49.73
CA THR E 197 -42.07 64.44 -48.36
C THR E 197 -40.96 63.55 -47.84
N CYS E 198 -40.55 63.80 -46.60
CA CYS E 198 -39.53 63.01 -45.93
C CYS E 198 -40.20 61.87 -45.15
N ASN E 199 -39.89 60.64 -45.53
CA ASN E 199 -40.45 59.46 -44.89
C ASN E 199 -39.51 58.91 -43.82
N VAL E 200 -40.07 58.56 -42.67
CA VAL E 200 -39.31 58.04 -41.54
C VAL E 200 -40.03 56.80 -41.01
N ALA E 201 -39.25 55.80 -40.61
CA ALA E 201 -39.79 54.54 -40.10
C ALA E 201 -38.97 54.09 -38.90
N HIS E 202 -39.65 53.69 -37.83
CA HIS E 202 -39.02 53.25 -36.58
C HIS E 202 -39.58 51.89 -36.22
N PRO E 203 -38.88 50.81 -36.61
CA PRO E 203 -39.44 49.46 -36.41
C PRO E 203 -39.72 49.11 -34.96
N ALA E 204 -38.97 49.66 -34.02
CA ALA E 204 -39.16 49.32 -32.61
C ALA E 204 -40.57 49.66 -32.14
N SER E 205 -40.98 50.90 -32.36
CA SER E 205 -42.33 51.35 -31.99
C SER E 205 -43.35 51.11 -33.10
N SER E 206 -42.91 50.59 -34.24
CA SER E 206 -43.80 50.27 -35.37
C SER E 206 -44.57 51.51 -35.84
N THR E 207 -43.84 52.61 -35.99
CA THR E 207 -44.41 53.87 -36.45
C THR E 207 -43.82 54.25 -37.81
N LYS E 208 -44.66 54.87 -38.65
CA LYS E 208 -44.31 55.23 -40.02
C LYS E 208 -44.90 56.61 -40.33
N VAL E 209 -44.36 57.65 -39.69
CA VAL E 209 -44.86 59.01 -39.85
C VAL E 209 -43.92 59.80 -40.75
N ASP E 210 -44.49 60.73 -41.49
CA ASP E 210 -43.72 61.55 -42.42
C ASP E 210 -44.30 62.96 -42.44
N LYS E 211 -43.46 63.93 -42.83
CA LYS E 211 -43.85 65.33 -42.90
C LYS E 211 -43.46 65.90 -44.24
N LYS E 212 -44.39 66.64 -44.87
CA LYS E 212 -44.13 67.27 -46.15
C LYS E 212 -43.40 68.59 -45.94
N ILE E 213 -42.36 68.83 -46.74
CA ILE E 213 -41.57 70.05 -46.62
C ILE E 213 -42.36 71.21 -47.19
N GLU E 214 -42.59 72.24 -46.37
CA GLU E 214 -43.35 73.39 -46.82
C GLU E 214 -42.48 74.64 -46.88
N PRO E 215 -42.64 75.47 -47.91
CA PRO E 215 -41.86 76.71 -48.00
C PRO E 215 -42.18 77.66 -46.86
N ARG E 216 -41.31 78.65 -46.68
CA ARG E 216 -41.51 79.66 -45.65
C ARG E 216 -41.82 81.02 -46.28
N ASP F 1 1.35 46.38 -19.18
CA ASP F 1 0.81 46.22 -20.52
C ASP F 1 1.74 46.82 -21.57
N ILE F 2 1.80 46.16 -22.73
CA ILE F 2 2.57 46.69 -23.86
C ILE F 2 1.70 47.70 -24.61
N LEU F 3 2.31 48.81 -25.00
CA LEU F 3 1.62 49.85 -25.75
C LEU F 3 1.99 49.75 -27.22
N MET F 4 0.98 49.83 -28.09
CA MET F 4 1.16 49.73 -29.53
C MET F 4 0.80 51.07 -30.16
N THR F 5 1.82 51.85 -30.52
CA THR F 5 1.63 53.11 -31.23
C THR F 5 1.58 52.82 -32.72
N GLN F 6 0.45 53.13 -33.35
CA GLN F 6 0.23 52.88 -34.76
C GLN F 6 0.14 54.20 -35.50
N SER F 7 0.95 54.34 -36.54
CA SER F 7 1.04 55.55 -37.34
C SER F 7 1.01 55.22 -38.82
N PRO F 8 0.39 56.07 -39.65
CA PRO F 8 -0.35 57.26 -39.23
C PRO F 8 -1.77 56.91 -38.79
N SER F 9 -2.43 57.83 -38.08
CA SER F 9 -3.82 57.61 -37.70
C SER F 9 -4.72 57.57 -38.93
N SER F 10 -4.31 58.22 -40.01
CA SER F 10 -5.07 58.23 -41.26
C SER F 10 -4.15 58.71 -42.37
N MET F 11 -4.44 58.25 -43.59
CA MET F 11 -3.68 58.67 -44.76
C MET F 11 -4.61 58.75 -45.96
N SER F 12 -4.45 59.79 -46.77
CA SER F 12 -5.21 59.97 -47.99
C SER F 12 -4.36 59.50 -49.17
N VAL F 13 -4.85 58.49 -49.88
CA VAL F 13 -4.13 57.85 -50.97
C VAL F 13 -5.11 57.50 -52.08
N SER F 14 -4.58 57.00 -53.20
CA SER F 14 -5.36 56.71 -54.40
C SER F 14 -5.16 55.26 -54.82
N LEU F 15 -5.84 54.87 -55.88
CA LEU F 15 -5.71 53.53 -56.42
C LEU F 15 -4.35 53.33 -57.06
N GLY F 16 -3.78 52.14 -56.87
CA GLY F 16 -2.49 51.81 -57.40
C GLY F 16 -1.31 52.18 -56.54
N ASP F 17 -1.51 53.06 -55.55
CA ASP F 17 -0.41 53.49 -54.70
C ASP F 17 0.07 52.34 -53.80
N THR F 18 1.34 52.40 -53.43
CA THR F 18 1.95 51.44 -52.53
C THR F 18 2.21 52.15 -51.20
N VAL F 19 1.47 51.76 -50.16
CA VAL F 19 1.51 52.44 -48.87
C VAL F 19 2.05 51.49 -47.82
N SER F 20 2.42 52.06 -46.67
CA SER F 20 2.99 51.30 -45.56
C SER F 20 2.51 51.88 -44.25
N ILE F 21 1.97 51.02 -43.39
CA ILE F 21 1.54 51.39 -42.04
C ILE F 21 2.56 50.83 -41.06
N THR F 22 2.98 51.66 -40.11
CA THR F 22 3.92 51.24 -39.09
C THR F 22 3.22 51.04 -37.75
N CYS F 23 3.81 50.19 -36.92
CA CYS F 23 3.34 49.91 -35.57
C CYS F 23 4.55 49.88 -34.67
N HIS F 24 4.48 50.57 -33.54
CA HIS F 24 5.58 50.65 -32.58
C HIS F 24 5.14 50.07 -31.24
N ALA F 25 5.91 49.13 -30.73
CA ALA F 25 5.66 48.55 -29.42
C ALA F 25 6.60 49.16 -28.40
N SER F 26 6.10 49.31 -27.16
CA SER F 26 6.91 49.86 -26.08
C SER F 26 8.03 48.94 -25.64
N GLN F 27 8.09 47.73 -26.19
CA GLN F 27 9.20 46.82 -25.96
C GLN F 27 9.24 45.83 -27.12
N GLY F 28 10.33 45.07 -27.18
CA GLY F 28 10.44 44.05 -28.21
C GLY F 28 9.36 42.99 -28.07
N ILE F 29 8.74 42.64 -29.19
CA ILE F 29 7.69 41.63 -29.23
C ILE F 29 8.03 40.46 -30.13
N SER F 30 9.23 40.43 -30.72
CA SER F 30 9.75 39.26 -31.44
C SER F 30 8.74 38.70 -32.45
N SER F 31 8.26 39.60 -33.33
CA SER F 31 7.39 39.27 -34.45
C SER F 31 6.03 38.71 -34.02
N ASN F 32 5.69 38.77 -32.73
CA ASN F 32 4.39 38.29 -32.25
C ASN F 32 3.35 39.40 -32.42
N ILE F 33 3.01 39.65 -33.68
CA ILE F 33 2.11 40.74 -34.05
C ILE F 33 1.23 40.28 -35.20
N GLY F 34 -0.04 40.68 -35.14
CA GLY F 34 -0.97 40.42 -36.23
C GLY F 34 -1.54 41.69 -36.81
N TRP F 35 -1.98 41.64 -38.06
CA TRP F 35 -2.55 42.79 -38.74
C TRP F 35 -3.99 42.48 -39.13
N LEU F 36 -4.88 43.44 -38.87
CA LEU F 36 -6.31 43.23 -39.03
C LEU F 36 -6.89 44.28 -39.97
N GLN F 37 -7.98 43.90 -40.64
CA GLN F 37 -8.69 44.79 -41.55
C GLN F 37 -10.16 44.83 -41.15
N GLN F 38 -10.75 46.02 -41.22
CA GLN F 38 -12.17 46.21 -40.94
C GLN F 38 -12.75 47.08 -42.05
N LYS F 39 -13.45 46.44 -42.99
CA LYS F 39 -14.09 47.19 -44.06
C LYS F 39 -15.29 47.96 -43.50
N PRO F 40 -15.64 49.12 -44.10
CA PRO F 40 -16.68 49.99 -43.54
C PRO F 40 -17.98 49.27 -43.22
N GLY F 41 -18.39 49.36 -41.95
CA GLY F 41 -19.61 48.72 -41.48
C GLY F 41 -19.51 47.24 -41.22
N LYS F 42 -18.50 46.56 -41.76
CA LYS F 42 -18.38 45.12 -41.65
C LYS F 42 -17.45 44.77 -40.48
N SER F 43 -17.21 43.47 -40.31
CA SER F 43 -16.45 42.98 -39.17
C SER F 43 -14.96 42.94 -39.52
N PHE F 44 -14.18 42.16 -38.77
CA PHE F 44 -12.74 42.10 -38.94
C PHE F 44 -12.35 40.88 -39.79
N MET F 45 -11.20 41.00 -40.44
CA MET F 45 -10.60 39.93 -41.21
C MET F 45 -9.12 39.89 -40.91
N GLY F 46 -8.55 38.69 -40.87
CA GLY F 46 -7.13 38.55 -40.62
C GLY F 46 -6.32 38.75 -41.88
N LEU F 47 -5.22 39.50 -41.74
CA LEU F 47 -4.27 39.72 -42.82
C LEU F 47 -2.95 39.01 -42.57
N ILE F 48 -2.30 39.31 -41.44
CA ILE F 48 -0.99 38.76 -41.11
C ILE F 48 -1.08 38.13 -39.73
N TYR F 49 -0.27 37.09 -39.52
CA TYR F 49 0.00 36.58 -38.19
C TYR F 49 1.50 36.31 -38.07
N TYR F 50 2.02 36.47 -36.85
CA TYR F 50 3.44 36.29 -36.56
C TYR F 50 4.31 37.12 -37.51
N GLY F 51 3.87 38.36 -37.74
CA GLY F 51 4.73 39.33 -38.37
C GLY F 51 4.74 39.33 -39.89
N THR F 52 4.87 38.16 -40.52
CA THR F 52 5.09 38.09 -41.95
C THR F 52 4.21 37.09 -42.69
N ASN F 53 3.36 36.34 -42.01
CA ASN F 53 2.66 35.21 -42.61
C ASN F 53 1.23 35.61 -42.97
N LEU F 54 0.91 35.49 -44.26
CA LEU F 54 -0.43 35.84 -44.74
C LEU F 54 -1.47 34.85 -44.23
N VAL F 55 -2.60 35.39 -43.78
CA VAL F 55 -3.76 34.54 -43.51
C VAL F 55 -4.23 33.93 -44.82
N ASP F 56 -4.67 32.67 -44.76
CA ASP F 56 -5.14 31.98 -45.95
C ASP F 56 -6.27 32.77 -46.61
N GLY F 57 -6.13 33.04 -47.91
CA GLY F 57 -7.09 33.79 -48.68
C GLY F 57 -6.70 35.24 -48.93
N VAL F 58 -5.76 35.77 -48.17
CA VAL F 58 -5.39 37.18 -48.31
C VAL F 58 -4.59 37.38 -49.59
N PRO F 59 -4.90 38.38 -50.41
CA PRO F 59 -4.11 38.62 -51.62
C PRO F 59 -2.63 38.83 -51.31
N SER F 60 -1.79 38.45 -52.25
CA SER F 60 -0.34 38.54 -52.07
C SER F 60 0.19 39.97 -52.11
N ARG F 61 -0.66 40.97 -52.40
CA ARG F 61 -0.21 42.35 -52.38
C ARG F 61 -0.01 42.86 -50.96
N PHE F 62 -0.61 42.21 -49.96
CA PHE F 62 -0.33 42.52 -48.58
C PHE F 62 0.97 41.84 -48.14
N SER F 63 1.71 42.51 -47.26
CA SER F 63 2.95 41.94 -46.75
C SER F 63 3.32 42.64 -45.44
N GLY F 64 3.74 41.83 -44.46
CA GLY F 64 4.21 42.35 -43.20
C GLY F 64 5.72 42.25 -43.07
N SER F 65 6.31 43.07 -42.21
CA SER F 65 7.76 43.11 -42.05
C SER F 65 8.11 43.73 -40.71
N GLY F 66 9.38 43.67 -40.36
CA GLY F 66 9.90 44.29 -39.17
C GLY F 66 10.43 43.28 -38.17
N SER F 67 11.01 43.81 -37.11
CA SER F 67 11.54 43.00 -36.02
C SER F 67 11.65 43.88 -34.78
N GLY F 68 11.94 43.24 -33.65
CA GLY F 68 12.10 43.96 -32.39
C GLY F 68 10.82 44.64 -31.93
N ALA F 69 10.79 45.97 -32.01
CA ALA F 69 9.64 46.75 -31.58
C ALA F 69 9.09 47.64 -32.68
N ASP F 70 9.41 47.35 -33.94
CA ASP F 70 9.03 48.21 -35.06
C ASP F 70 8.65 47.33 -36.24
N TYR F 71 7.38 47.40 -36.64
CA TYR F 71 6.83 46.51 -37.67
C TYR F 71 6.02 47.33 -38.66
N SER F 72 5.74 46.73 -39.81
CA SER F 72 5.09 47.46 -40.90
C SER F 72 4.20 46.53 -41.71
N LEU F 73 3.06 47.06 -42.14
CA LEU F 73 2.16 46.40 -43.08
C LEU F 73 2.14 47.22 -44.36
N THR F 74 2.30 46.55 -45.51
CA THR F 74 2.47 47.21 -46.79
C THR F 74 1.50 46.64 -47.82
N ILE F 75 0.75 47.53 -48.47
CA ILE F 75 -0.21 47.15 -49.51
C ILE F 75 0.33 47.69 -50.83
N SER F 76 0.73 46.79 -51.73
CA SER F 76 1.21 47.17 -53.05
C SER F 76 0.03 47.22 -54.03
N SER F 77 -0.03 48.30 -54.80
CA SER F 77 -1.12 48.52 -55.77
C SER F 77 -2.47 48.40 -55.10
N LEU F 78 -2.94 49.50 -54.50
CA LEU F 78 -4.18 49.48 -53.75
C LEU F 78 -5.36 49.12 -54.63
N ASP F 79 -6.34 48.46 -54.03
CA ASP F 79 -7.61 48.13 -54.67
C ASP F 79 -8.73 48.91 -53.99
N SER F 80 -9.87 49.01 -54.67
CA SER F 80 -11.02 49.70 -54.10
C SER F 80 -11.45 49.08 -52.77
N GLU F 81 -11.24 47.76 -52.62
CA GLU F 81 -11.59 47.09 -51.37
C GLU F 81 -10.62 47.44 -50.24
N ASP F 82 -9.41 47.89 -50.56
CA ASP F 82 -8.38 48.13 -49.55
C ASP F 82 -8.62 49.41 -48.76
N PHE F 83 -9.64 50.20 -49.10
CA PHE F 83 -9.96 51.41 -48.35
C PHE F 83 -10.80 51.02 -47.15
N ALA F 84 -10.14 50.86 -46.00
CA ALA F 84 -10.79 50.39 -44.78
C ALA F 84 -9.94 50.80 -43.59
N ASP F 85 -10.26 50.26 -42.42
CA ASP F 85 -9.47 50.47 -41.22
C ASP F 85 -8.51 49.30 -41.01
N TYR F 86 -7.36 49.60 -40.43
CA TYR F 86 -6.32 48.61 -40.17
C TYR F 86 -5.79 48.76 -38.76
N TYR F 87 -5.62 47.63 -38.07
CA TYR F 87 -5.15 47.61 -36.70
C TYR F 87 -4.04 46.59 -36.56
N CYS F 88 -3.04 46.90 -35.74
CA CYS F 88 -2.05 45.93 -35.31
C CYS F 88 -2.39 45.45 -33.91
N VAL F 89 -2.06 44.19 -33.63
CA VAL F 89 -2.31 43.58 -32.34
C VAL F 89 -1.08 42.77 -31.95
N GLN F 90 -0.62 42.94 -30.72
CA GLN F 90 0.50 42.17 -30.20
C GLN F 90 -0.03 41.06 -29.30
N TYR F 91 0.58 39.88 -29.40
CA TYR F 91 0.30 38.79 -28.49
C TYR F 91 1.57 38.20 -27.93
N ALA F 92 2.62 39.02 -27.82
CA ALA F 92 3.83 38.59 -27.12
C ALA F 92 3.59 38.44 -25.63
N GLN F 93 2.68 39.24 -25.06
CA GLN F 93 2.38 39.20 -23.65
C GLN F 93 0.89 39.35 -23.42
N LEU F 94 0.43 38.82 -22.28
CA LEU F 94 -0.91 39.11 -21.82
C LEU F 94 -0.89 40.33 -20.91
N PRO F 95 -1.85 41.25 -21.01
CA PRO F 95 -2.99 41.22 -21.93
C PRO F 95 -2.61 41.58 -23.36
N TYR F 96 -3.28 40.96 -24.33
CA TYR F 96 -3.15 41.41 -25.70
C TYR F 96 -3.58 42.87 -25.81
N THR F 97 -2.86 43.63 -26.64
CA THR F 97 -3.20 45.03 -26.86
C THR F 97 -3.18 45.34 -28.34
N PHE F 98 -3.98 46.32 -28.73
CA PHE F 98 -4.13 46.73 -30.12
C PHE F 98 -3.51 48.12 -30.32
N GLY F 99 -3.33 48.48 -31.59
CA GLY F 99 -2.86 49.80 -31.94
C GLY F 99 -3.99 50.79 -32.14
N GLY F 100 -3.62 52.07 -32.24
CA GLY F 100 -4.60 53.12 -32.40
C GLY F 100 -5.45 52.96 -33.65
N GLY F 101 -4.88 52.40 -34.71
CA GLY F 101 -5.61 52.16 -35.93
C GLY F 101 -5.21 53.13 -37.03
N THR F 102 -5.47 52.71 -38.26
CA THR F 102 -5.18 53.51 -39.45
C THR F 102 -6.33 53.40 -40.42
N LYS F 103 -6.85 54.54 -40.86
CA LYS F 103 -7.95 54.60 -41.81
C LYS F 103 -7.42 55.05 -43.17
N LEU F 104 -7.73 54.30 -44.21
CA LEU F 104 -7.30 54.63 -45.57
C LEU F 104 -8.46 55.31 -46.29
N GLU F 105 -8.24 56.56 -46.69
CA GLU F 105 -9.25 57.38 -47.35
C GLU F 105 -8.76 57.77 -48.74
N ILE F 106 -9.71 58.09 -49.61
CA ILE F 106 -9.40 58.38 -51.01
C ILE F 106 -8.94 59.83 -51.14
N LYS F 107 -7.78 60.01 -51.78
CA LYS F 107 -7.27 61.34 -52.07
C LYS F 107 -8.01 61.92 -53.27
N ARG F 108 -8.24 63.23 -53.22
CA ARG F 108 -8.88 63.95 -54.32
C ARG F 108 -8.61 65.44 -54.15
N ALA F 109 -9.29 66.26 -54.95
CA ALA F 109 -9.08 67.70 -54.92
C ALA F 109 -9.86 68.34 -53.79
N ASP F 110 -9.25 69.33 -53.14
CA ASP F 110 -9.90 70.04 -52.04
C ASP F 110 -11.15 70.74 -52.56
N ALA F 111 -12.24 70.64 -51.78
CA ALA F 111 -13.51 71.24 -52.16
C ALA F 111 -14.11 71.97 -50.96
N ALA F 112 -14.68 73.15 -51.23
CA ALA F 112 -15.29 73.97 -50.19
C ALA F 112 -16.65 73.41 -49.78
N PRO F 113 -17.06 73.58 -48.53
CA PRO F 113 -18.35 73.05 -48.09
C PRO F 113 -19.51 73.93 -48.51
N THR F 114 -20.67 73.29 -48.70
CA THR F 114 -21.92 73.96 -49.01
C THR F 114 -22.67 74.17 -47.70
N VAL F 115 -22.54 75.36 -47.13
CA VAL F 115 -23.16 75.66 -45.85
C VAL F 115 -24.61 76.07 -46.07
N SER F 116 -25.51 75.53 -45.24
CA SER F 116 -26.94 75.79 -45.37
C SER F 116 -27.55 75.80 -43.98
N ILE F 117 -28.00 76.97 -43.52
CA ILE F 117 -28.60 77.11 -42.20
C ILE F 117 -30.11 76.99 -42.32
N PHE F 118 -30.75 76.47 -41.26
CA PHE F 118 -32.18 76.24 -41.24
C PHE F 118 -32.74 76.57 -39.86
N PRO F 119 -33.81 77.36 -39.79
CA PRO F 119 -34.39 77.72 -38.49
C PRO F 119 -35.35 76.66 -37.98
N PRO F 120 -35.77 76.74 -36.73
CA PRO F 120 -36.71 75.74 -36.20
C PRO F 120 -38.05 75.77 -36.92
N SER F 121 -38.62 74.60 -37.13
CA SER F 121 -39.92 74.48 -37.79
C SER F 121 -41.03 74.88 -36.84
N SER F 122 -42.22 75.09 -37.41
CA SER F 122 -43.38 75.45 -36.60
C SER F 122 -43.84 74.27 -35.74
N GLU F 123 -43.72 73.05 -36.27
CA GLU F 123 -44.08 71.87 -35.50
C GLU F 123 -43.18 71.69 -34.28
N GLN F 124 -41.95 72.19 -34.36
CA GLN F 124 -41.02 72.09 -33.23
C GLN F 124 -41.23 73.22 -32.23
N LEU F 125 -41.47 74.43 -32.71
CA LEU F 125 -41.70 75.56 -31.83
C LEU F 125 -42.99 75.42 -31.02
N THR F 126 -43.93 74.59 -31.49
CA THR F 126 -45.15 74.34 -30.73
C THR F 126 -44.94 73.34 -29.59
N SER F 127 -43.88 72.54 -29.65
CA SER F 127 -43.58 71.57 -28.60
C SER F 127 -42.65 72.14 -27.53
N GLY F 128 -42.57 73.46 -27.41
CA GLY F 128 -41.70 74.06 -26.41
C GLY F 128 -40.23 73.80 -26.64
N GLY F 129 -39.78 73.86 -27.89
CA GLY F 129 -38.39 73.62 -28.22
C GLY F 129 -38.01 74.35 -29.49
N ALA F 130 -36.71 74.37 -29.76
CA ALA F 130 -36.19 75.06 -30.94
C ALA F 130 -34.78 74.56 -31.21
N SER F 131 -34.50 74.21 -32.47
CA SER F 131 -33.18 73.76 -32.88
C SER F 131 -32.81 74.39 -34.21
N VAL F 132 -31.59 74.89 -34.31
CA VAL F 132 -31.06 75.48 -35.53
C VAL F 132 -30.06 74.49 -36.13
N VAL F 133 -30.38 73.98 -37.31
CA VAL F 133 -29.54 73.03 -38.02
C VAL F 133 -28.70 73.76 -39.05
N CYS F 134 -27.47 73.29 -39.26
CA CYS F 134 -26.54 73.93 -40.18
C CYS F 134 -25.76 72.82 -40.90
N PHE F 135 -26.17 72.51 -42.13
CA PHE F 135 -25.55 71.46 -42.91
C PHE F 135 -24.32 71.99 -43.66
N LEU F 136 -23.27 71.17 -43.69
CA LEU F 136 -22.05 71.45 -44.43
C LEU F 136 -21.80 70.26 -45.34
N ASN F 137 -22.29 70.32 -46.57
CA ASN F 137 -22.32 69.19 -47.48
C ASN F 137 -21.14 69.22 -48.45
N ASN F 138 -20.57 68.04 -48.69
CA ASN F 138 -19.61 67.81 -49.76
C ASN F 138 -18.39 68.73 -49.69
N PHE F 139 -17.41 68.36 -48.87
CA PHE F 139 -16.15 69.09 -48.78
C PHE F 139 -15.01 68.10 -48.63
N TYR F 140 -13.79 68.61 -48.82
CA TYR F 140 -12.58 67.81 -48.68
C TYR F 140 -11.42 68.76 -48.42
N PRO F 141 -10.51 68.44 -47.49
CA PRO F 141 -10.44 67.24 -46.64
C PRO F 141 -11.50 67.20 -45.53
N LYS F 142 -11.46 66.13 -44.74
CA LYS F 142 -12.45 65.92 -43.68
C LYS F 142 -12.31 66.91 -42.52
N ASP F 143 -11.15 67.55 -42.39
CA ASP F 143 -10.91 68.45 -41.27
C ASP F 143 -11.71 69.74 -41.44
N ILE F 144 -12.49 70.09 -40.42
CA ILE F 144 -13.35 71.27 -40.49
C ILE F 144 -13.75 71.65 -39.08
N ASN F 145 -13.91 72.95 -38.84
CA ASN F 145 -14.33 73.49 -37.55
C ASN F 145 -15.57 74.33 -37.73
N VAL F 146 -16.63 74.01 -36.98
CA VAL F 146 -17.86 74.78 -36.99
C VAL F 146 -17.90 75.65 -35.74
N LYS F 147 -18.48 76.83 -35.86
CA LYS F 147 -18.57 77.78 -34.75
C LYS F 147 -19.92 78.46 -34.78
N TRP F 148 -20.57 78.52 -33.62
CA TRP F 148 -21.85 79.21 -33.47
C TRP F 148 -21.63 80.53 -32.73
N LYS F 149 -22.32 81.58 -33.19
CA LYS F 149 -22.23 82.90 -32.58
C LYS F 149 -23.63 83.49 -32.49
N ILE F 150 -24.17 83.57 -31.28
CA ILE F 150 -25.47 84.19 -31.04
C ILE F 150 -25.22 85.69 -30.85
N ASP F 151 -25.60 86.48 -31.87
CA ASP F 151 -25.38 87.93 -31.85
C ASP F 151 -23.92 88.29 -31.65
N GLY F 152 -23.03 87.56 -32.34
CA GLY F 152 -21.60 87.74 -32.23
C GLY F 152 -20.96 86.96 -31.09
N SER F 153 -21.68 86.74 -30.00
CA SER F 153 -21.14 86.02 -28.86
C SER F 153 -21.07 84.52 -29.18
N GLU F 154 -19.89 83.94 -28.98
CA GLU F 154 -19.69 82.53 -29.30
C GLU F 154 -20.60 81.65 -28.45
N ARG F 155 -20.90 80.46 -28.99
CA ARG F 155 -21.76 79.49 -28.32
C ARG F 155 -21.05 78.15 -28.27
N GLN F 156 -21.03 77.52 -27.09
CA GLN F 156 -20.44 76.20 -26.93
C GLN F 156 -21.31 75.28 -26.10
N ASN F 157 -22.61 75.59 -25.96
CA ASN F 157 -23.51 74.86 -25.10
C ASN F 157 -24.61 74.19 -25.93
N GLY F 158 -24.81 72.89 -25.72
CA GLY F 158 -25.87 72.17 -26.37
C GLY F 158 -25.75 72.07 -27.88
N VAL F 159 -24.60 71.60 -28.36
CA VAL F 159 -24.34 71.43 -29.78
C VAL F 159 -24.19 69.95 -30.07
N LEU F 160 -24.89 69.47 -31.08
CA LEU F 160 -24.83 68.07 -31.51
C LEU F 160 -24.31 68.02 -32.94
N ASN F 161 -23.16 67.38 -33.13
CA ASN F 161 -22.52 67.28 -34.43
C ASN F 161 -22.49 65.83 -34.89
N SER F 162 -22.63 65.64 -36.21
CA SER F 162 -22.59 64.31 -36.80
C SER F 162 -21.90 64.39 -38.15
N TRP F 163 -20.98 63.45 -38.39
CA TRP F 163 -20.25 63.37 -39.65
C TRP F 163 -20.64 62.11 -40.40
N THR F 164 -20.64 62.19 -41.72
CA THR F 164 -20.82 61.03 -42.58
C THR F 164 -19.46 60.55 -43.06
N ASP F 165 -19.35 59.24 -43.25
CA ASP F 165 -18.14 58.67 -43.83
C ASP F 165 -17.93 59.20 -45.24
N GLN F 166 -16.69 59.06 -45.72
CA GLN F 166 -16.35 59.53 -47.06
C GLN F 166 -17.32 58.96 -48.09
N ASP F 167 -18.02 59.87 -48.78
CA ASP F 167 -19.08 59.47 -49.70
C ASP F 167 -18.53 58.53 -50.77
N SER F 168 -19.21 57.41 -50.97
CA SER F 168 -18.81 56.48 -52.02
C SER F 168 -19.04 57.05 -53.42
N LYS F 169 -19.84 58.11 -53.53
CA LYS F 169 -20.17 58.69 -54.82
C LYS F 169 -19.04 59.55 -55.36
N ASP F 170 -18.68 60.62 -54.63
CA ASP F 170 -17.68 61.57 -55.08
C ASP F 170 -16.53 61.74 -54.11
N SER F 171 -16.44 60.91 -53.07
CA SER F 171 -15.34 60.93 -52.11
C SER F 171 -15.28 62.25 -51.35
N THR F 172 -16.44 62.78 -50.99
CA THR F 172 -16.53 63.99 -50.18
C THR F 172 -17.12 63.66 -48.81
N TYR F 173 -16.91 64.57 -47.88
CA TYR F 173 -17.44 64.46 -46.52
C TYR F 173 -18.51 65.52 -46.32
N SER F 174 -19.45 65.21 -45.42
CA SER F 174 -20.51 66.14 -45.05
C SER F 174 -20.62 66.17 -43.53
N MET F 175 -21.11 67.31 -43.01
CA MET F 175 -21.16 67.54 -41.58
C MET F 175 -22.50 68.14 -41.19
N SER F 176 -23.04 67.70 -40.07
CA SER F 176 -24.28 68.23 -39.51
C SER F 176 -24.00 68.86 -38.15
N SER F 177 -24.88 69.77 -37.75
CA SER F 177 -24.69 70.51 -36.50
C SER F 177 -26.04 71.04 -36.05
N THR F 178 -26.48 70.64 -34.85
CA THR F 178 -27.78 71.03 -34.32
C THR F 178 -27.58 71.75 -32.99
N LEU F 179 -27.90 73.04 -32.96
CA LEU F 179 -27.88 73.83 -31.73
C LEU F 179 -29.28 73.82 -31.13
N THR F 180 -29.44 73.09 -30.02
CA THR F 180 -30.74 72.87 -29.41
C THR F 180 -30.87 73.68 -28.13
N LEU F 181 -32.06 74.23 -27.91
CA LEU F 181 -32.38 74.94 -26.67
C LEU F 181 -33.90 75.06 -26.56
N THR F 182 -34.34 75.68 -25.47
CA THR F 182 -35.77 75.81 -25.20
C THR F 182 -36.38 76.94 -26.04
N LYS F 183 -37.69 76.81 -26.28
CA LYS F 183 -38.42 77.84 -27.02
C LYS F 183 -38.31 79.19 -26.32
N ASP F 184 -38.35 79.20 -24.99
CA ASP F 184 -38.25 80.46 -24.25
C ASP F 184 -36.89 81.11 -24.45
N GLU F 185 -35.81 80.32 -24.44
CA GLU F 185 -34.48 80.86 -24.64
C GLU F 185 -34.27 81.27 -26.10
N TYR F 186 -34.97 80.62 -27.04
CA TYR F 186 -34.82 80.97 -28.45
C TYR F 186 -35.41 82.33 -28.76
N GLU F 187 -36.55 82.67 -28.15
CA GLU F 187 -37.19 83.96 -28.34
C GLU F 187 -36.51 85.09 -27.56
N ARG F 188 -35.17 85.04 -27.46
CA ARG F 188 -34.40 86.04 -26.75
C ARG F 188 -33.44 86.81 -27.64
N HIS F 189 -33.15 86.32 -28.84
CA HIS F 189 -32.16 86.94 -29.72
C HIS F 189 -32.69 86.93 -31.14
N ASN F 190 -32.00 87.68 -32.01
CA ASN F 190 -32.38 87.79 -33.42
C ASN F 190 -31.36 87.13 -34.35
N SER F 191 -30.12 87.61 -34.35
CA SER F 191 -29.11 87.16 -35.30
C SER F 191 -28.42 85.90 -34.79
N TYR F 192 -28.44 84.85 -35.61
CA TYR F 192 -27.79 83.58 -35.28
C TYR F 192 -26.80 83.24 -36.40
N THR F 193 -25.52 83.27 -36.07
CA THR F 193 -24.45 83.04 -37.04
C THR F 193 -24.02 81.58 -37.01
N CYS F 194 -23.70 81.04 -38.20
CA CYS F 194 -23.14 79.70 -38.33
C CYS F 194 -21.85 79.81 -39.15
N GLU F 195 -20.72 79.91 -38.46
CA GLU F 195 -19.41 80.00 -39.10
C GLU F 195 -18.87 78.62 -39.41
N ALA F 196 -17.78 78.59 -40.18
CA ALA F 196 -17.14 77.34 -40.58
C ALA F 196 -15.74 77.59 -41.14
N THR F 197 -14.73 76.93 -40.59
CA THR F 197 -13.35 77.10 -41.00
C THR F 197 -12.87 75.87 -41.75
N HIS F 198 -12.17 76.09 -42.87
CA HIS F 198 -11.66 75.02 -43.70
C HIS F 198 -10.33 75.47 -44.30
N LYS F 199 -9.64 74.54 -44.95
CA LYS F 199 -8.37 74.87 -45.60
C LYS F 199 -8.57 75.44 -47.00
N THR F 200 -9.69 75.13 -47.65
CA THR F 200 -9.96 75.70 -48.97
C THR F 200 -10.23 77.19 -48.89
N SER F 201 -10.60 77.71 -47.72
CA SER F 201 -10.96 79.11 -47.55
C SER F 201 -10.11 79.73 -46.45
N THR F 202 -9.48 80.86 -46.76
CA THR F 202 -8.78 81.62 -45.72
C THR F 202 -9.75 82.22 -44.72
N SER F 203 -10.95 82.59 -45.18
CA SER F 203 -11.96 83.22 -44.36
C SER F 203 -13.10 82.24 -44.03
N PRO F 204 -13.70 82.36 -42.85
CA PRO F 204 -14.78 81.44 -42.49
C PRO F 204 -16.06 81.73 -43.26
N ILE F 205 -16.72 80.66 -43.70
CA ILE F 205 -18.00 80.77 -44.37
C ILE F 205 -19.11 80.96 -43.34
N VAL F 206 -20.05 81.85 -43.65
CA VAL F 206 -21.06 82.30 -42.69
C VAL F 206 -22.45 82.14 -43.29
N LYS F 207 -23.42 81.80 -42.43
CA LYS F 207 -24.83 81.78 -42.78
C LYS F 207 -25.63 82.26 -41.57
N SER F 208 -26.34 83.38 -41.72
CA SER F 208 -27.08 83.99 -40.62
C SER F 208 -28.55 84.15 -41.00
N PHE F 209 -29.35 84.60 -40.03
CA PHE F 209 -30.77 84.88 -40.22
C PHE F 209 -31.28 85.60 -38.97
N ASN F 210 -32.42 86.28 -39.14
CA ASN F 210 -33.09 86.97 -38.05
C ASN F 210 -34.29 86.17 -37.58
N ARG F 211 -34.50 86.15 -36.26
CA ARG F 211 -35.57 85.34 -35.67
C ARG F 211 -36.94 85.86 -36.12
N ASN F 212 -37.73 84.96 -36.71
CA ASN F 212 -39.09 85.28 -37.16
C ASN F 212 -39.11 86.52 -38.03
N GLU F 213 -38.74 86.37 -39.30
CA GLU F 213 -38.62 87.52 -40.22
C GLU F 213 -39.94 87.73 -40.97
N CYS F 214 -40.28 86.80 -41.84
CA CYS F 214 -41.49 86.87 -42.67
C CYS F 214 -42.75 87.08 -41.83
N GLU G 1 -6.12 -38.37 24.32
CA GLU G 1 -5.35 -38.91 25.43
C GLU G 1 -3.86 -38.74 25.20
N VAL G 2 -3.15 -38.26 26.22
CA VAL G 2 -1.72 -37.98 26.10
C VAL G 2 -0.95 -39.30 26.08
N GLN G 3 -0.17 -39.52 25.02
CA GLN G 3 0.69 -40.67 24.91
C GLN G 3 1.99 -40.25 24.23
N LEU G 4 3.11 -40.72 24.78
CA LEU G 4 4.44 -40.45 24.25
C LEU G 4 4.99 -41.74 23.68
N GLN G 5 5.06 -41.83 22.36
CA GLN G 5 5.45 -43.05 21.66
C GLN G 5 6.91 -42.93 21.23
N GLN G 6 7.77 -43.74 21.81
CA GLN G 6 9.20 -43.70 21.56
C GLN G 6 9.60 -44.75 20.52
N SER G 7 10.78 -44.56 19.93
CA SER G 7 11.24 -45.40 18.85
C SER G 7 11.60 -46.79 19.36
N GLY G 8 11.89 -47.69 18.41
CA GLY G 8 12.21 -49.05 18.77
C GLY G 8 13.60 -49.18 19.37
N ALA G 9 13.83 -50.34 19.98
CA ALA G 9 15.11 -50.61 20.63
C ALA G 9 16.26 -50.47 19.64
N GLU G 10 17.39 -49.99 20.14
CA GLU G 10 18.56 -49.74 19.33
C GLU G 10 19.69 -50.67 19.73
N LEU G 11 20.47 -51.10 18.74
CA LEU G 11 21.62 -51.98 18.93
C LEU G 11 22.78 -51.40 18.13
N VAL G 12 23.72 -50.74 18.81
CA VAL G 12 24.78 -49.99 18.17
C VAL G 12 26.12 -50.43 18.73
N LYS G 13 27.20 -49.96 18.07
CA LYS G 13 28.59 -50.25 18.41
C LYS G 13 29.23 -49.07 19.13
N PRO G 14 30.23 -49.31 19.97
CA PRO G 14 30.88 -48.20 20.69
C PRO G 14 31.54 -47.23 19.74
N GLY G 15 31.50 -45.94 20.11
CA GLY G 15 32.02 -44.88 19.27
C GLY G 15 31.03 -44.33 18.26
N ALA G 16 29.96 -45.06 17.99
CA ALA G 16 28.95 -44.62 17.02
C ALA G 16 27.99 -43.65 17.69
N SER G 17 26.95 -43.24 16.97
CA SER G 17 25.93 -42.34 17.48
C SER G 17 24.56 -42.94 17.21
N VAL G 18 23.57 -42.45 17.95
CA VAL G 18 22.18 -42.90 17.81
C VAL G 18 21.28 -41.72 18.15
N LYS G 19 20.10 -41.70 17.53
CA LYS G 19 19.14 -40.62 17.72
C LYS G 19 17.79 -41.23 18.03
N LEU G 20 17.36 -41.13 19.29
CA LEU G 20 16.07 -41.63 19.72
C LEU G 20 14.99 -40.58 19.49
N SER G 21 13.78 -41.05 19.19
CA SER G 21 12.66 -40.17 18.92
C SER G 21 11.53 -40.42 19.91
N CYS G 22 10.72 -39.37 20.10
CA CYS G 22 9.59 -39.41 21.05
C CYS G 22 8.47 -38.60 20.42
N THR G 23 7.52 -39.29 19.78
CA THR G 23 6.45 -38.62 19.05
C THR G 23 5.23 -38.45 19.94
N ALA G 24 4.68 -37.25 19.94
CA ALA G 24 3.50 -36.94 20.75
C ALA G 24 2.24 -37.48 20.08
N SER G 25 1.36 -38.07 20.90
CA SER G 25 0.08 -38.58 20.44
C SER G 25 -1.03 -37.97 21.29
N GLY G 26 -2.06 -37.46 20.62
CA GLY G 26 -3.19 -36.86 21.31
C GLY G 26 -2.92 -35.50 21.91
N PHE G 27 -1.83 -34.84 21.54
CA PHE G 27 -1.52 -33.50 22.02
C PHE G 27 -0.39 -32.94 21.17
N ASN G 28 -0.15 -31.64 21.32
CA ASN G 28 0.88 -30.94 20.58
C ASN G 28 2.18 -30.97 21.37
N ILE G 29 3.26 -31.45 20.74
CA ILE G 29 4.55 -31.53 21.40
C ILE G 29 4.99 -30.16 21.91
N LYS G 30 4.51 -29.10 21.27
CA LYS G 30 4.87 -27.72 21.59
C LYS G 30 4.29 -27.24 22.91
N ASP G 31 3.41 -28.02 23.53
CA ASP G 31 2.64 -27.51 24.67
C ASP G 31 3.51 -27.35 25.92
N THR G 32 4.37 -28.32 26.22
CA THR G 32 5.07 -28.37 27.48
C THR G 32 6.57 -28.58 27.27
N TYR G 33 7.32 -28.48 28.36
CA TYR G 33 8.67 -28.98 28.41
C TYR G 33 8.67 -30.48 28.08
N VAL G 34 9.77 -30.94 27.47
CA VAL G 34 9.97 -32.35 27.20
C VAL G 34 11.33 -32.74 27.77
N HIS G 35 11.34 -33.67 28.72
CA HIS G 35 12.55 -34.12 29.37
C HIS G 35 12.98 -35.47 28.82
N TRP G 36 14.25 -35.82 29.07
CA TRP G 36 14.79 -37.13 28.77
C TRP G 36 15.47 -37.68 30.02
N VAL G 37 15.15 -38.92 30.37
CA VAL G 37 15.65 -39.56 31.58
C VAL G 37 16.30 -40.88 31.20
N LYS G 38 17.41 -41.21 31.87
CA LYS G 38 18.15 -42.44 31.66
C LYS G 38 17.96 -43.35 32.86
N GLN G 39 17.75 -44.64 32.61
CA GLN G 39 17.56 -45.62 33.68
C GLN G 39 18.49 -46.80 33.49
N ARG G 40 19.26 -47.11 34.53
CA ARG G 40 20.08 -48.31 34.62
C ARG G 40 19.73 -49.08 35.88
N PRO G 41 19.88 -50.41 35.87
CA PRO G 41 19.51 -51.19 37.08
C PRO G 41 20.29 -50.80 38.32
N GLU G 42 21.62 -50.70 38.21
CA GLU G 42 22.43 -50.34 39.36
C GLU G 42 22.36 -48.84 39.66
N GLN G 43 22.64 -48.01 38.65
CA GLN G 43 22.75 -46.58 38.85
C GLN G 43 21.41 -45.87 39.00
N GLY G 44 20.30 -46.52 38.65
CA GLY G 44 19.00 -45.92 38.83
C GLY G 44 18.62 -44.91 37.77
N LEU G 45 17.91 -43.86 38.18
CA LEU G 45 17.32 -42.88 37.27
C LEU G 45 18.14 -41.59 37.27
N GLU G 46 18.51 -41.13 36.08
CA GLU G 46 19.28 -39.90 35.91
C GLU G 46 18.58 -39.01 34.90
N TRP G 47 18.37 -37.75 35.29
CA TRP G 47 17.78 -36.74 34.41
C TRP G 47 18.85 -36.26 33.44
N ILE G 48 18.57 -36.39 32.15
CA ILE G 48 19.54 -36.00 31.12
C ILE G 48 19.41 -34.51 30.84
N GLY G 49 18.21 -34.10 30.44
CA GLY G 49 17.97 -32.70 30.12
C GLY G 49 16.54 -32.49 29.70
N ARG G 50 16.25 -31.29 29.22
CA ARG G 50 14.92 -30.94 28.77
C ARG G 50 15.03 -30.03 27.55
N ILE G 51 13.89 -29.89 26.86
CA ILE G 51 13.79 -28.94 25.76
C ILE G 51 12.39 -28.33 25.79
N ASP G 52 12.32 -27.05 25.43
CA ASP G 52 11.06 -26.40 25.12
C ASP G 52 10.89 -26.48 23.61
N PRO G 53 10.05 -27.39 23.09
CA PRO G 53 9.95 -27.54 21.63
C PRO G 53 9.41 -26.31 20.92
N ALA G 54 8.77 -25.39 21.63
CA ALA G 54 8.25 -24.18 21.01
C ALA G 54 9.37 -23.30 20.47
N ASN G 55 10.52 -23.29 21.13
CA ASN G 55 11.59 -22.36 20.82
C ASN G 55 12.97 -23.02 20.71
N GLY G 56 13.12 -24.28 21.14
CA GLY G 56 14.37 -24.99 21.00
C GLY G 56 15.34 -24.84 22.14
N TYR G 57 15.01 -24.06 23.17
CA TYR G 57 15.93 -23.85 24.28
C TYR G 57 16.04 -25.11 25.13
N THR G 58 17.26 -25.47 25.50
CA THR G 58 17.52 -26.72 26.20
C THR G 58 18.23 -26.45 27.53
N LYS G 59 18.20 -27.46 28.39
CA LYS G 59 18.95 -27.50 29.63
C LYS G 59 19.47 -28.92 29.82
N TYR G 60 20.65 -29.04 30.43
CA TYR G 60 21.27 -30.35 30.60
C TYR G 60 21.86 -30.48 32.00
N ASP G 61 21.93 -31.71 32.46
CA ASP G 61 22.83 -32.02 33.57
C ASP G 61 24.26 -31.99 33.04
N PRO G 62 25.17 -31.25 33.68
CA PRO G 62 26.55 -31.17 33.17
C PRO G 62 27.23 -32.52 33.00
N LYS G 63 26.73 -33.55 33.70
CA LYS G 63 27.27 -34.90 33.49
C LYS G 63 27.11 -35.35 32.04
N PHE G 64 26.00 -34.97 31.41
CA PHE G 64 25.69 -35.40 30.06
C PHE G 64 26.08 -34.38 28.99
N GLN G 65 26.76 -33.31 29.38
CA GLN G 65 27.19 -32.33 28.39
C GLN G 65 28.21 -32.95 27.44
N GLY G 66 27.93 -32.84 26.14
CA GLY G 66 28.81 -33.41 25.14
C GLY G 66 28.30 -34.71 24.54
N LYS G 67 27.63 -35.52 25.36
CA LYS G 67 27.09 -36.79 24.87
C LYS G 67 25.65 -36.66 24.39
N ALA G 68 24.84 -35.88 25.10
CA ALA G 68 23.43 -35.77 24.80
C ALA G 68 23.14 -34.46 24.07
N THR G 69 22.35 -34.55 23.01
CA THR G 69 21.88 -33.39 22.26
C THR G 69 20.38 -33.57 22.03
N ILE G 70 19.58 -32.74 22.71
CA ILE G 70 18.13 -32.83 22.63
C ILE G 70 17.63 -31.81 21.62
N THR G 71 16.81 -32.25 20.67
CA THR G 71 16.19 -31.40 19.68
C THR G 71 14.71 -31.74 19.58
N ALA G 72 14.01 -31.04 18.68
CA ALA G 72 12.58 -31.25 18.53
C ALA G 72 12.13 -30.65 17.20
N ASP G 73 11.17 -31.31 16.57
CA ASP G 73 10.56 -30.85 15.31
C ASP G 73 9.06 -30.75 15.53
N THR G 74 8.57 -29.53 15.73
CA THR G 74 7.14 -29.33 15.95
C THR G 74 6.32 -29.79 14.75
N SER G 75 6.89 -29.72 13.55
CA SER G 75 6.18 -30.16 12.36
C SER G 75 5.74 -31.61 12.47
N SER G 76 6.67 -32.49 12.87
CA SER G 76 6.37 -33.90 13.03
C SER G 76 5.98 -34.27 14.46
N ASN G 77 5.80 -33.28 15.33
CA ASN G 77 5.33 -33.49 16.70
C ASN G 77 6.22 -34.47 17.46
N THR G 78 7.54 -34.36 17.24
CA THR G 78 8.49 -35.33 17.76
C THR G 78 9.63 -34.61 18.48
N ALA G 79 10.12 -35.22 19.55
CA ALA G 79 11.32 -34.78 20.24
C ALA G 79 12.39 -35.86 20.13
N TYR G 80 13.65 -35.42 20.07
CA TYR G 80 14.76 -36.33 19.81
C TYR G 80 15.80 -36.23 20.92
N LEU G 81 16.56 -37.33 21.06
CA LEU G 81 17.70 -37.39 21.96
C LEU G 81 18.84 -38.08 21.21
N GLN G 82 19.86 -37.31 20.84
CA GLN G 82 21.01 -37.84 20.13
C GLN G 82 22.14 -38.12 21.13
N LEU G 83 22.68 -39.32 21.07
CA LEU G 83 23.80 -39.73 21.91
C LEU G 83 25.00 -40.01 21.02
N SER G 84 26.16 -39.47 21.39
CA SER G 84 27.37 -39.56 20.59
C SER G 84 28.48 -40.23 21.37
N SER G 85 29.49 -40.71 20.63
CA SER G 85 30.66 -41.38 21.20
C SER G 85 30.25 -42.44 22.21
N LEU G 86 29.35 -43.32 21.78
CA LEU G 86 28.68 -44.25 22.68
C LEU G 86 29.67 -45.19 23.34
N THR G 87 29.37 -45.56 24.59
CA THR G 87 30.19 -46.45 25.39
C THR G 87 29.29 -47.50 26.02
N SER G 88 29.90 -48.41 26.80
CA SER G 88 29.13 -49.44 27.47
C SER G 88 28.20 -48.86 28.53
N GLU G 89 28.61 -47.79 29.20
CA GLU G 89 27.76 -47.19 30.22
C GLU G 89 26.61 -46.38 29.65
N ASP G 90 26.57 -46.17 28.34
CA ASP G 90 25.39 -45.61 27.69
C ASP G 90 24.31 -46.65 27.43
N THR G 91 24.58 -47.93 27.72
CA THR G 91 23.58 -48.98 27.63
C THR G 91 22.56 -48.78 28.75
N ALA G 92 21.33 -48.45 28.38
CA ALA G 92 20.29 -48.14 29.35
C ALA G 92 18.95 -48.03 28.62
N VAL G 93 17.90 -47.80 29.40
CA VAL G 93 16.59 -47.45 28.87
C VAL G 93 16.43 -45.94 28.98
N TYR G 94 15.87 -45.33 27.95
CA TYR G 94 15.72 -43.88 27.89
C TYR G 94 14.24 -43.53 27.75
N TYR G 95 13.76 -42.64 28.62
CA TYR G 95 12.37 -42.23 28.65
C TYR G 95 12.27 -40.74 28.32
N CYS G 96 11.24 -40.37 27.56
CA CYS G 96 10.85 -38.99 27.40
C CYS G 96 9.69 -38.69 28.32
N VAL G 97 9.72 -37.51 28.95
CA VAL G 97 8.79 -37.15 30.01
C VAL G 97 8.24 -35.76 29.75
N ARG G 98 6.99 -35.55 30.14
CA ARG G 98 6.37 -34.23 30.13
C ARG G 98 5.46 -34.13 31.34
N PRO G 99 5.16 -32.91 31.78
CA PRO G 99 4.25 -32.74 32.93
C PRO G 99 2.78 -32.75 32.52
N LEU G 100 1.93 -32.90 33.53
CA LEU G 100 0.48 -32.82 33.35
C LEU G 100 0.03 -31.36 33.43
N TYR G 101 0.13 -30.77 34.62
CA TYR G 101 -0.27 -29.38 34.86
C TYR G 101 0.92 -28.53 35.28
N ASP G 102 1.56 -28.84 36.39
CA ASP G 102 2.70 -28.10 36.89
C ASP G 102 3.79 -28.01 35.82
N TYR G 103 4.18 -26.77 35.47
CA TYR G 103 5.18 -26.56 34.41
C TYR G 103 6.42 -27.41 34.60
N TYR G 104 6.81 -27.67 35.85
CA TYR G 104 8.10 -28.25 36.17
C TYR G 104 8.01 -29.73 36.56
N ALA G 105 6.82 -30.33 36.49
CA ALA G 105 6.60 -31.68 36.97
C ALA G 105 7.01 -32.71 35.93
N MET G 106 6.95 -34.00 36.35
CA MET G 106 7.41 -35.14 35.56
C MET G 106 6.36 -36.24 35.68
N ASP G 107 5.29 -36.12 34.90
CA ASP G 107 4.08 -36.92 35.10
C ASP G 107 3.83 -37.95 34.01
N TYR G 108 3.95 -37.58 32.74
CA TYR G 108 3.69 -38.48 31.63
C TYR G 108 5.02 -39.03 31.10
N TRP G 109 5.07 -40.34 30.88
CA TRP G 109 6.29 -41.01 30.45
C TRP G 109 6.01 -41.85 29.22
N GLY G 110 6.95 -41.83 28.28
CA GLY G 110 6.91 -42.76 27.17
C GLY G 110 7.23 -44.16 27.63
N GLN G 111 7.04 -45.13 26.72
CA GLN G 111 7.25 -46.52 27.07
C GLN G 111 8.73 -46.86 27.25
N GLY G 112 9.62 -46.01 26.79
CA GLY G 112 11.04 -46.24 26.93
C GLY G 112 11.64 -46.88 25.70
N THR G 113 12.90 -46.52 25.42
CA THR G 113 13.65 -47.07 24.30
C THR G 113 14.93 -47.70 24.84
N SER G 114 15.09 -49.00 24.61
CA SER G 114 16.28 -49.71 25.08
C SER G 114 17.44 -49.48 24.13
N VAL G 115 18.60 -49.17 24.69
CA VAL G 115 19.83 -48.94 23.93
C VAL G 115 20.90 -49.91 24.43
N THR G 116 21.48 -50.67 23.51
CA THR G 116 22.53 -51.63 23.83
C THR G 116 23.75 -51.33 22.98
N VAL G 117 24.88 -51.06 23.63
CA VAL G 117 26.13 -50.72 22.95
C VAL G 117 27.09 -51.89 23.14
N SER G 118 27.46 -52.53 22.02
CA SER G 118 28.33 -53.70 22.08
C SER G 118 29.08 -53.85 20.77
N SER G 119 30.29 -54.40 20.86
CA SER G 119 31.05 -54.80 19.69
C SER G 119 30.68 -56.21 19.20
N ALA G 120 29.94 -56.96 20.00
CA ALA G 120 29.67 -58.36 19.69
C ALA G 120 28.97 -58.51 18.36
N LYS G 121 29.30 -59.59 17.65
CA LYS G 121 28.61 -59.96 16.43
C LYS G 121 27.44 -60.90 16.76
N THR G 122 26.50 -61.00 15.83
CA THR G 122 25.34 -61.86 16.01
C THR G 122 25.79 -63.32 16.12
N THR G 123 25.85 -63.84 17.35
CA THR G 123 26.33 -65.19 17.60
C THR G 123 25.18 -66.07 18.07
N ALA G 124 25.14 -67.29 17.52
CA ALA G 124 24.10 -68.25 17.86
C ALA G 124 24.40 -68.92 19.20
N PRO G 125 23.37 -69.26 19.96
CA PRO G 125 23.59 -69.87 21.28
C PRO G 125 24.00 -71.32 21.20
N SER G 126 24.74 -71.76 22.22
CA SER G 126 25.05 -73.17 22.43
C SER G 126 24.11 -73.70 23.50
N VAL G 127 23.31 -74.69 23.15
CA VAL G 127 22.30 -75.24 24.04
C VAL G 127 22.81 -76.56 24.61
N TYR G 128 22.89 -76.64 25.94
CA TYR G 128 23.42 -77.79 26.63
C TYR G 128 22.35 -78.38 27.54
N PRO G 129 22.12 -79.69 27.51
CA PRO G 129 21.18 -80.31 28.43
C PRO G 129 21.80 -80.51 29.81
N LEU G 130 20.95 -80.42 30.83
CA LEU G 130 21.39 -80.54 32.23
C LEU G 130 20.56 -81.62 32.91
N ALA G 131 21.10 -82.85 32.94
CA ALA G 131 20.52 -83.98 33.64
C ALA G 131 21.13 -84.11 35.03
N PRO G 132 20.36 -84.61 36.01
CA PRO G 132 20.92 -84.74 37.36
C PRO G 132 21.96 -85.85 37.47
N VAL G 133 22.56 -85.98 38.65
CA VAL G 133 23.60 -86.98 38.87
C VAL G 133 22.95 -88.28 39.32
N CYS G 134 23.70 -89.37 39.18
CA CYS G 134 23.23 -90.70 39.57
C CYS G 134 22.95 -90.76 41.07
N THR G 135 16.35 -89.92 42.77
CA THR G 135 16.46 -90.62 44.04
C THR G 135 15.31 -90.25 44.97
N GLY G 136 14.81 -89.03 44.84
CA GLY G 136 13.67 -88.56 45.62
C GLY G 136 12.36 -88.79 44.91
N SER G 137 11.35 -88.05 45.34
CA SER G 137 10.05 -88.08 44.69
C SER G 137 9.91 -87.02 43.61
N SER G 138 10.69 -85.94 43.68
CA SER G 138 10.71 -84.89 42.68
C SER G 138 12.04 -84.88 41.98
N VAL G 139 12.03 -84.59 40.68
CA VAL G 139 13.23 -84.55 39.86
C VAL G 139 13.28 -83.20 39.14
N THR G 140 14.49 -82.65 39.01
CA THR G 140 14.70 -81.35 38.39
C THR G 140 15.69 -81.49 37.25
N LEU G 141 15.34 -80.95 36.08
CA LEU G 141 16.21 -80.90 34.92
C LEU G 141 16.57 -79.45 34.63
N GLY G 142 17.39 -79.25 33.60
CA GLY G 142 17.83 -77.90 33.27
C GLY G 142 18.30 -77.80 31.84
N CYS G 143 18.43 -76.54 31.41
CA CYS G 143 18.89 -76.22 30.06
C CYS G 143 19.76 -74.97 30.14
N LEU G 144 20.95 -75.04 29.53
CA LEU G 144 21.93 -73.97 29.60
C LEU G 144 22.12 -73.38 28.20
N VAL G 145 21.83 -72.09 28.07
CA VAL G 145 21.98 -71.35 26.82
C VAL G 145 23.16 -70.39 27.01
N LYS G 146 24.23 -70.60 26.24
CA LYS G 146 25.50 -69.93 26.51
C LYS G 146 26.09 -69.34 25.23
N GLY G 147 26.54 -68.10 25.33
CA GLY G 147 27.36 -67.50 24.28
C GLY G 147 26.61 -66.96 23.08
N TYR G 148 25.45 -66.34 23.29
CA TYR G 148 24.66 -65.79 22.19
C TYR G 148 24.60 -64.27 22.27
N PHE G 149 24.29 -63.66 21.12
CA PHE G 149 24.13 -62.22 21.02
C PHE G 149 23.39 -61.91 19.74
N PRO G 150 22.46 -60.93 19.73
CA PRO G 150 22.00 -60.21 20.92
C PRO G 150 20.78 -60.86 21.56
N GLU G 151 20.25 -60.22 22.59
CA GLU G 151 19.01 -60.69 23.20
C GLU G 151 17.85 -60.46 22.22
N PRO G 152 16.72 -61.17 22.43
CA PRO G 152 16.46 -62.19 23.44
C PRO G 152 16.47 -63.61 22.90
N VAL G 153 16.09 -64.56 23.75
CA VAL G 153 15.87 -65.94 23.36
C VAL G 153 14.59 -66.43 24.05
N THR G 154 13.78 -67.17 23.30
CA THR G 154 12.57 -67.77 23.83
C THR G 154 12.86 -69.22 24.18
N LEU G 155 12.58 -69.61 25.42
CA LEU G 155 12.85 -70.95 25.90
C LEU G 155 11.55 -71.58 26.39
N THR G 156 11.26 -72.77 25.87
CA THR G 156 10.10 -73.54 26.29
C THR G 156 10.50 -75.00 26.46
N TRP G 157 9.63 -75.76 27.11
CA TRP G 157 9.83 -77.19 27.31
C TRP G 157 8.75 -77.95 26.55
N ASN G 158 9.17 -78.93 25.75
CA ASN G 158 8.26 -79.74 24.93
C ASN G 158 7.40 -78.86 24.02
N SER G 159 8.02 -77.82 23.45
CA SER G 159 7.34 -76.88 22.56
C SER G 159 6.13 -76.23 23.24
N GLY G 160 6.36 -75.71 24.45
CA GLY G 160 5.30 -75.06 25.20
C GLY G 160 4.29 -75.99 25.81
N SER G 161 4.55 -77.30 25.84
CA SER G 161 3.61 -78.23 26.46
C SER G 161 3.77 -78.28 27.97
N LEU G 162 5.03 -78.25 28.45
CA LEU G 162 5.33 -78.25 29.87
C LEU G 162 5.62 -76.83 30.30
N SER G 163 4.74 -76.26 31.14
CA SER G 163 4.85 -74.87 31.56
C SER G 163 4.92 -74.72 33.06
N SER G 164 3.98 -75.30 33.81
CA SER G 164 3.95 -75.12 35.25
C SER G 164 5.15 -75.78 35.91
N GLY G 165 5.72 -75.12 36.91
CA GLY G 165 6.90 -75.63 37.58
C GLY G 165 8.20 -75.37 36.85
N VAL G 166 8.29 -74.25 36.13
CA VAL G 166 9.46 -73.92 35.33
C VAL G 166 10.00 -72.58 35.77
N HIS G 167 11.34 -72.46 35.82
CA HIS G 167 12.02 -71.22 36.17
C HIS G 167 13.05 -70.90 35.09
N THR G 168 12.74 -69.94 34.23
CA THR G 168 13.69 -69.41 33.26
C THR G 168 14.30 -68.14 33.83
N PHE G 169 15.62 -68.10 33.95
CA PHE G 169 16.27 -67.01 34.65
C PHE G 169 16.69 -65.90 33.69
N PRO G 170 16.72 -64.66 34.18
CA PRO G 170 17.15 -63.54 33.33
C PRO G 170 18.56 -63.75 32.80
N ALA G 171 18.75 -63.39 31.53
CA ALA G 171 20.04 -63.52 30.89
C ALA G 171 21.06 -62.59 31.55
N VAL G 172 22.31 -63.05 31.58
CA VAL G 172 23.42 -62.29 32.15
C VAL G 172 24.51 -62.17 31.10
N LEU G 173 25.20 -61.04 31.10
CA LEU G 173 26.23 -60.73 30.12
C LEU G 173 27.55 -61.37 30.55
N GLN G 174 28.04 -62.31 29.74
CA GLN G 174 29.31 -63.00 30.00
C GLN G 174 30.28 -62.59 28.90
N SER G 175 31.02 -61.51 29.16
CA SER G 175 32.07 -61.00 28.26
C SER G 175 31.54 -60.84 26.83
N ASP G 176 30.70 -59.82 26.67
CA ASP G 176 30.10 -59.41 25.40
C ASP G 176 29.16 -60.45 24.82
N LEU G 177 28.85 -61.52 25.56
CA LEU G 177 27.88 -62.52 25.14
C LEU G 177 26.95 -62.83 26.31
N TYR G 178 25.74 -63.28 25.98
CA TYR G 178 24.71 -63.53 26.98
C TYR G 178 24.64 -65.00 27.34
N THR G 179 24.24 -65.27 28.58
CA THR G 179 24.04 -66.63 29.07
C THR G 179 22.72 -66.69 29.83
N LEU G 180 21.90 -67.70 29.51
CA LEU G 180 20.60 -67.90 30.14
C LEU G 180 20.46 -69.37 30.50
N SER G 181 19.65 -69.65 31.51
CA SER G 181 19.40 -71.03 31.92
C SER G 181 17.98 -71.14 32.45
N SER G 182 17.45 -72.36 32.42
CA SER G 182 16.09 -72.62 32.85
C SER G 182 16.02 -73.98 33.53
N SER G 183 15.21 -74.06 34.59
CA SER G 183 14.98 -75.29 35.32
C SER G 183 13.52 -75.70 35.20
N VAL G 184 13.25 -76.96 35.53
CA VAL G 184 11.90 -77.51 35.48
C VAL G 184 11.85 -78.71 36.43
N THR G 185 10.74 -78.83 37.16
CA THR G 185 10.58 -79.85 38.17
C THR G 185 9.31 -80.64 37.91
N VAL G 186 9.42 -81.98 37.95
CA VAL G 186 8.27 -82.87 37.85
C VAL G 186 8.43 -83.99 38.87
N THR G 187 7.61 -85.03 38.74
CA THR G 187 7.71 -86.18 39.62
C THR G 187 8.66 -87.22 39.03
N SER G 188 9.18 -88.09 39.91
CA SER G 188 10.13 -89.10 39.47
C SER G 188 9.52 -90.05 38.46
N SER G 189 8.21 -90.30 38.54
CA SER G 189 7.56 -91.20 37.60
C SER G 189 7.40 -90.60 36.22
N THR G 190 7.68 -89.30 36.05
CA THR G 190 7.57 -88.65 34.75
C THR G 190 8.85 -88.76 33.94
N TRP G 191 10.01 -88.68 34.60
CA TRP G 191 11.29 -88.69 33.92
C TRP G 191 12.21 -89.74 34.54
N PRO G 192 12.97 -90.50 33.73
CA PRO G 192 13.06 -90.42 32.26
C PRO G 192 11.94 -91.13 31.53
N SER G 193 10.82 -91.40 32.22
CA SER G 193 9.70 -92.08 31.60
C SER G 193 9.21 -91.34 30.36
N GLN G 194 9.00 -90.03 30.48
CA GLN G 194 8.47 -89.22 29.40
C GLN G 194 9.57 -88.31 28.86
N SER G 195 9.67 -88.26 27.53
CA SER G 195 10.70 -87.46 26.88
C SER G 195 10.49 -85.98 27.12
N ILE G 196 11.53 -85.29 27.57
CA ILE G 196 11.51 -83.86 27.82
C ILE G 196 12.57 -83.20 26.97
N THR G 197 12.20 -82.12 26.27
CA THR G 197 13.07 -81.43 25.34
C THR G 197 13.12 -79.95 25.68
N CYS G 198 14.30 -79.35 25.51
CA CYS G 198 14.50 -77.91 25.73
C CYS G 198 14.47 -77.22 24.37
N ASN G 199 13.48 -76.36 24.16
CA ASN G 199 13.28 -75.66 22.90
C ASN G 199 13.76 -74.22 23.04
N VAL G 200 14.86 -73.90 22.35
CA VAL G 200 15.45 -72.57 22.37
C VAL G 200 15.42 -71.99 20.97
N ALA G 201 15.04 -70.73 20.87
CA ALA G 201 14.99 -70.01 19.60
C ALA G 201 15.74 -68.70 19.74
N HIS G 202 16.64 -68.42 18.79
CA HIS G 202 17.39 -67.18 18.73
C HIS G 202 17.09 -66.52 17.38
N PRO G 203 16.00 -65.77 17.29
CA PRO G 203 15.61 -65.21 15.98
C PRO G 203 16.66 -64.31 15.35
N ALA G 204 17.53 -63.69 16.16
CA ALA G 204 18.54 -62.80 15.60
C ALA G 204 19.46 -63.55 14.63
N SER G 205 19.85 -64.77 14.99
CA SER G 205 20.62 -65.63 14.10
C SER G 205 19.75 -66.64 13.36
N SER G 206 18.43 -66.61 13.59
CA SER G 206 17.48 -67.50 12.93
C SER G 206 17.83 -68.97 13.15
N THR G 207 17.89 -69.35 14.42
CA THR G 207 18.18 -70.73 14.82
C THR G 207 17.19 -71.14 15.90
N LYS G 208 16.62 -72.35 15.75
CA LYS G 208 15.70 -72.92 16.74
C LYS G 208 16.19 -74.34 17.04
N VAL G 209 17.22 -74.43 17.88
CA VAL G 209 17.78 -75.71 18.29
C VAL G 209 16.99 -76.27 19.45
N ASP G 210 16.95 -77.60 19.56
CA ASP G 210 16.26 -78.27 20.64
C ASP G 210 17.08 -79.46 21.12
N LYS G 211 17.27 -79.56 22.43
CA LYS G 211 18.04 -80.62 23.06
C LYS G 211 17.14 -81.44 23.97
N LYS G 212 17.10 -82.75 23.75
CA LYS G 212 16.39 -83.64 24.65
C LYS G 212 17.29 -84.01 25.82
N ILE G 213 16.73 -83.96 27.03
CA ILE G 213 17.48 -84.30 28.23
C ILE G 213 17.62 -85.82 28.31
N GLU G 214 18.86 -86.28 28.51
CA GLU G 214 19.14 -87.70 28.63
C GLU G 214 19.83 -87.99 29.95
N PRO G 215 19.46 -89.07 30.64
CA PRO G 215 20.10 -89.40 31.92
C PRO G 215 21.56 -89.79 31.71
N ARG G 216 22.26 -89.94 32.84
CA ARG G 216 23.67 -90.28 32.83
C ARG G 216 23.90 -91.73 33.24
N ASP H 1 24.16 -30.30 43.29
CA ASP H 1 23.03 -31.19 43.04
C ASP H 1 22.36 -31.61 44.35
N ILE H 2 21.04 -31.73 44.32
CA ILE H 2 20.25 -32.12 45.49
C ILE H 2 20.21 -33.64 45.56
N LEU H 3 20.72 -34.21 46.65
CA LEU H 3 20.68 -35.65 46.84
C LEU H 3 19.33 -36.06 47.40
N MET H 4 18.74 -37.10 46.84
CA MET H 4 17.46 -37.63 47.26
C MET H 4 17.69 -39.00 47.89
N THR H 5 17.59 -39.09 49.20
CA THR H 5 17.72 -40.36 49.93
C THR H 5 16.33 -40.94 50.15
N GLN H 6 16.03 -42.01 49.44
CA GLN H 6 14.72 -42.66 49.50
C GLN H 6 14.82 -43.93 50.34
N SER H 7 13.90 -44.08 51.30
CA SER H 7 13.93 -45.18 52.23
C SER H 7 12.52 -45.74 52.44
N PRO H 8 12.38 -47.08 52.56
CA PRO H 8 13.47 -48.05 52.46
C PRO H 8 13.67 -48.56 51.04
N SER H 9 14.76 -49.30 50.81
CA SER H 9 15.02 -49.85 49.48
C SER H 9 13.99 -50.91 49.09
N SER H 10 13.33 -51.53 50.06
CA SER H 10 12.35 -52.57 49.79
C SER H 10 11.56 -52.82 51.07
N MET H 11 10.39 -53.43 50.91
CA MET H 11 9.57 -53.84 52.04
C MET H 11 8.69 -55.00 51.61
N SER H 12 8.54 -55.99 52.49
CA SER H 12 7.71 -57.16 52.25
C SER H 12 6.41 -56.99 53.04
N VAL H 13 5.31 -56.74 52.33
CA VAL H 13 4.04 -56.42 52.94
C VAL H 13 2.95 -57.25 52.27
N SER H 14 1.71 -57.04 52.71
CA SER H 14 0.57 -57.85 52.27
C SER H 14 -0.56 -56.95 51.80
N LEU H 15 -1.54 -57.58 51.16
CA LEU H 15 -2.72 -56.85 50.69
C LEU H 15 -3.48 -56.26 51.86
N GLY H 16 -3.98 -55.03 51.67
CA GLY H 16 -4.71 -54.33 52.71
C GLY H 16 -3.85 -53.55 53.67
N ASP H 17 -2.53 -53.69 53.60
CA ASP H 17 -1.65 -52.97 54.52
C ASP H 17 -1.57 -51.49 54.14
N THR H 18 -1.19 -50.68 55.12
CA THR H 18 -0.98 -49.25 54.94
C THR H 18 0.51 -48.97 55.15
N VAL H 19 1.22 -48.72 54.06
CA VAL H 19 2.67 -48.55 54.09
C VAL H 19 3.00 -47.10 53.74
N SER H 20 4.24 -46.71 54.02
CA SER H 20 4.71 -45.36 53.76
C SER H 20 6.14 -45.40 53.27
N ILE H 21 6.41 -44.65 52.20
CA ILE H 21 7.75 -44.52 51.62
C ILE H 21 8.22 -43.10 51.87
N THR H 22 9.36 -42.95 52.52
CA THR H 22 9.90 -41.63 52.82
C THR H 22 10.95 -41.24 51.79
N CYS H 23 11.19 -39.93 51.69
CA CYS H 23 12.18 -39.37 50.80
C CYS H 23 12.79 -38.16 51.50
N HIS H 24 14.10 -38.14 51.66
CA HIS H 24 14.81 -37.05 52.33
C HIS H 24 15.76 -36.38 51.35
N ALA H 25 15.65 -35.06 51.25
CA ALA H 25 16.47 -34.27 50.34
C ALA H 25 17.61 -33.61 51.09
N SER H 26 18.69 -33.34 50.36
CA SER H 26 19.87 -32.71 50.96
C SER H 26 19.62 -31.26 51.38
N GLN H 27 18.49 -30.68 50.97
CA GLN H 27 18.13 -29.32 51.36
C GLN H 27 16.64 -29.15 51.11
N GLY H 28 16.13 -27.99 51.53
CA GLY H 28 14.71 -27.72 51.37
C GLY H 28 14.32 -27.66 49.89
N ILE H 29 13.15 -28.21 49.58
CA ILE H 29 12.67 -28.24 48.20
C ILE H 29 11.20 -27.82 48.15
N SER H 30 10.69 -27.32 49.29
CA SER H 30 9.34 -26.78 49.44
C SER H 30 8.29 -27.44 48.54
N SER H 31 8.06 -28.73 48.75
CA SER H 31 7.00 -29.52 48.11
C SER H 31 7.22 -29.73 46.61
N ASN H 32 8.35 -29.28 46.04
CA ASN H 32 8.62 -29.50 44.62
C ASN H 32 9.13 -30.92 44.39
N ILE H 33 8.28 -31.88 44.72
CA ILE H 33 8.61 -33.30 44.66
C ILE H 33 7.51 -34.03 43.90
N GLY H 34 7.92 -35.05 43.14
CA GLY H 34 6.99 -35.92 42.47
C GLY H 34 7.18 -37.36 42.90
N TRP H 35 6.13 -38.18 42.79
CA TRP H 35 6.20 -39.60 43.09
C TRP H 35 5.83 -40.40 41.86
N LEU H 36 6.60 -41.46 41.61
CA LEU H 36 6.48 -42.25 40.39
C LEU H 36 6.30 -43.72 40.73
N GLN H 37 5.60 -44.43 39.84
CA GLN H 37 5.39 -45.86 39.96
C GLN H 37 5.84 -46.54 38.67
N GLN H 38 6.55 -47.66 38.81
CA GLN H 38 6.98 -48.48 37.68
C GLN H 38 6.59 -49.92 37.96
N LYS H 39 5.54 -50.40 37.29
CA LYS H 39 5.12 -51.78 37.44
C LYS H 39 6.15 -52.70 36.78
N PRO H 40 6.28 -53.94 37.27
CA PRO H 40 7.33 -54.84 36.78
C PRO H 40 7.40 -54.96 35.26
N GLY H 41 8.57 -54.66 34.69
CA GLY H 41 8.76 -54.77 33.26
C GLY H 41 7.88 -53.85 32.45
N LYS H 42 7.59 -52.65 32.97
CA LYS H 42 6.75 -51.69 32.28
C LYS H 42 7.34 -50.29 32.50
N SER H 43 6.68 -49.30 31.89
CA SER H 43 7.16 -47.93 31.94
C SER H 43 6.67 -47.27 33.23
N PHE H 44 6.81 -45.95 33.32
CA PHE H 44 6.49 -45.21 34.53
C PHE H 44 5.10 -44.59 34.45
N MET H 45 4.51 -44.37 35.61
CA MET H 45 3.23 -43.68 35.75
C MET H 45 3.37 -42.63 36.83
N GLY H 46 2.94 -41.41 36.52
CA GLY H 46 2.94 -40.35 37.53
C GLY H 46 1.89 -40.61 38.60
N LEU H 47 2.27 -40.36 39.85
CA LEU H 47 1.38 -40.51 40.99
C LEU H 47 1.07 -39.16 41.64
N ILE H 48 2.10 -38.45 42.08
CA ILE H 48 1.95 -37.19 42.80
C ILE H 48 2.81 -36.14 42.11
N TYR H 49 2.30 -34.90 42.06
CA TYR H 49 3.13 -33.76 41.73
C TYR H 49 2.94 -32.69 42.80
N TYR H 50 3.97 -31.86 42.96
CA TYR H 50 3.99 -30.79 43.96
C TYR H 50 3.58 -31.29 45.34
N GLY H 51 4.21 -32.38 45.76
CA GLY H 51 4.05 -32.89 47.12
C GLY H 51 2.78 -33.63 47.49
N THR H 52 1.61 -33.10 47.11
CA THR H 52 0.34 -33.64 47.57
C THR H 52 -0.69 -33.89 46.48
N ASN H 53 -0.46 -33.46 45.25
CA ASN H 53 -1.50 -33.44 44.23
C ASN H 53 -1.48 -34.75 43.43
N LEU H 54 -2.63 -35.43 43.42
CA LEU H 54 -2.76 -36.67 42.68
C LEU H 54 -2.77 -36.40 41.17
N VAL H 55 -1.99 -37.18 40.44
CA VAL H 55 -2.09 -37.17 38.99
C VAL H 55 -3.47 -37.68 38.58
N ASP H 56 -4.02 -37.10 37.51
CA ASP H 56 -5.34 -37.49 37.04
C ASP H 56 -5.40 -38.98 36.76
N GLY H 57 -6.37 -39.66 37.38
CA GLY H 57 -6.55 -41.08 37.20
C GLY H 57 -5.90 -41.96 38.24
N VAL H 58 -5.25 -41.38 39.25
CA VAL H 58 -4.60 -42.14 40.31
C VAL H 58 -5.60 -42.37 41.44
N PRO H 59 -5.71 -43.59 41.96
CA PRO H 59 -6.64 -43.82 43.08
C PRO H 59 -6.27 -42.98 44.29
N SER H 60 -7.27 -42.68 45.11
CA SER H 60 -7.06 -41.82 46.27
C SER H 60 -6.38 -42.54 47.43
N ARG H 61 -6.22 -43.86 47.36
CA ARG H 61 -5.45 -44.55 48.39
C ARG H 61 -4.00 -44.11 48.40
N PHE H 62 -3.51 -43.57 47.29
CA PHE H 62 -2.21 -42.90 47.27
C PHE H 62 -2.36 -41.48 47.82
N SER H 63 -1.39 -41.06 48.62
CA SER H 63 -1.37 -39.69 49.11
C SER H 63 0.06 -39.29 49.45
N GLY H 64 0.35 -38.01 49.25
CA GLY H 64 1.67 -37.45 49.53
C GLY H 64 1.58 -36.43 50.65
N SER H 65 2.67 -36.32 51.40
CA SER H 65 2.75 -35.39 52.51
C SER H 65 4.21 -34.96 52.70
N GLY H 66 4.42 -34.02 53.60
CA GLY H 66 5.74 -33.58 53.96
C GLY H 66 5.97 -32.11 53.64
N SER H 67 7.10 -31.61 54.11
CA SER H 67 7.51 -30.23 53.90
C SER H 67 9.02 -30.15 54.09
N GLY H 68 9.58 -29.00 53.75
CA GLY H 68 11.00 -28.77 53.91
C GLY H 68 11.86 -29.74 53.11
N ALA H 69 12.41 -30.75 53.79
CA ALA H 69 13.29 -31.71 53.14
C ALA H 69 12.87 -33.15 53.37
N ASP H 70 11.65 -33.39 53.88
CA ASP H 70 11.20 -34.73 54.22
C ASP H 70 9.77 -34.92 53.76
N TYR H 71 9.55 -35.97 52.97
CA TYR H 71 8.26 -36.20 52.34
C TYR H 71 7.93 -37.69 52.39
N SER H 72 6.66 -38.01 52.13
CA SER H 72 6.20 -39.38 52.26
C SER H 72 5.13 -39.69 51.23
N LEU H 73 5.23 -40.88 50.65
CA LEU H 73 4.16 -41.47 49.86
C LEU H 73 3.50 -42.55 50.70
N THR H 74 2.18 -42.48 50.83
CA THR H 74 1.44 -43.42 51.67
C THR H 74 0.35 -44.09 50.84
N ILE H 75 0.37 -45.42 50.80
CA ILE H 75 -0.65 -46.22 50.12
C ILE H 75 -1.48 -46.89 51.20
N SER H 76 -2.76 -46.52 51.26
CA SER H 76 -3.69 -47.10 52.23
C SER H 76 -4.39 -48.30 51.61
N SER H 77 -4.36 -49.43 52.34
CA SER H 77 -4.97 -50.67 51.87
C SER H 77 -4.41 -51.09 50.52
N LEU H 78 -3.27 -51.78 50.53
CA LEU H 78 -2.57 -52.11 49.29
C LEU H 78 -3.42 -53.00 48.39
N ASP H 79 -3.28 -52.79 47.08
CA ASP H 79 -3.90 -53.62 46.06
C ASP H 79 -2.83 -54.47 45.39
N SER H 80 -3.29 -55.48 44.63
CA SER H 80 -2.35 -56.37 43.95
C SER H 80 -1.47 -55.61 42.97
N GLU H 81 -2.05 -54.66 42.22
CA GLU H 81 -1.26 -53.90 41.28
C GLU H 81 -0.24 -52.98 41.95
N ASP H 82 -0.46 -52.64 43.23
CA ASP H 82 0.43 -51.71 43.92
C ASP H 82 1.81 -52.27 44.20
N PHE H 83 2.02 -53.58 44.01
CA PHE H 83 3.33 -54.18 44.21
C PHE H 83 4.19 -53.86 42.99
N ALA H 84 5.06 -52.87 43.13
CA ALA H 84 5.86 -52.36 42.02
C ALA H 84 6.98 -51.51 42.60
N ASP H 85 7.71 -50.83 41.72
CA ASP H 85 8.78 -49.93 42.11
C ASP H 85 8.26 -48.50 42.23
N TYR H 86 8.78 -47.77 43.21
CA TYR H 86 8.39 -46.39 43.46
C TYR H 86 9.62 -45.52 43.63
N TYR H 87 9.59 -44.32 43.03
CA TYR H 87 10.69 -43.38 43.08
C TYR H 87 10.17 -41.98 43.39
N CYS H 88 11.00 -41.19 44.06
CA CYS H 88 10.74 -39.77 44.25
C CYS H 88 11.66 -38.97 43.33
N VAL H 89 11.21 -37.77 42.97
CA VAL H 89 11.97 -36.88 42.10
C VAL H 89 11.73 -35.45 42.54
N GLN H 90 12.81 -34.70 42.75
CA GLN H 90 12.72 -33.29 43.09
C GLN H 90 12.90 -32.45 41.83
N TYR H 91 12.14 -31.37 41.74
CA TYR H 91 12.35 -30.38 40.68
C TYR H 91 12.42 -28.98 41.26
N ALA H 92 12.88 -28.86 42.51
CA ALA H 92 13.18 -27.55 43.08
C ALA H 92 14.36 -26.89 42.38
N GLN H 93 15.32 -27.68 41.92
CA GLN H 93 16.51 -27.14 41.27
C GLN H 93 16.88 -28.02 40.07
N LEU H 94 17.55 -27.40 39.11
CA LEU H 94 18.20 -28.14 38.04
C LEU H 94 19.62 -28.50 38.46
N PRO H 95 20.09 -29.72 38.16
CA PRO H 95 19.37 -30.76 37.44
C PRO H 95 18.36 -31.49 38.31
N TYR H 96 17.28 -31.98 37.70
CA TYR H 96 16.35 -32.83 38.42
C TYR H 96 17.08 -34.09 38.90
N THR H 97 16.76 -34.53 40.12
CA THR H 97 17.40 -35.71 40.68
C THR H 97 16.35 -36.64 41.27
N PHE H 98 16.67 -37.93 41.26
CA PHE H 98 15.75 -38.99 41.65
C PHE H 98 16.23 -39.68 42.92
N GLY H 99 15.30 -40.42 43.54
CA GLY H 99 15.64 -41.27 44.65
C GLY H 99 16.09 -42.66 44.19
N GLY H 100 16.73 -43.38 45.12
CA GLY H 100 17.23 -44.70 44.79
C GLY H 100 16.14 -45.69 44.42
N GLY H 101 14.95 -45.52 44.99
CA GLY H 101 13.81 -46.34 44.65
C GLY H 101 13.36 -47.21 45.82
N THR H 102 12.18 -47.80 45.62
CA THR H 102 11.56 -48.67 46.61
C THR H 102 10.74 -49.72 45.88
N LYS H 103 10.97 -50.99 46.19
CA LYS H 103 10.23 -52.09 45.59
C LYS H 103 9.32 -52.71 46.65
N LEU H 104 8.01 -52.66 46.41
CA LEU H 104 7.05 -53.32 47.29
C LEU H 104 6.95 -54.79 46.88
N GLU H 105 7.29 -55.69 47.80
CA GLU H 105 7.28 -57.12 47.55
C GLU H 105 6.24 -57.79 48.41
N ILE H 106 5.72 -58.93 47.93
CA ILE H 106 4.69 -59.67 48.65
C ILE H 106 5.32 -60.40 49.82
N LYS H 107 4.66 -60.34 50.97
CA LYS H 107 5.13 -61.04 52.16
C LYS H 107 4.48 -62.41 52.24
N ARG H 108 5.24 -63.38 52.79
CA ARG H 108 4.74 -64.73 52.98
C ARG H 108 5.58 -65.41 54.05
N ALA H 109 5.28 -66.68 54.30
CA ALA H 109 6.02 -67.46 55.27
C ALA H 109 7.34 -67.94 54.68
N ASP H 110 8.34 -68.08 55.54
CA ASP H 110 9.67 -68.50 55.10
C ASP H 110 9.60 -69.85 54.40
N ALA H 111 10.53 -70.06 53.47
CA ALA H 111 10.61 -71.29 52.71
C ALA H 111 12.06 -71.57 52.34
N ALA H 112 12.54 -72.76 52.68
CA ALA H 112 13.91 -73.11 52.37
C ALA H 112 14.06 -73.39 50.87
N PRO H 113 15.26 -73.18 50.33
CA PRO H 113 15.46 -73.40 48.90
C PRO H 113 15.69 -74.87 48.55
N THR H 114 15.24 -75.24 47.36
CA THR H 114 15.51 -76.57 46.79
C THR H 114 16.75 -76.46 45.91
N VAL H 115 17.85 -77.08 46.34
CA VAL H 115 19.13 -76.98 45.65
C VAL H 115 19.29 -78.18 44.73
N SER H 116 19.79 -77.92 43.52
CA SER H 116 20.05 -78.96 42.53
C SER H 116 21.31 -78.60 41.77
N ILE H 117 22.26 -79.54 41.68
CA ILE H 117 23.53 -79.32 41.00
C ILE H 117 23.57 -80.20 39.75
N PHE H 118 24.22 -79.69 38.71
CA PHE H 118 24.26 -80.35 37.41
C PHE H 118 25.65 -80.28 36.81
N PRO H 119 26.31 -81.42 36.63
CA PRO H 119 27.66 -81.43 36.03
C PRO H 119 27.63 -80.97 34.59
N PRO H 120 28.79 -80.72 33.98
CA PRO H 120 28.81 -80.30 32.57
C PRO H 120 28.18 -81.34 31.66
N SER H 121 27.60 -80.85 30.56
CA SER H 121 27.05 -81.73 29.56
C SER H 121 28.16 -82.40 28.76
N SER H 122 27.80 -83.52 28.10
CA SER H 122 28.74 -84.17 27.20
C SER H 122 29.12 -83.26 26.04
N GLU H 123 28.12 -82.57 25.46
CA GLU H 123 28.38 -81.71 24.32
C GLU H 123 29.33 -80.58 24.66
N GLN H 124 29.19 -79.99 25.86
CA GLN H 124 30.03 -78.86 26.23
C GLN H 124 31.47 -79.30 26.45
N LEU H 125 31.68 -80.42 27.15
CA LEU H 125 33.04 -80.89 27.41
C LEU H 125 33.78 -81.18 26.10
N THR H 126 33.09 -81.78 25.12
CA THR H 126 33.72 -82.06 23.84
C THR H 126 34.14 -80.78 23.13
N SER H 127 33.52 -79.65 23.45
CA SER H 127 33.90 -78.38 22.81
C SER H 127 35.08 -77.71 23.50
N GLY H 128 35.35 -78.03 24.76
CA GLY H 128 36.45 -77.43 25.49
C GLY H 128 36.05 -76.65 26.72
N GLY H 129 34.76 -76.55 27.06
CA GLY H 129 34.33 -75.82 28.24
C GLY H 129 33.63 -76.72 29.24
N ALA H 130 33.48 -76.24 30.47
CA ALA H 130 32.86 -77.05 31.52
C ALA H 130 32.12 -76.11 32.47
N SER H 131 30.81 -76.23 32.52
CA SER H 131 29.97 -75.37 33.36
C SER H 131 29.19 -76.23 34.34
N VAL H 132 29.38 -75.97 35.62
CA VAL H 132 28.60 -76.61 36.68
C VAL H 132 27.48 -75.64 37.07
N VAL H 133 26.24 -76.10 36.96
CA VAL H 133 25.07 -75.27 37.22
C VAL H 133 24.46 -75.67 38.56
N CYS H 134 24.00 -74.67 39.30
CA CYS H 134 23.37 -74.86 40.61
C CYS H 134 22.09 -74.04 40.65
N PHE H 135 20.95 -74.73 40.79
CA PHE H 135 19.66 -74.09 40.90
C PHE H 135 19.20 -74.06 42.36
N LEU H 136 18.68 -72.92 42.78
CA LEU H 136 18.15 -72.75 44.14
C LEU H 136 16.74 -72.16 43.99
N ASN H 137 15.73 -73.02 44.12
CA ASN H 137 14.38 -72.70 43.68
C ASN H 137 13.43 -72.51 44.85
N ASN H 138 12.52 -71.54 44.71
CA ASN H 138 11.32 -71.39 45.55
C ASN H 138 11.68 -71.23 47.02
N PHE H 139 12.40 -70.15 47.32
CA PHE H 139 12.74 -69.81 48.70
C PHE H 139 12.20 -68.43 49.04
N TYR H 140 12.12 -68.16 50.35
CA TYR H 140 11.70 -66.86 50.86
C TYR H 140 12.27 -66.71 52.26
N PRO H 141 12.83 -65.56 52.62
CA PRO H 141 12.93 -64.32 51.83
C PRO H 141 14.01 -64.36 50.76
N LYS H 142 14.19 -63.23 50.06
CA LYS H 142 15.10 -63.16 48.93
C LYS H 142 16.57 -63.21 49.33
N ASP H 143 16.88 -62.89 50.58
CA ASP H 143 18.26 -62.81 51.05
C ASP H 143 18.87 -64.20 51.07
N ILE H 144 19.73 -64.50 50.10
CA ILE H 144 20.36 -65.81 50.00
C ILE H 144 21.81 -65.62 49.54
N ASN H 145 22.67 -66.53 49.96
CA ASN H 145 24.10 -66.49 49.62
C ASN H 145 24.51 -67.85 49.09
N VAL H 146 25.24 -67.85 47.97
CA VAL H 146 25.73 -69.07 47.36
C VAL H 146 27.25 -69.10 47.50
N LYS H 147 27.79 -70.31 47.61
CA LYS H 147 29.23 -70.51 47.74
C LYS H 147 29.62 -71.77 46.97
N TRP H 148 30.63 -71.64 46.11
CA TRP H 148 31.14 -72.75 45.34
C TRP H 148 32.43 -73.29 45.96
N LYS H 149 32.55 -74.61 46.01
CA LYS H 149 33.74 -75.26 46.53
C LYS H 149 34.23 -76.30 45.53
N ILE H 150 35.51 -76.22 45.18
CA ILE H 150 36.17 -77.20 44.34
C ILE H 150 37.14 -77.97 45.23
N ASP H 151 36.90 -79.27 45.38
CA ASP H 151 37.67 -80.12 46.28
C ASP H 151 37.68 -79.56 47.70
N GLY H 152 36.53 -79.07 48.15
CA GLY H 152 36.38 -78.56 49.50
C GLY H 152 36.85 -77.12 49.71
N SER H 153 37.53 -76.53 48.73
CA SER H 153 38.05 -75.18 48.85
C SER H 153 37.19 -74.21 48.06
N GLU H 154 36.93 -73.04 48.66
CA GLU H 154 36.04 -72.06 48.04
C GLU H 154 36.58 -71.59 46.69
N ARG H 155 35.67 -71.40 45.75
CA ARG H 155 35.99 -70.88 44.42
C ARG H 155 35.12 -69.66 44.15
N GLN H 156 35.74 -68.58 43.72
CA GLN H 156 35.03 -67.33 43.50
C GLN H 156 35.11 -66.83 42.05
N ASN H 157 36.21 -67.07 41.36
CA ASN H 157 36.35 -66.63 39.98
C ASN H 157 35.61 -67.56 39.03
N GLY H 158 34.88 -66.97 38.09
CA GLY H 158 34.15 -67.74 37.10
C GLY H 158 32.73 -68.09 37.45
N VAL H 159 32.13 -67.41 38.43
CA VAL H 159 30.77 -67.69 38.88
C VAL H 159 29.83 -66.65 38.29
N LEU H 160 28.66 -67.10 37.84
CA LEU H 160 27.69 -66.25 37.17
C LEU H 160 26.32 -66.48 37.80
N ASN H 161 25.80 -65.48 38.49
CA ASN H 161 24.56 -65.60 39.24
C ASN H 161 23.43 -64.87 38.53
N SER H 162 22.21 -65.33 38.79
CA SER H 162 21.01 -64.75 38.20
C SER H 162 19.82 -65.07 39.08
N TRP H 163 18.98 -64.07 39.31
CA TRP H 163 17.83 -64.20 40.19
C TRP H 163 16.55 -63.89 39.42
N THR H 164 15.45 -64.47 39.89
CA THR H 164 14.13 -64.19 39.34
C THR H 164 13.40 -63.16 40.19
N ASP H 165 12.48 -62.45 39.57
CA ASP H 165 11.57 -61.63 40.34
C ASP H 165 10.59 -62.52 41.10
N GLN H 166 9.99 -61.95 42.15
CA GLN H 166 9.06 -62.70 42.98
C GLN H 166 8.01 -63.38 42.12
N ASP H 167 7.85 -64.69 42.32
CA ASP H 167 6.96 -65.48 41.47
C ASP H 167 5.51 -65.05 41.66
N SER H 168 4.76 -65.10 40.56
CA SER H 168 3.36 -64.68 40.60
C SER H 168 2.53 -65.63 41.46
N LYS H 169 2.76 -66.93 41.35
CA LYS H 169 1.93 -67.92 42.03
C LYS H 169 2.24 -68.00 43.52
N ASP H 170 3.42 -68.52 43.86
CA ASP H 170 3.76 -68.80 45.25
C ASP H 170 4.51 -67.66 45.94
N SER H 171 4.79 -66.56 45.23
CA SER H 171 5.44 -65.38 45.80
C SER H 171 6.82 -65.70 46.37
N THR H 172 7.53 -66.66 45.77
CA THR H 172 8.88 -67.00 46.18
C THR H 172 9.89 -66.47 45.16
N TYR H 173 11.17 -66.62 45.51
CA TYR H 173 12.27 -66.24 44.65
C TYR H 173 13.07 -67.48 44.27
N SER H 174 13.83 -67.37 43.18
CA SER H 174 14.70 -68.45 42.73
C SER H 174 15.99 -67.86 42.22
N MET H 175 17.04 -68.69 42.18
CA MET H 175 18.38 -68.25 41.84
C MET H 175 19.07 -69.30 40.99
N SER H 176 19.99 -68.83 40.14
CA SER H 176 20.78 -69.71 39.28
C SER H 176 22.24 -69.28 39.36
N SER H 177 23.10 -70.18 39.85
CA SER H 177 24.53 -69.94 39.92
C SER H 177 25.25 -70.90 38.98
N THR H 178 26.16 -70.37 38.17
CA THR H 178 26.87 -71.16 37.17
C THR H 178 28.37 -70.92 37.29
N LEU H 179 29.11 -71.99 37.51
CA LEU H 179 30.58 -71.96 37.56
C LEU H 179 31.12 -72.47 36.23
N THR H 180 31.92 -71.65 35.56
CA THR H 180 32.45 -71.97 34.25
C THR H 180 33.96 -72.11 34.31
N LEU H 181 34.46 -73.25 33.85
CA LEU H 181 35.89 -73.53 33.77
C LEU H 181 36.23 -74.01 32.36
N THR H 182 37.53 -74.15 32.11
CA THR H 182 37.96 -74.85 30.91
C THR H 182 37.87 -76.34 31.14
N LYS H 183 37.71 -77.09 30.04
CA LYS H 183 37.71 -78.55 30.14
C LYS H 183 38.96 -79.06 30.84
N ASP H 184 40.11 -78.45 30.55
CA ASP H 184 41.36 -78.86 31.17
C ASP H 184 41.34 -78.62 32.68
N GLU H 185 40.99 -77.40 33.10
CA GLU H 185 40.99 -77.08 34.52
C GLU H 185 39.94 -77.88 35.27
N TYR H 186 38.80 -78.15 34.63
CA TYR H 186 37.72 -78.88 35.29
C TYR H 186 38.13 -80.30 35.64
N GLU H 187 39.10 -80.86 34.94
CA GLU H 187 39.52 -82.23 35.18
C GLU H 187 40.66 -82.35 36.19
N ARG H 188 41.29 -81.24 36.58
CA ARG H 188 42.31 -81.29 37.63
C ARG H 188 41.73 -81.60 38.99
N HIS H 189 40.41 -81.58 39.14
CA HIS H 189 39.76 -81.71 40.44
C HIS H 189 38.63 -82.73 40.34
N ASN H 190 38.15 -83.17 41.50
CA ASN H 190 37.18 -84.25 41.57
C ASN H 190 35.84 -83.83 42.16
N SER H 191 35.84 -83.08 43.25
CA SER H 191 34.62 -82.74 43.97
C SER H 191 34.16 -81.32 43.61
N TYR H 192 32.85 -81.18 43.37
CA TYR H 192 32.26 -79.89 43.01
C TYR H 192 31.00 -79.68 43.84
N THR H 193 30.98 -78.62 44.63
CA THR H 193 29.95 -78.36 45.62
C THR H 193 29.43 -76.93 45.50
N CYS H 194 28.12 -76.75 45.65
CA CYS H 194 27.53 -75.43 45.86
C CYS H 194 26.75 -75.44 47.17
N GLU H 195 27.03 -74.46 48.03
CA GLU H 195 26.42 -74.35 49.34
C GLU H 195 25.46 -73.17 49.37
N ALA H 196 24.27 -73.39 49.92
CA ALA H 196 23.23 -72.37 50.02
C ALA H 196 23.07 -71.96 51.48
N THR H 197 23.19 -70.65 51.75
CA THR H 197 23.04 -70.11 53.09
C THR H 197 21.79 -69.23 53.12
N HIS H 198 20.78 -69.66 53.86
CA HIS H 198 19.52 -68.96 53.99
C HIS H 198 19.21 -68.78 55.47
N LYS H 199 18.25 -67.90 55.77
CA LYS H 199 17.85 -67.71 57.16
C LYS H 199 16.95 -68.82 57.67
N THR H 200 16.49 -69.72 56.79
CA THR H 200 15.65 -70.84 57.21
C THR H 200 16.44 -71.98 57.84
N SER H 201 17.77 -71.86 57.91
CA SER H 201 18.60 -72.91 58.49
C SER H 201 19.93 -72.30 58.92
N THR H 202 20.42 -72.72 60.08
CA THR H 202 21.73 -72.27 60.54
C THR H 202 22.85 -72.95 59.78
N SER H 203 22.62 -74.18 59.31
CA SER H 203 23.61 -74.94 58.54
C SER H 203 23.32 -74.82 57.05
N PRO H 204 24.31 -74.54 56.23
CA PRO H 204 24.05 -74.35 54.80
C PRO H 204 23.63 -75.63 54.11
N ILE H 205 22.68 -75.50 53.16
CA ILE H 205 22.25 -76.63 52.37
C ILE H 205 23.31 -76.95 51.35
N VAL H 206 23.79 -78.20 51.37
CA VAL H 206 24.94 -78.62 50.56
C VAL H 206 24.47 -79.60 49.50
N LYS H 207 24.99 -79.42 48.28
CA LYS H 207 24.75 -80.35 47.18
C LYS H 207 26.04 -80.43 46.35
N SER H 208 26.45 -81.65 46.03
CA SER H 208 27.73 -81.85 45.34
C SER H 208 27.70 -83.16 44.57
N PHE H 209 28.76 -83.35 43.76
CA PHE H 209 28.97 -84.56 43.00
C PHE H 209 30.47 -84.75 42.82
N ASN H 210 30.84 -85.90 42.27
CA ASN H 210 32.24 -86.22 41.97
C ASN H 210 32.38 -86.51 40.49
N ARG H 211 33.38 -85.91 39.86
CA ARG H 211 33.69 -86.17 38.46
C ARG H 211 34.03 -87.64 38.26
N ASN H 212 33.87 -88.12 37.03
CA ASN H 212 34.06 -89.52 36.67
C ASN H 212 33.05 -90.41 37.39
N GLU H 213 33.09 -90.39 38.72
CA GLU H 213 32.18 -91.19 39.53
C GLU H 213 30.74 -90.78 39.29
N CYS H 214 29.85 -91.78 39.23
CA CYS H 214 28.41 -91.56 39.16
C CYS H 214 27.67 -92.85 39.47
#